data_2MUW
#
_entry.id   2MUW
#
loop_
_entity.id
_entity.type
_entity.pdbx_description
1 polymer 'Matrix protein 2'
2 non-polymer (3s,5s,7s)-N-[(5-bromothiophen-2-yl)methyl]tricyclo[3.3.1.1~3,7~]decan-1-aminium
#
_entity_poly.entity_id   1
_entity_poly.type   'polypeptide(L)'
_entity_poly.pdbx_seq_one_letter_code
;SNDSSDPLVVAASIIGILHLILWILDRLFFK
;
_entity_poly.pdbx_strand_id   A,B,C,D
#
loop_
_chem_comp.id
_chem_comp.type
_chem_comp.name
_chem_comp.formula
3LW non-polymer (3s,5s,7s)-N-[(5-bromothiophen-2-yl)methyl]tricyclo[3.3.1.1~3,7~]decan-1-aminium 'C15 H21 Br N S 1'
#
# COMPACT_ATOMS: atom_id res chain seq x y z
N SER A 1 -14.81 -2.44 21.44
CA SER A 1 -13.96 -3.31 20.59
C SER A 1 -13.82 -2.69 19.20
N ASN A 2 -14.92 -2.67 18.45
CA ASN A 2 -14.91 -2.10 17.11
C ASN A 2 -14.60 -0.61 17.16
N ASP A 3 -15.18 0.08 18.13
CA ASP A 3 -14.96 1.51 18.28
C ASP A 3 -13.49 1.80 18.59
N SER A 4 -12.90 0.99 19.45
CA SER A 4 -11.51 1.16 19.82
C SER A 4 -10.59 0.85 18.64
N SER A 5 -11.09 0.05 17.70
CA SER A 5 -10.32 -0.31 16.52
C SER A 5 -11.25 -0.61 15.35
N ASP A 6 -11.06 0.12 14.25
CA ASP A 6 -11.91 -0.07 13.07
C ASP A 6 -11.34 -1.17 12.17
N PRO A 7 -12.18 -1.87 11.45
CA PRO A 7 -11.73 -2.97 10.53
C PRO A 7 -10.91 -2.44 9.34
N LEU A 8 -11.06 -1.15 9.06
CA LEU A 8 -10.33 -0.54 7.95
C LEU A 8 -8.82 -0.60 8.20
N VAL A 9 -8.41 -0.33 9.43
CA VAL A 9 -6.99 -0.37 9.78
C VAL A 9 -6.45 -1.78 9.63
N VAL A 10 -7.20 -2.76 10.12
CA VAL A 10 -6.77 -4.15 10.04
C VAL A 10 -6.67 -4.59 8.58
N ALA A 11 -7.66 -4.20 7.78
CA ALA A 11 -7.67 -4.57 6.37
C ALA A 11 -6.45 -3.97 5.66
N ALA A 12 -6.11 -2.74 6.01
CA ALA A 12 -4.97 -2.09 5.39
C ALA A 12 -3.71 -2.94 5.54
N SER A 13 -3.44 -3.39 6.76
CA SER A 13 -2.26 -4.22 7.01
C SER A 13 -2.35 -5.53 6.23
N ILE A 14 -3.55 -6.11 6.22
CA ILE A 14 -3.76 -7.38 5.51
C ILE A 14 -3.53 -7.20 4.02
N ILE A 15 -4.03 -6.10 3.47
CA ILE A 15 -3.88 -5.84 2.04
C ILE A 15 -2.40 -5.74 1.66
N GLY A 16 -1.63 -5.02 2.46
CA GLY A 16 -0.21 -4.87 2.19
C GLY A 16 0.53 -6.18 2.37
N ILE A 17 0.33 -6.82 3.51
CA ILE A 17 1.00 -8.08 3.80
C ILE A 17 0.54 -9.18 2.83
N LEU A 18 -0.77 -9.25 2.59
CA LEU A 18 -1.31 -10.25 1.69
C LEU A 18 -0.75 -10.10 0.29
N HIS A 19 -0.75 -8.87 -0.20
CA HIS A 19 -0.24 -8.60 -1.53
C HIS A 19 1.23 -9.01 -1.63
N LEU A 20 1.97 -8.76 -0.56
CA LEU A 20 3.39 -9.10 -0.54
C LEU A 20 3.58 -10.60 -0.67
N ILE A 21 2.71 -11.39 -0.05
CA ILE A 21 2.85 -12.83 -0.14
C ILE A 21 2.77 -13.28 -1.58
N LEU A 22 1.79 -12.76 -2.32
CA LEU A 22 1.64 -13.13 -3.73
C LEU A 22 2.73 -12.50 -4.59
N TRP A 23 3.00 -11.23 -4.36
CA TRP A 23 4.02 -10.53 -5.14
C TRP A 23 5.41 -11.11 -4.87
N ILE A 24 5.69 -11.43 -3.61
CA ILE A 24 6.97 -12.01 -3.24
C ILE A 24 7.15 -13.38 -3.90
N LEU A 25 6.10 -14.18 -3.88
CA LEU A 25 6.15 -15.52 -4.45
C LEU A 25 6.44 -15.43 -5.96
N ASP A 26 5.84 -14.46 -6.62
CA ASP A 26 6.05 -14.30 -8.04
C ASP A 26 7.53 -14.07 -8.35
N ARG A 27 8.16 -13.19 -7.59
CA ARG A 27 9.58 -12.90 -7.77
C ARG A 27 10.46 -13.94 -7.09
N LEU A 28 9.85 -14.72 -6.21
CA LEU A 28 10.60 -15.74 -5.49
C LEU A 28 11.15 -16.79 -6.45
N PHE A 29 10.32 -17.23 -7.38
CA PHE A 29 10.74 -18.23 -8.35
C PHE A 29 11.81 -17.67 -9.28
N PHE A 30 11.59 -16.45 -9.75
CA PHE A 30 12.54 -15.80 -10.66
C PHE A 30 12.77 -14.34 -10.24
N LYS A 31 13.95 -13.83 -10.54
CA LYS A 31 14.30 -12.46 -10.18
C LYS A 31 13.38 -11.48 -10.92
N SER B 1 -19.65 13.92 10.28
CA SER B 1 -19.47 12.91 9.20
C SER B 1 -18.02 12.92 8.75
N ASN B 2 -17.60 14.00 8.10
CA ASN B 2 -16.24 14.12 7.62
C ASN B 2 -15.25 14.12 8.79
N ASP B 3 -15.62 14.83 9.85
CA ASP B 3 -14.76 14.91 11.03
C ASP B 3 -14.59 13.53 11.65
N SER B 4 -15.68 12.78 11.74
CA SER B 4 -15.64 11.45 12.32
C SER B 4 -14.84 10.50 11.44
N SER B 5 -14.73 10.83 10.16
CA SER B 5 -13.98 10.01 9.22
C SER B 5 -13.43 10.86 8.09
N ASP B 6 -12.11 10.83 7.91
CA ASP B 6 -11.47 11.63 6.86
C ASP B 6 -11.44 10.84 5.54
N PRO B 7 -11.48 11.52 4.41
CA PRO B 7 -11.44 10.87 3.08
C PRO B 7 -10.10 10.18 2.80
N LEU B 8 -9.08 10.59 3.52
CA LEU B 8 -7.74 10.02 3.35
C LEU B 8 -7.75 8.53 3.69
N VAL B 9 -8.44 8.18 4.77
CA VAL B 9 -8.52 6.79 5.19
C VAL B 9 -9.25 5.95 4.14
N VAL B 10 -10.36 6.48 3.65
CA VAL B 10 -11.15 5.77 2.64
C VAL B 10 -10.32 5.58 1.36
N ALA B 11 -9.64 6.65 0.96
CA ALA B 11 -8.82 6.58 -0.24
C ALA B 11 -7.73 5.52 -0.11
N ALA B 12 -7.13 5.44 1.08
CA ALA B 12 -6.08 4.47 1.31
C ALA B 12 -6.57 3.05 0.98
N SER B 13 -7.73 2.69 1.51
CA SER B 13 -8.29 1.37 1.26
C SER B 13 -8.58 1.19 -0.24
N ILE B 14 -9.12 2.23 -0.86
CA ILE B 14 -9.45 2.18 -2.27
C ILE B 14 -8.19 2.01 -3.11
N ILE B 15 -7.13 2.72 -2.75
CA ILE B 15 -5.87 2.64 -3.49
C ILE B 15 -5.33 1.21 -3.45
N GLY B 16 -5.34 0.61 -2.27
CA GLY B 16 -4.83 -0.75 -2.12
C GLY B 16 -5.71 -1.76 -2.85
N ILE B 17 -7.02 -1.69 -2.58
CA ILE B 17 -7.96 -2.61 -3.21
C ILE B 17 -8.01 -2.38 -4.72
N LEU B 18 -8.07 -1.12 -5.13
CA LEU B 18 -8.14 -0.80 -6.55
C LEU B 18 -6.91 -1.31 -7.30
N HIS B 19 -5.74 -1.04 -6.73
CA HIS B 19 -4.50 -1.49 -7.33
C HIS B 19 -4.50 -3.00 -7.48
N LEU B 20 -5.01 -3.69 -6.47
CA LEU B 20 -5.05 -5.14 -6.50
C LEU B 20 -5.90 -5.64 -7.64
N ILE B 21 -7.00 -4.95 -7.93
CA ILE B 21 -7.86 -5.39 -9.02
C ILE B 21 -7.08 -5.40 -10.34
N LEU B 22 -6.34 -4.33 -10.58
CA LEU B 22 -5.56 -4.25 -11.82
C LEU B 22 -4.34 -5.18 -11.77
N TRP B 23 -3.63 -5.19 -10.65
CA TRP B 23 -2.46 -6.03 -10.50
C TRP B 23 -2.84 -7.51 -10.54
N ILE B 24 -3.95 -7.85 -9.89
CA ILE B 24 -4.42 -9.23 -9.87
C ILE B 24 -4.78 -9.69 -11.28
N LEU B 25 -5.49 -8.83 -12.01
CA LEU B 25 -5.91 -9.16 -13.36
C LEU B 25 -4.70 -9.42 -14.26
N ASP B 26 -3.66 -8.62 -14.08
CA ASP B 26 -2.46 -8.78 -14.89
C ASP B 26 -1.87 -10.18 -14.70
N ARG B 27 -1.79 -10.62 -13.44
CA ARG B 27 -1.24 -11.95 -13.15
C ARG B 27 -2.31 -13.02 -13.31
N LEU B 28 -3.56 -12.60 -13.39
CA LEU B 28 -4.66 -13.55 -13.55
C LEU B 28 -4.55 -14.30 -14.87
N PHE B 29 -4.26 -13.57 -15.94
CA PHE B 29 -4.13 -14.19 -17.25
C PHE B 29 -2.92 -15.12 -17.31
N PHE B 30 -1.80 -14.65 -16.76
CA PHE B 30 -0.57 -15.44 -16.74
C PHE B 30 0.09 -15.36 -15.36
N LYS B 31 0.82 -16.41 -15.01
CA LYS B 31 1.50 -16.46 -13.72
C LYS B 31 2.55 -15.35 -13.64
N SER C 1 -1.18 21.88 14.26
CA SER C 1 -1.01 21.50 12.82
C SER C 1 -0.48 20.08 12.74
N ASN C 2 0.77 19.89 13.15
CA ASN C 2 1.38 18.57 13.12
C ASN C 2 0.64 17.60 14.03
N ASP C 3 0.25 18.09 15.21
CA ASP C 3 -0.47 17.26 16.17
C ASP C 3 -1.81 16.82 15.60
N SER C 4 -2.50 17.75 14.94
CA SER C 4 -3.80 17.45 14.35
C SER C 4 -3.65 16.48 13.19
N SER C 5 -2.47 16.44 12.60
CA SER C 5 -2.21 15.56 11.47
C SER C 5 -0.72 15.18 11.44
N ASP C 6 -0.43 13.88 11.48
CA ASP C 6 0.94 13.41 11.46
C ASP C 6 1.43 13.23 10.02
N PRO C 7 2.71 13.40 9.76
CA PRO C 7 3.29 13.25 8.40
C PRO C 7 3.22 11.80 7.90
N LEU C 8 3.08 10.86 8.84
CA LEU C 8 3.01 9.45 8.48
C LEU C 8 1.78 9.17 7.61
N VAL C 9 0.66 9.78 7.97
CA VAL C 9 -0.57 9.58 7.21
C VAL C 9 -0.42 10.14 5.80
N VAL C 10 0.14 11.33 5.70
CA VAL C 10 0.34 11.97 4.41
C VAL C 10 1.28 11.14 3.54
N ALA C 11 2.36 10.65 4.15
CA ALA C 11 3.33 9.85 3.43
C ALA C 11 2.67 8.58 2.89
N ALA C 12 1.82 7.97 3.70
CA ALA C 12 1.13 6.75 3.29
C ALA C 12 0.41 6.96 1.96
N SER C 13 -0.38 8.03 1.88
CA SER C 13 -1.12 8.33 0.66
C SER C 13 -0.15 8.58 -0.50
N ILE C 14 0.92 9.31 -0.23
CA ILE C 14 1.91 9.63 -1.24
C ILE C 14 2.59 8.35 -1.76
N ILE C 15 2.92 7.45 -0.83
CA ILE C 15 3.58 6.21 -1.20
C ILE C 15 2.69 5.39 -2.15
N GLY C 16 1.41 5.29 -1.82
CA GLY C 16 0.50 4.53 -2.64
C GLY C 16 0.26 5.21 -3.99
N ILE C 17 -0.06 6.48 -3.95
CA ILE C 17 -0.32 7.24 -5.18
C ILE C 17 0.96 7.35 -6.03
N LEU C 18 2.08 7.63 -5.37
CA LEU C 18 3.35 7.78 -6.09
C LEU C 18 3.73 6.48 -6.78
N HIS C 19 3.62 5.37 -6.05
CA HIS C 19 3.95 4.08 -6.60
C HIS C 19 3.08 3.77 -7.80
N LEU C 20 1.82 4.15 -7.71
CA LEU C 20 0.88 3.91 -8.80
C LEU C 20 1.31 4.66 -10.05
N ILE C 21 1.83 5.86 -9.90
CA ILE C 21 2.24 6.62 -11.06
C ILE C 21 3.33 5.86 -11.82
N LEU C 22 4.30 5.34 -11.09
CA LEU C 22 5.38 4.59 -11.74
C LEU C 22 4.90 3.22 -12.23
N TRP C 23 4.14 2.53 -11.38
CA TRP C 23 3.64 1.20 -11.74
C TRP C 23 2.65 1.29 -12.90
N ILE C 24 1.81 2.32 -12.89
CA ILE C 24 0.83 2.51 -13.96
C ILE C 24 1.55 2.79 -15.28
N LEU C 25 2.57 3.63 -15.23
CA LEU C 25 3.31 3.99 -16.43
C LEU C 25 3.97 2.75 -17.03
N ASP C 26 4.49 1.89 -16.18
CA ASP C 26 5.14 0.68 -16.67
C ASP C 26 4.17 -0.16 -17.48
N ARG C 27 2.95 -0.33 -16.97
CA ARG C 27 1.94 -1.12 -17.67
C ARG C 27 1.23 -0.28 -18.72
N LEU C 28 1.40 1.03 -18.65
CA LEU C 28 0.75 1.93 -19.59
C LEU C 28 1.27 1.68 -21.01
N PHE C 29 2.58 1.53 -21.14
CA PHE C 29 3.19 1.29 -22.44
C PHE C 29 2.77 -0.07 -22.98
N PHE C 30 2.82 -1.09 -22.12
CA PHE C 30 2.45 -2.45 -22.52
C PHE C 30 1.55 -3.09 -21.45
N LYS C 31 0.70 -4.01 -21.89
CA LYS C 31 -0.21 -4.69 -20.97
C LYS C 31 0.59 -5.50 -19.95
N SER D 1 3.33 5.56 25.30
CA SER D 1 4.17 5.32 24.10
C SER D 1 3.39 4.50 23.08
N ASN D 2 3.13 3.24 23.41
CA ASN D 2 2.39 2.37 22.51
C ASN D 2 0.98 2.89 22.31
N ASP D 3 0.35 3.36 23.38
CA ASP D 3 -1.00 3.88 23.30
C ASP D 3 -1.05 5.11 22.40
N SER D 4 -0.06 5.98 22.54
CA SER D 4 0.01 7.20 21.74
C SER D 4 0.28 6.87 20.27
N SER D 5 0.86 5.70 20.03
CA SER D 5 1.17 5.26 18.67
C SER D 5 1.17 3.73 18.60
N ASP D 6 0.33 3.19 17.71
CA ASP D 6 0.24 1.74 17.56
C ASP D 6 1.28 1.24 16.55
N PRO D 7 1.75 0.02 16.70
CA PRO D 7 2.77 -0.57 15.77
C PRO D 7 2.19 -0.80 14.37
N LEU D 8 0.86 -0.86 14.28
CA LEU D 8 0.21 -1.09 12.99
C LEU D 8 0.51 0.06 12.03
N VAL D 9 0.46 1.29 12.54
CA VAL D 9 0.73 2.46 11.71
C VAL D 9 2.18 2.44 11.21
N VAL D 10 3.10 2.13 12.11
CA VAL D 10 4.51 2.08 11.75
C VAL D 10 4.76 0.99 10.71
N ALA D 11 4.14 -0.17 10.91
CA ALA D 11 4.29 -1.28 9.99
C ALA D 11 3.78 -0.90 8.60
N ALA D 12 2.66 -0.19 8.56
CA ALA D 12 2.08 0.22 7.29
C ALA D 12 3.11 0.99 6.45
N SER D 13 3.75 1.97 7.07
CA SER D 13 4.75 2.77 6.37
C SER D 13 5.92 1.89 5.93
N ILE D 14 6.34 0.99 6.82
CA ILE D 14 7.45 0.09 6.52
C ILE D 14 7.10 -0.83 5.36
N ILE D 15 5.88 -1.35 5.35
CA ILE D 15 5.46 -2.25 4.29
C ILE D 15 5.50 -1.54 2.94
N GLY D 16 5.00 -0.32 2.89
CA GLY D 16 5.00 0.43 1.63
C GLY D 16 6.41 0.81 1.21
N ILE D 17 7.17 1.39 2.13
CA ILE D 17 8.53 1.80 1.83
C ILE D 17 9.41 0.59 1.54
N LEU D 18 9.28 -0.46 2.35
CA LEU D 18 10.09 -1.66 2.18
C LEU D 18 9.81 -2.31 0.82
N HIS D 19 8.54 -2.43 0.48
CA HIS D 19 8.15 -3.03 -0.78
C HIS D 19 8.74 -2.23 -1.94
N LEU D 20 8.73 -0.91 -1.80
CA LEU D 20 9.26 -0.04 -2.84
C LEU D 20 10.74 -0.29 -3.05
N ILE D 21 11.48 -0.55 -1.99
CA ILE D 21 12.90 -0.79 -2.14
C ILE D 21 13.14 -2.00 -3.03
N LEU D 22 12.39 -3.08 -2.79
CA LEU D 22 12.54 -4.27 -3.60
C LEU D 22 11.95 -4.09 -5.00
N TRP D 23 10.76 -3.50 -5.07
CA TRP D 23 10.10 -3.28 -6.35
C TRP D 23 10.89 -2.28 -7.21
N ILE D 24 11.42 -1.24 -6.58
CA ILE D 24 12.21 -0.25 -7.28
C ILE D 24 13.48 -0.87 -7.85
N LEU D 25 14.14 -1.69 -7.04
CA LEU D 25 15.37 -2.33 -7.46
C LEU D 25 15.12 -3.23 -8.67
N ASP D 26 14.00 -3.93 -8.66
CA ASP D 26 13.67 -4.82 -9.77
C ASP D 26 13.60 -4.03 -11.08
N ARG D 27 12.94 -2.88 -11.05
CA ARG D 27 12.81 -2.05 -12.25
C ARG D 27 14.04 -1.17 -12.42
N LEU D 28 14.85 -1.06 -11.39
CA LEU D 28 16.05 -0.24 -11.46
C LEU D 28 17.02 -0.79 -12.51
N PHE D 29 17.21 -2.10 -12.50
CA PHE D 29 18.12 -2.73 -13.45
C PHE D 29 17.59 -2.62 -14.87
N PHE D 30 16.29 -2.87 -15.03
CA PHE D 30 15.65 -2.79 -16.35
C PHE D 30 14.32 -2.06 -16.25
N LYS D 31 13.92 -1.41 -17.34
CA LYS D 31 12.67 -0.67 -17.37
C LYS D 31 11.49 -1.61 -17.17
S 3LW E . -2.31 3.17 2.03
BR 3LW E . -1.09 3.14 -0.67
C1 3LW E . -1.49 2.46 1.05
C2 3LW E . -1.05 1.29 1.52
N2 3LW E . -2.16 3.31 5.25
C3 3LW E . -1.51 1.12 2.77
C5 3LW E . -2.93 2.36 4.44
C10 3LW E . -2.76 3.84 6.50
C12 3LW E . -2.25 2.19 3.12
C61 3LW E . -4.07 4.64 6.22
C62 3LW E . -1.79 4.80 7.23
C63 3LW E . -3.11 2.70 7.51
C71 3LW E . -4.68 5.19 7.52
C72 3LW E . -2.41 5.36 8.52
C73 3LW E . -3.74 3.27 8.80
C81 3LW E . -3.69 6.13 8.21
C82 3LW E . -2.74 4.21 9.49
C83 3LW E . -5.02 4.04 8.48
H2 3LW E . -0.42 0.57 0.98
H3 3LW E . -1.30 0.24 3.38
H5 3LW E . -2.98 1.37 4.94
H61 3LW E . -4.80 4.00 5.74
H81 3LW E . -3.46 6.96 7.55
H62 3LW E . -0.88 4.27 7.47
H82 3LW E . -1.83 3.67 9.72
HN2 3LW E . -1.93 4.13 4.63
H63 3LW E . -2.22 2.16 7.76
H83 3LW E . -5.73 3.36 7.99
H5A 3LW E . -3.97 2.73 4.27
H61A 3LW E . -3.85 5.46 5.56
H62A 3LW E . -1.55 5.63 6.57
H63A 3LW E . -3.82 2.02 7.07
H71 3LW E . -5.58 5.73 7.30
H72 3LW E . -1.70 6.02 9.00
H73 3LW E . -3.97 2.46 9.48
H81A 3LW E . -4.12 6.51 9.12
H82A 3LW E . -3.17 4.61 10.39
H83A 3LW E . -5.45 4.42 9.38
HN2A 3LW E . -1.26 2.85 5.51
N SER A 1 -20.39 -2.85 16.04
CA SER A 1 -19.48 -3.81 16.72
C SER A 1 -18.03 -3.48 16.33
N ASN A 2 -17.10 -3.86 17.20
CA ASN A 2 -15.69 -3.61 16.94
C ASN A 2 -15.44 -2.11 16.73
N ASP A 3 -16.08 -1.29 17.54
CA ASP A 3 -15.92 0.16 17.42
C ASP A 3 -14.55 0.59 17.92
N SER A 4 -13.83 -0.33 18.54
CA SER A 4 -12.50 -0.04 19.06
C SER A 4 -11.57 0.37 17.92
N SER A 5 -11.62 -0.37 16.81
CA SER A 5 -10.79 -0.08 15.65
C SER A 5 -11.53 -0.44 14.38
N ASP A 6 -11.67 0.54 13.49
CA ASP A 6 -12.37 0.32 12.22
C ASP A 6 -11.71 -0.82 11.43
N PRO A 7 -12.46 -1.54 10.62
CA PRO A 7 -11.92 -2.67 9.81
C PRO A 7 -10.95 -2.18 8.73
N LEU A 8 -11.04 -0.90 8.38
CA LEU A 8 -10.17 -0.34 7.36
C LEU A 8 -8.70 -0.43 7.79
N VAL A 9 -8.44 -0.12 9.05
CA VAL A 9 -7.08 -0.16 9.57
C VAL A 9 -6.52 -1.57 9.49
N VAL A 10 -7.31 -2.54 9.95
CA VAL A 10 -6.89 -3.93 9.93
C VAL A 10 -6.76 -4.42 8.49
N ALA A 11 -7.73 -4.07 7.66
CA ALA A 11 -7.70 -4.47 6.26
C ALA A 11 -6.49 -3.90 5.55
N ALA A 12 -6.15 -2.64 5.86
CA ALA A 12 -5.01 -2.00 5.23
C ALA A 12 -3.74 -2.84 5.45
N SER A 13 -3.51 -3.23 6.70
CA SER A 13 -2.34 -4.04 7.03
C SER A 13 -2.39 -5.38 6.29
N ILE A 14 -3.58 -5.98 6.26
CA ILE A 14 -3.77 -7.26 5.59
C ILE A 14 -3.50 -7.14 4.09
N ILE A 15 -3.99 -6.06 3.49
CA ILE A 15 -3.80 -5.85 2.06
C ILE A 15 -2.32 -5.74 1.71
N GLY A 16 -1.58 -4.99 2.52
CA GLY A 16 -0.15 -4.81 2.27
C GLY A 16 0.61 -6.12 2.46
N ILE A 17 0.40 -6.76 3.61
CA ILE A 17 1.07 -8.02 3.90
C ILE A 17 0.62 -9.13 2.97
N LEU A 18 -0.68 -9.22 2.74
CA LEU A 18 -1.24 -10.25 1.86
C LEU A 18 -0.73 -10.07 0.44
N HIS A 19 -0.74 -8.83 -0.04
CA HIS A 19 -0.28 -8.55 -1.39
C HIS A 19 1.17 -8.96 -1.54
N LEU A 20 1.97 -8.68 -0.51
CA LEU A 20 3.39 -9.01 -0.54
C LEU A 20 3.61 -10.52 -0.69
N ILE A 21 2.79 -11.31 -0.01
CA ILE A 21 2.94 -12.76 -0.10
C ILE A 21 2.73 -13.21 -1.54
N LEU A 22 1.70 -12.70 -2.19
CA LEU A 22 1.43 -13.08 -3.57
C LEU A 22 2.46 -12.46 -4.54
N TRP A 23 2.79 -11.19 -4.33
CA TRP A 23 3.75 -10.49 -5.20
C TRP A 23 5.18 -11.01 -5.03
N ILE A 24 5.59 -11.23 -3.79
CA ILE A 24 6.95 -11.71 -3.54
C ILE A 24 7.14 -13.10 -4.15
N LEU A 25 6.13 -13.95 -4.01
CA LEU A 25 6.21 -15.31 -4.55
C LEU A 25 6.38 -15.27 -6.08
N ASP A 26 5.61 -14.41 -6.74
CA ASP A 26 5.70 -14.31 -8.19
C ASP A 26 7.08 -13.82 -8.60
N ARG A 27 7.60 -12.83 -7.87
CA ARG A 27 8.90 -12.27 -8.16
C ARG A 27 10.01 -13.19 -7.63
N LEU A 28 9.67 -14.10 -6.73
CA LEU A 28 10.65 -15.01 -6.16
C LEU A 28 11.24 -15.91 -7.25
N PHE A 29 10.38 -16.39 -8.14
CA PHE A 29 10.82 -17.27 -9.24
C PHE A 29 10.97 -16.49 -10.54
N PHE A 30 11.20 -15.19 -10.41
CA PHE A 30 11.35 -14.33 -11.58
C PHE A 30 12.28 -14.99 -12.60
N LYS A 31 12.22 -14.52 -13.85
CA LYS A 31 13.06 -15.07 -14.91
C LYS A 31 13.59 -13.96 -15.81
N SER B 1 -16.85 19.08 5.83
CA SER B 1 -17.84 17.98 5.69
C SER B 1 -17.14 16.64 5.87
N ASN B 2 -17.90 15.64 6.30
CA ASN B 2 -17.35 14.30 6.50
C ASN B 2 -16.18 14.36 7.49
N ASP B 3 -16.35 15.14 8.55
CA ASP B 3 -15.31 15.27 9.56
C ASP B 3 -15.19 13.99 10.40
N SER B 4 -16.16 13.09 10.22
CA SER B 4 -16.16 11.83 10.96
C SER B 4 -14.91 11.02 10.63
N SER B 5 -14.56 10.96 9.34
CA SER B 5 -13.39 10.21 8.89
C SER B 5 -12.76 10.90 7.68
N ASP B 6 -11.49 11.25 7.80
CA ASP B 6 -10.79 11.91 6.70
C ASP B 6 -10.84 11.06 5.43
N PRO B 7 -10.80 11.67 4.28
CA PRO B 7 -10.85 10.94 2.98
C PRO B 7 -9.58 10.11 2.74
N LEU B 8 -8.51 10.45 3.44
CA LEU B 8 -7.25 9.73 3.30
C LEU B 8 -7.42 8.27 3.72
N VAL B 9 -8.13 8.04 4.82
CA VAL B 9 -8.35 6.69 5.31
C VAL B 9 -9.12 5.86 4.29
N VAL B 10 -10.21 6.45 3.78
CA VAL B 10 -11.03 5.76 2.79
C VAL B 10 -10.24 5.56 1.50
N ALA B 11 -9.53 6.59 1.07
CA ALA B 11 -8.74 6.52 -0.14
C ALA B 11 -7.67 5.45 -0.02
N ALA B 12 -7.04 5.37 1.14
CA ALA B 12 -5.99 4.38 1.36
C ALA B 12 -6.52 2.98 1.06
N SER B 13 -7.66 2.64 1.62
CA SER B 13 -8.27 1.33 1.39
C SER B 13 -8.59 1.14 -0.09
N ILE B 14 -9.12 2.19 -0.71
CA ILE B 14 -9.49 2.14 -2.12
C ILE B 14 -8.24 1.93 -2.99
N ILE B 15 -7.16 2.63 -2.65
CA ILE B 15 -5.93 2.51 -3.42
C ILE B 15 -5.39 1.08 -3.37
N GLY B 16 -5.39 0.49 -2.19
CA GLY B 16 -4.89 -0.87 -2.03
C GLY B 16 -5.77 -1.87 -2.77
N ILE B 17 -7.07 -1.81 -2.51
CA ILE B 17 -8.01 -2.73 -3.15
C ILE B 17 -8.09 -2.49 -4.65
N LEU B 18 -8.17 -1.22 -5.05
CA LEU B 18 -8.26 -0.86 -6.46
C LEU B 18 -7.00 -1.29 -7.20
N HIS B 19 -5.84 -1.03 -6.61
CA HIS B 19 -4.58 -1.40 -7.23
C HIS B 19 -4.52 -2.91 -7.43
N LEU B 20 -5.00 -3.65 -6.44
CA LEU B 20 -4.99 -5.11 -6.51
C LEU B 20 -5.82 -5.61 -7.69
N ILE B 21 -6.96 -4.98 -7.94
CA ILE B 21 -7.81 -5.41 -9.03
C ILE B 21 -7.06 -5.26 -10.36
N LEU B 22 -6.38 -4.14 -10.55
CA LEU B 22 -5.62 -3.93 -11.78
C LEU B 22 -4.37 -4.80 -11.83
N TRP B 23 -3.64 -4.88 -10.71
CA TRP B 23 -2.41 -5.66 -10.64
C TRP B 23 -2.66 -7.15 -10.72
N ILE B 24 -3.67 -7.63 -10.01
CA ILE B 24 -3.97 -9.07 -10.01
C ILE B 24 -4.38 -9.52 -11.41
N LEU B 25 -5.18 -8.70 -12.09
CA LEU B 25 -5.65 -9.03 -13.43
C LEU B 25 -4.46 -9.16 -14.39
N ASP B 26 -3.52 -8.23 -14.31
CA ASP B 26 -2.35 -8.26 -15.18
C ASP B 26 -1.52 -9.52 -14.90
N ARG B 27 -1.37 -9.84 -13.62
CA ARG B 27 -0.59 -11.01 -13.22
C ARG B 27 -1.41 -12.29 -13.40
N LEU B 28 -2.73 -12.13 -13.52
CA LEU B 28 -3.62 -13.28 -13.68
C LEU B 28 -3.29 -14.02 -14.98
N PHE B 29 -3.06 -13.25 -16.06
CA PHE B 29 -2.74 -13.84 -17.36
C PHE B 29 -1.24 -13.81 -17.64
N PHE B 30 -0.46 -13.77 -16.56
CA PHE B 30 0.98 -13.74 -16.69
C PHE B 30 1.46 -14.76 -17.71
N LYS B 31 2.69 -14.58 -18.21
CA LYS B 31 3.25 -15.49 -19.21
C LYS B 31 4.71 -15.78 -18.90
N SER C 1 6.05 20.19 15.52
CA SER C 1 5.28 20.96 14.50
C SER C 1 4.37 20.00 13.74
N ASN C 2 3.29 20.54 13.19
CA ASN C 2 2.33 19.73 12.44
C ASN C 2 1.81 18.59 13.30
N ASP C 3 1.51 18.89 14.56
CA ASP C 3 1.00 17.88 15.49
C ASP C 3 -0.44 17.50 15.13
N SER C 4 -1.05 18.28 14.23
CA SER C 4 -2.41 18.03 13.81
C SER C 4 -2.53 16.64 13.18
N SER C 5 -1.57 16.32 12.31
CA SER C 5 -1.57 15.02 11.62
C SER C 5 -0.13 14.56 11.39
N ASP C 6 0.20 13.37 11.89
CA ASP C 6 1.54 12.83 11.74
C ASP C 6 1.91 12.74 10.25
N PRO C 7 3.17 12.83 9.92
CA PRO C 7 3.64 12.74 8.50
C PRO C 7 3.44 11.35 7.91
N LEU C 8 3.31 10.35 8.78
CA LEU C 8 3.12 8.98 8.33
C LEU C 8 1.83 8.85 7.54
N VAL C 9 0.77 9.49 8.01
CA VAL C 9 -0.52 9.42 7.33
C VAL C 9 -0.42 10.04 5.94
N VAL C 10 0.18 11.22 5.86
CA VAL C 10 0.35 11.91 4.59
C VAL C 10 1.28 11.12 3.68
N ALA C 11 2.38 10.63 4.25
CA ALA C 11 3.34 9.86 3.48
C ALA C 11 2.70 8.59 2.93
N ALA C 12 1.87 7.94 3.74
CA ALA C 12 1.21 6.72 3.31
C ALA C 12 0.43 6.96 2.02
N SER C 13 -0.37 8.02 2.00
CA SER C 13 -1.16 8.35 0.81
C SER C 13 -0.23 8.65 -0.37
N ILE C 14 0.85 9.39 -0.10
CA ILE C 14 1.80 9.75 -1.14
C ILE C 14 2.48 8.50 -1.71
N ILE C 15 2.85 7.58 -0.82
CA ILE C 15 3.52 6.36 -1.26
C ILE C 15 2.61 5.54 -2.19
N GLY C 16 1.34 5.41 -1.81
CA GLY C 16 0.41 4.66 -2.63
C GLY C 16 0.17 5.32 -3.97
N ILE C 17 -0.18 6.62 -3.94
CA ILE C 17 -0.45 7.37 -5.16
C ILE C 17 0.83 7.50 -6.01
N LEU C 18 1.93 7.84 -5.36
CA LEU C 18 3.20 8.02 -6.07
C LEU C 18 3.65 6.71 -6.72
N HIS C 19 3.54 5.62 -5.96
CA HIS C 19 3.94 4.32 -6.47
C HIS C 19 3.10 3.96 -7.70
N LEU C 20 1.81 4.27 -7.64
CA LEU C 20 0.91 3.98 -8.75
C LEU C 20 1.32 4.71 -10.01
N ILE C 21 1.77 5.95 -9.88
CA ILE C 21 2.17 6.71 -11.04
C ILE C 21 3.35 6.03 -11.74
N LEU C 22 4.33 5.59 -10.95
CA LEU C 22 5.49 4.91 -11.52
C LEU C 22 5.13 3.49 -12.01
N TRP C 23 4.35 2.76 -11.21
CA TRP C 23 3.97 1.39 -11.57
C TRP C 23 3.00 1.34 -12.75
N ILE C 24 2.01 2.23 -12.75
CA ILE C 24 1.03 2.25 -13.84
C ILE C 24 1.71 2.58 -15.16
N LEU C 25 2.64 3.54 -15.13
CA LEU C 25 3.34 3.94 -16.34
C LEU C 25 4.13 2.76 -16.92
N ASP C 26 4.82 2.02 -16.05
CA ASP C 26 5.61 0.89 -16.50
C ASP C 26 4.69 -0.17 -17.12
N ARG C 27 3.56 -0.41 -16.47
CA ARG C 27 2.60 -1.40 -16.95
C ARG C 27 1.77 -0.84 -18.11
N LEU C 28 1.78 0.49 -18.26
CA LEU C 28 1.02 1.12 -19.33
C LEU C 28 1.53 0.67 -20.70
N PHE C 29 2.86 0.61 -20.82
CA PHE C 29 3.49 0.20 -22.08
C PHE C 29 3.92 -1.26 -22.04
N PHE C 30 3.26 -2.03 -21.19
CA PHE C 30 3.58 -3.45 -21.05
C PHE C 30 3.74 -4.09 -22.42
N LYS C 31 4.39 -5.25 -22.46
CA LYS C 31 4.61 -5.97 -23.72
C LYS C 31 4.41 -7.47 -23.51
N SER D 1 2.74 -1.89 26.02
CA SER D 1 3.90 -1.00 25.77
C SER D 1 3.71 -0.28 24.43
N ASN D 2 4.35 0.88 24.31
CA ASN D 2 4.24 1.65 23.08
C ASN D 2 2.78 1.96 22.75
N ASP D 3 2.02 2.32 23.77
CA ASP D 3 0.60 2.63 23.59
C ASP D 3 0.43 3.97 22.87
N SER D 4 1.53 4.70 22.74
CA SER D 4 1.50 6.00 22.08
C SER D 4 1.05 5.85 20.63
N SER D 5 1.60 4.85 19.94
CA SER D 5 1.25 4.60 18.55
C SER D 5 1.29 3.10 18.26
N ASP D 6 0.19 2.56 17.79
CA ASP D 6 0.11 1.13 17.48
C ASP D 6 1.19 0.75 16.45
N PRO D 7 1.66 -0.48 16.49
CA PRO D 7 2.72 -0.96 15.54
C PRO D 7 2.21 -1.04 14.10
N LEU D 8 0.88 -1.09 13.94
CA LEU D 8 0.29 -1.16 12.61
C LEU D 8 0.64 0.08 11.79
N VAL D 9 0.57 1.25 12.44
CA VAL D 9 0.88 2.50 11.75
C VAL D 9 2.32 2.51 11.28
N VAL D 10 3.23 2.14 12.17
CA VAL D 10 4.65 2.11 11.84
C VAL D 10 4.92 1.04 10.78
N ALA D 11 4.31 -0.12 10.96
CA ALA D 11 4.49 -1.22 10.02
C ALA D 11 3.98 -0.83 8.64
N ALA D 12 2.85 -0.14 8.60
CA ALA D 12 2.28 0.28 7.33
C ALA D 12 3.30 1.08 6.53
N SER D 13 3.91 2.06 7.17
CA SER D 13 4.90 2.90 6.50
C SER D 13 6.10 2.05 6.06
N ILE D 14 6.52 1.13 6.92
CA ILE D 14 7.65 0.27 6.62
C ILE D 14 7.33 -0.64 5.43
N ILE D 15 6.12 -1.18 5.40
CA ILE D 15 5.71 -2.07 4.32
C ILE D 15 5.75 -1.33 2.97
N GLY D 16 5.24 -0.12 2.95
CA GLY D 16 5.21 0.66 1.72
C GLY D 16 6.63 1.02 1.27
N ILE D 17 7.41 1.60 2.19
CA ILE D 17 8.77 2.01 1.86
C ILE D 17 9.65 0.78 1.57
N LEU D 18 9.53 -0.24 2.41
CA LEU D 18 10.33 -1.46 2.24
C LEU D 18 10.00 -2.15 0.93
N HIS D 19 8.71 -2.25 0.63
CA HIS D 19 8.29 -2.88 -0.61
C HIS D 19 8.86 -2.13 -1.80
N LEU D 20 8.85 -0.81 -1.72
CA LEU D 20 9.36 0.03 -2.81
C LEU D 20 10.84 -0.25 -3.07
N ILE D 21 11.61 -0.45 -2.01
CA ILE D 21 13.03 -0.70 -2.19
C ILE D 21 13.23 -1.99 -2.98
N LEU D 22 12.49 -3.04 -2.63
CA LEU D 22 12.61 -4.31 -3.35
C LEU D 22 12.00 -4.22 -4.75
N TRP D 23 10.83 -3.59 -4.87
CA TRP D 23 10.13 -3.47 -6.15
C TRP D 23 10.85 -2.53 -7.11
N ILE D 24 11.32 -1.39 -6.61
CA ILE D 24 12.00 -0.44 -7.47
C ILE D 24 13.30 -1.04 -8.03
N LEU D 25 14.02 -1.77 -7.17
CA LEU D 25 15.29 -2.38 -7.59
C LEU D 25 15.03 -3.38 -8.73
N ASP D 26 13.99 -4.21 -8.58
CA ASP D 26 13.67 -5.18 -9.61
C ASP D 26 13.30 -4.49 -10.92
N ARG D 27 12.53 -3.43 -10.81
CA ARG D 27 12.11 -2.67 -11.99
C ARG D 27 13.23 -1.76 -12.47
N LEU D 28 14.22 -1.51 -11.62
CA LEU D 28 15.34 -0.65 -11.98
C LEU D 28 16.12 -1.24 -13.15
N PHE D 29 16.34 -2.56 -13.10
CA PHE D 29 17.08 -3.26 -14.15
C PHE D 29 16.14 -3.96 -15.12
N PHE D 30 14.91 -3.46 -15.21
CA PHE D 30 13.92 -4.04 -16.09
C PHE D 30 14.53 -4.31 -17.46
N LYS D 31 13.88 -5.18 -18.24
CA LYS D 31 14.36 -5.54 -19.57
C LYS D 31 13.20 -5.63 -20.56
S 3LW E . -1.78 3.20 2.55
BR 3LW E . -0.89 3.37 -0.28
C1 3LW E . -1.16 2.53 1.41
C2 3LW E . -0.82 1.26 1.68
N2 3LW E . -2.44 3.55 5.26
C3 3LW E . -1.16 0.99 2.94
C5 3LW E . -2.21 2.15 4.92
C10 3LW E . -2.90 3.88 6.63
C12 3LW E . -1.72 2.08 3.51
C61 3LW E . -1.89 3.43 7.72
C62 3LW E . -4.26 3.22 6.98
C63 3LW E . -3.08 5.42 6.79
C71 3LW E . -2.37 3.82 9.14
C72 3LW E . -4.74 3.61 8.39
C73 3LW E . -3.56 5.80 8.21
C81 3LW E . -3.71 3.14 9.43
C82 3LW E . -4.91 5.12 8.49
C83 3LW E . -2.53 5.33 9.24
H2 3LW E . -0.35 0.56 0.98
H3 3LW E . -0.99 0.02 3.41
H5 3LW E . -1.45 1.69 5.58
H61 3LW E . -0.93 3.90 7.54
H81 3LW E . -3.60 2.07 9.38
H62 3LW E . -5.01 3.54 6.26
H82 3LW E . -5.63 5.45 7.76
HN2 3LW E . -3.15 3.92 4.58
H63 3LW E . -3.81 5.77 6.07
H83 3LW E . -1.58 5.82 9.05
H5A 3LW E . -3.15 1.55 5.00
H61A 3LW E . -1.76 2.36 7.68
H62A 3LW E . -4.18 2.14 6.93
H63A 3LW E . -2.13 5.91 6.60
H71 3LW E . -1.64 3.49 9.86
H72 3LW E . -5.68 3.12 8.59
H73 3LW E . -3.68 6.87 8.27
H81A 3LW E . -4.05 3.42 10.42
H82A 3LW E . -5.25 5.39 9.48
H83A 3LW E . -2.88 5.59 10.23
HN2A 3LW E . -1.54 4.06 5.09
N SER A 1 -14.50 -5.42 22.98
CA SER A 1 -14.21 -3.96 22.91
C SER A 1 -13.19 -3.71 21.81
N ASN A 2 -12.27 -2.79 22.07
CA ASN A 2 -11.24 -2.45 21.10
C ASN A 2 -11.87 -2.02 19.78
N ASP A 3 -12.93 -1.22 19.87
CA ASP A 3 -13.62 -0.74 18.67
C ASP A 3 -12.81 0.35 17.99
N SER A 4 -11.74 0.78 18.64
CA SER A 4 -10.87 1.83 18.09
C SER A 4 -10.26 1.38 16.76
N SER A 5 -9.79 0.14 16.72
CA SER A 5 -9.18 -0.40 15.52
C SER A 5 -10.27 -0.91 14.58
N ASP A 6 -10.72 -0.04 13.68
CA ASP A 6 -11.77 -0.42 12.75
C ASP A 6 -11.25 -1.43 11.72
N PRO A 7 -12.10 -2.30 11.20
CA PRO A 7 -11.68 -3.31 10.18
C PRO A 7 -10.77 -2.71 9.11
N LEU A 8 -10.94 -1.43 8.82
CA LEU A 8 -10.14 -0.76 7.81
C LEU A 8 -8.65 -0.80 8.19
N VAL A 9 -8.36 -0.54 9.46
CA VAL A 9 -6.98 -0.55 9.92
C VAL A 9 -6.37 -1.95 9.79
N VAL A 10 -7.12 -2.95 10.25
CA VAL A 10 -6.65 -4.33 10.16
C VAL A 10 -6.52 -4.77 8.71
N ALA A 11 -7.53 -4.42 7.90
CA ALA A 11 -7.52 -4.78 6.50
C ALA A 11 -6.34 -4.12 5.78
N ALA A 12 -6.07 -2.87 6.13
CA ALA A 12 -4.97 -2.14 5.51
C ALA A 12 -3.68 -2.94 5.64
N SER A 13 -3.36 -3.37 6.86
CA SER A 13 -2.15 -4.14 7.09
C SER A 13 -2.19 -5.46 6.32
N ILE A 14 -3.34 -6.12 6.33
CA ILE A 14 -3.51 -7.40 5.64
C ILE A 14 -3.31 -7.21 4.14
N ILE A 15 -3.88 -6.14 3.59
CA ILE A 15 -3.76 -5.89 2.16
C ILE A 15 -2.30 -5.72 1.75
N GLY A 16 -1.54 -4.97 2.53
CA GLY A 16 -0.13 -4.75 2.22
C GLY A 16 0.67 -6.05 2.36
N ILE A 17 0.54 -6.72 3.50
CA ILE A 17 1.27 -7.96 3.74
C ILE A 17 0.80 -9.06 2.79
N LEU A 18 -0.51 -9.16 2.60
CA LEU A 18 -1.08 -10.19 1.73
C LEU A 18 -0.59 -10.04 0.30
N HIS A 19 -0.62 -8.81 -0.20
CA HIS A 19 -0.16 -8.56 -1.55
C HIS A 19 1.31 -8.95 -1.69
N LEU A 20 2.08 -8.66 -0.67
CA LEU A 20 3.51 -8.98 -0.69
C LEU A 20 3.73 -10.48 -0.82
N ILE A 21 2.92 -11.27 -0.15
CA ILE A 21 3.07 -12.72 -0.23
C ILE A 21 2.87 -13.20 -1.66
N LEU A 22 1.85 -12.70 -2.32
CA LEU A 22 1.58 -13.09 -3.69
C LEU A 22 2.61 -12.48 -4.66
N TRP A 23 2.90 -11.19 -4.48
CA TRP A 23 3.85 -10.51 -5.34
C TRP A 23 5.26 -11.05 -5.17
N ILE A 24 5.68 -11.22 -3.92
CA ILE A 24 7.03 -11.73 -3.66
C ILE A 24 7.15 -13.17 -4.13
N LEU A 25 6.05 -13.92 -4.06
CA LEU A 25 6.06 -15.31 -4.48
C LEU A 25 6.43 -15.43 -5.95
N ASP A 26 5.82 -14.59 -6.79
CA ASP A 26 6.12 -14.63 -8.22
C ASP A 26 7.57 -14.23 -8.47
N ARG A 27 8.06 -13.28 -7.67
CA ARG A 27 9.43 -12.81 -7.81
C ARG A 27 10.43 -13.94 -7.53
N LEU A 28 10.10 -14.80 -6.58
CA LEU A 28 10.99 -15.91 -6.22
C LEU A 28 11.24 -16.81 -7.43
N PHE A 29 10.18 -17.13 -8.16
CA PHE A 29 10.32 -17.99 -9.35
C PHE A 29 11.22 -17.32 -10.38
N PHE A 30 11.04 -16.02 -10.57
CA PHE A 30 11.85 -15.27 -11.53
C PHE A 30 11.95 -13.81 -11.12
N LYS A 31 13.01 -13.13 -11.58
CA LYS A 31 13.21 -11.73 -11.26
C LYS A 31 14.18 -11.09 -12.24
N SER B 1 -22.52 13.05 9.43
CA SER B 1 -21.47 13.05 10.49
C SER B 1 -20.34 12.11 10.08
N ASN B 2 -19.80 11.38 11.05
CA ASN B 2 -18.71 10.45 10.77
C ASN B 2 -17.53 11.17 10.11
N ASP B 3 -17.23 12.36 10.61
CA ASP B 3 -16.13 13.15 10.05
C ASP B 3 -14.79 12.58 10.50
N SER B 4 -14.84 11.60 11.41
CA SER B 4 -13.62 10.98 11.91
C SER B 4 -12.85 10.29 10.79
N SER B 5 -13.56 9.58 9.93
CA SER B 5 -12.95 8.90 8.81
C SER B 5 -12.74 9.87 7.65
N ASP B 6 -11.57 10.49 7.61
CA ASP B 6 -11.27 11.46 6.56
C ASP B 6 -11.11 10.74 5.20
N PRO B 7 -11.42 11.40 4.11
CA PRO B 7 -11.27 10.80 2.75
C PRO B 7 -9.95 10.03 2.59
N LEU B 8 -8.92 10.46 3.31
CA LEU B 8 -7.62 9.82 3.22
C LEU B 8 -7.71 8.35 3.66
N VAL B 9 -8.45 8.10 4.75
CA VAL B 9 -8.60 6.74 5.25
C VAL B 9 -9.33 5.88 4.23
N VAL B 10 -10.44 6.39 3.70
CA VAL B 10 -11.21 5.67 2.71
C VAL B 10 -10.41 5.47 1.43
N ALA B 11 -9.74 6.53 1.00
CA ALA B 11 -8.92 6.46 -0.20
C ALA B 11 -7.80 5.45 -0.04
N ALA B 12 -7.19 5.43 1.14
CA ALA B 12 -6.10 4.50 1.40
C ALA B 12 -6.54 3.07 1.10
N SER B 13 -7.68 2.67 1.65
CA SER B 13 -8.19 1.32 1.42
C SER B 13 -8.50 1.10 -0.06
N ILE B 14 -9.10 2.11 -0.69
CA ILE B 14 -9.45 2.01 -2.11
C ILE B 14 -8.20 1.87 -2.96
N ILE B 15 -7.16 2.64 -2.63
CA ILE B 15 -5.92 2.59 -3.40
C ILE B 15 -5.31 1.20 -3.34
N GLY B 16 -5.28 0.59 -2.15
CA GLY B 16 -4.71 -0.74 -2.01
C GLY B 16 -5.55 -1.78 -2.74
N ILE B 17 -6.85 -1.80 -2.47
CA ILE B 17 -7.74 -2.76 -3.11
C ILE B 17 -7.83 -2.52 -4.62
N LEU B 18 -7.95 -1.25 -5.01
CA LEU B 18 -8.06 -0.90 -6.43
C LEU B 18 -6.84 -1.34 -7.20
N HIS B 19 -5.66 -1.06 -6.66
CA HIS B 19 -4.42 -1.44 -7.32
C HIS B 19 -4.38 -2.95 -7.49
N LEU B 20 -4.83 -3.67 -6.47
CA LEU B 20 -4.83 -5.12 -6.52
C LEU B 20 -5.68 -5.64 -7.66
N ILE B 21 -6.81 -5.01 -7.91
CA ILE B 21 -7.70 -5.45 -8.98
C ILE B 21 -6.98 -5.34 -10.33
N LEU B 22 -6.29 -4.23 -10.55
CA LEU B 22 -5.58 -4.04 -11.80
C LEU B 22 -4.32 -4.91 -11.86
N TRP B 23 -3.57 -4.93 -10.76
CA TRP B 23 -2.34 -5.72 -10.70
C TRP B 23 -2.63 -7.22 -10.79
N ILE B 24 -3.60 -7.68 -10.01
CA ILE B 24 -3.95 -9.09 -10.01
C ILE B 24 -4.53 -9.51 -11.35
N LEU B 25 -5.23 -8.58 -12.00
CA LEU B 25 -5.83 -8.87 -13.30
C LEU B 25 -4.77 -9.24 -14.32
N ASP B 26 -3.69 -8.47 -14.37
CA ASP B 26 -2.62 -8.76 -15.31
C ASP B 26 -1.96 -10.10 -14.98
N ARG B 27 -1.86 -10.40 -13.69
CA ARG B 27 -1.25 -11.64 -13.25
C ARG B 27 -2.06 -12.84 -13.74
N LEU B 28 -3.37 -12.70 -13.78
CA LEU B 28 -4.24 -13.80 -14.20
C LEU B 28 -3.90 -14.21 -15.64
N PHE B 29 -3.73 -13.23 -16.52
CA PHE B 29 -3.40 -13.52 -17.91
C PHE B 29 -2.07 -14.28 -17.98
N PHE B 30 -1.09 -13.83 -17.21
CA PHE B 30 0.22 -14.47 -17.19
C PHE B 30 0.90 -14.28 -15.84
N LYS B 31 1.83 -15.18 -15.51
CA LYS B 31 2.54 -15.10 -14.24
C LYS B 31 3.83 -15.91 -14.31
N SER C 1 -1.52 24.79 12.47
CA SER C 1 -2.16 23.77 13.33
C SER C 1 -2.31 22.47 12.54
N ASN C 2 -3.44 21.80 12.73
CA ASN C 2 -3.71 20.54 12.03
C ASN C 2 -2.58 19.53 12.29
N ASP C 3 -2.13 19.48 13.54
CA ASP C 3 -1.07 18.55 13.90
C ASP C 3 -1.60 17.11 13.98
N SER C 4 -2.92 16.97 13.86
CA SER C 4 -3.55 15.66 13.91
C SER C 4 -3.04 14.77 12.79
N SER C 5 -2.96 15.34 11.58
CA SER C 5 -2.49 14.58 10.43
C SER C 5 -0.97 14.57 10.41
N ASP C 6 -0.38 13.55 11.00
CA ASP C 6 1.07 13.45 11.05
C ASP C 6 1.64 13.15 9.66
N PRO C 7 2.86 13.58 9.37
CA PRO C 7 3.49 13.32 8.05
C PRO C 7 3.29 11.88 7.57
N LEU C 8 3.16 10.95 8.52
CA LEU C 8 2.98 9.55 8.18
C LEU C 8 1.68 9.35 7.38
N VAL C 9 0.62 10.02 7.81
CA VAL C 9 -0.67 9.91 7.13
C VAL C 9 -0.56 10.45 5.70
N VAL C 10 0.02 11.63 5.57
CA VAL C 10 0.18 12.26 4.27
C VAL C 10 1.12 11.43 3.40
N ALA C 11 2.22 10.97 3.98
CA ALA C 11 3.18 10.16 3.24
C ALA C 11 2.55 8.86 2.78
N ALA C 12 1.72 8.27 3.65
CA ALA C 12 1.06 7.01 3.30
C ALA C 12 0.30 7.16 1.98
N SER C 13 -0.51 8.20 1.88
CA SER C 13 -1.29 8.44 0.68
C SER C 13 -0.36 8.69 -0.51
N ILE C 14 0.69 9.49 -0.30
CA ILE C 14 1.63 9.80 -1.35
C ILE C 14 2.34 8.55 -1.83
N ILE C 15 2.73 7.69 -0.90
CA ILE C 15 3.44 6.46 -1.26
C ILE C 15 2.56 5.59 -2.16
N GLY C 16 1.29 5.44 -1.81
CA GLY C 16 0.39 4.62 -2.61
C GLY C 16 0.15 5.22 -3.98
N ILE C 17 -0.23 6.51 -4.01
CA ILE C 17 -0.49 7.20 -5.26
C ILE C 17 0.77 7.33 -6.10
N LEU C 18 1.88 7.69 -5.46
CA LEU C 18 3.14 7.87 -6.14
C LEU C 18 3.60 6.58 -6.80
N HIS C 19 3.53 5.48 -6.06
CA HIS C 19 3.93 4.20 -6.60
C HIS C 19 3.08 3.86 -7.82
N LEU C 20 1.80 4.16 -7.74
CA LEU C 20 0.89 3.87 -8.83
C LEU C 20 1.29 4.60 -10.10
N ILE C 21 1.74 5.84 -9.96
CA ILE C 21 2.14 6.61 -11.12
C ILE C 21 3.31 5.94 -11.83
N LEU C 22 4.29 5.49 -11.07
CA LEU C 22 5.45 4.82 -11.65
C LEU C 22 5.08 3.41 -12.15
N TRP C 23 4.35 2.67 -11.33
CA TRP C 23 3.96 1.31 -11.69
C TRP C 23 3.00 1.30 -12.89
N ILE C 24 1.99 2.16 -12.84
CA ILE C 24 1.02 2.23 -13.93
C ILE C 24 1.69 2.72 -15.21
N LEU C 25 2.69 3.59 -15.07
CA LEU C 25 3.39 4.13 -16.22
C LEU C 25 4.04 3.00 -17.02
N ASP C 26 4.72 2.09 -16.33
CA ASP C 26 5.38 0.99 -17.01
C ASP C 26 4.35 0.08 -17.67
N ARG C 27 3.20 -0.07 -17.02
CA ARG C 27 2.14 -0.92 -17.55
C ARG C 27 1.62 -0.37 -18.88
N LEU C 28 1.56 0.95 -18.98
CA LEU C 28 1.05 1.59 -20.21
C LEU C 28 1.90 1.17 -21.41
N PHE C 29 3.22 1.20 -21.25
CA PHE C 29 4.12 0.82 -22.34
C PHE C 29 3.86 -0.63 -22.75
N PHE C 30 3.69 -1.50 -21.76
CA PHE C 30 3.43 -2.91 -22.03
C PHE C 30 2.64 -3.55 -20.89
N LYS C 31 1.93 -4.63 -21.20
CA LYS C 31 1.13 -5.32 -20.19
C LYS C 31 0.82 -6.74 -20.64
N SER D 1 6.09 6.17 26.23
CA SER D 1 4.70 6.59 25.94
C SER D 1 4.45 6.50 24.44
N ASN D 2 3.72 7.47 23.91
CA ASN D 2 3.40 7.49 22.48
C ASN D 2 2.73 6.19 22.06
N ASP D 3 1.81 5.72 22.89
CA ASP D 3 1.09 4.48 22.59
C ASP D 3 0.04 4.71 21.51
N SER D 4 -0.14 5.98 21.14
CA SER D 4 -1.12 6.33 20.11
C SER D 4 -0.76 5.68 18.77
N SER D 5 0.52 5.73 18.42
CA SER D 5 0.99 5.14 17.17
C SER D 5 1.21 3.65 17.36
N ASP D 6 0.19 2.86 17.08
CA ASP D 6 0.30 1.41 17.24
C ASP D 6 1.24 0.82 16.18
N PRO D 7 1.90 -0.28 16.48
CA PRO D 7 2.83 -0.94 15.51
C PRO D 7 2.24 -1.01 14.10
N LEU D 8 0.91 -1.09 14.02
CA LEU D 8 0.25 -1.19 12.72
C LEU D 8 0.53 0.05 11.88
N VAL D 9 0.49 1.23 12.51
CA VAL D 9 0.75 2.47 11.79
C VAL D 9 2.19 2.50 11.28
N VAL D 10 3.12 2.17 12.16
CA VAL D 10 4.53 2.16 11.79
C VAL D 10 4.79 1.09 10.73
N ALA D 11 4.22 -0.09 10.93
CA ALA D 11 4.40 -1.18 9.98
C ALA D 11 3.82 -0.81 8.62
N ALA D 12 2.67 -0.14 8.63
CA ALA D 12 2.04 0.26 7.37
C ALA D 12 3.01 1.05 6.52
N SER D 13 3.64 2.06 7.12
CA SER D 13 4.60 2.90 6.39
C SER D 13 5.79 2.06 5.93
N ILE D 14 6.27 1.19 6.82
CA ILE D 14 7.41 0.34 6.49
C ILE D 14 7.09 -0.60 5.34
N ILE D 15 5.88 -1.17 5.37
CA ILE D 15 5.47 -2.09 4.32
C ILE D 15 5.46 -1.40 2.96
N GLY D 16 4.92 -0.19 2.90
CA GLY D 16 4.87 0.54 1.64
C GLY D 16 6.27 0.93 1.16
N ILE D 17 7.05 1.56 2.04
CA ILE D 17 8.40 1.97 1.69
C ILE D 17 9.31 0.76 1.42
N LEU D 18 9.20 -0.25 2.26
CA LEU D 18 10.02 -1.46 2.13
C LEU D 18 9.76 -2.15 0.81
N HIS D 19 8.50 -2.31 0.47
CA HIS D 19 8.13 -2.95 -0.78
C HIS D 19 8.70 -2.17 -1.96
N LEU D 20 8.66 -0.85 -1.86
CA LEU D 20 9.17 0.01 -2.92
C LEU D 20 10.66 -0.22 -3.14
N ILE D 21 11.40 -0.42 -2.07
CA ILE D 21 12.83 -0.64 -2.21
C ILE D 21 13.11 -1.90 -3.02
N LEU D 22 12.38 -2.98 -2.71
CA LEU D 22 12.56 -4.23 -3.42
C LEU D 22 11.99 -4.14 -4.84
N TRP D 23 10.79 -3.58 -4.96
CA TRP D 23 10.13 -3.46 -6.26
C TRP D 23 10.89 -2.50 -7.18
N ILE D 24 11.27 -1.35 -6.66
CA ILE D 24 11.99 -0.37 -7.46
C ILE D 24 13.37 -0.90 -7.84
N LEU D 25 13.95 -1.70 -6.97
CA LEU D 25 15.28 -2.27 -7.23
C LEU D 25 15.25 -3.12 -8.49
N ASP D 26 14.24 -3.98 -8.62
CA ASP D 26 14.14 -4.83 -9.79
C ASP D 26 13.92 -4.00 -11.04
N ARG D 27 13.16 -2.91 -10.89
CA ARG D 27 12.87 -2.02 -12.01
C ARG D 27 14.15 -1.38 -12.54
N LEU D 28 15.08 -1.06 -11.64
CA LEU D 28 16.33 -0.43 -12.03
C LEU D 28 17.10 -1.32 -13.02
N PHE D 29 17.18 -2.61 -12.71
CA PHE D 29 17.89 -3.54 -13.59
C PHE D 29 17.23 -3.58 -14.97
N PHE D 30 15.90 -3.60 -14.98
CA PHE D 30 15.16 -3.62 -16.25
C PHE D 30 13.79 -2.98 -16.08
N LYS D 31 13.23 -2.50 -17.18
CA LYS D 31 11.91 -1.87 -17.15
C LYS D 31 11.30 -1.84 -18.54
S 3LW E . -0.41 2.49 4.40
BR 3LW E . 2.04 1.79 2.87
C1 3LW E . 0.16 1.86 3.21
C2 3LW E . -0.77 1.37 2.39
N2 3LW E . -2.58 3.87 5.72
C3 3LW E . -1.97 1.59 2.93
C5 3LW E . -2.98 2.66 4.99
C10 3LW E . -3.28 4.22 6.98
C12 3LW E . -1.84 2.24 4.10
C61 3LW E . -4.81 4.42 6.78
C62 3LW E . -2.71 5.53 7.58
C63 3LW E . -3.09 3.10 8.06
C71 3LW E . -5.51 4.79 8.11
C72 3LW E . -3.42 5.90 8.91
C73 3LW E . -3.80 3.49 9.39
C81 3LW E . -4.92 6.09 8.66
C82 3LW E . -3.21 4.79 9.94
C83 3LW E . -5.30 3.67 9.14
H2 3LW E . -0.57 0.86 1.44
H3 3LW E . -2.90 1.27 2.46
H5 3LW E . -3.18 1.82 5.70
H61 3LW E . -5.25 3.51 6.40
H81 3LW E . -5.08 6.88 7.95
H62 3LW E . -1.66 5.41 7.77
H82 3LW E . -2.16 4.66 10.12
HN2 3LW E . -2.72 4.69 5.06
H63 3LW E . -2.03 2.97 8.26
H83 3LW E . -5.72 2.74 8.76
H5A 3LW E . -3.87 2.84 4.36
H61A 3LW E . -4.97 5.21 6.07
H62A 3LW E . -2.86 6.33 6.88
H63A 3LW E . -3.50 2.17 7.72
H71 3LW E . -6.56 4.91 7.92
H72 3LW E . -3.01 6.82 9.29
H73 3LW E . -3.65 2.69 10.11
H81A 3LW E . -5.42 6.34 9.59
H82A 3LW E . -3.72 5.04 10.86
H83A 3LW E . -5.79 3.94 10.07
HN2A 3LW E . -1.55 3.81 5.92
N SER A 1 -12.70 -7.17 20.37
CA SER A 1 -11.49 -6.32 20.48
C SER A 1 -11.91 -4.86 20.63
N ASN A 2 -10.97 -3.95 20.39
CA ASN A 2 -11.25 -2.52 20.50
C ASN A 2 -11.85 -1.99 19.20
N ASP A 3 -12.81 -1.08 19.33
CA ASP A 3 -13.46 -0.51 18.15
C ASP A 3 -12.62 0.62 17.58
N SER A 4 -11.50 0.91 18.22
CA SER A 4 -10.61 1.97 17.76
C SER A 4 -10.07 1.66 16.37
N SER A 5 -9.67 0.41 16.17
CA SER A 5 -9.13 -0.01 14.87
C SER A 5 -10.25 -0.38 13.92
N ASP A 6 -10.66 0.60 13.11
CA ASP A 6 -11.73 0.38 12.17
C ASP A 6 -11.37 -0.73 11.17
N PRO A 7 -12.33 -1.42 10.62
CA PRO A 7 -12.07 -2.50 9.63
C PRO A 7 -11.06 -2.10 8.58
N LEU A 8 -11.08 -0.83 8.19
CA LEU A 8 -10.16 -0.32 7.18
C LEU A 8 -8.71 -0.44 7.68
N VAL A 9 -8.51 -0.12 8.94
CA VAL A 9 -7.16 -0.20 9.52
C VAL A 9 -6.66 -1.63 9.50
N VAL A 10 -7.51 -2.56 9.95
CA VAL A 10 -7.13 -3.97 9.99
C VAL A 10 -6.91 -4.49 8.57
N ALA A 11 -7.81 -4.13 7.66
CA ALA A 11 -7.70 -4.57 6.28
C ALA A 11 -6.46 -3.97 5.62
N ALA A 12 -6.18 -2.71 5.93
CA ALA A 12 -5.03 -2.04 5.36
C ALA A 12 -3.76 -2.85 5.58
N SER A 13 -3.55 -3.28 6.82
CA SER A 13 -2.36 -4.07 7.15
C SER A 13 -2.39 -5.41 6.43
N ILE A 14 -3.57 -6.02 6.39
CA ILE A 14 -3.73 -7.32 5.73
C ILE A 14 -3.45 -7.19 4.23
N ILE A 15 -3.95 -6.13 3.63
CA ILE A 15 -3.74 -5.91 2.20
C ILE A 15 -2.25 -5.78 1.88
N GLY A 16 -1.54 -5.03 2.69
CA GLY A 16 -0.11 -4.85 2.46
C GLY A 16 0.66 -6.16 2.62
N ILE A 17 0.44 -6.83 3.75
CA ILE A 17 1.12 -8.09 4.00
C ILE A 17 0.65 -9.17 3.03
N LEU A 18 -0.65 -9.24 2.82
CA LEU A 18 -1.21 -10.24 1.93
C LEU A 18 -0.69 -10.08 0.51
N HIS A 19 -0.70 -8.85 0.03
CA HIS A 19 -0.23 -8.58 -1.32
C HIS A 19 1.24 -8.93 -1.46
N LEU A 20 2.00 -8.65 -0.42
CA LEU A 20 3.44 -8.93 -0.44
C LEU A 20 3.71 -10.41 -0.60
N ILE A 21 2.91 -11.23 0.06
CA ILE A 21 3.11 -12.67 -0.03
C ILE A 21 2.91 -13.14 -1.47
N LEU A 22 1.89 -12.62 -2.11
CA LEU A 22 1.61 -13.00 -3.49
C LEU A 22 2.62 -12.37 -4.45
N TRP A 23 2.90 -11.10 -4.23
CA TRP A 23 3.83 -10.38 -5.09
C TRP A 23 5.26 -10.90 -4.92
N ILE A 24 5.67 -11.05 -3.69
CA ILE A 24 7.02 -11.53 -3.40
C ILE A 24 7.20 -12.95 -3.92
N LEU A 25 6.14 -13.74 -3.85
CA LEU A 25 6.19 -15.11 -4.30
C LEU A 25 6.53 -15.17 -5.79
N ASP A 26 5.91 -14.29 -6.56
CA ASP A 26 6.15 -14.25 -8.00
C ASP A 26 7.61 -13.95 -8.28
N ARG A 27 8.17 -12.99 -7.55
CA ARG A 27 9.56 -12.62 -7.73
C ARG A 27 10.48 -13.75 -7.28
N LEU A 28 9.96 -14.63 -6.45
CA LEU A 28 10.75 -15.74 -5.94
C LEU A 28 11.21 -16.64 -7.09
N PHE A 29 10.29 -16.92 -8.00
CA PHE A 29 10.62 -17.77 -9.14
C PHE A 29 11.72 -17.15 -9.99
N PHE A 30 11.62 -15.84 -10.21
CA PHE A 30 12.62 -15.13 -11.00
C PHE A 30 13.76 -14.64 -10.11
N LYS A 31 14.99 -14.94 -10.52
CA LYS A 31 16.16 -14.52 -9.77
C LYS A 31 17.42 -14.70 -10.59
N SER B 1 -21.70 10.63 6.63
CA SER B 1 -21.05 9.60 7.49
C SER B 1 -20.27 10.29 8.60
N ASN B 2 -19.37 9.55 9.24
CA ASN B 2 -18.56 10.10 10.33
C ASN B 2 -17.35 10.82 9.77
N ASP B 3 -16.98 11.93 10.39
CA ASP B 3 -15.83 12.71 9.95
C ASP B 3 -14.53 12.12 10.51
N SER B 4 -14.66 11.06 11.31
CA SER B 4 -13.50 10.41 11.89
C SER B 4 -12.59 9.85 10.81
N SER B 5 -13.19 9.22 9.81
CA SER B 5 -12.42 8.63 8.71
C SER B 5 -12.11 9.68 7.66
N ASP B 6 -10.94 10.29 7.77
CA ASP B 6 -10.54 11.33 6.84
C ASP B 6 -10.46 10.77 5.42
N PRO B 7 -10.66 11.59 4.41
CA PRO B 7 -10.58 11.16 2.99
C PRO B 7 -9.37 10.25 2.72
N LEU B 8 -8.26 10.54 3.39
CA LEU B 8 -7.05 9.75 3.21
C LEU B 8 -7.29 8.31 3.64
N VAL B 9 -7.99 8.12 4.75
CA VAL B 9 -8.28 6.79 5.25
C VAL B 9 -9.13 6.01 4.24
N VAL B 10 -10.18 6.65 3.75
CA VAL B 10 -11.07 6.02 2.79
C VAL B 10 -10.32 5.72 1.49
N ALA B 11 -9.55 6.70 1.04
CA ALA B 11 -8.78 6.54 -0.20
C ALA B 11 -7.72 5.46 -0.03
N ALA B 12 -7.11 5.41 1.13
CA ALA B 12 -6.07 4.42 1.41
C ALA B 12 -6.58 3.02 1.12
N SER B 13 -7.75 2.70 1.66
CA SER B 13 -8.34 1.38 1.45
C SER B 13 -8.68 1.16 -0.01
N ILE B 14 -9.21 2.20 -0.64
CA ILE B 14 -9.59 2.12 -2.05
C ILE B 14 -8.35 1.90 -2.92
N ILE B 15 -7.28 2.61 -2.61
CA ILE B 15 -6.05 2.48 -3.38
C ILE B 15 -5.51 1.06 -3.30
N GLY B 16 -5.53 0.48 -2.11
CA GLY B 16 -5.02 -0.88 -1.93
C GLY B 16 -5.88 -1.89 -2.70
N ILE B 17 -7.19 -1.85 -2.46
CA ILE B 17 -8.10 -2.76 -3.14
C ILE B 17 -8.14 -2.48 -4.62
N LEU B 18 -8.22 -1.21 -4.99
CA LEU B 18 -8.30 -0.84 -6.39
C LEU B 18 -7.06 -1.30 -7.15
N HIS B 19 -5.90 -1.03 -6.58
CA HIS B 19 -4.65 -1.41 -7.21
C HIS B 19 -4.56 -2.92 -7.37
N LEU B 20 -5.04 -3.63 -6.37
CA LEU B 20 -5.00 -5.09 -6.41
C LEU B 20 -5.80 -5.64 -7.57
N ILE B 21 -6.95 -5.04 -7.83
CA ILE B 21 -7.80 -5.51 -8.91
C ILE B 21 -7.06 -5.38 -10.24
N LEU B 22 -6.38 -4.26 -10.44
CA LEU B 22 -5.63 -4.04 -11.67
C LEU B 22 -4.36 -4.89 -11.71
N TRP B 23 -3.66 -4.91 -10.60
CA TRP B 23 -2.42 -5.67 -10.52
C TRP B 23 -2.68 -7.17 -10.60
N ILE B 24 -3.65 -7.63 -9.83
CA ILE B 24 -3.97 -9.04 -9.81
C ILE B 24 -4.48 -9.49 -11.18
N LEU B 25 -5.19 -8.60 -11.85
CA LEU B 25 -5.74 -8.92 -13.16
C LEU B 25 -4.62 -9.23 -14.14
N ASP B 26 -3.56 -8.42 -14.09
CA ASP B 26 -2.43 -8.62 -14.99
C ASP B 26 -1.80 -9.99 -14.77
N ARG B 27 -1.66 -10.37 -13.51
CA ARG B 27 -1.08 -11.66 -13.17
C ARG B 27 -2.01 -12.79 -13.58
N LEU B 28 -3.29 -12.47 -13.73
CA LEU B 28 -4.27 -13.48 -14.10
C LEU B 28 -3.93 -14.08 -15.47
N PHE B 29 -3.57 -13.22 -16.42
CA PHE B 29 -3.23 -13.67 -17.75
C PHE B 29 -2.03 -14.61 -17.71
N PHE B 30 -1.03 -14.25 -16.90
CA PHE B 30 0.17 -15.08 -16.78
C PHE B 30 -0.01 -16.11 -15.68
N LYS B 31 0.29 -17.37 -16.02
CA LYS B 31 0.16 -18.45 -15.05
C LYS B 31 0.83 -19.72 -15.57
N SER C 1 -0.83 23.33 9.29
CA SER C 1 -2.06 22.49 9.20
C SER C 1 -2.34 21.84 10.55
N ASN C 2 -3.18 20.81 10.55
CA ASN C 2 -3.52 20.11 11.78
C ASN C 2 -2.47 19.05 12.10
N ASP C 3 -2.16 18.90 13.38
CA ASP C 3 -1.18 17.92 13.81
C ASP C 3 -1.81 16.53 13.92
N SER C 4 -3.10 16.46 13.67
CA SER C 4 -3.82 15.19 13.74
C SER C 4 -3.25 14.20 12.73
N SER C 5 -3.00 14.68 11.52
CA SER C 5 -2.46 13.82 10.45
C SER C 5 -0.95 13.73 10.57
N ASP C 6 -0.49 12.68 11.25
CA ASP C 6 0.94 12.50 11.43
C ASP C 6 1.64 12.32 10.08
N PRO C 7 2.90 12.67 9.99
CA PRO C 7 3.69 12.52 8.73
C PRO C 7 3.45 11.17 8.06
N LEU C 8 3.29 10.13 8.86
CA LEU C 8 3.07 8.79 8.32
C LEU C 8 1.77 8.76 7.52
N VAL C 9 0.73 9.41 8.04
CA VAL C 9 -0.56 9.43 7.35
C VAL C 9 -0.43 10.13 6.00
N VAL C 10 0.22 11.29 6.00
CA VAL C 10 0.40 12.05 4.77
C VAL C 10 1.28 11.27 3.79
N ALA C 11 2.36 10.70 4.29
CA ALA C 11 3.27 9.93 3.46
C ALA C 11 2.58 8.68 2.93
N ALA C 12 1.76 8.05 3.76
CA ALA C 12 1.06 6.85 3.36
C ALA C 12 0.28 7.08 2.07
N SER C 13 -0.49 8.17 2.04
CA SER C 13 -1.27 8.50 0.85
C SER C 13 -0.37 8.80 -0.33
N ILE C 14 0.71 9.53 -0.07
CA ILE C 14 1.66 9.89 -1.12
C ILE C 14 2.32 8.64 -1.69
N ILE C 15 2.69 7.72 -0.82
CA ILE C 15 3.34 6.50 -1.25
C ILE C 15 2.42 5.70 -2.18
N GLY C 16 1.16 5.60 -1.82
CA GLY C 16 0.21 4.86 -2.62
C GLY C 16 0.00 5.50 -3.98
N ILE C 17 -0.31 6.79 -3.98
CA ILE C 17 -0.54 7.52 -5.21
C ILE C 17 0.76 7.63 -6.02
N LEU C 18 1.85 7.95 -5.34
CA LEU C 18 3.13 8.11 -6.01
C LEU C 18 3.55 6.81 -6.68
N HIS C 19 3.46 5.71 -5.95
CA HIS C 19 3.84 4.42 -6.49
C HIS C 19 2.99 4.05 -7.68
N LEU C 20 1.71 4.38 -7.60
CA LEU C 20 0.78 4.06 -8.68
C LEU C 20 1.18 4.76 -9.97
N ILE C 21 1.62 5.99 -9.86
CA ILE C 21 2.01 6.75 -11.04
C ILE C 21 3.18 6.06 -11.73
N LEU C 22 4.15 5.62 -10.95
CA LEU C 22 5.31 4.94 -11.51
C LEU C 22 4.96 3.53 -11.99
N TRP C 23 4.20 2.82 -11.17
CA TRP C 23 3.81 1.47 -11.51
C TRP C 23 2.85 1.42 -12.69
N ILE C 24 1.85 2.28 -12.66
CA ILE C 24 0.86 2.33 -13.71
C ILE C 24 1.52 2.76 -15.02
N LEU C 25 2.51 3.63 -14.91
CA LEU C 25 3.21 4.13 -16.09
C LEU C 25 3.89 2.98 -16.82
N ASP C 26 4.52 2.08 -16.06
CA ASP C 26 5.21 0.94 -16.66
C ASP C 26 4.22 0.08 -17.43
N ARG C 27 3.06 -0.16 -16.84
CA ARG C 27 2.03 -0.98 -17.48
C ARG C 27 1.47 -0.26 -18.71
N LEU C 28 1.64 1.06 -18.75
CA LEU C 28 1.13 1.83 -19.87
C LEU C 28 1.79 1.40 -21.17
N PHE C 29 3.10 1.22 -21.12
CA PHE C 29 3.85 0.80 -22.30
C PHE C 29 3.37 -0.56 -22.80
N PHE C 30 3.13 -1.47 -21.87
CA PHE C 30 2.66 -2.82 -22.23
C PHE C 30 1.14 -2.85 -22.28
N LYS C 31 0.60 -3.35 -23.38
CA LYS C 31 -0.85 -3.44 -23.54
C LYS C 31 -1.20 -4.34 -24.72
N SER D 1 7.93 5.33 23.13
CA SER D 1 7.27 6.37 22.28
C SER D 1 5.80 6.47 22.67
N ASN D 2 5.00 7.08 21.79
CA ASN D 2 3.58 7.25 22.06
C ASN D 2 2.81 6.00 21.63
N ASP D 3 1.80 5.64 22.41
CA ASP D 3 0.99 4.47 22.11
C ASP D 3 -0.09 4.81 21.08
N SER D 4 -0.13 6.07 20.67
CA SER D 4 -1.11 6.51 19.68
C SER D 4 -0.90 5.78 18.36
N SER D 5 0.36 5.65 17.94
CA SER D 5 0.67 4.97 16.69
C SER D 5 0.74 3.47 16.90
N ASP D 6 -0.36 2.79 16.65
CA ASP D 6 -0.42 1.36 16.84
C ASP D 6 0.58 0.66 15.90
N PRO D 7 1.06 -0.51 16.28
CA PRO D 7 2.03 -1.29 15.46
C PRO D 7 1.63 -1.32 13.97
N LEU D 8 0.33 -1.38 13.71
CA LEU D 8 -0.16 -1.42 12.34
C LEU D 8 0.22 -0.14 11.60
N VAL D 9 0.10 1.00 12.28
CA VAL D 9 0.44 2.27 11.67
C VAL D 9 1.92 2.32 11.31
N VAL D 10 2.77 1.92 12.25
CA VAL D 10 4.20 1.91 12.02
C VAL D 10 4.56 0.93 10.93
N ALA D 11 3.97 -0.26 10.99
CA ALA D 11 4.23 -1.30 10.00
C ALA D 11 3.73 -0.86 8.63
N ALA D 12 2.59 -0.20 8.60
CA ALA D 12 2.01 0.25 7.34
C ALA D 12 3.01 1.09 6.56
N SER D 13 3.61 2.07 7.23
CA SER D 13 4.60 2.93 6.58
C SER D 13 5.82 2.13 6.14
N ILE D 14 6.26 1.20 7.00
CA ILE D 14 7.41 0.37 6.71
C ILE D 14 7.13 -0.52 5.50
N ILE D 15 5.94 -1.08 5.45
CA ILE D 15 5.57 -1.97 4.35
C ILE D 15 5.61 -1.21 3.02
N GLY D 16 5.08 0.00 3.02
CA GLY D 16 5.06 0.79 1.79
C GLY D 16 6.48 1.15 1.35
N ILE D 17 7.26 1.72 2.26
CA ILE D 17 8.62 2.11 1.94
C ILE D 17 9.49 0.89 1.67
N LEU D 18 9.35 -0.13 2.51
CA LEU D 18 10.15 -1.34 2.36
C LEU D 18 9.87 -2.01 1.01
N HIS D 19 8.60 -2.15 0.69
CA HIS D 19 8.22 -2.78 -0.57
C HIS D 19 8.76 -1.99 -1.75
N LEU D 20 8.71 -0.68 -1.63
CA LEU D 20 9.18 0.19 -2.71
C LEU D 20 10.66 -0.04 -3.00
N ILE D 21 11.44 -0.21 -1.95
CA ILE D 21 12.87 -0.43 -2.12
C ILE D 21 13.11 -1.70 -2.92
N LEU D 22 12.38 -2.76 -2.61
CA LEU D 22 12.53 -4.02 -3.31
C LEU D 22 11.93 -3.95 -4.71
N TRP D 23 10.74 -3.36 -4.80
CA TRP D 23 10.06 -3.25 -6.08
C TRP D 23 10.78 -2.30 -7.02
N ILE D 24 11.16 -1.14 -6.50
CA ILE D 24 11.84 -0.15 -7.31
C ILE D 24 13.20 -0.68 -7.77
N LEU D 25 13.83 -1.47 -6.90
CA LEU D 25 15.13 -2.03 -7.24
C LEU D 25 15.04 -2.92 -8.47
N ASP D 26 13.99 -3.73 -8.53
CA ASP D 26 13.80 -4.62 -9.67
C ASP D 26 13.68 -3.83 -10.95
N ARG D 27 12.90 -2.75 -10.90
CA ARG D 27 12.71 -1.90 -12.07
C ARG D 27 14.00 -1.17 -12.44
N LEU D 28 14.91 -1.07 -11.47
CA LEU D 28 16.18 -0.39 -11.71
C LEU D 28 16.96 -1.11 -12.82
N PHE D 29 17.01 -2.43 -12.73
CA PHE D 29 17.74 -3.22 -13.72
C PHE D 29 17.16 -3.01 -15.10
N PHE D 30 15.84 -2.97 -15.20
CA PHE D 30 15.17 -2.78 -16.49
C PHE D 30 14.96 -1.30 -16.76
N LYS D 31 15.38 -0.86 -17.93
CA LYS D 31 15.23 0.54 -18.30
C LYS D 31 15.48 0.73 -19.81
S 3LW E . 0.07 3.27 2.55
BR 3LW E . 2.17 2.30 0.70
C1 3LW E . 0.50 2.25 1.59
C2 3LW E . -0.42 1.29 1.43
N2 3LW E . -1.56 3.37 5.15
C3 3LW E . -1.47 1.58 2.20
C5 3LW E . -2.19 3.32 3.83
C10 3LW E . -2.38 3.83 6.29
C12 3LW E . -1.25 2.71 2.88
C61 3LW E . -2.87 5.29 6.11
C62 3LW E . -1.55 3.79 7.62
C63 3LW E . -3.64 2.93 6.53
C71 3LW E . -3.71 5.77 7.31
C72 3LW E . -2.39 4.27 8.81
C73 3LW E . -4.46 3.41 7.73
C81 3LW E . -2.85 5.72 8.59
C82 3LW E . -3.61 3.36 8.99
C83 3LW E . -4.93 4.86 7.48
H2 3LW E . -0.34 0.42 0.76
H3 3LW E . -2.37 0.94 2.25
H5 3LW E . -3.11 2.70 3.84
H61 3LW E . -3.49 5.37 5.22
H81 3LW E . -1.98 6.36 8.46
H62 3LW E . -1.22 2.78 7.80
H82 3LW E . -3.28 2.35 9.17
HN2 3LW E . -0.72 4.01 5.08
H63 3LW E . -3.32 1.91 6.70
H83 3LW E . -5.53 4.89 6.58
H5A 3LW E . -2.45 4.34 3.47
H61A 3LW E . -2.03 5.95 6.00
H62A 3LW E . -0.69 4.43 7.51
H63A 3LW E . -4.27 2.95 5.64
H71 3LW E . -4.04 6.78 7.14
H72 3LW E . -1.78 4.24 9.71
H73 3LW E . -5.32 2.77 7.85
H81A 3LW E . -3.44 6.05 9.43
H82A 3LW E . -4.19 3.70 9.84
H83A 3LW E . -5.52 5.20 8.32
HN2A 3LW E . -1.20 2.41 5.36
N SER A 1 -12.03 -3.70 22.37
CA SER A 1 -10.76 -3.25 21.73
C SER A 1 -10.99 -3.10 20.23
N ASN A 2 -12.13 -3.56 19.75
CA ASN A 2 -12.46 -3.46 18.33
C ASN A 2 -12.57 -2.01 17.90
N ASP A 3 -13.07 -1.17 18.80
CA ASP A 3 -13.23 0.25 18.50
C ASP A 3 -11.86 0.90 18.28
N SER A 4 -10.86 0.42 19.00
CA SER A 4 -9.51 0.97 18.88
C SER A 4 -8.98 0.79 17.46
N SER A 5 -9.20 -0.39 16.89
CA SER A 5 -8.74 -0.70 15.53
C SER A 5 -9.93 -0.99 14.63
N ASP A 6 -10.30 0.00 13.82
CA ASP A 6 -11.44 -0.18 12.93
C ASP A 6 -11.10 -1.18 11.81
N PRO A 7 -12.09 -1.85 11.26
CA PRO A 7 -11.87 -2.84 10.16
C PRO A 7 -10.96 -2.27 9.06
N LEU A 8 -11.11 -0.99 8.78
CA LEU A 8 -10.32 -0.35 7.74
C LEU A 8 -8.82 -0.41 8.07
N VAL A 9 -8.50 -0.15 9.33
CA VAL A 9 -7.11 -0.18 9.76
C VAL A 9 -6.55 -1.60 9.62
N VAL A 10 -7.30 -2.57 10.14
CA VAL A 10 -6.86 -3.97 10.07
C VAL A 10 -6.76 -4.41 8.62
N ALA A 11 -7.79 -4.11 7.83
CA ALA A 11 -7.80 -4.49 6.43
C ALA A 11 -6.53 -4.01 5.74
N ALA A 12 -6.12 -2.80 6.05
CA ALA A 12 -4.91 -2.23 5.44
C ALA A 12 -3.71 -3.14 5.70
N SER A 13 -3.61 -3.65 6.93
CA SER A 13 -2.50 -4.53 7.28
C SER A 13 -2.51 -5.80 6.42
N ILE A 14 -3.69 -6.40 6.29
CA ILE A 14 -3.84 -7.61 5.48
C ILE A 14 -3.60 -7.30 4.01
N ILE A 15 -4.14 -6.19 3.54
CA ILE A 15 -4.00 -5.83 2.13
C ILE A 15 -2.52 -5.71 1.75
N GLY A 16 -1.76 -5.00 2.57
CA GLY A 16 -0.34 -4.82 2.29
C GLY A 16 0.44 -6.11 2.48
N ILE A 17 0.22 -6.76 3.62
CA ILE A 17 0.92 -8.00 3.93
C ILE A 17 0.54 -9.10 2.94
N LEU A 18 -0.75 -9.21 2.65
CA LEU A 18 -1.23 -10.24 1.72
C LEU A 18 -0.65 -10.03 0.33
N HIS A 19 -0.67 -8.79 -0.12
CA HIS A 19 -0.15 -8.47 -1.44
C HIS A 19 1.32 -8.87 -1.54
N LEU A 20 2.07 -8.59 -0.48
CA LEU A 20 3.49 -8.91 -0.47
C LEU A 20 3.72 -10.41 -0.61
N ILE A 21 2.90 -11.21 0.05
CA ILE A 21 3.07 -12.64 -0.03
C ILE A 21 2.96 -13.13 -1.47
N LEU A 22 1.93 -12.69 -2.17
CA LEU A 22 1.74 -13.09 -3.56
C LEU A 22 2.76 -12.42 -4.47
N TRP A 23 2.96 -11.13 -4.26
CA TRP A 23 3.91 -10.38 -5.08
C TRP A 23 5.33 -10.88 -4.88
N ILE A 24 5.65 -11.27 -3.65
CA ILE A 24 6.97 -11.77 -3.35
C ILE A 24 7.23 -13.06 -4.13
N LEU A 25 6.25 -13.94 -4.16
CA LEU A 25 6.40 -15.21 -4.86
C LEU A 25 6.68 -14.96 -6.34
N ASP A 26 5.99 -13.99 -6.92
CA ASP A 26 6.18 -13.69 -8.33
C ASP A 26 7.61 -13.28 -8.61
N ARG A 27 8.21 -12.57 -7.65
CA ARG A 27 9.60 -12.13 -7.81
C ARG A 27 10.53 -13.33 -7.98
N LEU A 28 10.31 -14.37 -7.18
CA LEU A 28 11.15 -15.56 -7.25
C LEU A 28 11.05 -16.21 -8.62
N PHE A 29 9.84 -16.32 -9.14
CA PHE A 29 9.62 -16.93 -10.45
C PHE A 29 10.17 -16.03 -11.55
N PHE A 30 9.96 -14.72 -11.40
CA PHE A 30 10.45 -13.75 -12.38
C PHE A 30 11.23 -12.63 -11.70
N LYS A 31 12.42 -12.35 -12.22
CA LYS A 31 13.26 -11.30 -11.65
C LYS A 31 12.87 -9.95 -12.22
N SER B 1 -20.67 10.97 10.64
CA SER B 1 -19.74 9.82 10.70
C SER B 1 -18.55 10.07 9.77
N ASN B 2 -18.65 11.12 8.97
CA ASN B 2 -17.60 11.47 8.03
C ASN B 2 -16.32 11.86 8.78
N ASP B 3 -16.51 12.52 9.93
CA ASP B 3 -15.37 12.95 10.72
C ASP B 3 -14.59 11.74 11.24
N SER B 4 -15.31 10.66 11.52
CA SER B 4 -14.67 9.45 12.03
C SER B 4 -13.66 8.90 11.02
N SER B 5 -14.05 8.88 9.74
CA SER B 5 -13.18 8.38 8.67
C SER B 5 -12.87 9.50 7.69
N ASP B 6 -11.68 10.07 7.80
CA ASP B 6 -11.28 11.15 6.91
C ASP B 6 -11.07 10.63 5.48
N PRO B 7 -11.24 11.47 4.49
CA PRO B 7 -11.04 11.07 3.07
C PRO B 7 -9.73 10.31 2.86
N LEU B 8 -8.69 10.70 3.59
CA LEU B 8 -7.39 10.05 3.46
C LEU B 8 -7.48 8.59 3.85
N VAL B 9 -8.19 8.30 4.94
CA VAL B 9 -8.34 6.92 5.39
C VAL B 9 -9.10 6.10 4.35
N VAL B 10 -10.22 6.64 3.88
CA VAL B 10 -11.02 5.95 2.89
C VAL B 10 -10.23 5.76 1.60
N ALA B 11 -9.59 6.84 1.15
CA ALA B 11 -8.81 6.78 -0.07
C ALA B 11 -7.81 5.64 -0.01
N ALA B 12 -7.17 5.47 1.13
CA ALA B 12 -6.19 4.40 1.30
C ALA B 12 -6.82 3.05 0.99
N SER B 13 -8.04 2.83 1.46
CA SER B 13 -8.72 1.57 1.22
C SER B 13 -8.93 1.34 -0.28
N ILE B 14 -9.39 2.38 -0.97
CA ILE B 14 -9.62 2.29 -2.43
C ILE B 14 -8.28 2.13 -3.16
N ILE B 15 -7.29 2.89 -2.75
CA ILE B 15 -5.99 2.83 -3.40
C ILE B 15 -5.42 1.42 -3.36
N GLY B 16 -5.46 0.79 -2.19
CA GLY B 16 -4.93 -0.56 -2.04
C GLY B 16 -5.83 -1.58 -2.74
N ILE B 17 -7.13 -1.50 -2.48
CA ILE B 17 -8.07 -2.43 -3.08
C ILE B 17 -8.11 -2.27 -4.59
N LEU B 18 -8.15 -1.03 -5.06
CA LEU B 18 -8.21 -0.75 -6.49
C LEU B 18 -6.96 -1.27 -7.19
N HIS B 19 -5.81 -1.00 -6.60
CA HIS B 19 -4.54 -1.44 -7.18
C HIS B 19 -4.52 -2.95 -7.33
N LEU B 20 -5.02 -3.65 -6.32
CA LEU B 20 -5.04 -5.10 -6.33
C LEU B 20 -5.90 -5.62 -7.49
N ILE B 21 -7.02 -4.98 -7.74
CA ILE B 21 -7.89 -5.43 -8.81
C ILE B 21 -7.16 -5.42 -10.15
N LEU B 22 -6.50 -4.31 -10.44
CA LEU B 22 -5.77 -4.20 -11.70
C LEU B 22 -4.51 -5.05 -11.68
N TRP B 23 -3.78 -5.00 -10.57
CA TRP B 23 -2.54 -5.76 -10.45
C TRP B 23 -2.83 -7.25 -10.48
N ILE B 24 -3.94 -7.65 -9.89
CA ILE B 24 -4.32 -9.06 -9.86
C ILE B 24 -4.55 -9.56 -11.28
N LEU B 25 -5.24 -8.77 -12.08
CA LEU B 25 -5.54 -9.16 -13.44
C LEU B 25 -4.25 -9.37 -14.23
N ASP B 26 -3.28 -8.50 -14.00
CA ASP B 26 -2.01 -8.61 -14.71
C ASP B 26 -1.34 -9.93 -14.39
N ARG B 27 -1.48 -10.40 -13.16
CA ARG B 27 -0.88 -11.66 -12.75
C ARG B 27 -1.42 -12.81 -13.59
N LEU B 28 -2.72 -12.81 -13.85
CA LEU B 28 -3.35 -13.87 -14.63
C LEU B 28 -2.77 -13.90 -16.05
N PHE B 29 -2.63 -12.72 -16.65
CA PHE B 29 -2.09 -12.62 -17.99
C PHE B 29 -0.60 -12.98 -18.00
N PHE B 30 0.12 -12.51 -17.00
CA PHE B 30 1.54 -12.78 -16.88
C PHE B 30 1.88 -13.34 -15.51
N LYS B 31 2.63 -14.43 -15.48
CA LYS B 31 3.01 -15.07 -14.22
C LYS B 31 4.28 -14.42 -13.67
N SER C 1 -3.47 22.30 12.28
CA SER C 1 -4.15 21.16 11.61
C SER C 1 -3.15 20.05 11.33
N ASN C 2 -1.86 20.36 11.53
CA ASN C 2 -0.80 19.39 11.30
C ASN C 2 -0.93 18.22 12.27
N ASP C 3 -1.36 18.52 13.49
CA ASP C 3 -1.53 17.48 14.50
C ASP C 3 -2.61 16.48 14.08
N SER C 4 -3.61 16.97 13.38
CA SER C 4 -4.70 16.11 12.92
C SER C 4 -4.18 15.02 11.98
N SER C 5 -3.30 15.41 11.06
CA SER C 5 -2.71 14.47 10.10
C SER C 5 -1.21 14.39 10.29
N ASP C 6 -0.76 13.33 10.95
CA ASP C 6 0.65 13.16 11.19
C ASP C 6 1.41 12.86 9.89
N PRO C 7 2.68 13.20 9.80
CA PRO C 7 3.49 12.94 8.58
C PRO C 7 3.32 11.51 8.06
N LEU C 8 3.18 10.56 8.99
CA LEU C 8 3.04 9.16 8.61
C LEU C 8 1.76 8.96 7.79
N VAL C 9 0.68 9.59 8.22
CA VAL C 9 -0.59 9.47 7.50
C VAL C 9 -0.47 10.06 6.09
N VAL C 10 0.09 11.27 6.02
CA VAL C 10 0.26 11.93 4.73
C VAL C 10 1.20 11.13 3.85
N ALA C 11 2.33 10.73 4.41
CA ALA C 11 3.31 9.95 3.66
C ALA C 11 2.64 8.75 3.00
N ALA C 12 1.76 8.09 3.74
CA ALA C 12 1.07 6.92 3.21
C ALA C 12 0.33 7.28 1.92
N SER C 13 -0.33 8.44 1.92
CA SER C 13 -1.07 8.87 0.74
C SER C 13 -0.14 9.03 -0.46
N ILE C 14 1.00 9.69 -0.24
CA ILE C 14 1.97 9.90 -1.30
C ILE C 14 2.61 8.58 -1.73
N ILE C 15 2.92 7.73 -0.75
CA ILE C 15 3.55 6.45 -1.06
C ILE C 15 2.66 5.62 -2.00
N GLY C 16 1.38 5.53 -1.67
CA GLY C 16 0.46 4.75 -2.48
C GLY C 16 0.18 5.44 -3.81
N ILE C 17 -0.14 6.72 -3.76
CA ILE C 17 -0.43 7.48 -4.98
C ILE C 17 0.80 7.56 -5.88
N LEU C 18 1.95 7.84 -5.29
CA LEU C 18 3.19 7.97 -6.06
C LEU C 18 3.54 6.65 -6.74
N HIS C 19 3.42 5.57 -5.99
CA HIS C 19 3.74 4.25 -6.53
C HIS C 19 2.86 3.94 -7.72
N LEU C 20 1.59 4.29 -7.61
CA LEU C 20 0.64 4.03 -8.69
C LEU C 20 1.04 4.78 -9.96
N ILE C 21 1.49 6.01 -9.81
CA ILE C 21 1.88 6.78 -10.98
C ILE C 21 2.97 6.07 -11.76
N LEU C 22 4.02 5.64 -11.06
CA LEU C 22 5.11 4.96 -11.73
C LEU C 22 4.71 3.56 -12.16
N TRP C 23 4.03 2.84 -11.29
CA TRP C 23 3.59 1.49 -11.58
C TRP C 23 2.60 1.47 -12.74
N ILE C 24 1.74 2.49 -12.78
CA ILE C 24 0.75 2.59 -13.85
C ILE C 24 1.44 2.73 -15.19
N LEU C 25 2.47 3.58 -15.24
CA LEU C 25 3.18 3.80 -16.49
C LEU C 25 3.79 2.50 -16.98
N ASP C 26 4.33 1.71 -16.07
CA ASP C 26 4.95 0.44 -16.44
C ASP C 26 3.94 -0.47 -17.12
N ARG C 27 2.69 -0.42 -16.64
CA ARG C 27 1.64 -1.25 -17.20
C ARG C 27 1.45 -0.94 -18.69
N LEU C 28 1.46 0.34 -19.03
CA LEU C 28 1.26 0.75 -20.41
C LEU C 28 2.37 0.20 -21.30
N PHE C 29 3.61 0.28 -20.83
CA PHE C 29 4.75 -0.21 -21.59
C PHE C 29 4.71 -1.74 -21.66
N PHE C 30 4.36 -2.36 -20.53
CA PHE C 30 4.29 -3.83 -20.46
C PHE C 30 2.95 -4.27 -19.90
N LYS C 31 2.31 -5.21 -20.58
CA LYS C 31 1.02 -5.72 -20.14
C LYS C 31 1.20 -6.85 -19.13
N SER D 1 4.85 7.63 23.97
CA SER D 1 4.50 8.08 22.59
C SER D 1 4.14 6.87 21.74
N ASN D 2 4.37 5.68 22.28
CA ASN D 2 4.06 4.44 21.56
C ASN D 2 2.56 4.33 21.32
N ASP D 3 1.77 4.81 22.29
CA ASP D 3 0.31 4.74 22.18
C ASP D 3 -0.16 5.61 21.02
N SER D 4 0.54 6.71 20.77
CA SER D 4 0.17 7.60 19.68
C SER D 4 0.23 6.88 18.33
N SER D 5 1.30 6.11 18.13
CA SER D 5 1.47 5.36 16.89
C SER D 5 1.49 3.87 17.16
N ASP D 6 0.38 3.22 16.87
CA ASP D 6 0.27 1.78 17.11
C ASP D 6 1.16 1.00 16.13
N PRO D 7 1.62 -0.17 16.50
CA PRO D 7 2.47 -1.01 15.61
C PRO D 7 1.90 -1.12 14.19
N LEU D 8 0.58 -1.17 14.10
CA LEU D 8 -0.08 -1.29 12.80
C LEU D 8 0.24 -0.08 11.92
N VAL D 9 0.18 1.10 12.51
CA VAL D 9 0.46 2.32 11.77
C VAL D 9 1.91 2.33 11.30
N VAL D 10 2.83 2.03 12.21
CA VAL D 10 4.24 2.02 11.87
C VAL D 10 4.51 0.95 10.82
N ALA D 11 3.97 -0.25 11.05
CA ALA D 11 4.18 -1.35 10.11
C ALA D 11 3.78 -0.93 8.70
N ALA D 12 2.68 -0.21 8.59
CA ALA D 12 2.23 0.25 7.28
C ALA D 12 3.32 1.06 6.58
N SER D 13 3.98 1.94 7.34
CA SER D 13 5.04 2.76 6.77
C SER D 13 6.17 1.89 6.22
N ILE D 14 6.59 0.91 7.00
CA ILE D 14 7.66 0.00 6.59
C ILE D 14 7.20 -0.87 5.42
N ILE D 15 5.96 -1.36 5.49
CA ILE D 15 5.46 -2.22 4.43
C ILE D 15 5.48 -1.51 3.08
N GLY D 16 4.99 -0.27 3.06
CA GLY D 16 4.97 0.49 1.82
C GLY D 16 6.37 0.91 1.40
N ILE D 17 7.13 1.47 2.32
CA ILE D 17 8.48 1.92 2.03
C ILE D 17 9.38 0.75 1.66
N LEU D 18 9.28 -0.33 2.42
CA LEU D 18 10.11 -1.51 2.17
C LEU D 18 9.81 -2.11 0.80
N HIS D 19 8.52 -2.22 0.49
CA HIS D 19 8.11 -2.78 -0.79
C HIS D 19 8.67 -1.97 -1.94
N LEU D 20 8.64 -0.65 -1.78
CA LEU D 20 9.15 0.24 -2.82
C LEU D 20 10.63 0.01 -3.07
N ILE D 21 11.39 -0.20 -2.00
CA ILE D 21 12.82 -0.41 -2.17
C ILE D 21 13.09 -1.62 -3.05
N LEU D 22 12.43 -2.73 -2.77
CA LEU D 22 12.63 -3.93 -3.55
C LEU D 22 11.98 -3.80 -4.93
N TRP D 23 10.77 -3.28 -4.96
CA TRP D 23 10.05 -3.12 -6.21
C TRP D 23 10.77 -2.13 -7.13
N ILE D 24 11.34 -1.10 -6.53
CA ILE D 24 12.05 -0.09 -7.30
C ILE D 24 13.25 -0.73 -8.00
N LEU D 25 13.98 -1.55 -7.27
CA LEU D 25 15.16 -2.20 -7.84
C LEU D 25 14.77 -3.05 -9.04
N ASP D 26 13.66 -3.75 -8.93
CA ASP D 26 13.19 -4.60 -10.02
C ASP D 26 12.95 -3.78 -11.28
N ARG D 27 12.46 -2.55 -11.10
CA ARG D 27 12.19 -1.68 -12.24
C ARG D 27 13.46 -1.40 -13.02
N LEU D 28 14.56 -1.16 -12.31
CA LEU D 28 15.84 -0.88 -12.96
C LEU D 28 16.28 -2.07 -13.80
N PHE D 29 16.17 -3.26 -13.24
CA PHE D 29 16.57 -4.46 -13.95
C PHE D 29 15.62 -4.74 -15.12
N PHE D 30 14.32 -4.53 -14.89
CA PHE D 30 13.31 -4.75 -15.91
C PHE D 30 12.42 -3.52 -16.05
N LYS D 31 12.21 -3.08 -17.28
CA LYS D 31 11.37 -1.92 -17.55
C LYS D 31 9.91 -2.33 -17.67
S 3LW E . -3.16 1.24 3.03
BR 3LW E . -3.50 0.03 0.34
C1 3LW E . -2.52 0.77 1.81
C2 3LW E . -1.19 0.92 1.83
N2 3LW E . -3.30 2.60 5.47
C3 3LW E . -0.85 1.46 2.99
C5 3LW E . -1.92 2.27 5.10
C10 3LW E . -3.53 3.58 6.56
C12 3LW E . -1.93 1.68 3.74
C61 3LW E . -2.93 4.98 6.22
C62 3LW E . -2.89 3.12 7.90
C63 3LW E . -5.04 3.78 6.83
C71 3LW E . -3.19 5.99 7.35
C72 3LW E . -3.13 4.15 9.03
C73 3LW E . -5.29 4.80 7.96
C81 3LW E . -2.52 5.50 8.65
C82 3LW E . -4.63 4.31 9.26
C83 3LW E . -4.69 6.16 7.58
H2 3LW E . -0.50 0.64 1.02
H3 3LW E . 0.19 1.69 3.26
H5 3LW E . -1.29 3.19 5.08
H61 3LW E . -3.40 5.35 5.31
H81 3LW E . -1.46 5.38 8.48
H62 3LW E . -3.31 2.17 8.21
H82 3LW E . -5.06 3.35 9.53
HN2 3LW E . -3.78 1.70 5.75
H63 3LW E . -5.49 2.84 7.11
H83 3LW E . -5.15 6.52 6.68
H5A 3LW E . -1.48 1.55 5.81
H61A 3LW E . -1.87 4.90 6.05
H62A 3LW E . -1.82 3.00 7.79
H63A 3LW E . -5.51 4.14 5.93
H71 3LW E . -2.76 6.94 7.08
H72 3LW E . -2.67 3.80 9.94
H73 3LW E . -6.35 4.91 8.12
H81A 3LW E . -2.70 6.21 9.44
H82A 3LW E . -4.81 5.02 10.05
H83A 3LW E . -4.86 6.87 8.38
HN2A 3LW E . -3.79 2.95 4.62
N SER A 1 -13.39 5.24 20.58
CA SER A 1 -13.97 4.20 19.68
C SER A 1 -12.86 3.25 19.24
N ASN A 2 -11.79 3.18 20.03
CA ASN A 2 -10.68 2.31 19.71
C ASN A 2 -11.10 0.84 19.77
N ASP A 3 -12.10 0.55 20.61
CA ASP A 3 -12.59 -0.81 20.76
C ASP A 3 -13.17 -1.31 19.44
N SER A 4 -13.93 -0.45 18.77
CA SER A 4 -14.53 -0.82 17.49
C SER A 4 -13.46 -1.14 16.47
N SER A 5 -12.43 -0.31 16.42
CA SER A 5 -11.33 -0.53 15.47
C SER A 5 -11.89 -0.84 14.09
N ASP A 6 -12.09 0.19 13.27
CA ASP A 6 -12.63 0.00 11.94
C ASP A 6 -11.85 -1.08 11.18
N PRO A 7 -12.50 -1.81 10.30
CA PRO A 7 -11.84 -2.89 9.51
C PRO A 7 -10.83 -2.33 8.50
N LEU A 8 -10.94 -1.04 8.21
CA LEU A 8 -10.05 -0.40 7.26
C LEU A 8 -8.60 -0.47 7.74
N VAL A 9 -8.38 -0.21 9.03
CA VAL A 9 -7.04 -0.25 9.60
C VAL A 9 -6.48 -1.66 9.53
N VAL A 10 -7.27 -2.64 9.99
CA VAL A 10 -6.84 -4.02 9.98
C VAL A 10 -6.66 -4.52 8.55
N ALA A 11 -7.61 -4.18 7.69
CA ALA A 11 -7.56 -4.60 6.30
C ALA A 11 -6.33 -3.99 5.61
N ALA A 12 -6.04 -2.74 5.93
CA ALA A 12 -4.89 -2.07 5.33
C ALA A 12 -3.62 -2.89 5.55
N SER A 13 -3.40 -3.30 6.80
CA SER A 13 -2.22 -4.10 7.12
C SER A 13 -2.26 -5.44 6.39
N ILE A 14 -3.44 -6.06 6.37
CA ILE A 14 -3.61 -7.36 5.70
C ILE A 14 -3.33 -7.23 4.19
N ILE A 15 -3.83 -6.16 3.59
CA ILE A 15 -3.64 -5.96 2.16
C ILE A 15 -2.16 -5.83 1.82
N GLY A 16 -1.42 -5.07 2.62
CA GLY A 16 0.00 -4.89 2.39
C GLY A 16 0.76 -6.21 2.56
N ILE A 17 0.57 -6.85 3.71
CA ILE A 17 1.25 -8.11 3.99
C ILE A 17 0.80 -9.22 3.04
N LEU A 18 -0.53 -9.31 2.83
CA LEU A 18 -1.08 -10.34 1.96
C LEU A 18 -0.59 -10.15 0.53
N HIS A 19 -0.63 -8.92 0.05
CA HIS A 19 -0.18 -8.62 -1.30
C HIS A 19 1.29 -9.01 -1.46
N LEU A 20 2.08 -8.72 -0.44
CA LEU A 20 3.51 -9.02 -0.49
C LEU A 20 3.75 -10.51 -0.67
N ILE A 21 2.97 -11.34 0.01
CA ILE A 21 3.15 -12.78 -0.11
C ILE A 21 2.92 -13.23 -1.54
N LEU A 22 1.85 -12.73 -2.16
CA LEU A 22 1.54 -13.08 -3.54
C LEU A 22 2.56 -12.46 -4.51
N TRP A 23 2.89 -11.19 -4.29
CA TRP A 23 3.82 -10.49 -5.16
C TRP A 23 5.24 -11.03 -5.01
N ILE A 24 5.69 -11.20 -3.77
CA ILE A 24 7.04 -11.71 -3.53
C ILE A 24 7.16 -13.14 -4.03
N LEU A 25 6.13 -13.94 -3.81
CA LEU A 25 6.12 -15.33 -4.23
C LEU A 25 6.21 -15.41 -5.76
N ASP A 26 5.48 -14.53 -6.43
CA ASP A 26 5.48 -14.52 -7.89
C ASP A 26 6.89 -14.37 -8.42
N ARG A 27 7.64 -13.43 -7.85
CA ARG A 27 9.02 -13.21 -8.27
C ARG A 27 9.89 -14.43 -7.99
N LEU A 28 9.43 -15.28 -7.08
CA LEU A 28 10.19 -16.47 -6.72
C LEU A 28 10.34 -17.39 -7.94
N PHE A 29 9.24 -17.60 -8.67
CA PHE A 29 9.28 -18.44 -9.85
C PHE A 29 10.23 -17.86 -10.90
N PHE A 30 10.12 -16.56 -11.13
CA PHE A 30 10.98 -15.88 -12.11
C PHE A 30 11.60 -14.63 -11.51
N LYS A 31 12.89 -14.44 -11.76
CA LYS A 31 13.61 -13.29 -11.23
C LYS A 31 13.34 -12.05 -12.08
N SER B 1 -13.60 14.23 15.58
CA SER B 1 -13.69 14.58 14.13
C SER B 1 -13.83 13.31 13.31
N ASN B 2 -14.31 12.25 13.94
CA ASN B 2 -14.50 10.97 13.26
C ASN B 2 -15.56 11.08 12.18
N ASP B 3 -16.51 11.99 12.38
CA ASP B 3 -17.58 12.19 11.42
C ASP B 3 -17.01 12.68 10.08
N SER B 4 -16.05 13.60 10.13
CA SER B 4 -15.44 14.12 8.93
C SER B 4 -14.73 13.00 8.17
N SER B 5 -14.01 12.15 8.90
CA SER B 5 -13.29 11.05 8.27
C SER B 5 -12.55 11.54 7.02
N ASP B 6 -11.30 11.95 7.20
CA ASP B 6 -10.50 12.45 6.09
C ASP B 6 -10.55 11.47 4.90
N PRO B 7 -10.47 11.96 3.69
CA PRO B 7 -10.49 11.09 2.47
C PRO B 7 -9.23 10.23 2.35
N LEU B 8 -8.18 10.60 3.09
CA LEU B 8 -6.93 9.86 3.04
C LEU B 8 -7.14 8.42 3.53
N VAL B 9 -7.89 8.27 4.61
CA VAL B 9 -8.15 6.94 5.16
C VAL B 9 -8.96 6.09 4.17
N VAL B 10 -10.03 6.67 3.65
CA VAL B 10 -10.88 5.97 2.70
C VAL B 10 -10.12 5.70 1.41
N ALA B 11 -9.39 6.71 0.94
CA ALA B 11 -8.62 6.57 -0.29
C ALA B 11 -7.55 5.51 -0.12
N ALA B 12 -6.92 5.47 1.05
CA ALA B 12 -5.87 4.48 1.30
C ALA B 12 -6.40 3.07 1.03
N SER B 13 -7.56 2.76 1.61
CA SER B 13 -8.16 1.44 1.41
C SER B 13 -8.49 1.22 -0.06
N ILE B 14 -9.06 2.24 -0.70
CA ILE B 14 -9.42 2.15 -2.11
C ILE B 14 -8.19 1.92 -2.99
N ILE B 15 -7.12 2.63 -2.69
CA ILE B 15 -5.89 2.49 -3.47
C ILE B 15 -5.35 1.07 -3.39
N GLY B 16 -5.35 0.49 -2.19
CA GLY B 16 -4.85 -0.86 -2.02
C GLY B 16 -5.74 -1.88 -2.73
N ILE B 17 -7.03 -1.83 -2.47
CA ILE B 17 -7.97 -2.76 -3.09
C ILE B 17 -8.07 -2.52 -4.60
N LEU B 18 -8.15 -1.26 -5.00
CA LEU B 18 -8.25 -0.91 -6.41
C LEU B 18 -7.00 -1.35 -7.17
N HIS B 19 -5.84 -1.06 -6.60
CA HIS B 19 -4.58 -1.43 -7.22
C HIS B 19 -4.51 -2.95 -7.39
N LEU B 20 -4.97 -3.67 -6.37
CA LEU B 20 -4.93 -5.13 -6.41
C LEU B 20 -5.74 -5.67 -7.58
N ILE B 21 -6.89 -5.07 -7.85
CA ILE B 21 -7.73 -5.54 -8.95
C ILE B 21 -6.99 -5.40 -10.27
N LEU B 22 -6.35 -4.25 -10.47
CA LEU B 22 -5.60 -4.01 -11.71
C LEU B 22 -4.33 -4.87 -11.75
N TRP B 23 -3.61 -4.93 -10.64
CA TRP B 23 -2.38 -5.70 -10.57
C TRP B 23 -2.64 -7.21 -10.65
N ILE B 24 -3.61 -7.69 -9.88
CA ILE B 24 -3.93 -9.12 -9.89
C ILE B 24 -4.48 -9.52 -11.25
N LEU B 25 -5.32 -8.67 -11.83
CA LEU B 25 -5.91 -8.95 -13.13
C LEU B 25 -4.83 -9.04 -14.19
N ASP B 26 -3.85 -8.14 -14.12
CA ASP B 26 -2.77 -8.14 -15.09
C ASP B 26 -2.06 -9.48 -15.13
N ARG B 27 -1.78 -10.03 -13.95
CA ARG B 27 -1.12 -11.32 -13.87
C ARG B 27 -2.01 -12.42 -14.45
N LEU B 28 -3.31 -12.16 -14.51
CA LEU B 28 -4.25 -13.15 -15.02
C LEU B 28 -3.92 -13.48 -16.49
N PHE B 29 -3.67 -12.44 -17.28
CA PHE B 29 -3.34 -12.65 -18.70
C PHE B 29 -2.05 -13.44 -18.83
N PHE B 30 -1.03 -13.07 -18.05
CA PHE B 30 0.25 -13.77 -18.09
C PHE B 30 0.71 -14.13 -16.69
N LYS B 31 1.20 -15.36 -16.53
CA LYS B 31 1.67 -15.83 -15.23
C LYS B 31 3.07 -15.31 -14.94
N SER C 1 -4.78 16.10 18.68
CA SER C 1 -3.47 16.27 17.99
C SER C 1 -3.68 16.16 16.49
N ASN C 2 -4.91 16.42 16.04
CA ASN C 2 -5.22 16.34 14.62
C ASN C 2 -4.47 17.42 13.85
N ASP C 3 -4.19 18.52 14.53
CA ASP C 3 -3.47 19.63 13.88
C ASP C 3 -2.08 19.19 13.45
N SER C 4 -1.40 18.44 14.31
CA SER C 4 -0.06 17.95 14.01
C SER C 4 -0.09 17.04 12.78
N SER C 5 -1.09 16.16 12.73
CA SER C 5 -1.22 15.23 11.61
C SER C 5 0.14 14.62 11.27
N ASP C 6 0.45 13.48 11.87
CA ASP C 6 1.72 12.81 11.64
C ASP C 6 1.98 12.67 10.13
N PRO C 7 3.24 12.70 9.72
CA PRO C 7 3.60 12.56 8.27
C PRO C 7 3.32 11.16 7.74
N LEU C 8 3.15 10.20 8.65
CA LEU C 8 2.88 8.82 8.26
C LEU C 8 1.57 8.72 7.47
N VAL C 9 0.55 9.42 7.95
CA VAL C 9 -0.76 9.40 7.28
C VAL C 9 -0.66 10.03 5.90
N VAL C 10 -0.05 11.21 5.83
CA VAL C 10 0.11 11.91 4.56
C VAL C 10 1.02 11.11 3.63
N ALA C 11 2.13 10.61 4.17
CA ALA C 11 3.08 9.85 3.39
C ALA C 11 2.43 8.57 2.86
N ALA C 12 1.61 7.94 3.69
CA ALA C 12 0.93 6.71 3.27
C ALA C 12 0.16 6.95 1.98
N SER C 13 -0.63 8.01 1.95
CA SER C 13 -1.40 8.33 0.75
C SER C 13 -0.48 8.63 -0.44
N ILE C 14 0.58 9.39 -0.16
CA ILE C 14 1.53 9.75 -1.22
C ILE C 14 2.22 8.51 -1.77
N ILE C 15 2.60 7.60 -0.89
CA ILE C 15 3.28 6.38 -1.32
C ILE C 15 2.39 5.57 -2.26
N GLY C 16 1.11 5.42 -1.89
CA GLY C 16 0.19 4.66 -2.72
C GLY C 16 -0.04 5.33 -4.07
N ILE C 17 -0.39 6.61 -4.04
CA ILE C 17 -0.65 7.35 -5.28
C ILE C 17 0.64 7.49 -6.10
N LEU C 18 1.74 7.85 -5.43
CA LEU C 18 3.02 8.03 -6.12
C LEU C 18 3.48 6.73 -6.75
N HIS C 19 3.40 5.64 -5.99
CA HIS C 19 3.82 4.34 -6.49
C HIS C 19 2.99 3.97 -7.71
N LEU C 20 1.70 4.26 -7.66
CA LEU C 20 0.80 3.92 -8.76
C LEU C 20 1.23 4.62 -10.05
N ILE C 21 1.65 5.87 -9.95
CA ILE C 21 2.06 6.60 -11.13
C ILE C 21 3.26 5.92 -11.79
N LEU C 22 4.24 5.53 -10.97
CA LEU C 22 5.43 4.87 -11.48
C LEU C 22 5.09 3.45 -11.97
N TRP C 23 4.30 2.72 -11.19
CA TRP C 23 3.94 1.36 -11.54
C TRP C 23 3.01 1.31 -12.75
N ILE C 24 1.98 2.14 -12.74
CA ILE C 24 1.03 2.18 -13.86
C ILE C 24 1.73 2.64 -15.13
N LEU C 25 2.59 3.65 -14.99
CA LEU C 25 3.32 4.19 -16.14
C LEU C 25 4.22 3.12 -16.74
N ASP C 26 4.87 2.33 -15.88
CA ASP C 26 5.77 1.29 -16.34
C ASP C 26 5.03 0.34 -17.27
N ARG C 27 3.83 -0.07 -16.87
CA ARG C 27 3.04 -0.99 -17.68
C ARG C 27 2.65 -0.33 -19.00
N LEU C 28 2.69 1.00 -19.04
CA LEU C 28 2.32 1.73 -20.25
C LEU C 28 3.27 1.35 -21.40
N PHE C 29 4.56 1.32 -21.11
CA PHE C 29 5.55 0.98 -22.14
C PHE C 29 5.33 -0.44 -22.63
N PHE C 30 5.12 -1.37 -21.70
CA PHE C 30 4.88 -2.78 -22.05
C PHE C 30 3.64 -3.31 -21.34
N LYS C 31 2.82 -4.04 -22.07
CA LYS C 31 1.59 -4.60 -21.50
C LYS C 31 1.91 -5.88 -20.72
N SER D 1 -4.25 7.03 23.77
CA SER D 1 -3.43 5.81 23.59
C SER D 1 -2.41 6.03 22.49
N ASN D 2 -2.08 7.29 22.23
CA ASN D 2 -1.12 7.63 21.20
C ASN D 2 0.27 7.12 21.58
N ASP D 3 0.52 7.03 22.88
CA ASP D 3 1.82 6.55 23.36
C ASP D 3 2.06 5.11 22.91
N SER D 4 1.02 4.28 23.02
CA SER D 4 1.14 2.88 22.62
C SER D 4 1.46 2.78 21.12
N SER D 5 0.79 3.58 20.32
CA SER D 5 1.00 3.57 18.87
C SER D 5 1.06 2.14 18.37
N ASP D 6 -0.08 1.61 17.96
CA ASP D 6 -0.16 0.23 17.47
C ASP D 6 0.92 -0.01 16.39
N PRO D 7 1.43 -1.21 16.29
CA PRO D 7 2.47 -1.56 15.28
C PRO D 7 1.92 -1.53 13.85
N LEU D 8 0.60 -1.56 13.73
CA LEU D 8 -0.04 -1.55 12.42
C LEU D 8 0.30 -0.27 11.67
N VAL D 9 0.24 0.86 12.38
CA VAL D 9 0.54 2.15 11.75
C VAL D 9 2.00 2.21 11.31
N VAL D 10 2.90 1.84 12.21
CA VAL D 10 4.33 1.85 11.90
C VAL D 10 4.64 0.83 10.82
N ALA D 11 4.07 -0.36 10.95
CA ALA D 11 4.30 -1.41 9.97
C ALA D 11 3.77 -1.00 8.60
N ALA D 12 2.63 -0.34 8.58
CA ALA D 12 2.05 0.11 7.32
C ALA D 12 3.06 0.94 6.54
N SER D 13 3.65 1.93 7.21
CA SER D 13 4.64 2.78 6.56
C SER D 13 5.86 1.96 6.11
N ILE D 14 6.31 1.05 6.98
CA ILE D 14 7.46 0.22 6.66
C ILE D 14 7.18 -0.68 5.46
N ILE D 15 5.98 -1.24 5.42
CA ILE D 15 5.61 -2.12 4.31
C ILE D 15 5.65 -1.37 2.99
N GLY D 16 5.11 -0.16 2.97
CA GLY D 16 5.10 0.63 1.75
C GLY D 16 6.51 1.02 1.31
N ILE D 17 7.28 1.60 2.23
CA ILE D 17 8.64 2.02 1.93
C ILE D 17 9.54 0.81 1.65
N LEU D 18 9.42 -0.22 2.49
CA LEU D 18 10.24 -1.43 2.33
C LEU D 18 9.94 -2.11 1.00
N HIS D 19 8.65 -2.25 0.69
CA HIS D 19 8.25 -2.88 -0.55
C HIS D 19 8.80 -2.11 -1.74
N LEU D 20 8.75 -0.78 -1.65
CA LEU D 20 9.23 0.06 -2.73
C LEU D 20 10.72 -0.19 -3.01
N ILE D 21 11.51 -0.38 -1.97
CA ILE D 21 12.93 -0.61 -2.16
C ILE D 21 13.15 -1.90 -2.95
N LEU D 22 12.44 -2.95 -2.58
CA LEU D 22 12.56 -4.23 -3.27
C LEU D 22 11.96 -4.16 -4.68
N TRP D 23 10.78 -3.53 -4.79
CA TRP D 23 10.11 -3.42 -6.08
C TRP D 23 10.85 -2.48 -7.03
N ILE D 24 11.24 -1.32 -6.53
CA ILE D 24 11.95 -0.35 -7.36
C ILE D 24 13.31 -0.91 -7.78
N LEU D 25 13.98 -1.58 -6.84
CA LEU D 25 15.29 -2.16 -7.12
C LEU D 25 15.19 -3.23 -8.19
N ASP D 26 14.13 -4.03 -8.11
CA ASP D 26 13.93 -5.10 -9.09
C ASP D 26 13.90 -4.53 -10.50
N ARG D 27 13.15 -3.44 -10.68
CA ARG D 27 13.07 -2.81 -11.99
C ARG D 27 14.42 -2.27 -12.43
N LEU D 28 15.32 -2.05 -11.46
CA LEU D 28 16.64 -1.52 -11.77
C LEU D 28 17.40 -2.49 -12.70
N PHE D 29 17.35 -3.77 -12.37
CA PHE D 29 18.03 -4.78 -13.18
C PHE D 29 17.45 -4.82 -14.59
N PHE D 30 16.12 -4.80 -14.69
CA PHE D 30 15.44 -4.83 -15.99
C PHE D 30 14.38 -3.73 -16.06
N LYS D 31 14.35 -3.03 -17.19
CA LYS D 31 13.38 -1.95 -17.38
C LYS D 31 12.02 -2.53 -17.77
S 3LW E . -1.90 3.29 2.28
BR 3LW E . -0.56 3.33 -0.36
C1 3LW E . -1.15 2.56 1.27
C2 3LW E . -0.92 1.28 1.61
N2 3LW E . -1.98 3.20 5.45
C3 3LW E . -1.47 1.07 2.82
C5 3LW E . -2.77 2.34 4.58
C10 3LW E . -2.62 3.78 6.66
C12 3LW E . -2.05 2.20 3.27
C61 3LW E . -1.61 4.68 7.44
C62 3LW E . -3.09 2.69 7.66
C63 3LW E . -3.85 4.67 6.31
C71 3LW E . -2.25 5.30 8.70
C72 3LW E . -3.73 3.31 8.92
C73 3LW E . -4.47 5.28 7.59
C81 3LW E . -2.71 4.18 9.64
C82 3LW E . -4.95 4.17 8.52
C83 3LW E . -3.46 6.16 8.31
H2 3LW E . -0.40 0.54 1.02
H3 3LW E . -1.43 0.10 3.33
H5 3LW E . -2.90 1.32 5.02
H61 3LW E . -1.27 5.48 6.79
H81 3LW E . -1.86 3.58 9.93
H62 3LW E . -3.83 2.05 7.17
H82 3LW E . -5.68 3.55 8.01
HN2 3LW E . -1.61 3.99 4.87
H63 3LW E . -4.59 4.08 5.81
H83 3LW E . -3.14 6.96 7.67
H5A 3LW E . -3.78 2.78 4.39
H61A 3LW E . -0.75 4.09 7.73
H62A 3LW E . -2.26 2.08 7.96
H63A 3LW E . -3.52 5.47 5.66
H71 3LW E . -1.52 5.91 9.20
H72 3LW E . -4.07 2.52 9.57
H73 3LW E . -5.32 5.89 7.30
H81A 3LW E . -3.17 4.61 10.53
H82A 3LW E . -5.40 4.60 9.40
H83A 3LW E . -3.90 6.58 9.20
HN2A 3LW E . -1.15 2.64 5.78
N SER A 1 -8.89 0.35 22.47
CA SER A 1 -7.89 0.53 21.38
C SER A 1 -8.35 -0.21 20.13
N ASN A 2 -8.87 -1.42 20.33
CA ASN A 2 -9.35 -2.22 19.21
C ASN A 2 -10.54 -1.55 18.54
N ASP A 3 -11.43 -0.99 19.35
CA ASP A 3 -12.62 -0.32 18.82
C ASP A 3 -12.21 0.89 17.98
N SER A 4 -11.25 1.65 18.46
CA SER A 4 -10.78 2.83 17.75
C SER A 4 -10.23 2.44 16.38
N SER A 5 -9.44 1.37 16.34
CA SER A 5 -8.86 0.90 15.10
C SER A 5 -9.93 0.29 14.21
N ASP A 6 -10.56 1.13 13.39
CA ASP A 6 -11.61 0.66 12.50
C ASP A 6 -11.06 -0.38 11.52
N PRO A 7 -11.88 -1.30 11.07
CA PRO A 7 -11.47 -2.35 10.09
C PRO A 7 -10.55 -1.79 9.01
N LEU A 8 -10.63 -0.49 8.78
CA LEU A 8 -9.81 0.15 7.75
C LEU A 8 -8.33 0.00 8.08
N VAL A 9 -7.98 0.20 9.33
CA VAL A 9 -6.60 0.08 9.76
C VAL A 9 -6.09 -1.35 9.56
N VAL A 10 -6.87 -2.31 10.04
CA VAL A 10 -6.49 -3.72 9.90
C VAL A 10 -6.50 -4.14 8.45
N ALA A 11 -7.54 -3.75 7.72
CA ALA A 11 -7.66 -4.11 6.31
C ALA A 11 -6.46 -3.60 5.53
N ALA A 12 -6.06 -2.36 5.78
CA ALA A 12 -4.92 -1.78 5.08
C ALA A 12 -3.67 -2.64 5.27
N SER A 13 -3.41 -3.02 6.51
CA SER A 13 -2.24 -3.84 6.80
C SER A 13 -2.33 -5.19 6.11
N ILE A 14 -3.53 -5.76 6.10
CA ILE A 14 -3.75 -7.05 5.46
C ILE A 14 -3.50 -6.97 3.96
N ILE A 15 -3.98 -5.90 3.35
CA ILE A 15 -3.82 -5.74 1.90
C ILE A 15 -2.34 -5.75 1.53
N GLY A 16 -1.53 -5.05 2.29
CA GLY A 16 -0.11 -4.99 2.02
C GLY A 16 0.58 -6.32 2.32
N ILE A 17 0.28 -6.89 3.46
CA ILE A 17 0.89 -8.15 3.86
C ILE A 17 0.51 -9.28 2.89
N LEU A 18 -0.76 -9.42 2.63
CA LEU A 18 -1.24 -10.47 1.74
C LEU A 18 -0.72 -10.27 0.33
N HIS A 19 -0.74 -9.03 -0.13
CA HIS A 19 -0.26 -8.71 -1.47
C HIS A 19 1.20 -9.09 -1.60
N LEU A 20 1.98 -8.81 -0.56
CA LEU A 20 3.40 -9.12 -0.60
C LEU A 20 3.64 -10.60 -0.78
N ILE A 21 2.84 -11.41 -0.12
CA ILE A 21 3.01 -12.85 -0.23
C ILE A 21 2.81 -13.30 -1.68
N LEU A 22 1.78 -12.78 -2.32
CA LEU A 22 1.50 -13.14 -3.71
C LEU A 22 2.51 -12.50 -4.64
N TRP A 23 2.80 -11.23 -4.41
CA TRP A 23 3.74 -10.50 -5.23
C TRP A 23 5.15 -11.06 -5.08
N ILE A 24 5.47 -11.50 -3.88
CA ILE A 24 6.78 -12.06 -3.62
C ILE A 24 6.99 -13.33 -4.43
N LEU A 25 5.98 -14.18 -4.44
CA LEU A 25 6.07 -15.44 -5.17
C LEU A 25 6.27 -15.18 -6.66
N ASP A 26 5.55 -14.21 -7.18
CA ASP A 26 5.66 -13.87 -8.59
C ASP A 26 7.09 -13.51 -8.96
N ARG A 27 7.72 -12.68 -8.12
CA ARG A 27 9.09 -12.27 -8.38
C ARG A 27 10.04 -13.47 -8.28
N LEU A 28 9.61 -14.49 -7.55
CA LEU A 28 10.44 -15.67 -7.38
C LEU A 28 10.68 -16.35 -8.73
N PHE A 29 9.61 -16.50 -9.51
CA PHE A 29 9.72 -17.15 -10.81
C PHE A 29 10.68 -16.38 -11.72
N PHE A 30 10.54 -15.06 -11.73
CA PHE A 30 11.40 -14.20 -12.56
C PHE A 30 12.05 -13.12 -11.71
N LYS A 31 13.37 -12.98 -11.85
CA LYS A 31 14.12 -11.98 -11.09
C LYS A 31 13.96 -10.60 -11.74
N SER B 1 -17.86 8.70 13.82
CA SER B 1 -16.77 7.78 13.38
C SER B 1 -16.39 8.09 11.94
N ASN B 2 -17.40 8.34 11.10
CA ASN B 2 -17.17 8.65 9.70
C ASN B 2 -16.40 9.96 9.56
N ASP B 3 -16.77 10.95 10.38
CA ASP B 3 -16.11 12.24 10.34
C ASP B 3 -14.64 12.11 10.72
N SER B 4 -14.36 11.31 11.75
CA SER B 4 -12.99 11.11 12.20
C SER B 4 -12.15 10.50 11.09
N SER B 5 -12.70 9.50 10.40
CA SER B 5 -12.00 8.85 9.31
C SER B 5 -11.88 9.77 8.11
N ASP B 6 -10.82 10.57 8.08
CA ASP B 6 -10.62 11.50 7.00
C ASP B 6 -10.48 10.75 5.67
N PRO B 7 -10.86 11.38 4.57
CA PRO B 7 -10.75 10.76 3.22
C PRO B 7 -9.45 9.98 3.04
N LEU B 8 -8.44 10.33 3.82
CA LEU B 8 -7.15 9.67 3.73
C LEU B 8 -7.28 8.20 4.05
N VAL B 9 -8.04 7.89 5.10
CA VAL B 9 -8.23 6.51 5.50
C VAL B 9 -8.93 5.72 4.40
N VAL B 10 -10.03 6.27 3.89
CA VAL B 10 -10.79 5.61 2.83
C VAL B 10 -9.98 5.54 1.55
N ALA B 11 -9.33 6.65 1.20
CA ALA B 11 -8.53 6.70 -0.03
C ALA B 11 -7.44 5.64 0.01
N ALA B 12 -6.78 5.50 1.14
CA ALA B 12 -5.71 4.53 1.28
C ALA B 12 -6.22 3.12 0.96
N SER B 13 -7.36 2.76 1.54
CA SER B 13 -7.94 1.45 1.30
C SER B 13 -8.32 1.27 -0.16
N ILE B 14 -8.86 2.32 -0.76
CA ILE B 14 -9.26 2.27 -2.16
C ILE B 14 -8.04 2.06 -3.05
N ILE B 15 -6.96 2.76 -2.77
CA ILE B 15 -5.76 2.64 -3.58
C ILE B 15 -5.27 1.20 -3.61
N GLY B 16 -5.26 0.55 -2.46
CA GLY B 16 -4.81 -0.83 -2.39
C GLY B 16 -5.80 -1.78 -3.06
N ILE B 17 -7.07 -1.61 -2.76
CA ILE B 17 -8.10 -2.48 -3.33
C ILE B 17 -8.17 -2.34 -4.85
N LEU B 18 -8.24 -1.11 -5.33
CA LEU B 18 -8.32 -0.86 -6.75
C LEU B 18 -7.06 -1.31 -7.47
N HIS B 19 -5.93 -1.04 -6.87
CA HIS B 19 -4.65 -1.43 -7.46
C HIS B 19 -4.58 -2.93 -7.60
N LEU B 20 -5.08 -3.64 -6.59
CA LEU B 20 -5.04 -5.09 -6.62
C LEU B 20 -5.84 -5.64 -7.79
N ILE B 21 -6.96 -5.04 -8.06
CA ILE B 21 -7.79 -5.50 -9.16
C ILE B 21 -7.05 -5.39 -10.48
N LEU B 22 -6.37 -4.27 -10.68
CA LEU B 22 -5.62 -4.06 -11.92
C LEU B 22 -4.35 -4.90 -11.92
N TRP B 23 -3.66 -4.92 -10.79
CA TRP B 23 -2.43 -5.68 -10.67
C TRP B 23 -2.71 -7.17 -10.78
N ILE B 24 -3.85 -7.58 -10.25
CA ILE B 24 -4.21 -8.99 -10.28
C ILE B 24 -4.40 -9.45 -11.72
N LEU B 25 -5.09 -8.64 -12.51
CA LEU B 25 -5.35 -8.98 -13.90
C LEU B 25 -4.06 -9.11 -14.67
N ASP B 26 -3.13 -8.21 -14.41
CA ASP B 26 -1.84 -8.22 -15.09
C ASP B 26 -1.13 -9.55 -14.86
N ARG B 27 -1.12 -10.00 -13.60
CA ARG B 27 -0.47 -11.25 -13.27
C ARG B 27 -1.18 -12.42 -13.93
N LEU B 28 -2.45 -12.23 -14.25
CA LEU B 28 -3.23 -13.29 -14.88
C LEU B 28 -2.63 -13.66 -16.24
N PHE B 29 -2.30 -12.64 -17.03
CA PHE B 29 -1.74 -12.87 -18.35
C PHE B 29 -0.42 -13.63 -18.24
N PHE B 30 0.43 -13.23 -17.31
CA PHE B 30 1.73 -13.89 -17.12
C PHE B 30 1.90 -14.30 -15.66
N LYS B 31 2.27 -15.57 -15.45
CA LYS B 31 2.47 -16.08 -14.11
C LYS B 31 3.82 -15.65 -13.56
N SER C 1 -7.32 19.06 12.96
CA SER C 1 -7.44 17.83 12.14
C SER C 1 -6.10 17.53 11.48
N ASN C 2 -5.45 18.57 10.97
CA ASN C 2 -4.16 18.42 10.32
C ASN C 2 -3.11 17.93 11.31
N ASP C 3 -3.14 18.47 12.52
CA ASP C 3 -2.19 18.08 13.55
C ASP C 3 -2.37 16.60 13.91
N SER C 4 -3.62 16.17 14.03
CA SER C 4 -3.90 14.78 14.36
C SER C 4 -3.35 13.84 13.30
N SER C 5 -3.54 14.21 12.04
CA SER C 5 -3.05 13.40 10.93
C SER C 5 -1.53 13.47 10.85
N ASP C 6 -0.86 12.58 11.57
CA ASP C 6 0.59 12.58 11.57
C ASP C 6 1.14 12.31 10.16
N PRO C 7 2.31 12.82 9.85
CA PRO C 7 2.95 12.61 8.52
C PRO C 7 2.76 11.18 8.01
N LEU C 8 2.52 10.25 8.93
CA LEU C 8 2.35 8.85 8.56
C LEU C 8 1.13 8.69 7.67
N VAL C 9 0.05 9.37 8.00
CA VAL C 9 -1.17 9.28 7.22
C VAL C 9 -0.94 9.82 5.81
N VAL C 10 -0.35 11.02 5.74
CA VAL C 10 -0.08 11.64 4.45
C VAL C 10 0.96 10.84 3.67
N ALA C 11 2.02 10.43 4.36
CA ALA C 11 3.07 9.67 3.71
C ALA C 11 2.52 8.39 3.09
N ALA C 12 1.67 7.70 3.83
CA ALA C 12 1.08 6.46 3.33
C ALA C 12 0.34 6.70 2.01
N SER C 13 -0.47 7.73 1.97
CA SER C 13 -1.22 8.05 0.75
C SER C 13 -0.28 8.40 -0.39
N ILE C 14 0.78 9.14 -0.07
CA ILE C 14 1.75 9.53 -1.09
C ILE C 14 2.44 8.31 -1.66
N ILE C 15 2.82 7.38 -0.79
CA ILE C 15 3.51 6.19 -1.25
C ILE C 15 2.68 5.43 -2.28
N GLY C 16 1.40 5.29 -2.00
CA GLY C 16 0.52 4.57 -2.91
C GLY C 16 0.28 5.36 -4.20
N ILE C 17 -0.01 6.64 -4.05
CA ILE C 17 -0.27 7.50 -5.22
C ILE C 17 0.95 7.59 -6.12
N LEU C 18 2.09 7.91 -5.52
CA LEU C 18 3.33 8.05 -6.29
C LEU C 18 3.72 6.74 -6.92
N HIS C 19 3.60 5.67 -6.16
CA HIS C 19 3.97 4.35 -6.65
C HIS C 19 3.12 3.98 -7.86
N LEU C 20 1.84 4.32 -7.79
CA LEU C 20 0.93 4.01 -8.89
C LEU C 20 1.36 4.69 -10.17
N ILE C 21 1.81 5.92 -10.05
CA ILE C 21 2.22 6.67 -11.23
C ILE C 21 3.39 5.95 -11.92
N LEU C 22 4.36 5.51 -11.13
CA LEU C 22 5.53 4.82 -11.67
C LEU C 22 5.16 3.42 -12.13
N TRP C 23 4.38 2.73 -11.29
CA TRP C 23 3.96 1.37 -11.61
C TRP C 23 3.04 1.36 -12.82
N ILE C 24 2.22 2.38 -12.94
CA ILE C 24 1.31 2.47 -14.06
C ILE C 24 2.07 2.58 -15.37
N LEU C 25 3.08 3.43 -15.38
CA LEU C 25 3.88 3.62 -16.58
C LEU C 25 4.55 2.33 -17.00
N ASP C 26 5.07 1.60 -16.03
CA ASP C 26 5.74 0.34 -16.32
C ASP C 26 4.81 -0.62 -17.05
N ARG C 27 3.57 -0.72 -16.55
CA ARG C 27 2.60 -1.61 -17.17
C ARG C 27 2.25 -1.13 -18.57
N LEU C 28 2.44 0.15 -18.82
CA LEU C 28 2.13 0.72 -20.13
C LEU C 28 3.02 0.07 -21.20
N PHE C 29 4.30 -0.05 -20.92
CA PHE C 29 5.24 -0.64 -21.87
C PHE C 29 4.84 -2.07 -22.19
N PHE C 30 4.50 -2.84 -21.16
CA PHE C 30 4.10 -4.24 -21.35
C PHE C 30 2.76 -4.49 -20.67
N LYS C 31 1.84 -5.12 -21.40
CA LYS C 31 0.52 -5.43 -20.88
C LYS C 31 0.57 -6.67 -20.00
N SER D 1 1.56 10.72 21.62
CA SER D 1 1.35 10.61 20.15
C SER D 1 1.86 9.24 19.68
N ASN D 2 3.01 8.83 20.20
CA ASN D 2 3.59 7.54 19.82
C ASN D 2 2.69 6.40 20.27
N ASP D 3 2.13 6.52 21.46
CA ASP D 3 1.25 5.48 22.00
C ASP D 3 0.00 5.34 21.13
N SER D 4 -0.56 6.47 20.72
CA SER D 4 -1.76 6.47 19.89
C SER D 4 -1.49 5.75 18.57
N SER D 5 -0.34 6.03 17.97
CA SER D 5 0.03 5.41 16.70
C SER D 5 0.38 3.95 16.91
N ASP D 6 -0.64 3.10 16.83
CA ASP D 6 -0.42 1.67 17.03
C ASP D 6 0.54 1.12 15.97
N PRO D 7 1.28 0.08 16.30
CA PRO D 7 2.22 -0.56 15.35
C PRO D 7 1.65 -0.66 13.94
N LEU D 8 0.32 -0.64 13.83
CA LEU D 8 -0.33 -0.73 12.54
C LEU D 8 0.06 0.43 11.65
N VAL D 9 0.07 1.63 12.23
CA VAL D 9 0.42 2.81 11.46
C VAL D 9 1.86 2.73 10.98
N VAL D 10 2.77 2.40 11.87
CA VAL D 10 4.18 2.29 11.52
C VAL D 10 4.40 1.12 10.55
N ALA D 11 3.79 -0.01 10.84
CA ALA D 11 3.93 -1.19 10.01
C ALA D 11 3.49 -0.89 8.58
N ALA D 12 2.36 -0.21 8.45
CA ALA D 12 1.83 0.13 7.14
C ALA D 12 2.86 0.91 6.33
N SER D 13 3.45 1.93 6.95
CA SER D 13 4.44 2.75 6.27
C SER D 13 5.66 1.92 5.89
N ILE D 14 6.07 1.04 6.79
CA ILE D 14 7.23 0.19 6.54
C ILE D 14 6.96 -0.74 5.36
N ILE D 15 5.78 -1.31 5.31
CA ILE D 15 5.45 -2.23 4.22
C ILE D 15 5.59 -1.55 2.87
N GLY D 16 5.11 -0.33 2.77
CA GLY D 16 5.19 0.42 1.51
C GLY D 16 6.63 0.83 1.21
N ILE D 17 7.31 1.38 2.20
CA ILE D 17 8.68 1.83 2.02
C ILE D 17 9.61 0.67 1.66
N LEU D 18 9.55 -0.39 2.45
CA LEU D 18 10.40 -1.55 2.20
C LEU D 18 10.07 -2.21 0.88
N HIS D 19 8.80 -2.32 0.59
CA HIS D 19 8.36 -2.94 -0.66
C HIS D 19 8.89 -2.16 -1.84
N LEU D 20 8.88 -0.84 -1.73
CA LEU D 20 9.34 0.01 -2.82
C LEU D 20 10.82 -0.25 -3.11
N ILE D 21 11.59 -0.43 -2.07
CA ILE D 21 13.01 -0.67 -2.25
C ILE D 21 13.24 -1.93 -3.07
N LEU D 22 12.52 -2.99 -2.72
CA LEU D 22 12.64 -4.26 -3.43
C LEU D 22 12.02 -4.17 -4.82
N TRP D 23 10.84 -3.57 -4.88
CA TRP D 23 10.12 -3.44 -6.14
C TRP D 23 10.88 -2.51 -7.08
N ILE D 24 11.52 -1.51 -6.53
CA ILE D 24 12.27 -0.55 -7.33
C ILE D 24 13.44 -1.26 -8.01
N LEU D 25 14.15 -2.08 -7.26
CA LEU D 25 15.29 -2.79 -7.81
C LEU D 25 14.88 -3.71 -8.94
N ASP D 26 13.75 -4.37 -8.76
CA ASP D 26 13.25 -5.29 -9.78
C ASP D 26 13.03 -4.55 -11.10
N ARG D 27 12.40 -3.38 -11.01
CA ARG D 27 12.14 -2.60 -12.22
C ARG D 27 13.45 -2.12 -12.85
N LEU D 28 14.50 -2.05 -12.04
CA LEU D 28 15.79 -1.60 -12.54
C LEU D 28 16.31 -2.57 -13.61
N PHE D 29 16.21 -3.86 -13.33
CA PHE D 29 16.68 -4.87 -14.27
C PHE D 29 15.92 -4.77 -15.59
N PHE D 30 14.61 -4.62 -15.50
CA PHE D 30 13.77 -4.51 -16.71
C PHE D 30 12.90 -3.26 -16.64
N LYS D 31 12.92 -2.48 -17.72
CA LYS D 31 12.12 -1.25 -17.77
C LYS D 31 10.67 -1.58 -18.09
S 3LW E . -2.98 1.69 2.28
BR 3LW E . -3.20 0.86 -0.55
C1 3LW E . -2.31 1.13 1.11
C2 3LW E . -1.03 0.84 1.34
N2 3LW E . -2.97 3.13 4.72
C3 3LW E . -0.76 1.17 2.60
C5 3LW E . -1.90 2.14 4.61
C10 3LW E . -3.28 3.66 6.07
C12 3LW E . -1.84 1.67 3.20
C61 3LW E . -4.46 4.67 6.00
C62 3LW E . -2.07 4.41 6.69
C63 3LW E . -3.73 2.53 7.06
C71 3LW E . -4.78 5.25 7.38
C72 3LW E . -2.39 4.97 8.07
C73 3LW E . -4.04 3.12 8.44
C81 3LW E . -3.55 5.97 7.97
C82 3LW E . -2.80 3.82 9.01
C83 3LW E . -5.20 4.12 8.34
H2 3LW E . -0.33 0.40 0.61
H3 3LW E . 0.24 1.03 3.05
H5 3LW E . -0.90 2.56 4.87
H61 3LW E . -5.34 4.17 5.62
H81 3LW E . -3.27 6.78 7.32
H62 3LW E . -1.23 3.73 6.79
H82 3LW E . -1.98 3.10 9.07
HN2 3LW E . -3.84 2.70 4.32
H63 3LW E . -2.94 1.80 7.16
H83 3LW E . -6.06 3.63 7.95
H5A 3LW E . -2.09 1.26 5.27
H61A 3LW E . -4.20 5.48 5.33
H62A 3LW E . -1.78 5.22 6.04
H63A 3LW E . -4.62 2.05 6.67
H71 3LW E . -5.59 5.96 7.29
H72 3LW E . -1.53 5.47 8.47
H73 3LW E . -4.32 2.32 9.10
H81A 3LW E . -3.79 6.35 8.95
H82A 3LW E . -3.02 4.21 9.99
H83A 3LW E . -5.41 4.53 9.32
HN2A 3LW E . -2.70 3.94 4.10
N SER A 1 -17.09 -0.56 20.46
CA SER A 1 -16.10 -1.59 20.03
C SER A 1 -15.69 -1.31 18.59
N ASN A 2 -16.60 -1.55 17.67
CA ASN A 2 -16.33 -1.32 16.26
C ASN A 2 -16.05 0.15 15.99
N ASP A 3 -16.81 1.02 16.64
CA ASP A 3 -16.64 2.45 16.46
C ASP A 3 -15.26 2.89 16.92
N SER A 4 -14.78 2.28 18.00
CA SER A 4 -13.46 2.62 18.52
C SER A 4 -12.38 2.36 17.48
N SER A 5 -12.49 1.23 16.79
CA SER A 5 -11.51 0.87 15.76
C SER A 5 -12.21 0.19 14.59
N ASP A 6 -12.19 0.85 13.43
CA ASP A 6 -12.83 0.30 12.26
C ASP A 6 -11.96 -0.79 11.62
N PRO A 7 -12.55 -1.76 10.98
CA PRO A 7 -11.81 -2.88 10.32
C PRO A 7 -11.02 -2.40 9.10
N LEU A 8 -11.33 -1.19 8.64
CA LEU A 8 -10.66 -0.65 7.46
C LEU A 8 -9.16 -0.55 7.68
N VAL A 9 -8.77 -0.09 8.86
CA VAL A 9 -7.35 0.04 9.18
C VAL A 9 -6.70 -1.35 9.25
N VAL A 10 -7.40 -2.29 9.87
CA VAL A 10 -6.88 -3.65 10.01
C VAL A 10 -6.66 -4.27 8.65
N ALA A 11 -7.64 -4.09 7.75
CA ALA A 11 -7.54 -4.64 6.42
C ALA A 11 -6.36 -4.02 5.67
N ALA A 12 -6.13 -2.74 5.91
CA ALA A 12 -5.02 -2.05 5.25
C ALA A 12 -3.71 -2.78 5.49
N SER A 13 -3.45 -3.13 6.74
CA SER A 13 -2.22 -3.84 7.08
C SER A 13 -2.21 -5.23 6.46
N ILE A 14 -3.35 -5.89 6.49
CA ILE A 14 -3.47 -7.24 5.93
C ILE A 14 -3.26 -7.21 4.42
N ILE A 15 -3.84 -6.22 3.76
CA ILE A 15 -3.71 -6.10 2.31
C ILE A 15 -2.24 -5.98 1.92
N GLY A 16 -1.50 -5.16 2.64
CA GLY A 16 -0.09 -4.97 2.35
C GLY A 16 0.68 -6.27 2.54
N ILE A 17 0.47 -6.92 3.67
CA ILE A 17 1.16 -8.16 3.96
C ILE A 17 0.74 -9.26 2.99
N LEU A 18 -0.56 -9.41 2.81
CA LEU A 18 -1.06 -10.45 1.92
C LEU A 18 -0.55 -10.27 0.50
N HIS A 19 -0.60 -9.03 0.03
CA HIS A 19 -0.14 -8.73 -1.33
C HIS A 19 1.33 -9.10 -1.48
N LEU A 20 2.10 -8.88 -0.43
CA LEU A 20 3.53 -9.19 -0.46
C LEU A 20 3.75 -10.68 -0.69
N ILE A 21 2.95 -11.50 -0.05
CA ILE A 21 3.12 -12.93 -0.23
C ILE A 21 2.93 -13.31 -1.69
N LEU A 22 1.91 -12.76 -2.31
CA LEU A 22 1.65 -13.07 -3.71
C LEU A 22 2.67 -12.42 -4.62
N TRP A 23 2.98 -11.16 -4.34
CA TRP A 23 3.95 -10.44 -5.15
C TRP A 23 5.34 -11.02 -4.99
N ILE A 24 5.69 -11.38 -3.77
CA ILE A 24 6.99 -11.95 -3.50
C ILE A 24 7.16 -13.27 -4.24
N LEU A 25 6.12 -14.09 -4.20
CA LEU A 25 6.16 -15.37 -4.87
C LEU A 25 6.35 -15.18 -6.37
N ASP A 26 5.67 -14.19 -6.93
CA ASP A 26 5.76 -13.92 -8.35
C ASP A 26 7.21 -13.77 -8.77
N ARG A 27 7.97 -13.01 -8.00
CA ARG A 27 9.38 -12.80 -8.29
C ARG A 27 10.13 -14.13 -8.32
N LEU A 28 9.67 -15.08 -7.51
CA LEU A 28 10.32 -16.37 -7.43
C LEU A 28 10.31 -17.05 -8.82
N PHE A 29 9.15 -17.05 -9.45
CA PHE A 29 9.03 -17.67 -10.76
C PHE A 29 9.95 -16.98 -11.77
N PHE A 30 9.93 -15.65 -11.76
CA PHE A 30 10.77 -14.88 -12.67
C PHE A 30 11.41 -13.71 -11.95
N LYS A 31 12.67 -13.42 -12.28
CA LYS A 31 13.40 -12.32 -11.66
C LYS A 31 13.32 -11.07 -12.52
N SER B 1 -17.27 16.89 10.90
CA SER B 1 -17.50 15.71 10.03
C SER B 1 -16.22 15.35 9.30
N ASN B 2 -15.83 16.20 8.35
CA ASN B 2 -14.62 15.96 7.58
C ASN B 2 -13.40 15.99 8.49
N ASP B 3 -13.39 16.93 9.44
CA ASP B 3 -12.27 17.05 10.37
C ASP B 3 -12.12 15.79 11.20
N SER B 4 -13.25 15.20 11.58
CA SER B 4 -13.24 13.98 12.39
C SER B 4 -12.51 12.86 11.65
N SER B 5 -12.77 12.74 10.36
CA SER B 5 -12.13 11.70 9.54
C SER B 5 -11.84 12.24 8.15
N ASP B 6 -10.56 12.34 7.83
CA ASP B 6 -10.15 12.85 6.53
C ASP B 6 -10.31 11.77 5.45
N PRO B 7 -10.57 12.16 4.22
CA PRO B 7 -10.73 11.20 3.09
C PRO B 7 -9.41 10.52 2.72
N LEU B 8 -8.32 11.06 3.20
CA LEU B 8 -7.00 10.51 2.89
C LEU B 8 -6.90 9.06 3.34
N VAL B 9 -7.40 8.78 4.55
CA VAL B 9 -7.35 7.42 5.07
C VAL B 9 -8.25 6.49 4.24
N VAL B 10 -9.42 6.99 3.88
CA VAL B 10 -10.37 6.22 3.09
C VAL B 10 -9.76 5.87 1.74
N ALA B 11 -9.13 6.85 1.11
CA ALA B 11 -8.51 6.63 -0.18
C ALA B 11 -7.39 5.61 -0.08
N ALA B 12 -6.66 5.63 1.03
CA ALA B 12 -5.56 4.69 1.25
C ALA B 12 -6.06 3.26 1.09
N SER B 13 -7.17 2.94 1.73
CA SER B 13 -7.73 1.60 1.64
C SER B 13 -8.21 1.30 0.22
N ILE B 14 -8.84 2.29 -0.41
CA ILE B 14 -9.35 2.13 -1.76
C ILE B 14 -8.20 1.91 -2.74
N ILE B 15 -7.13 2.67 -2.58
CA ILE B 15 -5.98 2.56 -3.47
C ILE B 15 -5.41 1.15 -3.43
N GLY B 16 -5.29 0.59 -2.23
CA GLY B 16 -4.76 -0.75 -2.09
C GLY B 16 -5.67 -1.77 -2.76
N ILE B 17 -6.96 -1.69 -2.48
CA ILE B 17 -7.91 -2.61 -3.07
C ILE B 17 -8.00 -2.43 -4.57
N LEU B 18 -8.15 -1.19 -5.00
CA LEU B 18 -8.27 -0.91 -6.43
C LEU B 18 -7.04 -1.38 -7.19
N HIS B 19 -5.87 -1.09 -6.64
CA HIS B 19 -4.62 -1.49 -7.27
C HIS B 19 -4.57 -3.00 -7.43
N LEU B 20 -5.07 -3.71 -6.43
CA LEU B 20 -5.07 -5.16 -6.47
C LEU B 20 -5.87 -5.67 -7.65
N ILE B 21 -6.99 -5.06 -7.93
CA ILE B 21 -7.81 -5.51 -9.04
C ILE B 21 -7.01 -5.42 -10.34
N LEU B 22 -6.34 -4.30 -10.53
CA LEU B 22 -5.56 -4.11 -11.75
C LEU B 22 -4.32 -5.00 -11.76
N TRP B 23 -3.64 -5.04 -10.62
CA TRP B 23 -2.43 -5.84 -10.51
C TRP B 23 -2.75 -7.34 -10.61
N ILE B 24 -3.84 -7.74 -9.98
CA ILE B 24 -4.25 -9.12 -10.00
C ILE B 24 -4.56 -9.56 -11.42
N LEU B 25 -5.28 -8.70 -12.14
CA LEU B 25 -5.66 -9.02 -13.50
C LEU B 25 -4.42 -9.17 -14.37
N ASP B 26 -3.43 -8.31 -14.14
CA ASP B 26 -2.19 -8.34 -14.91
C ASP B 26 -1.60 -9.74 -14.87
N ARG B 27 -1.56 -10.33 -13.68
CA ARG B 27 -1.01 -11.67 -13.53
C ARG B 27 -1.78 -12.67 -14.38
N LEU B 28 -3.07 -12.41 -14.57
CA LEU B 28 -3.90 -13.31 -15.35
C LEU B 28 -3.37 -13.44 -16.78
N PHE B 29 -3.05 -12.31 -17.39
CA PHE B 29 -2.52 -12.32 -18.74
C PHE B 29 -1.20 -13.09 -18.81
N PHE B 30 -0.32 -12.80 -17.85
CA PHE B 30 0.98 -13.48 -17.81
C PHE B 30 1.32 -13.86 -16.36
N LYS B 31 1.92 -15.04 -16.20
CA LYS B 31 2.30 -15.52 -14.88
C LYS B 31 3.76 -15.20 -14.60
N SER C 1 -0.46 20.40 16.98
CA SER C 1 -0.56 20.40 15.49
C SER C 1 -0.06 19.07 14.95
N ASN C 2 1.26 18.86 15.03
CA ASN C 2 1.85 17.62 14.55
C ASN C 2 1.34 16.43 15.34
N ASP C 3 1.19 16.60 16.65
CA ASP C 3 0.70 15.54 17.52
C ASP C 3 -0.72 15.13 17.12
N SER C 4 -1.53 16.12 16.74
CA SER C 4 -2.90 15.85 16.33
C SER C 4 -2.94 14.91 15.14
N SER C 5 -2.05 15.16 14.17
CA SER C 5 -1.99 14.32 12.97
C SER C 5 -0.55 14.14 12.53
N ASP C 6 -0.07 12.91 12.61
CA ASP C 6 1.30 12.62 12.21
C ASP C 6 1.43 12.57 10.69
N PRO C 7 2.59 12.90 10.16
CA PRO C 7 2.83 12.88 8.68
C PRO C 7 2.86 11.45 8.13
N LEU C 8 2.97 10.48 9.02
CA LEU C 8 3.05 9.08 8.61
C LEU C 8 1.80 8.69 7.81
N VAL C 9 0.64 9.10 8.30
CA VAL C 9 -0.60 8.78 7.61
C VAL C 9 -0.67 9.47 6.25
N VAL C 10 -0.23 10.74 6.22
CA VAL C 10 -0.24 11.50 4.99
C VAL C 10 0.66 10.85 3.95
N ALA C 11 1.85 10.43 4.38
CA ALA C 11 2.79 9.79 3.48
C ALA C 11 2.21 8.49 2.95
N ALA C 12 1.48 7.77 3.79
CA ALA C 12 0.87 6.52 3.38
C ALA C 12 0.03 6.71 2.12
N SER C 13 -0.82 7.73 2.14
CA SER C 13 -1.67 8.01 0.97
C SER C 13 -0.83 8.42 -0.23
N ILE C 14 0.19 9.24 0.02
CA ILE C 14 1.07 9.71 -1.04
C ILE C 14 1.84 8.55 -1.66
N ILE C 15 2.33 7.65 -0.82
CA ILE C 15 3.09 6.51 -1.29
C ILE C 15 2.26 5.66 -2.24
N GLY C 16 1.00 5.43 -1.89
CA GLY C 16 0.13 4.64 -2.72
C GLY C 16 -0.11 5.33 -4.06
N ILE C 17 -0.45 6.61 -4.01
CA ILE C 17 -0.70 7.36 -5.23
C ILE C 17 0.56 7.48 -6.07
N LEU C 18 1.65 7.88 -5.43
CA LEU C 18 2.90 8.06 -6.15
C LEU C 18 3.34 6.76 -6.82
N HIS C 19 3.27 5.67 -6.06
CA HIS C 19 3.67 4.37 -6.57
C HIS C 19 2.85 4.01 -7.81
N LEU C 20 1.56 4.36 -7.78
CA LEU C 20 0.68 4.07 -8.90
C LEU C 20 1.17 4.75 -10.17
N ILE C 21 1.61 5.98 -10.05
CA ILE C 21 2.07 6.69 -11.22
C ILE C 21 3.24 5.94 -11.86
N LEU C 22 4.17 5.49 -11.04
CA LEU C 22 5.33 4.78 -11.56
C LEU C 22 4.94 3.39 -12.04
N TRP C 23 4.13 2.71 -11.25
CA TRP C 23 3.71 1.37 -11.60
C TRP C 23 2.80 1.38 -12.82
N ILE C 24 1.93 2.36 -12.89
CA ILE C 24 1.02 2.49 -14.02
C ILE C 24 1.80 2.71 -15.30
N LEU C 25 2.79 3.58 -15.22
CA LEU C 25 3.59 3.89 -16.40
C LEU C 25 4.33 2.65 -16.87
N ASP C 26 4.82 1.86 -15.92
CA ASP C 26 5.56 0.65 -16.26
C ASP C 26 4.73 -0.22 -17.19
N ARG C 27 3.46 -0.38 -16.87
CA ARG C 27 2.57 -1.20 -17.69
C ARG C 27 2.50 -0.63 -19.11
N LEU C 28 2.63 0.68 -19.23
CA LEU C 28 2.55 1.32 -20.54
C LEU C 28 3.64 0.77 -21.46
N PHE C 29 4.85 0.69 -20.96
CA PHE C 29 5.96 0.18 -21.76
C PHE C 29 5.70 -1.26 -22.17
N PHE C 30 5.27 -2.08 -21.21
CA PHE C 30 4.98 -3.48 -21.50
C PHE C 30 3.68 -3.90 -20.81
N LYS C 31 2.90 -4.73 -21.50
CA LYS C 31 1.63 -5.21 -20.97
C LYS C 31 1.80 -6.58 -20.32
N SER D 1 -0.26 3.02 26.30
CA SER D 1 0.86 3.19 25.32
C SER D 1 0.51 2.47 24.02
N ASN D 2 0.54 1.14 24.08
CA ASN D 2 0.22 0.34 22.90
C ASN D 2 -1.22 0.57 22.47
N ASP D 3 -2.12 0.68 23.43
CA ASP D 3 -3.53 0.91 23.14
C ASP D 3 -3.72 2.23 22.42
N SER D 4 -2.95 3.24 22.83
CA SER D 4 -3.04 4.56 22.21
C SER D 4 -2.74 4.48 20.72
N SER D 5 -1.72 3.70 20.37
CA SER D 5 -1.31 3.56 18.97
C SER D 5 -0.85 2.13 18.71
N ASP D 6 -1.61 1.41 17.88
CA ASP D 6 -1.26 0.03 17.57
C ASP D 6 -0.13 -0.02 16.55
N PRO D 7 0.68 -1.05 16.58
CA PRO D 7 1.82 -1.22 15.62
C PRO D 7 1.34 -1.50 14.21
N LEU D 8 0.07 -1.84 14.07
CA LEU D 8 -0.49 -2.15 12.76
C LEU D 8 -0.35 -0.98 11.81
N VAL D 9 -0.64 0.22 12.31
CA VAL D 9 -0.54 1.42 11.49
C VAL D 9 0.92 1.69 11.11
N VAL D 10 1.81 1.50 12.07
CA VAL D 10 3.24 1.74 11.84
C VAL D 10 3.76 0.78 10.77
N ALA D 11 3.36 -0.49 10.89
CA ALA D 11 3.79 -1.49 9.92
C ALA D 11 3.28 -1.13 8.53
N ALA D 12 2.06 -0.61 8.47
CA ALA D 12 1.47 -0.23 7.19
C ALA D 12 2.41 0.70 6.41
N SER D 13 2.91 1.72 7.09
CA SER D 13 3.81 2.67 6.44
C SER D 13 5.13 1.99 6.06
N ILE D 14 5.62 1.14 6.95
CA ILE D 14 6.88 0.43 6.71
C ILE D 14 6.74 -0.51 5.53
N ILE D 15 5.62 -1.21 5.46
CA ILE D 15 5.38 -2.15 4.38
C ILE D 15 5.42 -1.43 3.02
N GLY D 16 4.79 -0.28 2.95
CA GLY D 16 4.77 0.48 1.71
C GLY D 16 6.17 0.92 1.32
N ILE D 17 6.90 1.48 2.28
CA ILE D 17 8.24 1.95 2.02
C ILE D 17 9.18 0.79 1.71
N LEU D 18 9.13 -0.23 2.54
CA LEU D 18 10.00 -1.39 2.35
C LEU D 18 9.76 -2.04 0.99
N HIS D 19 8.49 -2.22 0.66
CA HIS D 19 8.12 -2.83 -0.61
C HIS D 19 8.68 -2.03 -1.77
N LEU D 20 8.67 -0.71 -1.63
CA LEU D 20 9.18 0.16 -2.68
C LEU D 20 10.66 -0.12 -2.94
N ILE D 21 11.41 -0.32 -1.90
CA ILE D 21 12.83 -0.58 -2.07
C ILE D 21 13.04 -1.83 -2.93
N LEU D 22 12.29 -2.88 -2.62
CA LEU D 22 12.42 -4.11 -3.36
C LEU D 22 11.84 -3.98 -4.76
N TRP D 23 10.67 -3.36 -4.85
CA TRP D 23 10.02 -3.19 -6.13
C TRP D 23 10.80 -2.24 -7.03
N ILE D 24 11.33 -1.18 -6.43
CA ILE D 24 12.10 -0.21 -7.18
C ILE D 24 13.34 -0.85 -7.75
N LEU D 25 14.00 -1.66 -6.93
CA LEU D 25 15.22 -2.32 -7.37
C LEU D 25 14.92 -3.25 -8.54
N ASP D 26 13.79 -3.95 -8.45
CA ASP D 26 13.39 -4.88 -9.50
C ASP D 26 13.42 -4.19 -10.85
N ARG D 27 12.85 -3.00 -10.91
CA ARG D 27 12.82 -2.23 -12.16
C ARG D 27 14.22 -1.98 -12.67
N LEU D 28 15.17 -1.85 -11.74
CA LEU D 28 16.55 -1.58 -12.13
C LEU D 28 17.09 -2.70 -13.03
N PHE D 29 16.87 -3.94 -12.61
CA PHE D 29 17.33 -5.07 -13.39
C PHE D 29 16.69 -5.08 -14.77
N PHE D 30 15.38 -4.85 -14.82
CA PHE D 30 14.64 -4.83 -16.08
C PHE D 30 13.66 -3.68 -16.09
N LYS D 31 13.51 -3.04 -17.25
CA LYS D 31 12.58 -1.91 -17.40
C LYS D 31 11.26 -2.39 -17.98
S 3LW E . -3.50 1.58 3.07
BR 3LW E . -3.63 -0.35 0.85
C1 3LW E . -2.78 0.85 2.05
C2 3LW E . -1.46 1.11 2.05
N2 3LW E . -3.44 2.75 5.73
C3 3LW E . -1.22 1.99 3.02
C5 3LW E . -2.46 3.26 4.78
C10 3LW E . -3.70 3.53 6.97
C12 3LW E . -2.35 2.31 3.66
C61 3LW E . -4.75 2.82 7.87
C62 3LW E . -4.25 4.96 6.66
C63 3LW E . -2.41 3.70 7.85
C71 3LW E . -5.04 3.64 9.15
C72 3LW E . -4.53 5.76 7.94
C73 3LW E . -2.71 4.51 9.11
C81 3LW E . -5.57 5.02 8.79
C82 3LW E . -3.23 5.91 8.73
C83 3LW E . -3.76 3.79 9.97
H2 3LW E . -0.72 0.67 1.37
H3 3LW E . -0.21 2.38 3.24
H5 3LW E . -2.77 4.25 4.37
H61 3LW E . -4.38 1.84 8.15
H81 3LW E . -6.49 4.90 8.22
H62 3LW E . -3.54 5.50 6.06
H82 3LW E . -2.50 6.41 8.12
HN2 3LW E . -3.14 1.78 6.02
H63 3LW E . -1.65 4.22 7.28
H83 3LW E . -3.39 2.81 10.23
H5A 3LW E . -1.46 3.37 5.25
H61A 3LW E . -5.67 2.69 7.32
H62A 3LW E . -5.18 4.87 6.10
H63A 3LW E . -2.04 2.72 8.13
H71 3LW E . -5.78 3.12 9.74
H72 3LW E . -4.90 6.74 7.68
H73 3LW E . -1.80 4.62 9.68
H81A 3LW E . -5.78 5.59 9.68
H82A 3LW E . -3.41 6.48 9.63
H83A 3LW E . -3.96 4.35 10.86
HN2A 3LW E . -4.36 2.64 5.22
N SER A 1 -10.01 7.07 20.78
CA SER A 1 -10.14 6.74 22.22
C SER A 1 -10.65 5.31 22.36
N ASN A 2 -11.16 4.75 21.27
CA ASN A 2 -11.68 3.39 21.28
C ASN A 2 -10.54 2.39 21.07
N ASP A 3 -10.30 1.55 22.09
CA ASP A 3 -9.23 0.56 22.01
C ASP A 3 -9.62 -0.56 21.06
N SER A 4 -10.89 -0.58 20.66
CA SER A 4 -11.38 -1.61 19.75
C SER A 4 -10.61 -1.56 18.43
N SER A 5 -10.31 -0.35 17.97
CA SER A 5 -9.59 -0.18 16.72
C SER A 5 -10.51 -0.44 15.53
N ASP A 6 -10.49 0.46 14.55
CA ASP A 6 -11.34 0.31 13.38
C ASP A 6 -10.78 -0.77 12.44
N PRO A 7 -11.64 -1.45 11.71
CA PRO A 7 -11.21 -2.50 10.75
C PRO A 7 -10.48 -1.93 9.54
N LEU A 8 -10.60 -0.62 9.34
CA LEU A 8 -9.97 0.04 8.20
C LEU A 8 -8.45 -0.10 8.29
N VAL A 9 -7.90 0.15 9.46
CA VAL A 9 -6.45 0.05 9.67
C VAL A 9 -6.03 -1.42 9.64
N VAL A 10 -6.87 -2.30 10.17
CA VAL A 10 -6.57 -3.72 10.21
C VAL A 10 -6.45 -4.28 8.79
N ALA A 11 -7.40 -3.91 7.93
CA ALA A 11 -7.40 -4.38 6.55
C ALA A 11 -6.18 -3.83 5.81
N ALA A 12 -5.81 -2.59 6.11
CA ALA A 12 -4.66 -1.97 5.45
C ALA A 12 -3.42 -2.84 5.60
N SER A 13 -3.14 -3.25 6.84
CA SER A 13 -1.97 -4.09 7.08
C SER A 13 -2.10 -5.43 6.34
N ILE A 14 -3.29 -6.00 6.36
CA ILE A 14 -3.54 -7.27 5.70
C ILE A 14 -3.36 -7.14 4.19
N ILE A 15 -3.87 -6.05 3.63
CA ILE A 15 -3.77 -5.82 2.19
C ILE A 15 -2.31 -5.71 1.76
N GLY A 16 -1.52 -4.97 2.52
CA GLY A 16 -0.11 -4.80 2.19
C GLY A 16 0.65 -6.11 2.33
N ILE A 17 0.51 -6.75 3.49
CA ILE A 17 1.19 -8.02 3.75
C ILE A 17 0.68 -9.11 2.81
N LEU A 18 -0.63 -9.17 2.62
CA LEU A 18 -1.22 -10.20 1.76
C LEU A 18 -0.72 -10.05 0.32
N HIS A 19 -0.71 -8.82 -0.16
CA HIS A 19 -0.24 -8.55 -1.51
C HIS A 19 1.22 -8.96 -1.66
N LEU A 20 2.01 -8.68 -0.63
CA LEU A 20 3.42 -9.02 -0.66
C LEU A 20 3.63 -10.51 -0.80
N ILE A 21 2.80 -11.30 -0.14
CA ILE A 21 2.94 -12.74 -0.22
C ILE A 21 2.77 -13.20 -1.66
N LEU A 22 1.72 -12.71 -2.32
CA LEU A 22 1.47 -13.07 -3.71
C LEU A 22 2.51 -12.47 -4.65
N TRP A 23 2.84 -11.19 -4.44
CA TRP A 23 3.81 -10.51 -5.28
C TRP A 23 5.21 -11.10 -5.10
N ILE A 24 5.53 -11.48 -3.86
CA ILE A 24 6.84 -12.05 -3.56
C ILE A 24 7.02 -13.36 -4.35
N LEU A 25 5.99 -14.18 -4.38
CA LEU A 25 6.06 -15.45 -5.09
C LEU A 25 6.31 -15.21 -6.58
N ASP A 26 5.65 -14.19 -7.13
CA ASP A 26 5.82 -13.88 -8.55
C ASP A 26 7.30 -13.62 -8.87
N ARG A 27 7.96 -12.87 -8.00
CA ARG A 27 9.38 -12.57 -8.18
C ARG A 27 10.21 -13.85 -8.20
N LEU A 28 9.87 -14.78 -7.31
CA LEU A 28 10.61 -16.04 -7.22
C LEU A 28 10.53 -16.79 -8.53
N PHE A 29 9.34 -16.88 -9.10
CA PHE A 29 9.15 -17.58 -10.37
C PHE A 29 9.97 -16.91 -11.47
N PHE A 30 9.90 -15.58 -11.52
CA PHE A 30 10.64 -14.81 -12.53
C PHE A 30 11.30 -13.60 -11.90
N LYS A 31 12.53 -13.30 -12.32
CA LYS A 31 13.27 -12.15 -11.80
C LYS A 31 13.11 -10.95 -12.72
N SER B 1 -12.28 11.61 17.25
CA SER B 1 -13.59 11.68 17.95
C SER B 1 -14.70 11.85 16.91
N ASN B 2 -14.32 12.23 15.71
CA ASN B 2 -15.29 12.44 14.63
C ASN B 2 -15.63 11.11 13.96
N ASP B 3 -16.89 10.70 14.07
CA ASP B 3 -17.33 9.45 13.47
C ASP B 3 -17.42 9.58 11.95
N SER B 4 -17.31 10.81 11.47
CA SER B 4 -17.37 11.06 10.03
C SER B 4 -16.25 10.33 9.31
N SER B 5 -15.07 10.29 9.93
CA SER B 5 -13.92 9.62 9.35
C SER B 5 -13.35 10.46 8.21
N ASP B 6 -12.03 10.62 8.21
CA ASP B 6 -11.36 11.42 7.19
C ASP B 6 -11.29 10.64 5.86
N PRO B 7 -11.30 11.33 4.74
CA PRO B 7 -11.23 10.68 3.40
C PRO B 7 -9.85 10.07 3.13
N LEU B 8 -8.86 10.48 3.93
CA LEU B 8 -7.50 9.99 3.75
C LEU B 8 -7.44 8.49 3.96
N VAL B 9 -8.08 8.01 5.01
CA VAL B 9 -8.10 6.58 5.30
C VAL B 9 -8.98 5.84 4.29
N VAL B 10 -10.05 6.48 3.87
CA VAL B 10 -10.97 5.88 2.92
C VAL B 10 -10.26 5.63 1.59
N ALA B 11 -9.52 6.64 1.13
CA ALA B 11 -8.79 6.52 -0.12
C ALA B 11 -7.72 5.45 -0.03
N ALA B 12 -7.07 5.37 1.13
CA ALA B 12 -6.01 4.38 1.33
C ALA B 12 -6.52 2.98 0.99
N SER B 13 -7.67 2.61 1.56
CA SER B 13 -8.24 1.30 1.31
C SER B 13 -8.57 1.13 -0.17
N ILE B 14 -9.13 2.17 -0.77
CA ILE B 14 -9.50 2.14 -2.19
C ILE B 14 -8.26 1.98 -3.06
N ILE B 15 -7.21 2.71 -2.72
CA ILE B 15 -5.98 2.67 -3.50
C ILE B 15 -5.38 1.26 -3.47
N GLY B 16 -5.34 0.65 -2.30
CA GLY B 16 -4.79 -0.70 -2.17
C GLY B 16 -5.65 -1.72 -2.91
N ILE B 17 -6.95 -1.71 -2.62
CA ILE B 17 -7.88 -2.65 -3.26
C ILE B 17 -7.96 -2.40 -4.76
N LEU B 18 -8.05 -1.13 -5.14
CA LEU B 18 -8.15 -0.77 -6.55
C LEU B 18 -6.91 -1.24 -7.33
N HIS B 19 -5.75 -0.98 -6.76
CA HIS B 19 -4.50 -1.39 -7.39
C HIS B 19 -4.45 -2.90 -7.54
N LEU B 20 -4.93 -3.60 -6.52
CA LEU B 20 -4.92 -5.06 -6.55
C LEU B 20 -5.76 -5.58 -7.71
N ILE B 21 -6.89 -4.94 -7.97
CA ILE B 21 -7.75 -5.39 -9.05
C ILE B 21 -6.99 -5.32 -10.38
N LEU B 22 -6.33 -4.20 -10.62
CA LEU B 22 -5.58 -4.03 -11.87
C LEU B 22 -4.33 -4.93 -11.89
N TRP B 23 -3.60 -4.96 -10.77
CA TRP B 23 -2.39 -5.78 -10.68
C TRP B 23 -2.73 -7.27 -10.74
N ILE B 24 -3.84 -7.65 -10.15
CA ILE B 24 -4.27 -9.06 -10.15
C ILE B 24 -4.50 -9.52 -11.59
N LEU B 25 -5.16 -8.70 -12.38
CA LEU B 25 -5.45 -9.04 -13.76
C LEU B 25 -4.14 -9.23 -14.54
N ASP B 26 -3.17 -8.38 -14.28
CA ASP B 26 -1.88 -8.48 -14.97
C ASP B 26 -1.27 -9.86 -14.76
N ARG B 27 -1.34 -10.36 -13.52
CA ARG B 27 -0.80 -11.67 -13.21
C ARG B 27 -1.51 -12.75 -14.00
N LEU B 28 -2.83 -12.63 -14.14
CA LEU B 28 -3.61 -13.62 -14.86
C LEU B 28 -3.14 -13.71 -16.31
N PHE B 29 -2.93 -12.55 -16.96
CA PHE B 29 -2.47 -12.54 -18.34
C PHE B 29 -1.10 -13.19 -18.44
N PHE B 30 -0.21 -12.85 -17.52
CA PHE B 30 1.14 -13.41 -17.52
C PHE B 30 1.56 -13.79 -16.11
N LYS B 31 2.24 -14.92 -15.98
CA LYS B 31 2.71 -15.39 -14.67
C LYS B 31 4.16 -14.99 -14.43
N SER C 1 -7.63 14.23 17.97
CA SER C 1 -8.29 15.54 18.28
C SER C 1 -7.53 16.66 17.59
N ASN C 2 -6.31 16.36 17.14
CA ASN C 2 -5.49 17.36 16.47
C ASN C 2 -5.85 17.44 14.98
N ASP C 3 -6.36 18.60 14.57
CA ASP C 3 -6.75 18.79 13.18
C ASP C 3 -5.51 18.91 12.29
N SER C 4 -4.35 19.05 12.91
CA SER C 4 -3.10 19.16 12.17
C SER C 4 -2.88 17.92 11.31
N SER C 5 -3.23 16.75 11.85
CA SER C 5 -3.06 15.50 11.13
C SER C 5 -1.59 15.10 11.12
N ASP C 6 -1.32 13.83 11.43
CA ASP C 6 0.05 13.34 11.46
C ASP C 6 0.58 13.13 10.03
N PRO C 7 1.87 13.27 9.82
CA PRO C 7 2.49 13.08 8.48
C PRO C 7 2.49 11.60 8.05
N LEU C 8 2.27 10.71 9.01
CA LEU C 8 2.26 9.29 8.73
C LEU C 8 1.15 8.92 7.74
N VAL C 9 -0.05 9.46 7.97
CA VAL C 9 -1.17 9.21 7.09
C VAL C 9 -0.97 9.92 5.75
N VAL C 10 -0.38 11.11 5.80
CA VAL C 10 -0.15 11.90 4.60
C VAL C 10 0.80 11.16 3.67
N ALA C 11 1.89 10.63 4.23
CA ALA C 11 2.86 9.90 3.43
C ALA C 11 2.25 8.63 2.85
N ALA C 12 1.40 7.98 3.63
CA ALA C 12 0.75 6.75 3.17
C ALA C 12 0.05 6.99 1.83
N SER C 13 -0.76 8.04 1.76
CA SER C 13 -1.47 8.35 0.53
C SER C 13 -0.49 8.65 -0.61
N ILE C 14 0.56 9.40 -0.29
CA ILE C 14 1.56 9.76 -1.29
C ILE C 14 2.30 8.51 -1.79
N ILE C 15 2.64 7.62 -0.86
CA ILE C 15 3.35 6.40 -1.23
C ILE C 15 2.52 5.54 -2.18
N GLY C 16 1.24 5.39 -1.87
CA GLY C 16 0.36 4.59 -2.72
C GLY C 16 0.16 5.24 -4.08
N ILE C 17 -0.22 6.51 -4.08
CA ILE C 17 -0.44 7.25 -5.32
C ILE C 17 0.86 7.38 -6.12
N LEU C 18 1.94 7.71 -5.42
CA LEU C 18 3.24 7.89 -6.09
C LEU C 18 3.68 6.59 -6.75
N HIS C 19 3.55 5.49 -6.03
CA HIS C 19 3.94 4.19 -6.56
C HIS C 19 3.10 3.86 -7.79
N LEU C 20 1.82 4.18 -7.73
CA LEU C 20 0.92 3.89 -8.84
C LEU C 20 1.37 4.63 -10.10
N ILE C 21 1.83 5.85 -9.95
CA ILE C 21 2.27 6.62 -11.11
C ILE C 21 3.42 5.89 -11.81
N LEU C 22 4.40 5.45 -11.03
CA LEU C 22 5.55 4.75 -11.59
C LEU C 22 5.14 3.36 -12.10
N TRP C 23 4.37 2.64 -11.29
CA TRP C 23 3.93 1.29 -11.67
C TRP C 23 3.00 1.33 -12.88
N ILE C 24 2.16 2.36 -12.94
CA ILE C 24 1.22 2.49 -14.06
C ILE C 24 2.00 2.64 -15.37
N LEU C 25 3.04 3.45 -15.36
CA LEU C 25 3.84 3.67 -16.55
C LEU C 25 4.48 2.36 -17.01
N ASP C 26 4.95 1.56 -16.07
CA ASP C 26 5.57 0.28 -16.40
C ASP C 26 4.61 -0.58 -17.21
N ARG C 27 3.34 -0.61 -16.79
CA ARG C 27 2.34 -1.40 -17.49
C ARG C 27 2.17 -0.91 -18.92
N LEU C 28 2.20 0.42 -19.10
CA LEU C 28 2.02 0.99 -20.43
C LEU C 28 3.13 0.51 -21.37
N PHE C 29 4.37 0.54 -20.88
CA PHE C 29 5.50 0.09 -21.69
C PHE C 29 5.34 -1.38 -22.06
N PHE C 30 4.97 -2.19 -21.08
CA PHE C 30 4.78 -3.63 -21.30
C PHE C 30 3.52 -4.12 -20.61
N LYS C 31 2.78 -5.00 -21.28
CA LYS C 31 1.55 -5.56 -20.72
C LYS C 31 1.81 -6.90 -20.06
N SER D 1 -5.63 9.60 21.39
CA SER D 1 -5.13 10.49 22.47
C SER D 1 -3.77 10.00 22.95
N ASN D 2 -3.43 8.76 22.60
CA ASN D 2 -2.16 8.18 22.99
C ASN D 2 -1.05 8.60 22.04
N ASP D 3 -0.09 9.34 22.55
CA ASP D 3 1.03 9.80 21.72
C ASP D 3 1.96 8.64 21.38
N SER D 4 1.75 7.51 22.05
CA SER D 4 2.58 6.34 21.81
C SER D 4 2.47 5.89 20.35
N SER D 5 1.25 5.99 19.80
CA SER D 5 1.02 5.59 18.42
C SER D 5 1.00 4.07 18.30
N ASP D 6 0.00 3.54 17.61
CA ASP D 6 -0.12 2.10 17.45
C ASP D 6 0.89 1.58 16.42
N PRO D 7 1.35 0.36 16.56
CA PRO D 7 2.32 -0.25 15.62
C PRO D 7 1.69 -0.53 14.24
N LEU D 8 0.37 -0.53 14.19
CA LEU D 8 -0.33 -0.81 12.94
C LEU D 8 0.01 0.23 11.88
N VAL D 9 -0.01 1.50 12.26
CA VAL D 9 0.32 2.58 11.34
C VAL D 9 1.81 2.58 11.02
N VAL D 10 2.61 2.24 12.01
CA VAL D 10 4.06 2.21 11.83
C VAL D 10 4.44 1.16 10.80
N ALA D 11 3.84 -0.02 10.91
CA ALA D 11 4.13 -1.10 9.98
C ALA D 11 3.66 -0.74 8.58
N ALA D 12 2.51 -0.05 8.50
CA ALA D 12 1.98 0.34 7.20
C ALA D 12 3.02 1.11 6.39
N SER D 13 3.63 2.12 7.02
CA SER D 13 4.64 2.91 6.34
C SER D 13 5.83 2.04 5.94
N ILE D 14 6.24 1.17 6.85
CA ILE D 14 7.37 0.28 6.59
C ILE D 14 7.06 -0.66 5.44
N ILE D 15 5.86 -1.21 5.43
CA ILE D 15 5.46 -2.15 4.38
C ILE D 15 5.49 -1.47 3.02
N GLY D 16 4.97 -0.26 2.93
CA GLY D 16 4.95 0.46 1.67
C GLY D 16 6.35 0.83 1.22
N ILE D 17 7.11 1.45 2.11
CA ILE D 17 8.47 1.85 1.80
C ILE D 17 9.37 0.64 1.55
N LEU D 18 9.23 -0.38 2.40
CA LEU D 18 10.04 -1.58 2.25
C LEU D 18 9.78 -2.26 0.92
N HIS D 19 8.51 -2.39 0.56
CA HIS D 19 8.13 -3.01 -0.69
C HIS D 19 8.71 -2.22 -1.86
N LEU D 20 8.67 -0.90 -1.75
CA LEU D 20 9.18 -0.04 -2.82
C LEU D 20 10.67 -0.29 -3.05
N ILE D 21 11.41 -0.50 -1.99
CA ILE D 21 12.84 -0.74 -2.14
C ILE D 21 13.08 -1.98 -2.97
N LEU D 22 12.37 -3.06 -2.65
CA LEU D 22 12.51 -4.32 -3.39
C LEU D 22 11.94 -4.19 -4.81
N TRP D 23 10.76 -3.60 -4.92
CA TRP D 23 10.10 -3.43 -6.21
C TRP D 23 10.88 -2.48 -7.11
N ILE D 24 11.46 -1.44 -6.51
CA ILE D 24 12.25 -0.46 -7.26
C ILE D 24 13.44 -1.15 -7.92
N LEU D 25 14.11 -2.01 -7.17
CA LEU D 25 15.28 -2.71 -7.69
C LEU D 25 14.88 -3.58 -8.88
N ASP D 26 13.73 -4.23 -8.78
CA ASP D 26 13.25 -5.09 -9.87
C ASP D 26 13.16 -4.30 -11.16
N ARG D 27 12.63 -3.09 -11.08
CA ARG D 27 12.49 -2.23 -12.25
C ARG D 27 13.86 -1.93 -12.86
N LEU D 28 14.85 -1.67 -12.01
CA LEU D 28 16.18 -1.34 -12.47
C LEU D 28 16.76 -2.50 -13.30
N PHE D 29 16.60 -3.72 -12.80
CA PHE D 29 17.10 -4.89 -13.51
C PHE D 29 16.40 -5.03 -14.86
N PHE D 30 15.09 -4.86 -14.86
CA PHE D 30 14.31 -4.96 -16.10
C PHE D 30 13.27 -3.84 -16.17
N LYS D 31 13.09 -3.29 -17.36
CA LYS D 31 12.12 -2.20 -17.56
C LYS D 31 10.81 -2.75 -18.09
S 3LW E . -3.27 1.15 3.39
BR 3LW E . -3.09 -1.16 1.53
C1 3LW E . -2.51 0.45 2.35
C2 3LW E . -1.37 1.08 2.04
N2 3LW E . -2.67 2.80 5.94
C3 3LW E . -1.26 2.17 2.81
C5 3LW E . -2.58 3.38 4.59
C10 3LW E . -3.22 3.63 7.04
C12 3LW E . -2.34 2.27 3.61
C61 3LW E . -3.20 2.87 8.39
C62 3LW E . -4.70 4.04 6.78
C63 3LW E . -2.42 4.95 7.25
C71 3LW E . -3.76 3.73 9.55
C72 3LW E . -5.27 4.88 7.94
C73 3LW E . -3.00 5.80 8.40
C81 3LW E . -5.23 4.10 9.24
C82 3LW E . -4.44 6.18 8.08
C83 3LW E . -2.95 5.02 9.70
H2 3LW E . -0.63 0.75 1.30
H3 3LW E . -0.42 2.87 2.75
H5 3LW E . -3.53 3.89 4.31
H61 3LW E . -2.17 2.60 8.63
H81 3LW E . -5.81 3.20 9.15
H62 3LW E . -4.78 4.61 5.87
H82 3LW E . -4.49 6.74 7.17
HN2 3LW E . -1.71 2.50 6.23
H63 3LW E . -2.44 5.54 6.34
H83 3LW E . -1.93 4.77 9.93
H5A 3LW E . -1.75 4.10 4.54
H61A 3LW E . -3.78 1.97 8.31
H62A 3LW E . -5.31 3.14 6.68
H63A 3LW E . -1.39 4.71 7.47
H71 3LW E . -3.71 3.17 10.47
H72 3LW E . -6.28 5.14 7.72
H73 3LW E . -2.41 6.69 8.50
H81A 3LW E . -5.61 4.71 10.04
H82A 3LW E . -4.85 6.77 8.89
H83A 3LW E . -3.36 5.61 10.50
HN2A 3LW E . -3.28 1.94 5.87
N SER A 1 -12.18 4.04 21.65
CA SER A 1 -12.16 3.52 20.25
C SER A 1 -13.56 3.08 19.84
N ASN A 2 -14.49 4.03 19.82
CA ASN A 2 -15.87 3.72 19.45
C ASN A 2 -15.94 3.24 18.00
N ASP A 3 -15.22 3.94 17.12
CA ASP A 3 -15.21 3.58 15.70
C ASP A 3 -13.80 3.67 15.13
N SER A 4 -12.85 4.01 15.99
CA SER A 4 -11.46 4.13 15.55
C SER A 4 -10.94 2.80 15.03
N SER A 5 -11.41 1.71 15.63
CA SER A 5 -10.97 0.38 15.21
C SER A 5 -11.66 -0.02 13.91
N ASP A 6 -11.90 0.97 13.05
CA ASP A 6 -12.56 0.71 11.78
C ASP A 6 -11.91 -0.48 11.07
N PRO A 7 -12.68 -1.21 10.29
CA PRO A 7 -12.15 -2.39 9.52
C PRO A 7 -11.19 -1.97 8.42
N LEU A 8 -11.28 -0.71 8.00
CA LEU A 8 -10.41 -0.21 6.94
C LEU A 8 -8.95 -0.26 7.38
N VAL A 9 -8.70 0.12 8.62
CA VAL A 9 -7.33 0.11 9.15
C VAL A 9 -6.78 -1.31 9.17
N VAL A 10 -7.58 -2.24 9.66
CA VAL A 10 -7.15 -3.64 9.74
C VAL A 10 -6.96 -4.21 8.34
N ALA A 11 -7.89 -3.91 7.45
CA ALA A 11 -7.80 -4.40 6.08
C ALA A 11 -6.54 -3.88 5.41
N ALA A 12 -6.23 -2.62 5.65
CA ALA A 12 -5.04 -2.02 5.06
C ALA A 12 -3.79 -2.83 5.38
N SER A 13 -3.62 -3.15 6.66
CA SER A 13 -2.47 -3.94 7.09
C SER A 13 -2.47 -5.31 6.42
N ILE A 14 -3.64 -5.93 6.36
CA ILE A 14 -3.78 -7.26 5.75
C ILE A 14 -3.41 -7.20 4.27
N ILE A 15 -3.87 -6.16 3.58
CA ILE A 15 -3.60 -6.02 2.16
C ILE A 15 -2.10 -5.95 1.92
N GLY A 16 -1.40 -5.19 2.76
CA GLY A 16 0.05 -5.05 2.59
C GLY A 16 0.75 -6.39 2.71
N ILE A 17 0.50 -7.10 3.80
CA ILE A 17 1.13 -8.41 4.02
C ILE A 17 0.60 -9.42 3.02
N LEU A 18 -0.70 -9.43 2.81
CA LEU A 18 -1.29 -10.38 1.88
C LEU A 18 -0.77 -10.17 0.47
N HIS A 19 -0.73 -8.91 0.05
CA HIS A 19 -0.25 -8.57 -1.28
C HIS A 19 1.22 -8.93 -1.43
N LEU A 20 1.99 -8.66 -0.39
CA LEU A 20 3.42 -8.95 -0.41
C LEU A 20 3.67 -10.44 -0.59
N ILE A 21 2.90 -11.25 0.09
CA ILE A 21 3.09 -12.69 -0.02
C ILE A 21 2.92 -13.15 -1.46
N LEU A 22 1.85 -12.69 -2.10
CA LEU A 22 1.60 -13.06 -3.49
C LEU A 22 2.59 -12.38 -4.43
N TRP A 23 2.84 -11.11 -4.18
CA TRP A 23 3.77 -10.35 -5.01
C TRP A 23 5.19 -10.87 -4.85
N ILE A 24 5.52 -11.30 -3.65
CA ILE A 24 6.86 -11.80 -3.39
C ILE A 24 7.11 -13.05 -4.21
N LEU A 25 6.13 -13.93 -4.26
CA LEU A 25 6.29 -15.17 -4.99
C LEU A 25 6.52 -14.87 -6.47
N ASP A 26 5.76 -13.94 -7.00
CA ASP A 26 5.88 -13.59 -8.41
C ASP A 26 7.27 -13.04 -8.71
N ARG A 27 7.79 -12.24 -7.78
CA ARG A 27 9.12 -11.64 -7.94
C ARG A 27 10.19 -12.71 -7.89
N LEU A 28 9.83 -13.87 -7.36
CA LEU A 28 10.79 -14.96 -7.25
C LEU A 28 11.30 -15.38 -8.62
N PHE A 29 10.39 -15.46 -9.59
CA PHE A 29 10.76 -15.84 -10.95
C PHE A 29 11.01 -14.61 -11.81
N PHE A 30 11.66 -13.61 -11.22
CA PHE A 30 11.96 -12.38 -11.94
C PHE A 30 12.53 -12.70 -13.32
N LYS A 31 12.42 -11.74 -14.23
CA LYS A 31 12.94 -11.93 -15.57
C LYS A 31 12.43 -13.24 -16.16
N SER B 1 -15.75 12.31 15.56
CA SER B 1 -15.04 12.21 14.26
C SER B 1 -15.23 13.50 13.48
N ASN B 2 -14.75 14.60 14.03
CA ASN B 2 -14.88 15.90 13.36
C ASN B 2 -14.10 15.91 12.05
N ASP B 3 -12.89 15.37 12.07
CA ASP B 3 -12.05 15.32 10.88
C ASP B 3 -11.35 13.96 10.77
N SER B 4 -11.63 13.08 11.73
CA SER B 4 -11.01 11.76 11.72
C SER B 4 -11.40 10.98 10.46
N SER B 5 -12.61 11.21 9.99
CA SER B 5 -13.09 10.53 8.78
C SER B 5 -12.47 11.15 7.54
N ASP B 6 -11.22 11.60 7.67
CA ASP B 6 -10.53 12.22 6.55
C ASP B 6 -10.65 11.36 5.29
N PRO B 7 -10.65 11.97 4.13
CA PRO B 7 -10.75 11.24 2.83
C PRO B 7 -9.51 10.41 2.54
N LEU B 8 -8.40 10.76 3.18
CA LEU B 8 -7.15 10.03 2.99
C LEU B 8 -7.30 8.58 3.44
N VAL B 9 -7.95 8.38 4.57
CA VAL B 9 -8.15 7.05 5.10
C VAL B 9 -8.99 6.20 4.14
N VAL B 10 -10.09 6.79 3.68
CA VAL B 10 -10.97 6.09 2.75
C VAL B 10 -10.25 5.80 1.43
N ALA B 11 -9.54 6.80 0.93
CA ALA B 11 -8.81 6.64 -0.32
C ALA B 11 -7.78 5.53 -0.20
N ALA B 12 -7.10 5.47 0.93
CA ALA B 12 -6.09 4.45 1.16
C ALA B 12 -6.68 3.06 0.94
N SER B 13 -7.82 2.80 1.56
CA SER B 13 -8.48 1.51 1.43
C SER B 13 -8.87 1.24 -0.03
N ILE B 14 -9.39 2.27 -0.70
CA ILE B 14 -9.80 2.14 -2.09
C ILE B 14 -8.60 1.83 -2.97
N ILE B 15 -7.48 2.50 -2.72
CA ILE B 15 -6.28 2.29 -3.51
C ILE B 15 -5.82 0.84 -3.41
N GLY B 16 -5.86 0.30 -2.20
CA GLY B 16 -5.44 -1.09 -1.99
C GLY B 16 -6.28 -2.05 -2.80
N ILE B 17 -7.60 -1.96 -2.66
CA ILE B 17 -8.50 -2.84 -3.39
C ILE B 17 -8.47 -2.53 -4.87
N LEU B 18 -8.52 -1.25 -5.21
CA LEU B 18 -8.52 -0.84 -6.60
C LEU B 18 -7.23 -1.28 -7.30
N HIS B 19 -6.11 -1.06 -6.63
CA HIS B 19 -4.82 -1.43 -7.20
C HIS B 19 -4.72 -2.94 -7.35
N LEU B 20 -5.22 -3.66 -6.36
CA LEU B 20 -5.18 -5.12 -6.40
C LEU B 20 -5.96 -5.67 -7.58
N ILE B 21 -7.11 -5.09 -7.85
CA ILE B 21 -7.92 -5.56 -8.95
C ILE B 21 -7.15 -5.46 -10.26
N LEU B 22 -6.53 -4.31 -10.50
CA LEU B 22 -5.77 -4.10 -11.72
C LEU B 22 -4.48 -4.91 -11.70
N TRP B 23 -3.82 -4.91 -10.56
CA TRP B 23 -2.57 -5.64 -10.42
C TRP B 23 -2.80 -7.14 -10.50
N ILE B 24 -3.94 -7.58 -9.98
CA ILE B 24 -4.26 -9.00 -9.98
C ILE B 24 -4.40 -9.48 -11.43
N LEU B 25 -5.07 -8.69 -12.24
CA LEU B 25 -5.29 -9.09 -13.62
C LEU B 25 -3.95 -9.22 -14.35
N ASP B 26 -3.07 -8.28 -14.11
CA ASP B 26 -1.77 -8.30 -14.76
C ASP B 26 -0.98 -9.55 -14.35
N ARG B 27 -1.10 -9.91 -13.07
CA ARG B 27 -0.39 -11.09 -12.56
C ARG B 27 -0.97 -12.36 -13.17
N LEU B 28 -2.16 -12.24 -13.73
CA LEU B 28 -2.80 -13.41 -14.33
C LEU B 28 -1.96 -13.96 -15.47
N PHE B 29 -1.42 -13.07 -16.29
CA PHE B 29 -0.59 -13.48 -17.41
C PHE B 29 0.89 -13.46 -17.04
N PHE B 30 1.19 -13.89 -15.82
CA PHE B 30 2.56 -13.93 -15.34
C PHE B 30 3.48 -14.53 -16.41
N LYS B 31 4.76 -14.21 -16.32
CA LYS B 31 5.73 -14.72 -17.27
C LYS B 31 5.26 -14.48 -18.69
N SER C 1 -5.27 16.92 17.77
CA SER C 1 -4.28 16.25 16.90
C SER C 1 -2.87 16.69 17.27
N ASN C 2 -2.47 16.40 18.50
CA ASN C 2 -1.15 16.78 18.97
C ASN C 2 -0.06 16.06 18.16
N ASP C 3 -0.27 14.78 17.93
CA ASP C 3 0.69 13.98 17.16
C ASP C 3 -0.02 13.05 16.19
N SER C 4 -1.35 13.13 16.16
CA SER C 4 -2.15 12.30 15.28
C SER C 4 -1.80 12.58 13.82
N SER C 5 -1.47 13.82 13.52
CA SER C 5 -1.11 14.21 12.16
C SER C 5 0.30 13.75 11.82
N ASP C 6 0.69 12.61 12.37
CA ASP C 6 2.02 12.08 12.14
C ASP C 6 2.36 12.09 10.64
N PRO C 7 3.61 12.23 10.30
CA PRO C 7 4.07 12.24 8.87
C PRO C 7 3.89 10.87 8.21
N LEU C 8 3.82 9.82 9.02
CA LEU C 8 3.66 8.47 8.50
C LEU C 8 2.34 8.34 7.73
N VAL C 9 1.28 8.91 8.30
CA VAL C 9 -0.02 8.84 7.66
C VAL C 9 -0.01 9.56 6.31
N VAL C 10 0.57 10.75 6.30
CA VAL C 10 0.65 11.54 5.06
C VAL C 10 1.52 10.83 4.04
N ALA C 11 2.66 10.31 4.50
CA ALA C 11 3.58 9.60 3.61
C ALA C 11 2.90 8.39 3.01
N ALA C 12 2.12 7.68 3.81
CA ALA C 12 1.43 6.48 3.32
C ALA C 12 0.58 6.81 2.11
N SER C 13 -0.21 7.88 2.21
CA SER C 13 -1.08 8.29 1.11
C SER C 13 -0.24 8.66 -0.11
N ILE C 14 0.85 9.39 0.12
CA ILE C 14 1.73 9.81 -0.97
C ILE C 14 2.34 8.61 -1.67
N ILE C 15 2.77 7.63 -0.88
CA ILE C 15 3.38 6.43 -1.43
C ILE C 15 2.40 5.72 -2.37
N GLY C 16 1.15 5.61 -1.94
CA GLY C 16 0.15 4.93 -2.75
C GLY C 16 -0.02 5.62 -4.11
N ILE C 17 -0.28 6.93 -4.08
CA ILE C 17 -0.46 7.68 -5.32
C ILE C 17 0.85 7.76 -6.10
N LEU C 18 1.93 8.06 -5.41
CA LEU C 18 3.23 8.18 -6.06
C LEU C 18 3.63 6.86 -6.71
N HIS C 19 3.46 5.78 -5.98
CA HIS C 19 3.81 4.45 -6.49
C HIS C 19 2.93 4.09 -7.68
N LEU C 20 1.66 4.42 -7.58
CA LEU C 20 0.72 4.12 -8.65
C LEU C 20 1.10 4.82 -9.94
N ILE C 21 1.52 6.07 -9.83
CA ILE C 21 1.89 6.82 -11.02
C ILE C 21 3.03 6.11 -11.74
N LEU C 22 4.05 5.72 -11.00
CA LEU C 22 5.20 5.04 -11.60
C LEU C 22 4.83 3.63 -12.03
N TRP C 23 4.10 2.93 -11.17
CA TRP C 23 3.69 1.57 -11.46
C TRP C 23 2.72 1.53 -12.64
N ILE C 24 1.88 2.55 -12.72
CA ILE C 24 0.90 2.62 -13.80
C ILE C 24 1.60 2.71 -15.14
N LEU C 25 2.62 3.54 -15.20
CA LEU C 25 3.34 3.74 -16.45
C LEU C 25 3.97 2.42 -16.90
N ASP C 26 4.57 1.72 -15.96
CA ASP C 26 5.21 0.45 -16.27
C ASP C 26 4.20 -0.56 -16.81
N ARG C 27 3.00 -0.54 -16.21
CA ARG C 27 1.96 -1.47 -16.63
C ARG C 27 1.46 -1.12 -18.04
N LEU C 28 1.78 0.09 -18.48
CA LEU C 28 1.35 0.53 -19.79
C LEU C 28 1.94 -0.35 -20.87
N PHE C 29 3.21 -0.71 -20.73
CA PHE C 29 3.89 -1.55 -21.70
C PHE C 29 3.84 -3.01 -21.27
N PHE C 30 2.70 -3.42 -20.72
CA PHE C 30 2.52 -4.80 -20.26
C PHE C 30 3.03 -5.78 -21.32
N LYS C 31 3.36 -6.99 -20.89
CA LYS C 31 3.87 -8.00 -21.81
C LYS C 31 5.00 -7.44 -22.65
N SER D 1 -2.28 8.87 23.42
CA SER D 1 -1.98 7.76 22.48
C SER D 1 -1.80 6.46 23.26
N ASN D 2 -2.86 6.04 23.93
CA ASN D 2 -2.81 4.80 24.72
C ASN D 2 -2.57 3.60 23.82
N ASP D 3 -3.27 3.56 22.69
CA ASP D 3 -3.13 2.45 21.73
C ASP D 3 -3.11 2.97 20.30
N SER D 4 -3.19 4.29 20.15
CA SER D 4 -3.18 4.90 18.83
C SER D 4 -1.88 4.58 18.09
N SER D 5 -0.79 4.50 18.84
CA SER D 5 0.51 4.20 18.26
C SER D 5 0.61 2.72 17.91
N ASP D 6 -0.51 2.14 17.51
CA ASP D 6 -0.54 0.72 17.16
C ASP D 6 0.60 0.38 16.21
N PRO D 7 1.09 -0.84 16.26
CA PRO D 7 2.20 -1.30 15.38
C PRO D 7 1.76 -1.40 13.91
N LEU D 8 0.45 -1.50 13.69
CA LEU D 8 -0.07 -1.61 12.34
C LEU D 8 0.25 -0.35 11.54
N VAL D 9 0.09 0.81 12.17
CA VAL D 9 0.37 2.07 11.50
C VAL D 9 1.84 2.15 11.10
N VAL D 10 2.72 1.82 12.05
CA VAL D 10 4.16 1.86 11.79
C VAL D 10 4.53 0.86 10.71
N ALA D 11 3.98 -0.35 10.82
CA ALA D 11 4.27 -1.40 9.85
C ALA D 11 3.83 -0.97 8.44
N ALA D 12 2.67 -0.32 8.36
CA ALA D 12 2.16 0.13 7.08
C ALA D 12 3.19 1.02 6.38
N SER D 13 3.72 1.99 7.09
CA SER D 13 4.71 2.89 6.53
C SER D 13 5.95 2.13 6.10
N ILE D 14 6.38 1.19 6.93
CA ILE D 14 7.57 0.38 6.64
C ILE D 14 7.36 -0.45 5.38
N ILE D 15 6.17 -1.03 5.26
CA ILE D 15 5.85 -1.86 4.11
C ILE D 15 5.95 -1.06 2.82
N GLY D 16 5.43 0.16 2.85
CA GLY D 16 5.46 1.01 1.67
C GLY D 16 6.90 1.28 1.23
N ILE D 17 7.72 1.77 2.14
CA ILE D 17 9.11 2.07 1.83
C ILE D 17 9.89 0.79 1.56
N LEU D 18 9.70 -0.20 2.40
CA LEU D 18 10.40 -1.47 2.23
C LEU D 18 10.05 -2.12 0.90
N HIS D 19 8.76 -2.13 0.58
CA HIS D 19 8.30 -2.73 -0.66
C HIS D 19 8.84 -1.96 -1.85
N LEU D 20 8.84 -0.63 -1.74
CA LEU D 20 9.32 0.21 -2.82
C LEU D 20 10.79 -0.06 -3.12
N ILE D 21 11.58 -0.23 -2.09
CA ILE D 21 13.00 -0.48 -2.30
C ILE D 21 13.19 -1.74 -3.13
N LEU D 22 12.51 -2.81 -2.76
CA LEU D 22 12.62 -4.07 -3.49
C LEU D 22 11.96 -3.97 -4.85
N TRP D 23 10.79 -3.36 -4.90
CA TRP D 23 10.05 -3.21 -6.13
C TRP D 23 10.77 -2.28 -7.09
N ILE D 24 11.42 -1.27 -6.54
CA ILE D 24 12.14 -0.31 -7.36
C ILE D 24 13.27 -1.01 -8.09
N LEU D 25 13.99 -1.86 -7.38
CA LEU D 25 15.12 -2.54 -7.98
C LEU D 25 14.65 -3.43 -9.14
N ASP D 26 13.55 -4.11 -8.93
CA ASP D 26 13.01 -4.99 -9.96
C ASP D 26 12.62 -4.19 -11.20
N ARG D 27 12.05 -3.01 -10.97
CA ARG D 27 11.62 -2.15 -12.07
C ARG D 27 12.84 -1.62 -12.83
N LEU D 28 14.01 -1.71 -12.22
CA LEU D 28 15.22 -1.23 -12.84
C LEU D 28 15.49 -1.99 -14.13
N PHE D 29 15.29 -3.31 -14.09
CA PHE D 29 15.52 -4.14 -15.27
C PHE D 29 14.22 -4.36 -16.04
N PHE D 30 13.42 -3.30 -16.14
CA PHE D 30 12.15 -3.38 -16.85
C PHE D 30 12.34 -4.08 -18.20
N LYS D 31 11.25 -4.62 -18.73
CA LYS D 31 11.31 -5.31 -20.00
C LYS D 31 12.44 -6.33 -20.01
S 3LW E . -1.82 -0.15 3.37
BR 3LW E . -0.43 -2.33 1.94
C1 3LW E . -1.02 -0.55 2.22
C2 3LW E . -0.77 0.47 1.39
N2 3LW E . -2.04 2.35 5.18
C3 3LW E . -1.33 1.57 1.89
C5 3LW E . -2.70 2.27 3.87
C10 3LW E . -2.71 3.14 6.24
C12 3LW E . -1.96 1.28 3.04
C61 3LW E . -1.86 3.18 7.53
C62 3LW E . -4.10 2.53 6.62
C63 3LW E . -2.94 4.63 5.82
C71 3LW E . -2.55 3.99 8.65
C72 3LW E . -4.78 3.35 7.73
C73 3LW E . -3.64 5.43 6.94
C81 3LW E . -3.91 3.35 8.99
C82 3LW E . -5.01 4.79 7.25
C83 3LW E . -2.77 5.43 8.20
H2 3LW E . -0.19 0.41 0.46
H3 3LW E . -1.28 2.55 1.41
H5 3LW E . -3.75 1.91 3.97
H61 3LW E . -0.89 3.63 7.31
H81 3LW E . -3.76 2.34 9.32
H62 3LW E . -4.75 2.52 5.77
H82 3LW E . -5.61 4.78 6.35
HN2 3LW E . -1.09 2.75 5.03
H63 3LW E . -3.55 4.68 4.93
H83 3LW E . -1.81 5.88 7.96
H5A 3LW E . -2.70 3.25 3.36
H61A 3LW E . -1.69 2.16 7.88
H62A 3LW E . -3.95 1.52 6.98
H63A 3LW E . -1.99 5.10 5.61
H71 3LW E . -1.92 3.98 9.53
H72 3LW E . -5.74 2.90 7.96
H73 3LW E . -3.79 6.44 6.60
H81A 3LW E . -4.39 3.93 9.77
H82A 3LW E . -5.50 5.36 8.02
H83A 3LW E . -3.26 5.99 8.97
HN2A 3LW E . -1.92 1.37 5.53
N SER A 1 -16.06 1.07 20.79
CA SER A 1 -14.65 0.72 20.43
C SER A 1 -14.44 0.92 18.93
N ASN A 2 -15.52 0.77 18.17
CA ASN A 2 -15.45 0.94 16.71
C ASN A 2 -15.07 2.37 16.37
N ASP A 3 -15.63 3.32 17.11
CA ASP A 3 -15.36 4.74 16.87
C ASP A 3 -13.87 5.04 17.08
N SER A 4 -13.29 4.44 18.12
CA SER A 4 -11.88 4.66 18.42
C SER A 4 -11.01 4.20 17.26
N SER A 5 -11.32 3.02 16.72
CA SER A 5 -10.57 2.46 15.60
C SER A 5 -11.49 1.61 14.72
N ASP A 6 -11.59 1.98 13.45
CA ASP A 6 -12.43 1.25 12.52
C ASP A 6 -11.70 0.02 11.97
N PRO A 7 -12.42 -1.01 11.61
CA PRO A 7 -11.81 -2.27 11.06
C PRO A 7 -11.18 -2.05 9.68
N LEU A 8 -11.54 -0.95 9.04
CA LEU A 8 -11.01 -0.64 7.71
C LEU A 8 -9.49 -0.53 7.73
N VAL A 9 -8.96 0.11 8.78
CA VAL A 9 -7.53 0.28 8.89
C VAL A 9 -6.83 -1.08 9.00
N VAL A 10 -7.47 -2.00 9.71
CA VAL A 10 -6.91 -3.34 9.88
C VAL A 10 -6.75 -4.02 8.52
N ALA A 11 -7.77 -3.89 7.69
CA ALA A 11 -7.73 -4.49 6.36
C ALA A 11 -6.56 -3.93 5.56
N ALA A 12 -6.28 -2.64 5.74
CA ALA A 12 -5.18 -2.01 5.03
C ALA A 12 -3.87 -2.73 5.31
N SER A 13 -3.60 -3.00 6.58
CA SER A 13 -2.38 -3.69 6.96
C SER A 13 -2.34 -5.09 6.36
N ILE A 14 -3.50 -5.76 6.35
CA ILE A 14 -3.60 -7.10 5.80
C ILE A 14 -3.27 -7.10 4.31
N ILE A 15 -3.78 -6.10 3.60
CA ILE A 15 -3.54 -6.01 2.15
C ILE A 15 -2.05 -5.90 1.86
N GLY A 16 -1.35 -5.09 2.64
CA GLY A 16 0.09 -4.92 2.42
C GLY A 16 0.82 -6.25 2.59
N ILE A 17 0.58 -6.94 3.70
CA ILE A 17 1.23 -8.22 3.95
C ILE A 17 0.73 -9.29 2.99
N LEU A 18 -0.59 -9.34 2.79
CA LEU A 18 -1.18 -10.34 1.90
C LEU A 18 -0.68 -10.15 0.47
N HIS A 19 -0.70 -8.91 0.00
CA HIS A 19 -0.23 -8.61 -1.35
C HIS A 19 1.23 -8.99 -1.49
N LEU A 20 2.01 -8.70 -0.46
CA LEU A 20 3.44 -9.00 -0.50
C LEU A 20 3.69 -10.50 -0.67
N ILE A 21 2.90 -11.33 0.01
CA ILE A 21 3.11 -12.77 -0.12
C ILE A 21 2.90 -13.21 -1.56
N LEU A 22 1.80 -12.79 -2.17
CA LEU A 22 1.52 -13.15 -3.56
C LEU A 22 2.54 -12.51 -4.52
N TRP A 23 2.84 -11.24 -4.30
CA TRP A 23 3.80 -10.52 -5.16
C TRP A 23 5.21 -11.07 -4.99
N ILE A 24 5.57 -11.44 -3.77
CA ILE A 24 6.90 -11.99 -3.52
C ILE A 24 7.07 -13.29 -4.30
N LEU A 25 6.05 -14.14 -4.24
CA LEU A 25 6.09 -15.42 -4.94
C LEU A 25 6.17 -15.20 -6.45
N ASP A 26 5.46 -14.18 -6.95
CA ASP A 26 5.47 -13.89 -8.36
C ASP A 26 6.90 -13.73 -8.88
N ARG A 27 7.69 -12.94 -8.16
CA ARG A 27 9.09 -12.74 -8.54
C ARG A 27 9.88 -14.03 -8.42
N LEU A 28 9.56 -14.82 -7.39
CA LEU A 28 10.25 -16.07 -7.15
C LEU A 28 10.08 -17.02 -8.34
N PHE A 29 8.86 -17.11 -8.86
CA PHE A 29 8.58 -18.00 -9.99
C PHE A 29 8.77 -17.28 -11.32
N PHE A 30 7.94 -16.27 -11.58
CA PHE A 30 8.03 -15.51 -12.82
C PHE A 30 8.85 -14.24 -12.62
N LYS A 31 9.59 -13.85 -13.65
CA LYS A 31 10.42 -12.64 -13.56
C LYS A 31 10.45 -11.92 -14.92
N SER B 1 -17.41 15.42 12.39
CA SER B 1 -17.16 13.98 12.08
C SER B 1 -15.87 13.84 11.28
N ASN B 2 -15.53 14.88 10.53
CA ASN B 2 -14.31 14.87 9.73
C ASN B 2 -13.08 14.78 10.62
N ASP B 3 -13.11 15.49 11.74
CA ASP B 3 -11.99 15.47 12.68
C ASP B 3 -11.76 14.07 13.23
N SER B 4 -12.85 13.38 13.53
CA SER B 4 -12.76 12.02 14.07
C SER B 4 -12.06 11.10 13.09
N SER B 5 -12.44 11.21 11.81
CA SER B 5 -11.85 10.38 10.77
C SER B 5 -11.84 11.14 9.44
N ASP B 6 -10.66 11.33 8.87
CA ASP B 6 -10.52 12.05 7.61
C ASP B 6 -10.80 11.10 6.43
N PRO B 7 -11.28 11.62 5.32
CA PRO B 7 -11.59 10.80 4.11
C PRO B 7 -10.31 10.25 3.45
N LEU B 8 -9.16 10.81 3.81
CA LEU B 8 -7.89 10.39 3.24
C LEU B 8 -7.64 8.91 3.55
N VAL B 9 -7.95 8.49 4.76
CA VAL B 9 -7.74 7.09 5.16
C VAL B 9 -8.59 6.16 4.30
N VAL B 10 -9.80 6.61 3.99
CA VAL B 10 -10.72 5.81 3.17
C VAL B 10 -10.10 5.56 1.80
N ALA B 11 -9.51 6.60 1.22
CA ALA B 11 -8.88 6.47 -0.09
C ALA B 11 -7.76 5.44 -0.04
N ALA B 12 -7.03 5.40 1.08
CA ALA B 12 -5.94 4.45 1.23
C ALA B 12 -6.44 3.03 1.02
N SER B 13 -7.54 2.69 1.70
CA SER B 13 -8.12 1.35 1.58
C SER B 13 -8.55 1.07 0.15
N ILE B 14 -9.12 2.08 -0.50
CA ILE B 14 -9.58 1.95 -1.87
C ILE B 14 -8.40 1.66 -2.81
N ILE B 15 -7.29 2.35 -2.59
CA ILE B 15 -6.11 2.16 -3.44
C ILE B 15 -5.62 0.72 -3.36
N GLY B 16 -5.59 0.16 -2.15
CA GLY B 16 -5.13 -1.21 -1.98
C GLY B 16 -6.00 -2.18 -2.77
N ILE B 17 -7.32 -2.08 -2.59
CA ILE B 17 -8.24 -2.97 -3.30
C ILE B 17 -8.26 -2.66 -4.80
N LEU B 18 -8.32 -1.37 -5.13
CA LEU B 18 -8.36 -0.95 -6.54
C LEU B 18 -7.08 -1.39 -7.25
N HIS B 19 -5.94 -1.13 -6.63
CA HIS B 19 -4.67 -1.50 -7.23
C HIS B 19 -4.60 -3.01 -7.42
N LEU B 20 -5.09 -3.75 -6.44
CA LEU B 20 -5.07 -5.21 -6.51
C LEU B 20 -5.87 -5.73 -7.70
N ILE B 21 -7.01 -5.12 -7.99
CA ILE B 21 -7.80 -5.58 -9.12
C ILE B 21 -7.02 -5.44 -10.42
N LEU B 22 -6.43 -4.27 -10.64
CA LEU B 22 -5.65 -4.04 -11.85
C LEU B 22 -4.38 -4.90 -11.87
N TRP B 23 -3.69 -4.97 -10.73
CA TRP B 23 -2.46 -5.76 -10.64
C TRP B 23 -2.75 -7.25 -10.76
N ILE B 24 -3.86 -7.70 -10.19
CA ILE B 24 -4.23 -9.11 -10.26
C ILE B 24 -4.43 -9.51 -11.72
N LEU B 25 -5.15 -8.66 -12.45
CA LEU B 25 -5.43 -8.92 -13.86
C LEU B 25 -4.14 -8.93 -14.66
N ASP B 26 -3.21 -8.04 -14.31
CA ASP B 26 -1.94 -7.95 -15.02
C ASP B 26 -1.26 -9.32 -15.05
N ARG B 27 -1.19 -9.97 -13.89
CA ARG B 27 -0.59 -11.30 -13.81
C ARG B 27 -1.40 -12.32 -14.59
N LEU B 28 -2.73 -12.16 -14.56
CA LEU B 28 -3.61 -13.09 -15.25
C LEU B 28 -3.35 -13.07 -16.76
N PHE B 29 -3.17 -11.88 -17.31
CA PHE B 29 -2.91 -11.73 -18.75
C PHE B 29 -1.42 -11.77 -19.06
N PHE B 30 -0.70 -10.76 -18.58
CA PHE B 30 0.74 -10.69 -18.82
C PHE B 30 1.50 -11.26 -17.62
N LYS B 31 2.64 -11.90 -17.90
CA LYS B 31 3.46 -12.50 -16.85
C LYS B 31 4.93 -12.37 -17.18
N SER C 1 -1.34 19.95 17.22
CA SER C 1 -2.02 19.43 16.00
C SER C 1 -1.34 18.15 15.55
N ASN C 2 -0.05 18.03 15.85
CA ASN C 2 0.71 16.85 15.47
C ASN C 2 0.16 15.60 16.17
N ASP C 3 -0.21 15.76 17.43
CA ASP C 3 -0.74 14.65 18.21
C ASP C 3 -2.05 14.15 17.59
N SER C 4 -2.88 15.08 17.15
CA SER C 4 -4.16 14.70 16.54
C SER C 4 -3.94 13.85 15.30
N SER C 5 -2.98 14.26 14.48
CA SER C 5 -2.66 13.52 13.25
C SER C 5 -1.19 13.69 12.91
N ASP C 6 -0.48 12.57 12.83
CA ASP C 6 0.95 12.60 12.52
C ASP C 6 1.16 12.69 10.99
N PRO C 7 2.25 13.28 10.56
CA PRO C 7 2.57 13.42 9.10
C PRO C 7 2.87 12.08 8.44
N LEU C 8 3.13 11.06 9.26
CA LEU C 8 3.45 9.74 8.74
C LEU C 8 2.29 9.19 7.91
N VAL C 9 1.07 9.41 8.37
CA VAL C 9 -0.11 8.92 7.66
C VAL C 9 -0.21 9.58 6.29
N VAL C 10 0.14 10.85 6.23
CA VAL C 10 0.10 11.59 4.97
C VAL C 10 1.02 10.95 3.96
N ALA C 11 2.23 10.59 4.40
CA ALA C 11 3.20 9.96 3.51
C ALA C 11 2.63 8.65 2.95
N ALA C 12 1.88 7.92 3.78
CA ALA C 12 1.30 6.66 3.34
C ALA C 12 0.44 6.88 2.09
N SER C 13 -0.44 7.89 2.16
CA SER C 13 -1.30 8.19 1.03
C SER C 13 -0.48 8.57 -0.21
N ILE C 14 0.58 9.33 0.02
CA ILE C 14 1.44 9.78 -1.08
C ILE C 14 2.10 8.57 -1.76
N ILE C 15 2.56 7.62 -0.94
CA ILE C 15 3.22 6.43 -1.48
C ILE C 15 2.28 5.66 -2.41
N GLY C 16 1.02 5.52 -2.00
CA GLY C 16 0.06 4.79 -2.81
C GLY C 16 -0.11 5.47 -4.18
N ILE C 17 -0.38 6.77 -4.17
CA ILE C 17 -0.56 7.51 -5.41
C ILE C 17 0.75 7.61 -6.20
N LEU C 18 1.84 7.93 -5.50
CA LEU C 18 3.14 8.05 -6.15
C LEU C 18 3.57 6.73 -6.77
N HIS C 19 3.45 5.66 -6.01
CA HIS C 19 3.81 4.33 -6.50
C HIS C 19 2.98 3.97 -7.72
N LEU C 20 1.69 4.31 -7.66
CA LEU C 20 0.78 3.99 -8.76
C LEU C 20 1.21 4.68 -10.05
N ILE C 21 1.67 5.92 -9.96
CA ILE C 21 2.09 6.63 -11.17
C ILE C 21 3.26 5.90 -11.83
N LEU C 22 4.27 5.56 -11.04
CA LEU C 22 5.43 4.85 -11.58
C LEU C 22 5.06 3.44 -12.05
N TRP C 23 4.25 2.74 -11.24
CA TRP C 23 3.85 1.37 -11.57
C TRP C 23 2.91 1.35 -12.78
N ILE C 24 2.04 2.35 -12.88
CA ILE C 24 1.12 2.44 -14.01
C ILE C 24 1.90 2.57 -15.30
N LEU C 25 2.90 3.46 -15.28
CA LEU C 25 3.73 3.69 -16.46
C LEU C 25 4.50 2.43 -16.82
N ASP C 26 4.96 1.70 -15.81
CA ASP C 26 5.71 0.47 -16.05
C ASP C 26 4.93 -0.45 -16.97
N ARG C 27 3.66 -0.67 -16.65
CA ARG C 27 2.81 -1.53 -17.48
C ARG C 27 2.60 -0.91 -18.86
N LEU C 28 2.49 0.42 -18.91
CA LEU C 28 2.27 1.11 -20.17
C LEU C 28 3.43 0.87 -21.13
N PHE C 29 4.66 0.94 -20.61
CA PHE C 29 5.85 0.73 -21.45
C PHE C 29 6.25 -0.75 -21.47
N PHE C 30 6.67 -1.25 -20.32
CA PHE C 30 7.10 -2.66 -20.22
C PHE C 30 5.95 -3.53 -19.72
N LYS C 31 5.89 -4.76 -20.22
CA LYS C 31 4.83 -5.69 -19.83
C LYS C 31 5.37 -7.12 -19.76
N SER D 1 0.06 5.57 25.82
CA SER D 1 0.55 6.13 24.52
C SER D 1 0.13 5.20 23.38
N ASN D 2 0.00 3.92 23.70
CA ASN D 2 -0.39 2.93 22.69
C ASN D 2 -1.79 3.24 22.17
N ASP D 3 -2.68 3.63 23.08
CA ASP D 3 -4.06 3.94 22.70
C ASP D 3 -4.10 5.11 21.73
N SER D 4 -3.27 6.11 21.97
CA SER D 4 -3.22 7.29 21.10
C SER D 4 -2.82 6.89 19.68
N SER D 5 -1.81 6.03 19.58
CA SER D 5 -1.34 5.57 18.27
C SER D 5 -0.79 4.15 18.39
N ASP D 6 -1.37 3.22 17.63
CA ASP D 6 -0.93 1.83 17.66
C ASP D 6 0.29 1.63 16.76
N PRO D 7 1.14 0.68 17.06
CA PRO D 7 2.36 0.39 16.25
C PRO D 7 2.02 -0.18 14.87
N LEU D 8 0.78 -0.63 14.71
CA LEU D 8 0.35 -1.21 13.44
C LEU D 8 0.45 -0.19 12.31
N VAL D 9 0.08 1.05 12.59
CA VAL D 9 0.16 2.10 11.58
C VAL D 9 1.60 2.32 11.13
N VAL D 10 2.52 2.23 12.09
CA VAL D 10 3.93 2.42 11.78
C VAL D 10 4.40 1.37 10.78
N ALA D 11 3.98 0.13 10.99
CA ALA D 11 4.36 -0.96 10.09
C ALA D 11 3.86 -0.67 8.69
N ALA D 12 2.67 -0.08 8.59
CA ALA D 12 2.10 0.24 7.29
C ALA D 12 3.05 1.12 6.49
N SER D 13 3.55 2.17 7.12
CA SER D 13 4.47 3.08 6.45
C SER D 13 5.75 2.35 6.04
N ILE D 14 6.22 1.47 6.91
CA ILE D 14 7.42 0.70 6.63
C ILE D 14 7.24 -0.19 5.40
N ILE D 15 6.06 -0.83 5.31
CA ILE D 15 5.79 -1.72 4.19
C ILE D 15 5.85 -0.95 2.87
N GLY D 16 5.28 0.25 2.84
CA GLY D 16 5.30 1.05 1.63
C GLY D 16 6.72 1.35 1.18
N ILE D 17 7.54 1.86 2.09
CA ILE D 17 8.93 2.18 1.78
C ILE D 17 9.75 0.91 1.53
N LEU D 18 9.57 -0.09 2.39
CA LEU D 18 10.31 -1.35 2.25
C LEU D 18 9.96 -2.03 0.94
N HIS D 19 8.67 -2.11 0.64
CA HIS D 19 8.23 -2.74 -0.59
C HIS D 19 8.79 -2.00 -1.80
N LEU D 20 8.80 -0.68 -1.71
CA LEU D 20 9.29 0.14 -2.81
C LEU D 20 10.77 -0.16 -3.10
N ILE D 21 11.57 -0.34 -2.07
CA ILE D 21 12.99 -0.62 -2.29
C ILE D 21 13.15 -1.92 -3.08
N LEU D 22 12.47 -2.97 -2.65
CA LEU D 22 12.57 -4.26 -3.35
C LEU D 22 11.94 -4.17 -4.75
N TRP D 23 10.77 -3.54 -4.85
CA TRP D 23 10.08 -3.40 -6.12
C TRP D 23 10.85 -2.50 -7.09
N ILE D 24 11.46 -1.44 -6.55
CA ILE D 24 12.23 -0.53 -7.38
C ILE D 24 13.40 -1.28 -8.03
N LEU D 25 14.09 -2.07 -7.21
CA LEU D 25 15.23 -2.86 -7.69
C LEU D 25 14.77 -3.87 -8.75
N ASP D 26 13.60 -4.45 -8.53
CA ASP D 26 13.08 -5.44 -9.47
C ASP D 26 13.06 -4.86 -10.89
N ARG D 27 12.52 -3.66 -11.03
CA ARG D 27 12.46 -3.00 -12.33
C ARG D 27 13.87 -2.68 -12.83
N LEU D 28 14.75 -2.30 -11.92
CA LEU D 28 16.13 -1.96 -12.28
C LEU D 28 16.83 -3.16 -12.92
N PHE D 29 16.65 -4.33 -12.34
CA PHE D 29 17.29 -5.54 -12.86
C PHE D 29 16.40 -6.24 -13.90
N PHE D 30 15.26 -6.75 -13.44
CA PHE D 30 14.33 -7.45 -14.32
C PHE D 30 13.24 -6.49 -14.81
N LYS D 31 12.80 -6.68 -16.05
CA LYS D 31 11.75 -5.83 -16.63
C LYS D 31 10.84 -6.65 -17.53
S 3LW E . -0.14 2.31 4.25
BR 3LW E . 1.85 2.59 2.06
C1 3LW E . 0.24 1.98 2.87
C2 3LW E . -0.67 1.21 2.27
N2 3LW E . -3.25 2.67 5.43
C3 3LW E . -1.68 0.98 3.13
C5 3LW E . -2.32 1.54 5.50
C10 3LW E . -3.43 3.50 6.64
C12 3LW E . -1.42 1.59 4.30
C61 3LW E . -3.96 2.69 7.86
C62 3LW E . -4.48 4.63 6.37
C63 3LW E . -2.11 4.19 7.10
C71 3LW E . -4.17 3.59 9.09
C72 3LW E . -4.68 5.52 7.61
C73 3LW E . -2.33 5.08 8.32
C81 3LW E . -5.19 4.69 8.79
C82 3LW E . -3.34 6.18 7.99
C83 3LW E . -2.84 4.24 9.49
H2 3LW E . -0.62 0.83 1.24
H3 3LW E . -2.55 0.38 2.88
H5 3LW E . -1.67 1.60 6.40
H61 3LW E . -3.26 1.91 8.12
H81 3LW E . -6.14 4.23 8.51
H62 3LW E . -4.13 5.25 5.55
H82 3LW E . -2.99 6.75 7.15
HN2 3LW E . -4.19 2.29 5.17
H63 3LW E . -1.71 4.79 6.29
H83 3LW E . -2.13 3.46 9.71
H5A 3LW E . -2.86 0.58 5.50
H61A 3LW E . -4.91 2.22 7.61
H62A 3LW E . -5.42 4.18 6.10
H63A 3LW E . -1.38 3.43 7.35
H71 3LW E . -4.52 3.00 9.91
H72 3LW E . -5.39 6.29 7.38
H73 3LW E . -1.39 5.55 8.61
H81A 3LW E . -5.32 5.32 9.65
H82A 3LW E . -3.49 6.82 8.84
H83A 3LW E . -2.99 4.86 10.36
HN2A 3LW E . -2.93 3.30 4.65
N SER A 1 -8.31 2.13 20.40
CA SER A 1 -8.64 0.91 19.61
C SER A 1 -9.89 1.18 18.76
N ASN A 2 -10.55 2.30 19.03
CA ASN A 2 -11.75 2.66 18.29
C ASN A 2 -11.43 2.88 16.81
N ASP A 3 -10.31 3.53 16.54
CA ASP A 3 -9.90 3.80 15.17
C ASP A 3 -9.63 2.49 14.43
N SER A 4 -8.98 1.56 15.11
CA SER A 4 -8.65 0.27 14.51
C SER A 4 -9.87 -0.65 14.50
N SER A 5 -10.96 -0.20 15.12
CA SER A 5 -12.18 -0.99 15.16
C SER A 5 -12.71 -1.23 13.75
N ASP A 6 -12.61 -0.22 12.91
CA ASP A 6 -13.10 -0.33 11.54
C ASP A 6 -12.27 -1.34 10.75
N PRO A 7 -12.88 -2.04 9.81
CA PRO A 7 -12.17 -3.05 8.97
C PRO A 7 -11.19 -2.39 7.99
N LEU A 8 -11.37 -1.10 7.76
CA LEU A 8 -10.52 -0.37 6.83
C LEU A 8 -9.07 -0.35 7.31
N VAL A 9 -8.88 -0.11 8.60
CA VAL A 9 -7.54 -0.08 9.17
C VAL A 9 -6.88 -1.45 9.10
N VAL A 10 -7.61 -2.46 9.57
CA VAL A 10 -7.10 -3.83 9.55
C VAL A 10 -6.92 -4.32 8.13
N ALA A 11 -7.90 -4.07 7.29
CA ALA A 11 -7.83 -4.51 5.90
C ALA A 11 -6.63 -3.89 5.21
N ALA A 12 -6.35 -2.62 5.52
CA ALA A 12 -5.22 -1.94 4.91
C ALA A 12 -3.94 -2.71 5.16
N SER A 13 -3.69 -3.05 6.41
CA SER A 13 -2.49 -3.81 6.77
C SER A 13 -2.51 -5.18 6.11
N ILE A 14 -3.69 -5.79 6.03
CA ILE A 14 -3.84 -7.11 5.43
C ILE A 14 -3.47 -7.06 3.95
N ILE A 15 -3.91 -6.03 3.25
CA ILE A 15 -3.62 -5.91 1.83
C ILE A 15 -2.12 -5.87 1.59
N GLY A 16 -1.41 -5.08 2.39
CA GLY A 16 0.04 -4.98 2.25
C GLY A 16 0.72 -6.32 2.54
N ILE A 17 0.28 -6.98 3.61
CA ILE A 17 0.88 -8.27 3.99
C ILE A 17 0.54 -9.38 2.98
N LEU A 18 -0.75 -9.54 2.69
CA LEU A 18 -1.20 -10.58 1.77
C LEU A 18 -0.66 -10.32 0.36
N HIS A 19 -0.71 -9.08 -0.07
CA HIS A 19 -0.23 -8.72 -1.39
C HIS A 19 1.24 -9.08 -1.53
N LEU A 20 2.01 -8.81 -0.47
CA LEU A 20 3.44 -9.10 -0.48
C LEU A 20 3.70 -10.59 -0.65
N ILE A 21 2.89 -11.42 -0.01
CA ILE A 21 3.09 -12.85 -0.11
C ILE A 21 2.98 -13.30 -1.57
N LEU A 22 1.92 -12.87 -2.23
CA LEU A 22 1.71 -13.23 -3.63
C LEU A 22 2.72 -12.54 -4.54
N TRP A 23 2.95 -11.25 -4.29
CA TRP A 23 3.89 -10.48 -5.09
C TRP A 23 5.32 -11.00 -4.91
N ILE A 24 5.66 -11.40 -3.70
CA ILE A 24 6.99 -11.92 -3.40
C ILE A 24 7.25 -13.18 -4.23
N LEU A 25 6.27 -14.06 -4.27
CA LEU A 25 6.40 -15.31 -5.02
C LEU A 25 6.64 -15.02 -6.50
N ASP A 26 5.93 -14.03 -7.03
CA ASP A 26 6.08 -13.66 -8.44
C ASP A 26 7.54 -13.32 -8.75
N ARG A 27 8.16 -12.55 -7.86
CA ARG A 27 9.55 -12.16 -8.05
C ARG A 27 10.46 -13.38 -8.08
N LEU A 28 10.07 -14.42 -7.35
CA LEU A 28 10.88 -15.64 -7.29
C LEU A 28 11.03 -16.23 -8.70
N PHE A 29 9.93 -16.29 -9.44
CA PHE A 29 9.97 -16.83 -10.80
C PHE A 29 10.89 -16.00 -11.68
N PHE A 30 10.76 -14.67 -11.60
CA PHE A 30 11.59 -13.77 -12.39
C PHE A 30 12.06 -12.60 -11.55
N LYS A 31 13.31 -12.17 -11.76
CA LYS A 31 13.87 -11.06 -11.02
C LYS A 31 13.49 -9.73 -11.67
N SER B 1 -15.21 8.06 14.03
CA SER B 1 -15.44 8.17 12.56
C SER B 1 -14.82 9.45 12.04
N ASN B 2 -14.38 10.31 12.95
CA ASN B 2 -13.76 11.58 12.58
C ASN B 2 -12.47 11.34 11.81
N ASP B 3 -11.68 10.37 12.26
CA ASP B 3 -10.42 10.05 11.60
C ASP B 3 -10.66 9.53 10.18
N SER B 4 -11.70 8.72 10.03
CA SER B 4 -12.03 8.16 8.72
C SER B 4 -12.78 9.19 7.87
N SER B 5 -13.11 10.32 8.47
CA SER B 5 -13.83 11.37 7.76
C SER B 5 -13.00 11.88 6.59
N ASP B 6 -11.68 11.98 6.79
CA ASP B 6 -10.80 12.47 5.74
C ASP B 6 -10.74 11.48 4.57
N PRO B 7 -10.58 11.95 3.36
CA PRO B 7 -10.49 11.08 2.16
C PRO B 7 -9.20 10.27 2.12
N LEU B 8 -8.21 10.70 2.91
CA LEU B 8 -6.93 10.02 2.93
C LEU B 8 -7.08 8.59 3.45
N VAL B 9 -7.86 8.42 4.51
CA VAL B 9 -8.07 7.09 5.08
C VAL B 9 -8.82 6.20 4.10
N VAL B 10 -9.93 6.71 3.56
CA VAL B 10 -10.73 5.96 2.61
C VAL B 10 -9.95 5.70 1.34
N ALA B 11 -9.30 6.74 0.84
CA ALA B 11 -8.52 6.62 -0.39
C ALA B 11 -7.43 5.56 -0.24
N ALA B 12 -6.81 5.53 0.94
CA ALA B 12 -5.76 4.56 1.19
C ALA B 12 -6.27 3.14 0.95
N SER B 13 -7.40 2.81 1.56
CA SER B 13 -7.98 1.48 1.39
C SER B 13 -8.36 1.25 -0.07
N ILE B 14 -8.87 2.31 -0.72
CA ILE B 14 -9.28 2.21 -2.11
C ILE B 14 -8.10 1.88 -3.01
N ILE B 15 -6.96 2.53 -2.76
CA ILE B 15 -5.77 2.29 -3.57
C ILE B 15 -5.36 0.83 -3.49
N GLY B 16 -5.36 0.27 -2.30
CA GLY B 16 -4.99 -1.13 -2.14
C GLY B 16 -5.97 -2.05 -2.84
N ILE B 17 -7.26 -1.78 -2.69
CA ILE B 17 -8.29 -2.61 -3.30
C ILE B 17 -8.30 -2.47 -4.83
N LEU B 18 -8.37 -1.23 -5.32
CA LEU B 18 -8.41 -0.97 -6.75
C LEU B 18 -7.11 -1.42 -7.42
N HIS B 19 -5.99 -1.12 -6.79
CA HIS B 19 -4.70 -1.50 -7.33
C HIS B 19 -4.63 -3.01 -7.49
N LEU B 20 -5.14 -3.74 -6.50
CA LEU B 20 -5.12 -5.20 -6.54
C LEU B 20 -5.92 -5.73 -7.72
N ILE B 21 -7.04 -5.11 -8.01
CA ILE B 21 -7.87 -5.57 -9.12
C ILE B 21 -7.08 -5.52 -10.42
N LEU B 22 -6.44 -4.38 -10.68
CA LEU B 22 -5.66 -4.22 -11.90
C LEU B 22 -4.38 -5.06 -11.85
N TRP B 23 -3.71 -5.05 -10.70
CA TRP B 23 -2.48 -5.81 -10.54
C TRP B 23 -2.75 -7.31 -10.62
N ILE B 24 -3.88 -7.75 -10.07
CA ILE B 24 -4.24 -9.16 -10.09
C ILE B 24 -4.40 -9.64 -11.53
N LEU B 25 -5.07 -8.83 -12.35
CA LEU B 25 -5.30 -9.20 -13.75
C LEU B 25 -3.97 -9.35 -14.47
N ASP B 26 -3.02 -8.45 -14.18
CA ASP B 26 -1.71 -8.51 -14.81
C ASP B 26 -1.05 -9.87 -14.58
N ARG B 27 -1.14 -10.35 -13.35
CA ARG B 27 -0.55 -11.63 -13.00
C ARG B 27 -1.20 -12.76 -13.81
N LEU B 28 -2.47 -12.59 -14.15
CA LEU B 28 -3.18 -13.61 -14.90
C LEU B 28 -2.49 -13.84 -16.25
N PHE B 29 -2.12 -12.75 -16.92
CA PHE B 29 -1.44 -12.87 -18.22
C PHE B 29 -0.11 -13.60 -18.06
N PHE B 30 0.66 -13.21 -17.05
CA PHE B 30 1.96 -13.85 -16.80
C PHE B 30 2.14 -14.10 -15.30
N LYS B 31 2.75 -15.25 -14.98
CA LYS B 31 2.99 -15.59 -13.58
C LYS B 31 4.28 -14.97 -13.08
N SER C 1 -7.10 16.14 13.42
CA SER C 1 -5.97 16.41 12.48
C SER C 1 -4.65 16.06 13.15
N ASN C 2 -4.70 15.78 14.44
CA ASN C 2 -3.51 15.44 15.19
C ASN C 2 -2.91 14.13 14.67
N ASP C 3 -3.76 13.16 14.36
CA ASP C 3 -3.30 11.88 13.85
C ASP C 3 -2.63 12.05 12.49
N SER C 4 -3.21 12.91 11.65
CA SER C 4 -2.66 13.15 10.32
C SER C 4 -1.46 14.10 10.40
N SER C 5 -1.22 14.62 11.59
CA SER C 5 -0.10 15.55 11.78
C SER C 5 1.22 14.86 11.47
N ASP C 6 1.33 13.59 11.84
CA ASP C 6 2.56 12.83 11.60
C ASP C 6 2.78 12.60 10.10
N PRO C 7 4.01 12.56 9.65
CA PRO C 7 4.33 12.33 8.20
C PRO C 7 4.00 10.90 7.77
N LEU C 8 3.86 10.01 8.74
CA LEU C 8 3.57 8.61 8.43
C LEU C 8 2.23 8.48 7.72
N VAL C 9 1.22 9.19 8.21
CA VAL C 9 -0.11 9.13 7.61
C VAL C 9 -0.09 9.71 6.20
N VAL C 10 0.49 10.90 6.07
CA VAL C 10 0.58 11.57 4.77
C VAL C 10 1.46 10.77 3.82
N ALA C 11 2.62 10.34 4.33
CA ALA C 11 3.55 9.58 3.51
C ALA C 11 2.89 8.31 3.00
N ALA C 12 2.10 7.67 3.84
CA ALA C 12 1.42 6.44 3.44
C ALA C 12 0.60 6.67 2.18
N SER C 13 -0.24 7.70 2.21
CA SER C 13 -1.07 8.03 1.06
C SER C 13 -0.21 8.40 -0.15
N ILE C 14 0.90 9.10 0.11
CA ILE C 14 1.80 9.52 -0.96
C ILE C 14 2.42 8.30 -1.64
N ILE C 15 2.82 7.31 -0.85
CA ILE C 15 3.44 6.12 -1.42
C ILE C 15 2.48 5.43 -2.38
N GLY C 16 1.22 5.29 -1.98
CA GLY C 16 0.23 4.65 -2.84
C GLY C 16 0.00 5.45 -4.11
N ILE C 17 -0.11 6.78 -3.98
CA ILE C 17 -0.35 7.63 -5.13
C ILE C 17 0.86 7.70 -6.06
N LEU C 18 2.02 8.03 -5.49
CA LEU C 18 3.25 8.14 -6.28
C LEU C 18 3.63 6.79 -6.89
N HIS C 19 3.53 5.73 -6.10
CA HIS C 19 3.86 4.41 -6.58
C HIS C 19 2.99 4.04 -7.78
N LEU C 20 1.71 4.39 -7.70
CA LEU C 20 0.77 4.08 -8.78
C LEU C 20 1.18 4.79 -10.06
N ILE C 21 1.64 6.02 -9.96
CA ILE C 21 2.03 6.76 -11.15
C ILE C 21 3.15 6.02 -11.90
N LEU C 22 4.18 5.63 -11.16
CA LEU C 22 5.30 4.91 -11.75
C LEU C 22 4.89 3.50 -12.17
N TRP C 23 4.15 2.82 -11.30
CA TRP C 23 3.70 1.45 -11.58
C TRP C 23 2.73 1.43 -12.76
N ILE C 24 1.88 2.45 -12.85
CA ILE C 24 0.91 2.53 -13.95
C ILE C 24 1.63 2.61 -15.28
N LEU C 25 2.67 3.46 -15.34
CA LEU C 25 3.42 3.63 -16.57
C LEU C 25 4.07 2.31 -17.00
N ASP C 26 4.56 1.55 -16.03
CA ASP C 26 5.19 0.27 -16.34
C ASP C 26 4.21 -0.65 -17.07
N ARG C 27 2.98 -0.68 -16.60
CA ARG C 27 1.96 -1.51 -17.22
C ARG C 27 1.72 -1.09 -18.66
N LEU C 28 1.90 0.20 -18.94
CA LEU C 28 1.68 0.72 -20.28
C LEU C 28 2.61 0.02 -21.27
N PHE C 29 3.89 -0.12 -20.90
CA PHE C 29 4.85 -0.77 -21.76
C PHE C 29 4.46 -2.22 -22.02
N PHE C 30 4.07 -2.93 -20.96
CA PHE C 30 3.66 -4.33 -21.07
C PHE C 30 2.41 -4.59 -20.23
N LYS C 31 1.51 -5.41 -20.75
CA LYS C 31 0.28 -5.74 -20.03
C LYS C 31 0.53 -6.90 -19.07
N SER D 1 -0.09 9.99 19.86
CA SER D 1 0.93 8.94 19.58
C SER D 1 0.37 7.58 19.95
N ASN D 2 -0.78 7.57 20.61
CA ASN D 2 -1.40 6.32 21.02
C ASN D 2 -1.80 5.49 19.79
N ASP D 3 -2.32 6.16 18.78
CA ASP D 3 -2.73 5.47 17.56
C ASP D 3 -1.52 4.85 16.86
N SER D 4 -0.42 5.57 16.84
CA SER D 4 0.80 5.09 16.20
C SER D 4 1.52 4.09 17.09
N SER D 5 1.02 3.94 18.32
CA SER D 5 1.64 3.01 19.26
C SER D 5 1.59 1.59 18.73
N ASP D 6 0.48 1.24 18.07
CA ASP D 6 0.32 -0.10 17.53
C ASP D 6 1.31 -0.34 16.38
N PRO D 7 1.77 -1.57 16.21
CA PRO D 7 2.73 -1.91 15.12
C PRO D 7 2.07 -1.86 13.74
N LEU D 8 0.75 -1.89 13.73
CA LEU D 8 0.01 -1.87 12.47
C LEU D 8 0.27 -0.57 11.70
N VAL D 9 0.25 0.56 12.42
CA VAL D 9 0.48 1.85 11.79
C VAL D 9 1.91 1.94 11.27
N VAL D 10 2.87 1.60 12.12
CA VAL D 10 4.28 1.64 11.75
C VAL D 10 4.57 0.63 10.65
N ALA D 11 4.07 -0.58 10.83
CA ALA D 11 4.30 -1.64 9.86
C ALA D 11 3.75 -1.23 8.49
N ALA D 12 2.59 -0.57 8.49
CA ALA D 12 1.99 -0.13 7.24
C ALA D 12 2.97 0.73 6.45
N SER D 13 3.53 1.74 7.11
CA SER D 13 4.49 2.62 6.45
C SER D 13 5.72 1.84 6.02
N ILE D 14 6.14 0.90 6.86
CA ILE D 14 7.32 0.09 6.57
C ILE D 14 7.10 -0.73 5.31
N ILE D 15 5.93 -1.33 5.17
CA ILE D 15 5.63 -2.15 4.00
C ILE D 15 5.76 -1.32 2.73
N GLY D 16 5.21 -0.12 2.73
CA GLY D 16 5.30 0.73 1.55
C GLY D 16 6.74 1.12 1.24
N ILE D 17 7.49 1.48 2.28
CA ILE D 17 8.89 1.89 2.10
C ILE D 17 9.78 0.71 1.69
N LEU D 18 9.72 -0.38 2.45
CA LEU D 18 10.54 -1.57 2.17
C LEU D 18 10.15 -2.19 0.84
N HIS D 19 8.85 -2.28 0.58
CA HIS D 19 8.38 -2.86 -0.66
C HIS D 19 8.91 -2.06 -1.85
N LEU D 20 8.91 -0.74 -1.71
CA LEU D 20 9.38 0.13 -2.79
C LEU D 20 10.85 -0.13 -3.09
N ILE D 21 11.65 -0.36 -2.06
CA ILE D 21 13.07 -0.59 -2.28
C ILE D 21 13.28 -1.82 -3.15
N LEU D 22 12.60 -2.91 -2.81
CA LEU D 22 12.73 -4.15 -3.59
C LEU D 22 12.05 -4.01 -4.94
N TRP D 23 10.85 -3.41 -4.95
CA TRP D 23 10.11 -3.23 -6.20
C TRP D 23 10.84 -2.27 -7.14
N ILE D 24 11.46 -1.25 -6.57
CA ILE D 24 12.19 -0.27 -7.37
C ILE D 24 13.35 -0.96 -8.12
N LEU D 25 14.07 -1.81 -7.41
CA LEU D 25 15.19 -2.52 -8.02
C LEU D 25 14.73 -3.39 -9.18
N ASP D 26 13.58 -4.03 -9.00
CA ASP D 26 13.02 -4.89 -10.06
C ASP D 26 12.84 -4.10 -11.35
N ARG D 27 12.31 -2.89 -11.23
CA ARG D 27 12.09 -2.03 -12.38
C ARG D 27 13.41 -1.72 -13.07
N LEU D 28 14.48 -1.64 -12.30
CA LEU D 28 15.79 -1.33 -12.86
C LEU D 28 16.18 -2.37 -13.90
N PHE D 29 15.98 -3.64 -13.58
CA PHE D 29 16.31 -4.73 -14.51
C PHE D 29 15.49 -4.59 -15.79
N PHE D 30 14.19 -4.36 -15.63
CA PHE D 30 13.30 -4.21 -16.79
C PHE D 30 12.33 -3.04 -16.58
N LYS D 31 12.07 -2.31 -17.65
CA LYS D 31 11.16 -1.17 -17.58
C LYS D 31 9.71 -1.63 -17.73
S 3LW E . -1.37 -0.02 4.23
BR 3LW E . -0.87 -2.49 2.66
C1 3LW E . -0.98 -0.61 2.95
C2 3LW E . -0.72 0.31 2.02
N2 3LW E . -2.90 2.36 5.35
C3 3LW E . -0.90 1.52 2.56
C5 3LW E . -1.57 2.55 4.76
C10 3LW E . -3.31 3.24 6.47
C12 3LW E . -1.28 1.41 3.84
C61 3LW E . -4.75 2.89 6.95
C62 3LW E . -3.32 4.75 6.08
C63 3LW E . -2.38 3.07 7.72
C71 3LW E . -5.19 3.79 8.12
C72 3LW E . -3.75 5.63 7.27
C73 3LW E . -2.83 3.98 8.88
C81 3LW E . -5.18 5.27 7.69
C82 3LW E . -2.80 5.44 8.45
C83 3LW E . -4.25 3.61 9.32
H2 3LW E . -0.41 0.11 0.99
H3 3LW E . -0.74 2.46 1.99
H5 3LW E . -1.53 3.50 4.16
H61 3LW E . -4.78 1.86 7.27
H81 3LW E . -5.85 5.41 6.87
H62 3LW E . -2.33 5.05 5.78
H82 3LW E . -1.79 5.71 8.14
HN2 3LW E . -2.95 1.37 5.68
H63 3LW E . -1.37 3.33 7.45
H83 3LW E . -4.28 2.58 9.64
H5A 3LW E . -0.78 2.60 5.54
H61A 3LW E . -5.44 3.03 6.13
H62A 3LW E . -4.00 4.90 5.27
H63A 3LW E . -2.40 2.05 8.04
H71 3LW E . -6.20 3.52 8.43
H72 3LW E . -3.74 6.66 6.96
H73 3LW E . -2.16 3.83 9.71
H81A 3LW E . -5.47 5.88 8.53
H82A 3LW E . -3.10 6.08 9.27
H83A 3LW E . -4.56 4.26 10.13
HN2A 3LW E . -3.61 2.47 4.58
N SER A 1 -10.87 -6.90 20.45
CA SER A 1 -12.30 -6.50 20.50
C SER A 1 -12.43 -5.02 20.12
N ASN A 2 -11.92 -4.15 20.97
CA ASN A 2 -11.98 -2.71 20.72
C ASN A 2 -11.19 -2.37 19.46
N ASP A 3 -10.03 -2.99 19.30
CA ASP A 3 -9.19 -2.73 18.14
C ASP A 3 -9.84 -3.27 16.87
N SER A 4 -10.75 -4.23 17.03
CA SER A 4 -11.46 -4.82 15.90
C SER A 4 -12.63 -3.94 15.48
N SER A 5 -12.84 -2.86 16.22
CA SER A 5 -13.94 -1.94 15.92
C SER A 5 -13.78 -1.37 14.52
N ASP A 6 -12.55 -0.98 14.18
CA ASP A 6 -12.28 -0.41 12.85
C ASP A 6 -11.62 -1.46 11.94
N PRO A 7 -12.35 -2.04 11.00
CA PRO A 7 -11.79 -3.08 10.08
C PRO A 7 -10.90 -2.47 9.01
N LEU A 8 -11.01 -1.16 8.82
CA LEU A 8 -10.21 -0.49 7.81
C LEU A 8 -8.73 -0.59 8.12
N VAL A 9 -8.38 -0.37 9.39
CA VAL A 9 -6.99 -0.45 9.81
C VAL A 9 -6.46 -1.87 9.65
N VAL A 10 -7.26 -2.83 10.11
CA VAL A 10 -6.86 -4.24 10.02
C VAL A 10 -6.72 -4.66 8.56
N ALA A 11 -7.69 -4.28 7.74
CA ALA A 11 -7.66 -4.62 6.33
C ALA A 11 -6.42 -4.04 5.66
N ALA A 12 -6.07 -2.81 6.03
CA ALA A 12 -4.90 -2.16 5.45
C ALA A 12 -3.66 -3.02 5.63
N SER A 13 -3.46 -3.50 6.85
CA SER A 13 -2.29 -4.35 7.14
C SER A 13 -2.38 -5.66 6.37
N ILE A 14 -3.58 -6.22 6.30
CA ILE A 14 -3.79 -7.48 5.59
C ILE A 14 -3.52 -7.31 4.10
N ILE A 15 -4.00 -6.21 3.54
CA ILE A 15 -3.81 -5.95 2.11
C ILE A 15 -2.33 -5.86 1.78
N GLY A 16 -1.57 -5.15 2.60
CA GLY A 16 -0.15 -4.99 2.36
C GLY A 16 0.59 -6.31 2.53
N ILE A 17 0.37 -6.96 3.68
CA ILE A 17 1.03 -8.23 3.95
C ILE A 17 0.57 -9.32 2.98
N LEU A 18 -0.73 -9.38 2.75
CA LEU A 18 -1.28 -10.38 1.86
C LEU A 18 -0.75 -10.21 0.43
N HIS A 19 -0.73 -8.97 -0.03
CA HIS A 19 -0.26 -8.66 -1.37
C HIS A 19 1.21 -9.05 -1.50
N LEU A 20 1.99 -8.78 -0.46
CA LEU A 20 3.41 -9.10 -0.47
C LEU A 20 3.63 -10.58 -0.63
N ILE A 21 2.80 -11.38 0.00
CA ILE A 21 2.96 -12.83 -0.10
C ILE A 21 2.80 -13.28 -1.55
N LEU A 22 1.79 -12.75 -2.22
CA LEU A 22 1.56 -13.12 -3.61
C LEU A 22 2.58 -12.47 -4.54
N TRP A 23 2.90 -11.21 -4.27
CA TRP A 23 3.85 -10.48 -5.09
C TRP A 23 5.27 -11.00 -4.90
N ILE A 24 5.67 -11.18 -3.66
CA ILE A 24 7.01 -11.65 -3.36
C ILE A 24 7.24 -13.03 -3.97
N LEU A 25 6.21 -13.87 -3.92
CA LEU A 25 6.31 -15.21 -4.48
C LEU A 25 6.57 -15.15 -5.97
N ASP A 26 5.93 -14.21 -6.65
CA ASP A 26 6.11 -14.07 -8.08
C ASP A 26 7.57 -13.71 -8.40
N ARG A 27 8.16 -12.87 -7.57
CA ARG A 27 9.54 -12.46 -7.77
C ARG A 27 10.50 -13.53 -7.26
N LEU A 28 10.00 -14.42 -6.44
CA LEU A 28 10.82 -15.49 -5.88
C LEU A 28 11.40 -16.35 -6.99
N PHE A 29 10.53 -16.72 -7.95
CA PHE A 29 10.96 -17.56 -9.06
C PHE A 29 11.53 -16.71 -10.19
N PHE A 30 10.93 -15.55 -10.42
CA PHE A 30 11.38 -14.65 -11.48
C PHE A 30 12.24 -13.53 -10.90
N LYS A 31 13.38 -13.29 -11.54
CA LYS A 31 14.28 -12.25 -11.09
C LYS A 31 15.27 -11.87 -12.19
N SER B 1 -21.07 9.31 7.10
CA SER B 1 -21.05 10.79 7.21
C SER B 1 -19.82 11.22 8.00
N ASN B 2 -19.80 10.88 9.28
CA ASN B 2 -18.67 11.25 10.14
C ASN B 2 -17.40 10.55 9.67
N ASP B 3 -17.53 9.28 9.28
CA ASP B 3 -16.38 8.51 8.80
C ASP B 3 -15.89 9.05 7.47
N SER B 4 -16.77 9.75 6.75
CA SER B 4 -16.41 10.31 5.46
C SER B 4 -15.68 11.64 5.64
N SER B 5 -15.55 12.07 6.89
CA SER B 5 -14.88 13.33 7.19
C SER B 5 -13.45 13.29 6.68
N ASP B 6 -12.76 12.17 6.92
CA ASP B 6 -11.37 12.02 6.47
C ASP B 6 -11.29 11.17 5.20
N PRO B 7 -11.08 11.77 4.04
CA PRO B 7 -11.01 11.01 2.75
C PRO B 7 -9.69 10.25 2.60
N LEU B 8 -8.71 10.63 3.40
CA LEU B 8 -7.40 10.00 3.34
C LEU B 8 -7.50 8.52 3.70
N VAL B 9 -8.26 8.23 4.75
CA VAL B 9 -8.42 6.85 5.19
C VAL B 9 -9.18 6.04 4.14
N VAL B 10 -10.25 6.62 3.62
CA VAL B 10 -11.05 5.95 2.60
C VAL B 10 -10.24 5.73 1.34
N ALA B 11 -9.50 6.75 0.93
CA ALA B 11 -8.68 6.66 -0.28
C ALA B 11 -7.62 5.57 -0.11
N ALA B 12 -7.04 5.48 1.07
CA ALA B 12 -6.02 4.47 1.34
C ALA B 12 -6.55 3.08 1.01
N SER B 13 -7.74 2.76 1.52
CA SER B 13 -8.35 1.46 1.27
C SER B 13 -8.66 1.28 -0.22
N ILE B 14 -9.14 2.34 -0.84
CA ILE B 14 -9.47 2.30 -2.27
C ILE B 14 -8.22 2.07 -3.09
N ILE B 15 -7.15 2.76 -2.76
CA ILE B 15 -5.90 2.63 -3.50
C ILE B 15 -5.39 1.19 -3.44
N GLY B 16 -5.42 0.60 -2.26
CA GLY B 16 -4.95 -0.76 -2.10
C GLY B 16 -5.85 -1.76 -2.83
N ILE B 17 -7.14 -1.68 -2.56
CA ILE B 17 -8.09 -2.58 -3.19
C ILE B 17 -8.15 -2.35 -4.70
N LEU B 18 -8.20 -1.08 -5.09
CA LEU B 18 -8.28 -0.75 -6.51
C LEU B 18 -7.04 -1.23 -7.25
N HIS B 19 -5.88 -1.00 -6.67
CA HIS B 19 -4.62 -1.40 -7.28
C HIS B 19 -4.57 -2.91 -7.43
N LEU B 20 -5.06 -3.61 -6.42
CA LEU B 20 -5.06 -5.07 -6.45
C LEU B 20 -5.88 -5.60 -7.60
N ILE B 21 -7.00 -4.95 -7.88
CA ILE B 21 -7.85 -5.39 -8.97
C ILE B 21 -7.10 -5.32 -10.28
N LEU B 22 -6.39 -4.23 -10.50
CA LEU B 22 -5.63 -4.07 -11.74
C LEU B 22 -4.38 -4.94 -11.75
N TRP B 23 -3.71 -5.00 -10.61
CA TRP B 23 -2.48 -5.78 -10.48
C TRP B 23 -2.77 -7.28 -10.52
N ILE B 24 -3.76 -7.69 -9.76
CA ILE B 24 -4.10 -9.12 -9.70
C ILE B 24 -4.52 -9.61 -11.08
N LEU B 25 -5.25 -8.77 -11.80
CA LEU B 25 -5.72 -9.14 -13.13
C LEU B 25 -4.53 -9.39 -14.05
N ASP B 26 -3.51 -8.56 -13.92
CA ASP B 26 -2.33 -8.71 -14.75
C ASP B 26 -1.66 -10.06 -14.50
N ARG B 27 -1.63 -10.48 -13.24
CA ARG B 27 -1.02 -11.75 -12.87
C ARG B 27 -1.96 -12.90 -13.15
N LEU B 28 -3.24 -12.59 -13.34
CA LEU B 28 -4.22 -13.63 -13.61
C LEU B 28 -3.90 -14.34 -14.90
N PHE B 29 -3.55 -13.59 -15.94
CA PHE B 29 -3.22 -14.16 -17.24
C PHE B 29 -1.75 -14.55 -17.30
N PHE B 30 -0.90 -13.72 -16.69
CA PHE B 30 0.54 -13.98 -16.68
C PHE B 30 0.97 -14.60 -15.35
N LYS B 31 1.76 -15.66 -15.44
CA LYS B 31 2.23 -16.34 -14.24
C LYS B 31 3.43 -17.23 -14.57
N SER C 1 -2.33 22.54 8.36
CA SER C 1 -1.45 22.80 9.53
C SER C 1 -1.61 21.69 10.56
N ASN C 2 -2.80 21.61 11.15
CA ASN C 2 -3.07 20.57 12.15
C ASN C 2 -2.99 19.18 11.51
N ASP C 3 -3.52 19.06 10.31
CA ASP C 3 -3.50 17.79 9.60
C ASP C 3 -2.08 17.42 9.19
N SER C 4 -1.21 18.42 9.11
CA SER C 4 0.19 18.19 8.73
C SER C 4 0.99 17.75 9.94
N SER C 5 0.34 17.69 11.09
CA SER C 5 1.01 17.29 12.33
C SER C 5 1.57 15.87 12.18
N ASP C 6 0.76 14.98 11.60
CA ASP C 6 1.19 13.59 11.41
C ASP C 6 1.61 13.35 9.95
N PRO C 7 2.90 13.27 9.67
CA PRO C 7 3.39 13.05 8.28
C PRO C 7 3.21 11.60 7.82
N LEU C 8 2.97 10.71 8.78
CA LEU C 8 2.78 9.30 8.45
C LEU C 8 1.55 9.10 7.58
N VAL C 9 0.46 9.78 7.94
CA VAL C 9 -0.77 9.66 7.18
C VAL C 9 -0.59 10.23 5.78
N VAL C 10 0.03 11.41 5.71
CA VAL C 10 0.26 12.06 4.43
C VAL C 10 1.18 11.22 3.56
N ALA C 11 2.25 10.71 4.17
CA ALA C 11 3.21 9.89 3.43
C ALA C 11 2.52 8.64 2.88
N ALA C 12 1.65 8.04 3.68
CA ALA C 12 0.94 6.85 3.25
C ALA C 12 0.22 7.09 1.93
N SER C 13 -0.51 8.18 1.86
CA SER C 13 -1.25 8.52 0.64
C SER C 13 -0.29 8.78 -0.51
N ILE C 14 0.81 9.48 -0.21
CA ILE C 14 1.80 9.80 -1.23
C ILE C 14 2.46 8.53 -1.76
N ILE C 15 2.78 7.61 -0.86
CA ILE C 15 3.43 6.37 -1.25
C ILE C 15 2.53 5.58 -2.20
N GLY C 16 1.25 5.49 -1.87
CA GLY C 16 0.32 4.75 -2.70
C GLY C 16 0.11 5.43 -4.05
N ILE C 17 -0.21 6.72 -4.01
CA ILE C 17 -0.45 7.47 -5.24
C ILE C 17 0.84 7.58 -6.06
N LEU C 18 1.94 7.87 -5.39
CA LEU C 18 3.22 8.03 -6.08
C LEU C 18 3.64 6.71 -6.75
N HIS C 19 3.50 5.63 -6.01
CA HIS C 19 3.87 4.31 -6.52
C HIS C 19 3.02 3.97 -7.74
N LEU C 20 1.74 4.30 -7.66
CA LEU C 20 0.83 4.01 -8.76
C LEU C 20 1.25 4.71 -10.02
N ILE C 21 1.72 5.94 -9.90
CA ILE C 21 2.14 6.69 -11.06
C ILE C 21 3.30 5.97 -11.77
N LEU C 22 4.25 5.49 -10.99
CA LEU C 22 5.40 4.79 -11.58
C LEU C 22 5.00 3.39 -12.04
N TRP C 23 4.21 2.71 -11.23
CA TRP C 23 3.77 1.35 -11.54
C TRP C 23 2.80 1.33 -12.72
N ILE C 24 1.81 2.21 -12.68
CA ILE C 24 0.82 2.27 -13.73
C ILE C 24 1.48 2.59 -15.08
N LEU C 25 2.47 3.47 -15.04
CA LEU C 25 3.18 3.85 -16.25
C LEU C 25 3.87 2.64 -16.86
N ASP C 26 4.44 1.81 -16.01
CA ASP C 26 5.13 0.62 -16.49
C ASP C 26 4.16 -0.30 -17.23
N ARG C 27 2.95 -0.41 -16.70
CA ARG C 27 1.94 -1.27 -17.31
C ARG C 27 1.29 -0.58 -18.49
N LEU C 28 1.45 0.73 -18.57
CA LEU C 28 0.86 1.49 -19.66
C LEU C 28 1.42 1.03 -21.00
N PHE C 29 2.73 0.86 -21.05
CA PHE C 29 3.39 0.42 -22.29
C PHE C 29 3.38 -1.11 -22.39
N PHE C 30 3.58 -1.77 -21.26
CA PHE C 30 3.60 -3.24 -21.22
C PHE C 30 2.26 -3.78 -20.74
N LYS C 31 1.75 -4.77 -21.47
CA LYS C 31 0.46 -5.38 -21.12
C LYS C 31 0.30 -6.72 -21.81
N SER D 1 7.93 6.45 21.88
CA SER D 1 7.36 5.62 22.98
C SER D 1 5.85 5.53 22.81
N ASN D 2 5.17 6.66 22.98
CA ASN D 2 3.71 6.68 22.84
C ASN D 2 3.31 6.34 21.41
N ASP D 3 4.05 6.87 20.45
CA ASP D 3 3.76 6.61 19.04
C ASP D 3 4.04 5.16 18.69
N SER D 4 4.88 4.51 19.48
CA SER D 4 5.22 3.11 19.25
C SER D 4 4.16 2.19 19.84
N SER D 5 3.16 2.79 20.48
CA SER D 5 2.08 2.02 21.09
C SER D 5 1.35 1.21 20.02
N ASP D 6 1.09 1.83 18.87
CA ASP D 6 0.39 1.13 17.79
C ASP D 6 1.40 0.71 16.69
N PRO D 7 1.75 -0.55 16.62
CA PRO D 7 2.72 -1.05 15.61
C PRO D 7 2.11 -1.15 14.20
N LEU D 8 0.78 -1.13 14.15
CA LEU D 8 0.09 -1.23 12.87
C LEU D 8 0.42 -0.03 11.99
N VAL D 9 0.42 1.16 12.58
CA VAL D 9 0.73 2.36 11.82
C VAL D 9 2.18 2.34 11.35
N VAL D 10 3.08 1.97 12.24
CA VAL D 10 4.49 1.91 11.90
C VAL D 10 4.74 0.85 10.83
N ALA D 11 4.13 -0.32 11.00
CA ALA D 11 4.29 -1.40 10.05
C ALA D 11 3.80 -0.97 8.66
N ALA D 12 2.69 -0.25 8.64
CA ALA D 12 2.12 0.20 7.38
C ALA D 12 3.16 1.00 6.58
N SER D 13 3.80 1.94 7.24
CA SER D 13 4.82 2.76 6.57
C SER D 13 6.00 1.90 6.14
N ILE D 14 6.39 0.96 7.00
CA ILE D 14 7.50 0.08 6.70
C ILE D 14 7.18 -0.81 5.49
N ILE D 15 5.96 -1.33 5.46
CA ILE D 15 5.56 -2.21 4.37
C ILE D 15 5.62 -1.47 3.04
N GLY D 16 5.12 -0.24 3.02
CA GLY D 16 5.12 0.55 1.79
C GLY D 16 6.54 0.92 1.39
N ILE D 17 7.30 1.48 2.31
CA ILE D 17 8.67 1.90 2.01
C ILE D 17 9.55 0.69 1.72
N LEU D 18 9.40 -0.35 2.54
CA LEU D 18 10.21 -1.55 2.37
C LEU D 18 9.92 -2.21 1.02
N HIS D 19 8.64 -2.32 0.68
CA HIS D 19 8.24 -2.93 -0.57
C HIS D 19 8.79 -2.14 -1.75
N LEU D 20 8.76 -0.83 -1.62
CA LEU D 20 9.25 0.04 -2.69
C LEU D 20 10.72 -0.21 -2.95
N ILE D 21 11.49 -0.42 -1.90
CA ILE D 21 12.91 -0.66 -2.07
C ILE D 21 13.15 -1.91 -2.91
N LEU D 22 12.40 -2.96 -2.61
CA LEU D 22 12.56 -4.20 -3.36
C LEU D 22 11.94 -4.09 -4.75
N TRP D 23 10.77 -3.46 -4.82
CA TRP D 23 10.07 -3.31 -6.09
C TRP D 23 10.79 -2.33 -7.02
N ILE D 24 11.18 -1.19 -6.48
CA ILE D 24 11.85 -0.18 -7.27
C ILE D 24 13.16 -0.73 -7.83
N LEU D 25 13.85 -1.53 -7.03
CA LEU D 25 15.12 -2.12 -7.46
C LEU D 25 14.90 -3.02 -8.66
N ASP D 26 13.80 -3.78 -8.64
CA ASP D 26 13.51 -4.68 -9.73
C ASP D 26 13.31 -3.90 -11.03
N ARG D 27 12.66 -2.74 -10.92
CA ARG D 27 12.41 -1.91 -12.09
C ARG D 27 13.65 -1.10 -12.45
N LEU D 28 14.58 -1.00 -11.52
CA LEU D 28 15.79 -0.24 -11.76
C LEU D 28 16.59 -0.85 -12.91
N PHE D 29 16.70 -2.17 -12.91
CA PHE D 29 17.44 -2.88 -13.96
C PHE D 29 16.54 -3.18 -15.14
N PHE D 30 15.29 -3.52 -14.86
CA PHE D 30 14.32 -3.84 -15.91
C PHE D 30 13.41 -2.65 -16.18
N LYS D 31 13.23 -2.32 -17.46
CA LYS D 31 12.39 -1.20 -17.85
C LYS D 31 12.01 -1.29 -19.31
S 3LW E . 0.47 1.73 3.98
BR 3LW E . 2.46 1.34 1.82
C1 3LW E . 0.73 1.30 2.62
C2 3LW E . -0.38 0.89 1.99
N2 3LW E . -2.27 3.12 5.17
C3 3LW E . -1.40 0.99 2.85
C5 3LW E . -1.83 1.72 5.19
C10 3LW E . -2.80 3.71 6.42
C12 3LW E . -0.97 1.47 4.01
C61 3LW E . -3.23 5.19 6.19
C62 3LW E . -1.73 3.72 7.56
C63 3LW E . -4.06 2.95 6.95
C71 3LW E . -3.78 5.82 7.50
C72 3LW E . -2.28 4.34 8.85
C73 3LW E . -4.59 3.58 8.24
C81 3LW E . -2.70 5.80 8.60
C82 3LW E . -3.50 3.53 9.33
C83 3LW E . -5.00 5.04 7.99
H2 3LW E . -0.44 0.52 0.97
H3 3LW E . -2.43 0.72 2.58
H5 3LW E . -1.23 1.50 6.11
H61 3LW E . -4.01 5.23 5.44
H81 3LW E . -1.83 6.36 8.26
H62 3LW E . -1.42 2.71 7.78
H82 3LW E . -3.21 2.51 9.50
HN2 3LW E . -3.01 3.21 4.43
H63 3LW E . -3.82 1.92 7.14
H83 3LW E . -5.78 5.06 7.23
H5A 3LW E . -2.70 1.03 5.16
H61A 3LW E . -2.38 5.76 5.86
H62A 3LW E . -0.87 4.29 7.24
H63A 3LW E . -4.83 2.99 6.20
H71 3LW E . -4.07 6.84 7.31
H72 3LW E . -1.52 4.32 9.61
H73 3LW E . -5.45 3.01 8.58
H81A 3LW E . -3.08 6.23 9.50
H82A 3LW E . -3.89 3.96 10.25
H83A 3LW E . -5.38 5.47 8.90
HN2A 3LW E . -1.44 3.70 4.86
N SER A 1 -18.70 -1.07 18.78
CA SER A 1 -17.22 -0.99 18.96
C SER A 1 -16.57 -0.75 17.60
N ASN A 2 -17.37 -0.76 16.55
CA ASN A 2 -16.87 -0.55 15.20
C ASN A 2 -16.26 0.85 15.07
N ASP A 3 -16.91 1.83 15.69
CA ASP A 3 -16.44 3.20 15.64
C ASP A 3 -15.04 3.31 16.24
N SER A 4 -14.82 2.61 17.35
CA SER A 4 -13.53 2.64 18.02
C SER A 4 -12.44 2.13 17.08
N SER A 5 -12.72 1.05 16.37
CA SER A 5 -11.76 0.47 15.43
C SER A 5 -12.47 -0.05 14.19
N ASP A 6 -12.19 0.59 13.06
CA ASP A 6 -12.81 0.18 11.80
C ASP A 6 -12.02 -0.96 11.16
N PRO A 7 -12.67 -1.77 10.36
CA PRO A 7 -12.03 -2.92 9.65
C PRO A 7 -11.01 -2.44 8.61
N LEU A 8 -11.11 -1.18 8.22
CA LEU A 8 -10.20 -0.62 7.23
C LEU A 8 -8.76 -0.68 7.73
N VAL A 9 -8.56 -0.35 9.00
CA VAL A 9 -7.23 -0.37 9.58
C VAL A 9 -6.65 -1.78 9.55
N VAL A 10 -7.44 -2.74 10.02
CA VAL A 10 -7.00 -4.14 10.04
C VAL A 10 -6.81 -4.65 8.62
N ALA A 11 -7.77 -4.33 7.75
CA ALA A 11 -7.69 -4.78 6.37
C ALA A 11 -6.48 -4.19 5.68
N ALA A 12 -6.16 -2.94 5.99
CA ALA A 12 -5.01 -2.28 5.39
C ALA A 12 -3.75 -3.09 5.63
N SER A 13 -3.52 -3.47 6.88
CA SER A 13 -2.33 -4.26 7.21
C SER A 13 -2.36 -5.61 6.51
N ILE A 14 -3.53 -6.22 6.47
CA ILE A 14 -3.69 -7.53 5.83
C ILE A 14 -3.40 -7.43 4.33
N ILE A 15 -3.91 -6.36 3.71
CA ILE A 15 -3.69 -6.16 2.29
C ILE A 15 -2.21 -6.04 1.97
N GLY A 16 -1.50 -5.28 2.78
CA GLY A 16 -0.07 -5.08 2.55
C GLY A 16 0.70 -6.40 2.69
N ILE A 17 0.51 -7.06 3.82
CA ILE A 17 1.19 -8.33 4.08
C ILE A 17 0.70 -9.40 3.10
N LEU A 18 -0.61 -9.48 2.91
CA LEU A 18 -1.18 -10.48 2.03
C LEU A 18 -0.69 -10.29 0.59
N HIS A 19 -0.68 -9.05 0.14
CA HIS A 19 -0.23 -8.74 -1.21
C HIS A 19 1.24 -9.09 -1.37
N LEU A 20 2.02 -8.82 -0.34
CA LEU A 20 3.45 -9.11 -0.38
C LEU A 20 3.70 -10.59 -0.55
N ILE A 21 2.91 -11.42 0.11
CA ILE A 21 3.10 -12.85 0.00
C ILE A 21 2.89 -13.31 -1.44
N LEU A 22 1.84 -12.80 -2.07
CA LEU A 22 1.55 -13.17 -3.46
C LEU A 22 2.54 -12.51 -4.41
N TRP A 23 2.83 -11.25 -4.18
CA TRP A 23 3.75 -10.51 -5.04
C TRP A 23 5.18 -11.01 -4.89
N ILE A 24 5.64 -11.17 -3.66
CA ILE A 24 7.00 -11.62 -3.42
C ILE A 24 7.18 -13.02 -3.99
N LEU A 25 6.13 -13.83 -3.90
CA LEU A 25 6.20 -15.19 -4.40
C LEU A 25 6.47 -15.19 -5.90
N ASP A 26 5.80 -14.31 -6.62
CA ASP A 26 5.98 -14.22 -8.06
C ASP A 26 7.40 -13.79 -8.40
N ARG A 27 7.93 -12.86 -7.60
CA ARG A 27 9.28 -12.36 -7.83
C ARG A 27 10.32 -13.27 -7.18
N LEU A 28 9.84 -14.23 -6.41
CA LEU A 28 10.75 -15.15 -5.74
C LEU A 28 11.54 -15.95 -6.77
N PHE A 29 10.83 -16.49 -7.76
CA PHE A 29 11.48 -17.29 -8.80
C PHE A 29 12.17 -16.39 -9.81
N PHE A 30 11.55 -15.26 -10.13
CA PHE A 30 12.10 -14.31 -11.09
C PHE A 30 12.91 -13.23 -10.39
N LYS A 31 14.17 -13.10 -10.79
CA LYS A 31 15.06 -12.10 -10.21
C LYS A 31 16.09 -11.63 -11.22
N SER B 1 -16.83 18.26 8.98
CA SER B 1 -16.70 16.83 9.38
C SER B 1 -15.47 16.23 8.74
N ASN B 2 -14.80 17.03 7.90
CA ASN B 2 -13.59 16.56 7.22
C ASN B 2 -12.49 16.27 8.23
N ASP B 3 -12.40 17.10 9.26
CA ASP B 3 -11.38 16.91 10.29
C ASP B 3 -11.57 15.57 11.00
N SER B 4 -12.82 15.22 11.27
CA SER B 4 -13.11 13.96 11.94
C SER B 4 -12.62 12.78 11.12
N SER B 5 -12.86 12.84 9.81
CA SER B 5 -12.43 11.77 8.90
C SER B 5 -11.94 12.35 7.58
N ASP B 6 -10.65 12.20 7.32
CA ASP B 6 -10.07 12.72 6.09
C ASP B 6 -10.24 11.71 4.95
N PRO B 7 -10.28 12.19 3.72
CA PRO B 7 -10.43 11.32 2.52
C PRO B 7 -9.21 10.42 2.31
N LEU B 8 -8.11 10.77 2.95
CA LEU B 8 -6.89 9.98 2.82
C LEU B 8 -7.10 8.56 3.33
N VAL B 9 -7.80 8.45 4.46
CA VAL B 9 -8.05 7.13 5.04
C VAL B 9 -8.90 6.28 4.09
N VAL B 10 -9.98 6.87 3.59
CA VAL B 10 -10.86 6.14 2.67
C VAL B 10 -10.13 5.86 1.36
N ALA B 11 -9.40 6.85 0.86
CA ALA B 11 -8.67 6.68 -0.38
C ALA B 11 -7.60 5.60 -0.23
N ALA B 12 -6.97 5.55 0.93
CA ALA B 12 -5.94 4.55 1.17
C ALA B 12 -6.47 3.15 0.94
N SER B 13 -7.63 2.85 1.55
CA SER B 13 -8.24 1.54 1.39
C SER B 13 -8.61 1.29 -0.08
N ILE B 14 -9.15 2.31 -0.73
CA ILE B 14 -9.55 2.20 -2.11
C ILE B 14 -8.34 1.93 -3.01
N ILE B 15 -7.24 2.63 -2.73
CA ILE B 15 -6.04 2.46 -3.52
C ILE B 15 -5.53 1.02 -3.42
N GLY B 16 -5.51 0.49 -2.21
CA GLY B 16 -5.03 -0.87 -2.01
C GLY B 16 -5.91 -1.88 -2.75
N ILE B 17 -7.21 -1.83 -2.49
CA ILE B 17 -8.14 -2.75 -3.13
C ILE B 17 -8.20 -2.50 -4.64
N LEU B 18 -8.28 -1.24 -5.01
CA LEU B 18 -8.36 -0.88 -6.42
C LEU B 18 -7.12 -1.33 -7.18
N HIS B 19 -5.96 -1.09 -6.59
CA HIS B 19 -4.70 -1.47 -7.21
C HIS B 19 -4.62 -2.99 -7.34
N LEU B 20 -5.09 -3.69 -6.33
CA LEU B 20 -5.06 -5.15 -6.34
C LEU B 20 -5.88 -5.70 -7.50
N ILE B 21 -7.02 -5.09 -7.77
CA ILE B 21 -7.87 -5.56 -8.85
C ILE B 21 -7.13 -5.45 -10.19
N LEU B 22 -6.47 -4.33 -10.41
CA LEU B 22 -5.73 -4.13 -11.65
C LEU B 22 -4.45 -4.97 -11.67
N TRP B 23 -3.75 -5.00 -10.55
CA TRP B 23 -2.51 -5.76 -10.45
C TRP B 23 -2.75 -7.26 -10.49
N ILE B 24 -3.70 -7.73 -9.71
CA ILE B 24 -4.02 -9.15 -9.67
C ILE B 24 -4.49 -9.61 -11.03
N LEU B 25 -5.23 -8.75 -11.72
CA LEU B 25 -5.76 -9.10 -13.04
C LEU B 25 -4.61 -9.37 -14.00
N ASP B 26 -3.59 -8.54 -13.95
CA ASP B 26 -2.44 -8.71 -14.83
C ASP B 26 -1.71 -10.00 -14.53
N ARG B 27 -1.62 -10.34 -13.24
CA ARG B 27 -0.94 -11.56 -12.83
C ARG B 27 -1.88 -12.75 -12.89
N LEU B 28 -3.15 -12.48 -13.13
CA LEU B 28 -4.13 -13.54 -13.22
C LEU B 28 -3.81 -14.49 -14.37
N PHE B 29 -3.52 -13.92 -15.53
CA PHE B 29 -3.19 -14.72 -16.70
C PHE B 29 -1.76 -15.22 -16.63
N PHE B 30 -0.86 -14.38 -16.12
CA PHE B 30 0.55 -14.73 -16.02
C PHE B 30 0.85 -15.30 -14.63
N LYS B 31 1.40 -16.52 -14.61
CA LYS B 31 1.74 -17.18 -13.36
C LYS B 31 2.93 -18.10 -13.55
N SER C 1 2.42 20.17 16.79
CA SER C 1 1.22 19.74 16.02
C SER C 1 1.50 18.40 15.35
N ASN C 2 2.73 17.91 15.49
CA ASN C 2 3.12 16.65 14.89
C ASN C 2 2.30 15.50 15.49
N ASP C 3 2.06 15.57 16.79
CA ASP C 3 1.29 14.54 17.48
C ASP C 3 -0.12 14.45 16.90
N SER C 4 -0.72 15.62 16.64
CA SER C 4 -2.06 15.66 16.09
C SER C 4 -2.12 14.93 14.75
N SER C 5 -1.12 15.18 13.90
CA SER C 5 -1.07 14.54 12.59
C SER C 5 0.37 14.18 12.23
N ASP C 6 0.64 12.89 12.15
CA ASP C 6 2.00 12.42 11.83
C ASP C 6 2.20 12.40 10.31
N PRO C 7 3.42 12.52 9.86
CA PRO C 7 3.76 12.50 8.41
C PRO C 7 3.51 11.12 7.79
N LEU C 8 3.39 10.11 8.63
CA LEU C 8 3.16 8.76 8.14
C LEU C 8 1.83 8.67 7.39
N VAL C 9 0.80 9.33 7.92
CA VAL C 9 -0.50 9.32 7.29
C VAL C 9 -0.43 9.98 5.91
N VAL C 10 0.17 11.15 5.85
CA VAL C 10 0.31 11.88 4.59
C VAL C 10 1.20 11.10 3.63
N ALA C 11 2.31 10.60 4.16
CA ALA C 11 3.25 9.84 3.34
C ALA C 11 2.59 8.59 2.79
N ALA C 12 1.76 7.94 3.61
CA ALA C 12 1.08 6.73 3.19
C ALA C 12 0.29 6.98 1.90
N SER C 13 -0.50 8.04 1.90
CA SER C 13 -1.31 8.38 0.73
C SER C 13 -0.42 8.69 -0.47
N ILE C 14 0.66 9.43 -0.21
CA ILE C 14 1.60 9.80 -1.27
C ILE C 14 2.26 8.56 -1.86
N ILE C 15 2.65 7.64 -0.99
CA ILE C 15 3.30 6.41 -1.45
C ILE C 15 2.38 5.62 -2.37
N GLY C 16 1.11 5.50 -1.98
CA GLY C 16 0.16 4.76 -2.79
C GLY C 16 -0.04 5.41 -4.15
N ILE C 17 -0.38 6.69 -4.15
CA ILE C 17 -0.60 7.42 -5.40
C ILE C 17 0.71 7.54 -6.19
N LEU C 18 1.78 7.86 -5.51
CA LEU C 18 3.07 8.02 -6.17
C LEU C 18 3.52 6.71 -6.81
N HIS C 19 3.38 5.63 -6.07
CA HIS C 19 3.77 4.32 -6.57
C HIS C 19 2.92 3.92 -7.77
N LEU C 20 1.65 4.25 -7.70
CA LEU C 20 0.74 3.94 -8.80
C LEU C 20 1.15 4.62 -10.08
N ILE C 21 1.59 5.87 -9.97
CA ILE C 21 2.00 6.60 -11.16
C ILE C 21 3.18 5.90 -11.84
N LEU C 22 4.15 5.47 -11.05
CA LEU C 22 5.32 4.80 -11.58
C LEU C 22 4.97 3.38 -12.04
N TRP C 23 4.19 2.69 -11.22
CA TRP C 23 3.81 1.32 -11.52
C TRP C 23 2.85 1.25 -12.71
N ILE C 24 1.83 2.09 -12.70
CA ILE C 24 0.85 2.10 -13.78
C ILE C 24 1.53 2.49 -15.08
N LEU C 25 2.50 3.38 -14.99
CA LEU C 25 3.21 3.82 -16.19
C LEU C 25 3.92 2.64 -16.85
N ASP C 26 4.55 1.81 -16.03
CA ASP C 26 5.27 0.65 -16.56
C ASP C 26 4.30 -0.32 -17.21
N ARG C 27 3.12 -0.48 -16.61
CA ARG C 27 2.12 -1.39 -17.15
C ARG C 27 1.29 -0.71 -18.22
N LEU C 28 1.48 0.59 -18.37
CA LEU C 28 0.73 1.34 -19.37
C LEU C 28 1.03 0.83 -20.77
N PHE C 29 2.32 0.67 -21.06
CA PHE C 29 2.76 0.18 -22.37
C PHE C 29 2.58 -1.32 -22.48
N PHE C 30 2.84 -2.03 -21.39
CA PHE C 30 2.72 -3.49 -21.36
C PHE C 30 1.34 -3.89 -20.85
N LYS C 31 0.64 -4.69 -21.65
CA LYS C 31 -0.69 -5.15 -21.28
C LYS C 31 -0.99 -6.51 -21.91
N SER D 1 0.44 1.16 26.33
CA SER D 1 0.59 2.26 25.34
C SER D 1 0.30 1.74 23.93
N ASN D 2 0.06 0.44 23.84
CA ASN D 2 -0.25 -0.18 22.56
C ASN D 2 -1.55 0.38 21.99
N ASP D 3 -2.52 0.60 22.86
CA ASP D 3 -3.81 1.13 22.44
C ASP D 3 -3.65 2.49 21.81
N SER D 4 -2.79 3.32 22.40
CA SER D 4 -2.56 4.67 21.89
C SER D 4 -2.01 4.61 20.46
N SER D 5 -1.07 3.69 20.23
CA SER D 5 -0.47 3.52 18.91
C SER D 5 -0.23 2.05 18.61
N ASP D 6 -0.94 1.52 17.63
CA ASP D 6 -0.80 0.12 17.26
C ASP D 6 0.36 -0.06 16.26
N PRO D 7 0.96 -1.22 16.24
CA PRO D 7 2.10 -1.52 15.32
C PRO D 7 1.65 -1.54 13.86
N LEU D 8 0.35 -1.65 13.64
CA LEU D 8 -0.18 -1.68 12.28
C LEU D 8 0.15 -0.38 11.55
N VAL D 9 0.00 0.74 12.24
CA VAL D 9 0.28 2.03 11.63
C VAL D 9 1.75 2.13 11.22
N VAL D 10 2.64 1.77 12.15
CA VAL D 10 4.07 1.81 11.88
C VAL D 10 4.44 0.79 10.80
N ALA D 11 3.88 -0.41 10.91
CA ALA D 11 4.15 -1.46 9.95
C ALA D 11 3.67 -1.06 8.57
N ALA D 12 2.53 -0.38 8.52
CA ALA D 12 1.96 0.05 7.24
C ALA D 12 2.98 0.90 6.48
N SER D 13 3.54 1.89 7.15
CA SER D 13 4.52 2.77 6.53
C SER D 13 5.76 1.98 6.10
N ILE D 14 6.19 1.07 6.96
CA ILE D 14 7.37 0.25 6.68
C ILE D 14 7.12 -0.64 5.46
N ILE D 15 5.92 -1.22 5.39
CA ILE D 15 5.58 -2.09 4.28
C ILE D 15 5.64 -1.33 2.96
N GLY D 16 5.09 -0.13 2.95
CA GLY D 16 5.08 0.68 1.73
C GLY D 16 6.50 1.03 1.30
N ILE D 17 7.27 1.61 2.21
CA ILE D 17 8.64 1.99 1.91
C ILE D 17 9.51 0.77 1.65
N LEU D 18 9.36 -0.24 2.49
CA LEU D 18 10.16 -1.46 2.35
C LEU D 18 9.87 -2.14 1.02
N HIS D 19 8.58 -2.24 0.68
CA HIS D 19 8.19 -2.87 -0.56
C HIS D 19 8.72 -2.10 -1.76
N LEU D 20 8.70 -0.78 -1.64
CA LEU D 20 9.17 0.07 -2.73
C LEU D 20 10.64 -0.18 -3.00
N ILE D 21 11.43 -0.36 -1.95
CA ILE D 21 12.85 -0.60 -2.13
C ILE D 21 13.09 -1.88 -2.92
N LEU D 22 12.36 -2.92 -2.58
CA LEU D 22 12.51 -4.19 -3.27
C LEU D 22 11.89 -4.13 -4.67
N TRP D 23 10.72 -3.51 -4.76
CA TRP D 23 10.02 -3.40 -6.04
C TRP D 23 10.74 -2.46 -6.99
N ILE D 24 11.10 -1.29 -6.51
CA ILE D 24 11.79 -0.31 -7.33
C ILE D 24 13.12 -0.86 -7.82
N LEU D 25 13.76 -1.65 -6.96
CA LEU D 25 15.05 -2.23 -7.31
C LEU D 25 14.91 -3.15 -8.51
N ASP D 26 13.84 -3.95 -8.52
CA ASP D 26 13.61 -4.87 -9.62
C ASP D 26 13.35 -4.11 -10.92
N ARG D 27 12.61 -3.00 -10.80
CA ARG D 27 12.29 -2.19 -11.96
C ARG D 27 13.42 -1.22 -12.28
N LEU D 28 14.39 -1.15 -11.37
CA LEU D 28 15.51 -0.24 -11.59
C LEU D 28 16.29 -0.62 -12.84
N PHE D 29 16.59 -1.91 -12.97
CA PHE D 29 17.33 -2.39 -14.12
C PHE D 29 16.43 -2.52 -15.34
N PHE D 30 15.19 -2.94 -15.11
CA PHE D 30 14.22 -3.11 -16.19
C PHE D 30 13.37 -1.86 -16.36
N LYS D 31 13.37 -1.31 -17.56
CA LYS D 31 12.60 -0.11 -17.85
C LYS D 31 12.16 -0.09 -19.31
S 3LW E . -3.15 1.42 3.03
BR 3LW E . -3.60 -0.05 0.50
C1 3LW E . -2.57 0.80 1.84
C2 3LW E . -1.23 0.91 1.81
N2 3LW E . -3.11 3.32 5.14
C3 3LW E . -0.84 1.55 2.91
C5 3LW E . -1.84 2.60 4.94
C10 3LW E . -3.44 3.80 6.50
C12 3LW E . -1.90 1.88 3.65
C61 3LW E . -3.54 2.64 7.53
C62 3LW E . -4.81 4.53 6.51
C63 3LW E . -2.39 4.82 7.03
C71 3LW E . -3.90 3.16 8.94
C72 3LW E . -5.17 5.04 7.93
C73 3LW E . -2.75 5.32 8.45
C81 3LW E . -5.26 3.87 8.90
C82 3LW E . -4.10 6.04 8.40
C83 3LW E . -2.82 4.13 9.42
H2 3LW E . -0.57 0.53 1.03
H3 3LW E . 0.21 1.78 3.14
H5 3LW E . -0.99 3.31 4.90
H61 3LW E . -2.59 2.12 7.59
H81 3LW E . -6.02 3.18 8.56
H62 3LW E . -4.78 5.38 5.84
H82 3LW E . -4.05 6.87 7.72
HN2 3LW E . -3.88 2.67 4.84
H63 3LW E . -2.33 5.67 6.37
H83 3LW E . -1.87 3.63 9.45
H5A 3LW E . -1.67 1.87 5.75
H61A 3LW E . -4.30 1.93 7.22
H62A 3LW E . -5.59 3.86 6.18
H63A 3LW E . -1.41 4.35 7.08
H71 3LW E . -3.95 2.32 9.62
H72 3LW E . -6.13 5.54 7.89
H73 3LW E . -1.99 6.01 8.79
H81A 3LW E . -5.51 4.22 9.89
H82A 3LW E . -4.35 6.39 9.39
H83A 3LW E . -3.07 4.49 10.40
HN2A 3LW E . -3.12 4.14 4.49
N SER A 1 -11.08 0.04 20.73
CA SER A 1 -12.50 -0.27 21.08
C SER A 1 -13.25 -0.70 19.82
N ASN A 2 -14.57 -0.65 19.88
CA ASN A 2 -15.39 -1.03 18.74
C ASN A 2 -15.26 -0.01 17.61
N ASP A 3 -15.81 1.17 17.82
CA ASP A 3 -15.74 2.22 16.81
C ASP A 3 -14.30 2.71 16.63
N SER A 4 -13.54 2.70 17.71
CA SER A 4 -12.15 3.15 17.66
C SER A 4 -11.35 2.31 16.67
N SER A 5 -11.59 0.99 16.69
CA SER A 5 -10.88 0.08 15.79
C SER A 5 -11.70 -0.15 14.52
N ASP A 6 -11.43 0.66 13.50
CA ASP A 6 -12.14 0.54 12.23
C ASP A 6 -11.59 -0.64 11.42
N PRO A 7 -12.41 -1.27 10.61
CA PRO A 7 -11.98 -2.43 9.78
C PRO A 7 -10.95 -2.03 8.73
N LEU A 8 -10.96 -0.76 8.35
CA LEU A 8 -10.04 -0.25 7.34
C LEU A 8 -8.58 -0.33 7.81
N VAL A 9 -8.34 0.01 9.08
CA VAL A 9 -6.97 -0.01 9.61
C VAL A 9 -6.39 -1.43 9.57
N VAL A 10 -7.13 -2.39 10.10
CA VAL A 10 -6.66 -3.76 10.10
C VAL A 10 -6.60 -4.29 8.67
N ALA A 11 -7.63 -3.99 7.88
CA ALA A 11 -7.66 -4.44 6.51
C ALA A 11 -6.42 -3.96 5.77
N ALA A 12 -6.02 -2.72 6.03
CA ALA A 12 -4.84 -2.16 5.38
C ALA A 12 -3.62 -3.04 5.66
N SER A 13 -3.46 -3.48 6.90
CA SER A 13 -2.33 -4.32 7.26
C SER A 13 -2.34 -5.61 6.44
N ILE A 14 -3.49 -6.24 6.35
CA ILE A 14 -3.64 -7.49 5.59
C ILE A 14 -3.45 -7.23 4.10
N ILE A 15 -4.00 -6.14 3.59
CA ILE A 15 -3.88 -5.83 2.16
C ILE A 15 -2.41 -5.68 1.76
N GLY A 16 -1.64 -4.95 2.57
CA GLY A 16 -0.23 -4.76 2.26
C GLY A 16 0.56 -6.06 2.39
N ILE A 17 0.40 -6.73 3.53
CA ILE A 17 1.11 -7.98 3.78
C ILE A 17 0.66 -9.08 2.81
N LEU A 18 -0.64 -9.18 2.58
CA LEU A 18 -1.18 -10.21 1.69
C LEU A 18 -0.65 -10.03 0.27
N HIS A 19 -0.63 -8.79 -0.20
CA HIS A 19 -0.12 -8.51 -1.54
C HIS A 19 1.35 -8.89 -1.66
N LEU A 20 2.12 -8.59 -0.62
CA LEU A 20 3.55 -8.90 -0.63
C LEU A 20 3.79 -10.40 -0.72
N ILE A 21 2.99 -11.19 -0.03
CA ILE A 21 3.17 -12.63 -0.06
C ILE A 21 2.97 -13.16 -1.49
N LEU A 22 1.92 -12.69 -2.16
CA LEU A 22 1.64 -13.14 -3.52
C LEU A 22 2.66 -12.57 -4.52
N TRP A 23 2.95 -11.28 -4.38
CA TRP A 23 3.90 -10.61 -5.27
C TRP A 23 5.33 -11.10 -5.07
N ILE A 24 5.76 -11.19 -3.82
CA ILE A 24 7.12 -11.65 -3.54
C ILE A 24 7.27 -13.09 -4.02
N LEU A 25 6.24 -13.89 -3.77
CA LEU A 25 6.25 -15.29 -4.18
C LEU A 25 6.27 -15.38 -5.71
N ASP A 26 5.54 -14.49 -6.36
CA ASP A 26 5.47 -14.49 -7.82
C ASP A 26 6.84 -14.24 -8.44
N ARG A 27 7.68 -13.47 -7.74
CA ARG A 27 9.01 -13.16 -8.26
C ARG A 27 9.82 -14.44 -8.47
N LEU A 28 9.61 -15.43 -7.59
CA LEU A 28 10.35 -16.68 -7.69
C LEU A 28 10.03 -17.37 -9.02
N PHE A 29 8.76 -17.38 -9.39
CA PHE A 29 8.34 -18.01 -10.64
C PHE A 29 8.96 -17.30 -11.84
N PHE A 30 8.93 -15.96 -11.82
CA PHE A 30 9.50 -15.16 -12.90
C PHE A 30 10.22 -13.94 -12.33
N LYS A 31 11.27 -13.51 -13.01
CA LYS A 31 12.04 -12.34 -12.57
C LYS A 31 11.55 -11.09 -13.30
N SER B 1 -17.08 10.52 12.21
CA SER B 1 -17.74 11.84 12.03
C SER B 1 -17.18 12.51 10.78
N ASN B 2 -17.39 13.83 10.68
CA ASN B 2 -16.90 14.57 9.52
C ASN B 2 -15.38 14.65 9.54
N ASP B 3 -14.84 15.43 10.48
CA ASP B 3 -13.40 15.58 10.60
C ASP B 3 -12.74 14.27 11.03
N SER B 4 -13.45 13.50 11.86
CA SER B 4 -12.93 12.23 12.33
C SER B 4 -12.61 11.30 11.16
N SER B 5 -13.51 11.26 10.18
CA SER B 5 -13.33 10.41 9.00
C SER B 5 -12.64 11.19 7.89
N ASP B 6 -11.32 11.09 7.85
CA ASP B 6 -10.55 11.79 6.83
C ASP B 6 -10.63 11.04 5.49
N PRO B 7 -10.54 11.74 4.38
CA PRO B 7 -10.60 11.09 3.03
C PRO B 7 -9.40 10.18 2.77
N LEU B 8 -8.30 10.44 3.45
CA LEU B 8 -7.08 9.66 3.29
C LEU B 8 -7.28 8.21 3.74
N VAL B 9 -7.98 8.01 4.86
CA VAL B 9 -8.20 6.67 5.39
C VAL B 9 -8.99 5.82 4.39
N VAL B 10 -10.12 6.35 3.93
CA VAL B 10 -10.94 5.62 2.98
C VAL B 10 -10.20 5.47 1.66
N ALA B 11 -9.57 6.55 1.22
CA ALA B 11 -8.82 6.52 -0.02
C ALA B 11 -7.79 5.41 0.01
N ALA B 12 -7.13 5.26 1.15
CA ALA B 12 -6.11 4.22 1.30
C ALA B 12 -6.70 2.84 1.00
N SER B 13 -7.91 2.59 1.52
CA SER B 13 -8.56 1.31 1.29
C SER B 13 -8.78 1.06 -0.20
N ILE B 14 -9.30 2.09 -0.89
CA ILE B 14 -9.55 2.00 -2.33
C ILE B 14 -8.23 1.88 -3.10
N ILE B 15 -7.23 2.65 -2.70
CA ILE B 15 -5.94 2.61 -3.41
C ILE B 15 -5.34 1.21 -3.36
N GLY B 16 -5.36 0.59 -2.19
CA GLY B 16 -4.80 -0.76 -2.05
C GLY B 16 -5.63 -1.78 -2.82
N ILE B 17 -6.93 -1.78 -2.59
CA ILE B 17 -7.83 -2.73 -3.25
C ILE B 17 -7.89 -2.49 -4.76
N LEU B 18 -7.96 -1.23 -5.16
CA LEU B 18 -8.03 -0.88 -6.58
C LEU B 18 -6.78 -1.35 -7.32
N HIS B 19 -5.62 -1.12 -6.71
CA HIS B 19 -4.36 -1.53 -7.32
C HIS B 19 -4.31 -3.05 -7.49
N LEU B 20 -4.78 -3.76 -6.46
CA LEU B 20 -4.78 -5.22 -6.50
C LEU B 20 -5.64 -5.75 -7.63
N ILE B 21 -6.79 -5.13 -7.88
CA ILE B 21 -7.67 -5.60 -8.94
C ILE B 21 -6.97 -5.48 -10.30
N LEU B 22 -6.31 -4.35 -10.54
CA LEU B 22 -5.62 -4.13 -11.81
C LEU B 22 -4.36 -5.01 -11.90
N TRP B 23 -3.59 -5.05 -10.82
CA TRP B 23 -2.35 -5.82 -10.79
C TRP B 23 -2.62 -7.33 -10.81
N ILE B 24 -3.55 -7.79 -10.01
CA ILE B 24 -3.86 -9.22 -9.97
C ILE B 24 -4.42 -9.65 -11.33
N LEU B 25 -5.26 -8.79 -11.90
CA LEU B 25 -5.86 -9.07 -13.19
C LEU B 25 -4.77 -9.09 -14.28
N ASP B 26 -3.81 -8.18 -14.16
CA ASP B 26 -2.72 -8.08 -15.12
C ASP B 26 -1.91 -9.38 -15.16
N ARG B 27 -1.80 -10.05 -14.03
CA ARG B 27 -1.04 -11.29 -13.95
C ARG B 27 -1.59 -12.34 -14.91
N LEU B 28 -2.91 -12.34 -15.09
CA LEU B 28 -3.54 -13.31 -15.98
C LEU B 28 -3.04 -13.11 -17.42
N PHE B 29 -2.95 -11.85 -17.84
CA PHE B 29 -2.48 -11.55 -19.20
C PHE B 29 -1.03 -12.01 -19.37
N PHE B 30 -0.19 -11.71 -18.38
CA PHE B 30 1.22 -12.09 -18.44
C PHE B 30 1.69 -12.55 -17.05
N LYS B 31 2.62 -13.50 -17.04
CA LYS B 31 3.16 -14.03 -15.79
C LYS B 31 4.44 -13.30 -15.40
N SER C 1 -4.77 18.76 13.39
CA SER C 1 -3.87 19.68 14.14
C SER C 1 -2.42 19.28 13.88
N ASN C 2 -1.52 19.75 14.75
CA ASN C 2 -0.11 19.44 14.60
C ASN C 2 0.15 17.96 14.89
N ASP C 3 0.02 17.58 16.16
CA ASP C 3 0.24 16.20 16.56
C ASP C 3 -0.83 15.29 15.98
N SER C 4 -2.05 15.81 15.85
CA SER C 4 -3.15 15.03 15.31
C SER C 4 -2.84 14.56 13.90
N SER C 5 -2.25 15.44 13.10
CA SER C 5 -1.90 15.10 11.72
C SER C 5 -0.45 14.61 11.65
N ASP C 6 -0.30 13.29 11.73
CA ASP C 6 1.04 12.68 11.67
C ASP C 6 1.53 12.63 10.23
N PRO C 7 2.83 12.70 10.01
CA PRO C 7 3.41 12.66 8.64
C PRO C 7 3.18 11.30 7.96
N LEU C 8 3.01 10.27 8.78
CA LEU C 8 2.80 8.91 8.26
C LEU C 8 1.48 8.81 7.47
N VAL C 9 0.42 9.43 7.96
CA VAL C 9 -0.87 9.36 7.30
C VAL C 9 -0.80 9.98 5.90
N VAL C 10 -0.27 11.20 5.82
CA VAL C 10 -0.15 11.87 4.54
C VAL C 10 0.85 11.14 3.66
N ALA C 11 1.96 10.74 4.25
CA ALA C 11 2.99 10.03 3.51
C ALA C 11 2.39 8.78 2.87
N ALA C 12 1.54 8.09 3.61
CA ALA C 12 0.90 6.88 3.08
C ALA C 12 0.15 7.19 1.80
N SER C 13 -0.58 8.31 1.78
CA SER C 13 -1.33 8.68 0.58
C SER C 13 -0.40 8.88 -0.61
N ILE C 14 0.70 9.60 -0.39
CA ILE C 14 1.68 9.84 -1.45
C ILE C 14 2.38 8.55 -1.86
N ILE C 15 2.72 7.71 -0.89
CA ILE C 15 3.41 6.45 -1.20
C ILE C 15 2.55 5.57 -2.10
N GLY C 16 1.27 5.46 -1.79
CA GLY C 16 0.37 4.63 -2.60
C GLY C 16 0.16 5.24 -3.99
N ILE C 17 -0.20 6.52 -4.01
CA ILE C 17 -0.45 7.21 -5.28
C ILE C 17 0.83 7.33 -6.11
N LEU C 18 1.94 7.67 -5.46
CA LEU C 18 3.21 7.83 -6.17
C LEU C 18 3.64 6.52 -6.82
N HIS C 19 3.51 5.42 -6.07
CA HIS C 19 3.88 4.11 -6.60
C HIS C 19 3.02 3.76 -7.82
N LEU C 20 1.74 4.06 -7.74
CA LEU C 20 0.82 3.76 -8.83
C LEU C 20 1.19 4.51 -10.10
N ILE C 21 1.61 5.77 -9.97
CA ILE C 21 1.98 6.54 -11.13
C ILE C 21 3.17 5.91 -11.85
N LEU C 22 4.18 5.50 -11.08
CA LEU C 22 5.36 4.88 -11.68
C LEU C 22 5.06 3.48 -12.20
N TRP C 23 4.33 2.69 -11.40
CA TRP C 23 3.99 1.32 -11.77
C TRP C 23 2.99 1.28 -12.93
N ILE C 24 1.95 2.08 -12.87
CA ILE C 24 0.95 2.10 -13.94
C ILE C 24 1.62 2.57 -15.23
N LEU C 25 2.47 3.58 -15.10
CA LEU C 25 3.17 4.13 -16.25
C LEU C 25 4.13 3.08 -16.83
N ASP C 26 4.76 2.32 -15.94
CA ASP C 26 5.71 1.29 -16.36
C ASP C 26 5.02 0.23 -17.21
N ARG C 27 3.74 -0.02 -16.94
CA ARG C 27 3.00 -1.03 -17.70
C ARG C 27 2.96 -0.69 -19.18
N LEU C 28 2.90 0.61 -19.49
CA LEU C 28 2.85 1.05 -20.89
C LEU C 28 4.12 0.61 -21.61
N PHE C 29 5.27 0.78 -20.96
CA PHE C 29 6.54 0.40 -21.57
C PHE C 29 6.59 -1.10 -21.82
N PHE C 30 6.16 -1.88 -20.82
CA PHE C 30 6.15 -3.34 -20.93
C PHE C 30 4.90 -3.91 -20.29
N LYS C 31 4.41 -5.02 -20.85
CA LYS C 31 3.20 -5.67 -20.32
C LYS C 31 3.58 -6.78 -19.35
N SER D 1 1.28 8.24 21.97
CA SER D 1 1.43 7.52 23.27
C SER D 1 1.56 6.02 23.01
N ASN D 2 1.34 5.23 24.05
CA ASN D 2 1.44 3.78 23.92
C ASN D 2 0.31 3.23 23.06
N ASP D 3 -0.90 3.26 23.59
CA ASP D 3 -2.07 2.77 22.86
C ASP D 3 -2.36 3.66 21.65
N SER D 4 -2.10 4.95 21.79
CA SER D 4 -2.35 5.89 20.70
C SER D 4 -1.54 5.50 19.46
N SER D 5 -0.28 5.11 19.67
CA SER D 5 0.58 4.72 18.57
C SER D 5 0.51 3.21 18.36
N ASP D 6 -0.38 2.79 17.45
CA ASP D 6 -0.54 1.37 17.15
C ASP D 6 0.59 0.90 16.23
N PRO D 7 0.98 -0.36 16.33
CA PRO D 7 2.07 -0.92 15.47
C PRO D 7 1.67 -0.96 14.00
N LEU D 8 0.36 -1.00 13.73
CA LEU D 8 -0.14 -1.04 12.37
C LEU D 8 0.21 0.22 11.58
N VAL D 9 0.09 1.39 12.23
CA VAL D 9 0.38 2.64 11.55
C VAL D 9 1.83 2.71 11.11
N VAL D 10 2.74 2.44 12.03
CA VAL D 10 4.17 2.46 11.70
C VAL D 10 4.49 1.35 10.73
N ALA D 11 3.94 0.17 10.97
CA ALA D 11 4.18 -0.97 10.10
C ALA D 11 3.78 -0.62 8.67
N ALA D 12 2.67 0.08 8.52
CA ALA D 12 2.20 0.47 7.20
C ALA D 12 3.26 1.29 6.47
N SER D 13 3.89 2.22 7.19
CA SER D 13 4.93 3.05 6.58
C SER D 13 6.09 2.19 6.07
N ILE D 14 6.53 1.25 6.90
CA ILE D 14 7.62 0.34 6.52
C ILE D 14 7.19 -0.59 5.39
N ILE D 15 5.96 -1.10 5.45
CA ILE D 15 5.49 -2.01 4.42
C ILE D 15 5.49 -1.34 3.05
N GLY D 16 5.01 -0.10 2.98
CA GLY D 16 4.97 0.61 1.72
C GLY D 16 6.37 0.96 1.23
N ILE D 17 7.16 1.56 2.11
CA ILE D 17 8.53 1.96 1.76
C ILE D 17 9.41 0.75 1.48
N LEU D 18 9.29 -0.29 2.31
CA LEU D 18 10.09 -1.50 2.14
C LEU D 18 9.80 -2.16 0.80
N HIS D 19 8.52 -2.26 0.46
CA HIS D 19 8.13 -2.87 -0.80
C HIS D 19 8.70 -2.09 -1.98
N LEU D 20 8.65 -0.76 -1.89
CA LEU D 20 9.16 0.09 -2.96
C LEU D 20 10.65 -0.12 -3.17
N ILE D 21 11.41 -0.28 -2.11
CA ILE D 21 12.85 -0.48 -2.25
C ILE D 21 13.14 -1.76 -3.03
N LEU D 22 12.44 -2.83 -2.68
CA LEU D 22 12.65 -4.11 -3.36
C LEU D 22 12.09 -4.08 -4.79
N TRP D 23 10.89 -3.54 -4.95
CA TRP D 23 10.24 -3.46 -6.25
C TRP D 23 10.95 -2.49 -7.19
N ILE D 24 11.28 -1.30 -6.70
CA ILE D 24 11.96 -0.31 -7.52
C ILE D 24 13.33 -0.84 -7.93
N LEU D 25 14.00 -1.48 -6.98
CA LEU D 25 15.32 -2.06 -7.22
C LEU D 25 15.20 -3.19 -8.26
N ASP D 26 14.14 -3.97 -8.14
CA ASP D 26 13.92 -5.10 -9.05
C ASP D 26 13.79 -4.62 -10.49
N ARG D 27 13.24 -3.42 -10.69
CA ARG D 27 13.06 -2.88 -12.03
C ARG D 27 14.40 -2.75 -12.75
N LEU D 28 15.46 -2.44 -12.00
CA LEU D 28 16.77 -2.29 -12.61
C LEU D 28 17.22 -3.61 -13.23
N PHE D 29 17.00 -4.71 -12.52
CA PHE D 29 17.39 -6.03 -13.02
C PHE D 29 16.61 -6.37 -14.29
N PHE D 30 15.31 -6.11 -14.27
CA PHE D 30 14.46 -6.39 -15.43
C PHE D 30 13.43 -5.27 -15.60
N LYS D 31 13.07 -5.00 -16.85
CA LYS D 31 12.09 -3.96 -17.16
C LYS D 31 10.69 -4.55 -17.30
S 3LW E . -3.17 0.94 3.09
BR 3LW E . -3.44 -0.10 0.33
C1 3LW E . -2.50 0.59 1.83
C2 3LW E . -1.19 0.80 1.87
N2 3LW E . -2.56 3.24 5.23
C3 3LW E . -0.87 1.28 3.07
C5 3LW E . -2.00 1.90 5.23
C10 3LW E . -3.09 3.80 6.50
C12 3LW E . -1.97 1.39 3.82
C61 3LW E . -3.61 5.25 6.29
C62 3LW E . -1.99 3.87 7.62
C63 3LW E . -4.27 2.96 7.06
C71 3LW E . -4.16 5.86 7.60
C72 3LW E . -2.56 4.48 8.92
C73 3LW E . -4.82 3.58 8.37
C81 3LW E . -3.06 5.90 8.65
C82 3LW E . -3.73 3.62 9.44
C83 3LW E . -5.33 5.00 8.11
H2 3LW E . -0.49 0.61 1.04
H3 3LW E . 0.15 1.55 3.36
H5 3LW E . -0.96 1.89 5.62
H61 3LW E . -4.39 5.24 5.55
H81 3LW E . -2.25 6.51 8.30
H62 3LW E . -1.64 2.88 7.84
H82 3LW E . -3.38 2.62 9.64
HN2 3LW E . -3.33 3.26 4.53
H63 3LW E . -3.94 1.96 7.27
H83 3LW E . -6.11 4.98 7.37
H5A 3LW E . -2.61 1.20 5.85
H61A 3LW E . -2.80 5.88 5.93
H62A 3LW E . -1.17 4.48 7.28
H63A 3LW E . -5.06 2.93 6.33
H71 3LW E . -4.51 6.85 7.40
H72 3LW E . -1.78 4.50 9.66
H73 3LW E . -5.65 2.97 8.71
H81A 3LW E . -3.45 6.32 9.57
H82A 3LW E . -4.13 4.06 10.34
H83A 3LW E . -5.71 5.42 9.03
HN2A 3LW E . -1.80 3.90 4.89
N SER A 1 -14.33 2.52 21.99
CA SER A 1 -13.02 2.74 22.65
C SER A 1 -12.05 1.63 22.24
N ASN A 2 -12.01 1.34 20.95
CA ASN A 2 -11.11 0.30 20.44
C ASN A 2 -10.85 0.50 18.95
N ASP A 3 -9.72 -0.01 18.48
CA ASP A 3 -9.37 0.12 17.07
C ASP A 3 -10.21 -0.83 16.22
N SER A 4 -10.84 -1.79 16.88
CA SER A 4 -11.68 -2.76 16.16
C SER A 4 -12.87 -2.06 15.54
N SER A 5 -13.17 -0.86 16.01
CA SER A 5 -14.30 -0.09 15.48
C SER A 5 -14.13 0.17 13.99
N ASP A 6 -12.90 0.51 13.59
CA ASP A 6 -12.61 0.79 12.18
C ASP A 6 -11.87 -0.40 11.53
N PRO A 7 -12.55 -1.27 10.81
CA PRO A 7 -11.90 -2.45 10.16
C PRO A 7 -11.12 -2.06 8.91
N LEU A 8 -11.35 -0.85 8.42
CA LEU A 8 -10.67 -0.38 7.20
C LEU A 8 -9.16 -0.39 7.39
N VAL A 9 -8.69 0.08 8.55
CA VAL A 9 -7.26 0.12 8.82
C VAL A 9 -6.68 -1.30 8.92
N VAL A 10 -7.45 -2.18 9.55
CA VAL A 10 -7.01 -3.56 9.72
C VAL A 10 -6.82 -4.23 8.36
N ALA A 11 -7.77 -4.01 7.46
CA ALA A 11 -7.68 -4.59 6.13
C ALA A 11 -6.45 -4.08 5.40
N ALA A 12 -6.14 -2.80 5.59
CA ALA A 12 -4.97 -2.21 4.94
C ALA A 12 -3.71 -3.01 5.26
N SER A 13 -3.53 -3.32 6.54
CA SER A 13 -2.36 -4.09 6.96
C SER A 13 -2.35 -5.47 6.30
N ILE A 14 -3.52 -6.09 6.24
CA ILE A 14 -3.66 -7.41 5.63
C ILE A 14 -3.33 -7.34 4.15
N ILE A 15 -3.83 -6.31 3.48
CA ILE A 15 -3.59 -6.13 2.05
C ILE A 15 -2.10 -6.00 1.77
N GLY A 16 -1.40 -5.21 2.57
CA GLY A 16 0.02 -5.02 2.36
C GLY A 16 0.78 -6.33 2.53
N ILE A 17 0.56 -7.00 3.67
CA ILE A 17 1.24 -8.26 3.93
C ILE A 17 0.79 -9.35 2.95
N LEU A 18 -0.51 -9.43 2.71
CA LEU A 18 -1.06 -10.44 1.80
C LEU A 18 -0.54 -10.23 0.38
N HIS A 19 -0.57 -8.99 -0.08
CA HIS A 19 -0.10 -8.68 -1.41
C HIS A 19 1.37 -9.05 -1.55
N LEU A 20 2.14 -8.79 -0.51
CA LEU A 20 3.57 -9.09 -0.53
C LEU A 20 3.81 -10.59 -0.70
N ILE A 21 3.01 -11.41 -0.04
CA ILE A 21 3.19 -12.84 -0.16
C ILE A 21 3.07 -13.27 -1.61
N LEU A 22 2.01 -12.84 -2.27
CA LEU A 22 1.80 -13.19 -3.68
C LEU A 22 2.83 -12.51 -4.59
N TRP A 23 3.08 -11.23 -4.33
CA TRP A 23 4.04 -10.48 -5.15
C TRP A 23 5.47 -11.00 -4.96
N ILE A 24 5.83 -11.34 -3.73
CA ILE A 24 7.16 -11.86 -3.45
C ILE A 24 7.39 -13.18 -4.19
N LEU A 25 6.42 -14.08 -4.12
CA LEU A 25 6.52 -15.37 -4.80
C LEU A 25 6.55 -15.17 -6.31
N ASP A 26 5.77 -14.22 -6.80
CA ASP A 26 5.71 -13.97 -8.24
C ASP A 26 7.12 -13.76 -8.79
N ARG A 27 7.89 -12.90 -8.14
CA ARG A 27 9.26 -12.64 -8.57
C ARG A 27 10.13 -13.89 -8.42
N LEU A 28 9.86 -14.69 -7.40
CA LEU A 28 10.64 -15.89 -7.15
C LEU A 28 10.55 -16.83 -8.35
N PHE A 29 9.34 -17.02 -8.88
CA PHE A 29 9.15 -17.89 -10.03
C PHE A 29 9.95 -17.39 -11.22
N PHE A 30 9.85 -16.09 -11.49
CA PHE A 30 10.57 -15.49 -12.61
C PHE A 30 10.81 -14.00 -12.37
N LYS A 31 11.80 -13.44 -13.04
CA LYS A 31 12.12 -12.03 -12.88
C LYS A 31 12.21 -11.66 -11.40
N SER B 1 -16.57 14.43 14.48
CA SER B 1 -16.72 13.19 15.29
C SER B 1 -17.01 12.02 14.35
N ASN B 2 -16.24 11.93 13.27
CA ASN B 2 -16.42 10.85 12.30
C ASN B 2 -15.15 10.66 11.48
N ASP B 3 -14.98 9.43 10.96
CA ASP B 3 -13.80 9.12 10.15
C ASP B 3 -13.93 9.76 8.77
N SER B 4 -15.13 10.19 8.42
CA SER B 4 -15.36 10.82 7.12
C SER B 4 -14.61 12.14 7.03
N SER B 5 -14.21 12.67 8.18
CA SER B 5 -13.48 13.93 8.23
C SER B 5 -12.18 13.83 7.43
N ASP B 6 -11.49 12.71 7.58
CA ASP B 6 -10.21 12.48 6.88
C ASP B 6 -10.41 11.53 5.69
N PRO B 7 -10.55 12.03 4.47
CA PRO B 7 -10.74 11.15 3.27
C PRO B 7 -9.46 10.48 2.82
N LEU B 8 -8.32 10.95 3.34
CA LEU B 8 -7.02 10.39 2.95
C LEU B 8 -6.95 8.91 3.29
N VAL B 9 -7.43 8.55 4.48
CA VAL B 9 -7.40 7.14 4.90
C VAL B 9 -8.32 6.30 4.03
N VAL B 10 -9.48 6.86 3.70
CA VAL B 10 -10.46 6.15 2.87
C VAL B 10 -9.87 5.84 1.50
N ALA B 11 -9.19 6.82 0.92
CA ALA B 11 -8.58 6.62 -0.39
C ALA B 11 -7.52 5.53 -0.33
N ALA B 12 -6.79 5.47 0.77
CA ALA B 12 -5.75 4.46 0.93
C ALA B 12 -6.33 3.07 0.75
N SER B 13 -7.45 2.80 1.41
CA SER B 13 -8.11 1.51 1.30
C SER B 13 -8.52 1.24 -0.14
N ILE B 14 -9.06 2.25 -0.80
CA ILE B 14 -9.49 2.12 -2.19
C ILE B 14 -8.30 1.83 -3.09
N ILE B 15 -7.20 2.53 -2.86
CA ILE B 15 -6.00 2.34 -3.66
C ILE B 15 -5.48 0.91 -3.55
N GLY B 16 -5.45 0.39 -2.33
CA GLY B 16 -4.98 -0.97 -2.12
C GLY B 16 -5.85 -1.98 -2.86
N ILE B 17 -7.16 -1.91 -2.62
CA ILE B 17 -8.10 -2.84 -3.25
C ILE B 17 -8.14 -2.61 -4.77
N LEU B 18 -8.22 -1.34 -5.17
CA LEU B 18 -8.28 -1.01 -6.59
C LEU B 18 -7.04 -1.47 -7.33
N HIS B 19 -5.88 -1.17 -6.74
CA HIS B 19 -4.61 -1.56 -7.34
C HIS B 19 -4.55 -3.06 -7.50
N LEU B 20 -5.03 -3.78 -6.49
CA LEU B 20 -5.01 -5.24 -6.53
C LEU B 20 -5.84 -5.77 -7.69
N ILE B 21 -6.98 -5.16 -7.95
CA ILE B 21 -7.82 -5.63 -9.05
C ILE B 21 -7.04 -5.58 -10.36
N LEU B 22 -6.41 -4.45 -10.64
CA LEU B 22 -5.64 -4.31 -11.87
C LEU B 22 -4.37 -5.17 -11.84
N TRP B 23 -3.68 -5.16 -10.70
CA TRP B 23 -2.44 -5.93 -10.57
C TRP B 23 -2.72 -7.44 -10.63
N ILE B 24 -3.80 -7.87 -9.99
CA ILE B 24 -4.16 -9.30 -9.99
C ILE B 24 -4.45 -9.78 -11.41
N LEU B 25 -5.23 -9.00 -12.15
CA LEU B 25 -5.56 -9.36 -13.52
C LEU B 25 -4.32 -9.34 -14.40
N ASP B 26 -3.43 -8.37 -14.15
CA ASP B 26 -2.22 -8.26 -14.95
C ASP B 26 -1.47 -9.59 -14.97
N ARG B 27 -1.29 -10.18 -13.79
CA ARG B 27 -0.60 -11.46 -13.70
C ARG B 27 -1.40 -12.56 -14.38
N LEU B 28 -2.72 -12.47 -14.31
CA LEU B 28 -3.58 -13.48 -14.90
C LEU B 28 -3.33 -13.57 -16.41
N PHE B 29 -3.23 -12.42 -17.07
CA PHE B 29 -2.99 -12.40 -18.50
C PHE B 29 -1.66 -13.07 -18.83
N PHE B 30 -0.62 -12.71 -18.08
CA PHE B 30 0.71 -13.28 -18.29
C PHE B 30 1.54 -13.21 -17.02
N LYS B 31 2.54 -14.08 -16.92
CA LYS B 31 3.40 -14.10 -15.75
C LYS B 31 2.57 -14.13 -14.47
N SER C 1 -4.06 18.63 18.03
CA SER C 1 -5.49 18.55 17.60
C SER C 1 -5.56 18.63 16.08
N ASN C 2 -4.71 17.88 15.41
CA ASN C 2 -4.69 17.87 13.95
C ASN C 2 -4.03 16.60 13.42
N ASP C 3 -4.40 16.21 12.20
CA ASP C 3 -3.82 15.01 11.59
C ASP C 3 -2.39 15.26 11.15
N SER C 4 -2.00 16.53 11.08
CA SER C 4 -0.66 16.89 10.67
C SER C 4 0.36 16.39 11.69
N SER C 5 -0.12 16.09 12.89
CA SER C 5 0.76 15.60 13.95
C SER C 5 1.45 14.32 13.52
N ASP C 6 0.70 13.42 12.88
CA ASP C 6 1.26 12.14 12.42
C ASP C 6 1.53 12.18 10.90
N PRO C 7 2.75 12.42 10.47
CA PRO C 7 3.07 12.47 9.01
C PRO C 7 3.14 11.08 8.37
N LEU C 8 3.21 10.04 9.20
CA LEU C 8 3.30 8.68 8.71
C LEU C 8 2.10 8.32 7.83
N VAL C 9 0.91 8.72 8.27
CA VAL C 9 -0.31 8.43 7.50
C VAL C 9 -0.30 9.20 6.18
N VAL C 10 0.15 10.45 6.24
CA VAL C 10 0.20 11.29 5.05
C VAL C 10 1.11 10.66 3.99
N ALA C 11 2.28 10.18 4.43
CA ALA C 11 3.22 9.57 3.51
C ALA C 11 2.61 8.33 2.87
N ALA C 12 1.83 7.57 3.65
CA ALA C 12 1.20 6.37 3.14
C ALA C 12 0.37 6.69 1.90
N SER C 13 -0.44 7.74 1.98
CA SER C 13 -1.28 8.14 0.86
C SER C 13 -0.41 8.52 -0.35
N ILE C 14 0.66 9.24 -0.08
CA ILE C 14 1.57 9.67 -1.14
C ILE C 14 2.23 8.46 -1.80
N ILE C 15 2.64 7.49 -0.98
CA ILE C 15 3.29 6.29 -1.49
C ILE C 15 2.35 5.52 -2.42
N GLY C 16 1.09 5.39 -2.01
CA GLY C 16 0.13 4.66 -2.82
C GLY C 16 -0.08 5.35 -4.17
N ILE C 17 -0.39 6.64 -4.13
CA ILE C 17 -0.61 7.40 -5.35
C ILE C 17 0.67 7.51 -6.18
N LEU C 18 1.78 7.82 -5.51
CA LEU C 18 3.06 7.97 -6.19
C LEU C 18 3.48 6.66 -6.85
N HIS C 19 3.38 5.57 -6.11
CA HIS C 19 3.75 4.27 -6.62
C HIS C 19 2.91 3.94 -7.85
N LEU C 20 1.63 4.27 -7.78
CA LEU C 20 0.72 3.98 -8.89
C LEU C 20 1.15 4.71 -10.16
N ILE C 21 1.60 5.95 -10.02
CA ILE C 21 2.02 6.69 -11.19
C ILE C 21 3.14 5.96 -11.91
N LEU C 22 4.16 5.55 -11.17
CA LEU C 22 5.29 4.83 -11.76
C LEU C 22 4.87 3.43 -12.22
N TRP C 23 4.10 2.73 -11.39
CA TRP C 23 3.66 1.37 -11.72
C TRP C 23 2.70 1.37 -12.92
N ILE C 24 1.80 2.36 -12.96
CA ILE C 24 0.84 2.44 -14.07
C ILE C 24 1.58 2.66 -15.40
N LEU C 25 2.53 3.58 -15.40
CA LEU C 25 3.30 3.86 -16.61
C LEU C 25 4.14 2.65 -17.00
N ASP C 26 4.69 1.96 -16.01
CA ASP C 26 5.52 0.79 -16.28
C ASP C 26 4.78 -0.18 -17.18
N ARG C 27 3.54 -0.49 -16.83
CA ARG C 27 2.72 -1.41 -17.64
C ARG C 27 2.43 -0.81 -19.01
N LEU C 28 2.27 0.51 -19.06
CA LEU C 28 1.95 1.17 -20.32
C LEU C 28 3.07 0.93 -21.34
N PHE C 29 4.32 1.06 -20.90
CA PHE C 29 5.45 0.84 -21.80
C PHE C 29 5.43 -0.59 -22.33
N PHE C 30 5.24 -1.56 -21.44
CA PHE C 30 5.20 -2.96 -21.83
C PHE C 30 4.39 -3.78 -20.84
N LYS C 31 3.90 -4.92 -21.29
CA LYS C 31 3.10 -5.79 -20.43
C LYS C 31 2.01 -4.99 -19.72
N SER D 1 -1.94 7.14 25.18
CA SER D 1 -1.89 8.53 24.65
C SER D 1 -0.72 8.66 23.68
N ASN D 2 -0.58 7.69 22.80
CA ASN D 2 0.51 7.71 21.82
C ASN D 2 0.17 6.82 20.62
N ASP D 3 0.76 7.13 19.48
CA ASP D 3 0.53 6.34 18.27
C ASP D 3 1.24 5.00 18.35
N SER D 4 2.17 4.89 19.28
CA SER D 4 2.93 3.64 19.46
C SER D 4 1.99 2.52 19.91
N SER D 5 0.82 2.90 20.42
CA SER D 5 -0.14 1.92 20.89
C SER D 5 -0.55 0.98 19.76
N ASP D 6 -0.77 1.54 18.57
CA ASP D 6 -1.17 0.75 17.40
C ASP D 6 0.02 0.54 16.45
N PRO D 7 0.68 -0.60 16.49
CA PRO D 7 1.86 -0.86 15.60
C PRO D 7 1.43 -1.19 14.18
N LEU D 8 0.15 -1.49 13.99
CA LEU D 8 -0.36 -1.85 12.66
C LEU D 8 -0.12 -0.73 11.66
N VAL D 9 -0.37 0.51 12.08
CA VAL D 9 -0.18 1.66 11.20
C VAL D 9 1.30 1.85 10.87
N VAL D 10 2.14 1.65 11.89
CA VAL D 10 3.58 1.80 11.70
C VAL D 10 4.09 0.82 10.67
N ALA D 11 3.64 -0.43 10.77
CA ALA D 11 4.07 -1.46 9.83
C ALA D 11 3.65 -1.09 8.41
N ALA D 12 2.46 -0.51 8.28
CA ALA D 12 1.97 -0.12 6.96
C ALA D 12 2.96 0.79 6.26
N SER D 13 3.46 1.80 6.98
CA SER D 13 4.42 2.73 6.41
C SER D 13 5.69 1.99 6.00
N ILE D 14 6.14 1.07 6.85
CA ILE D 14 7.35 0.30 6.56
C ILE D 14 7.14 -0.57 5.32
N ILE D 15 5.97 -1.19 5.24
CA ILE D 15 5.67 -2.06 4.09
C ILE D 15 5.72 -1.27 2.79
N GLY D 16 5.12 -0.09 2.79
CA GLY D 16 5.10 0.73 1.59
C GLY D 16 6.53 1.12 1.17
N ILE D 17 7.29 1.67 2.10
CA ILE D 17 8.66 2.09 1.81
C ILE D 17 9.55 0.88 1.51
N LEU D 18 9.41 -0.17 2.32
CA LEU D 18 10.22 -1.37 2.15
C LEU D 18 9.93 -2.04 0.81
N HIS D 19 8.64 -2.17 0.50
CA HIS D 19 8.23 -2.78 -0.75
C HIS D 19 8.80 -2.00 -1.92
N LEU D 20 8.76 -0.68 -1.81
CA LEU D 20 9.27 0.17 -2.89
C LEU D 20 10.75 -0.07 -3.14
N ILE D 21 11.51 -0.26 -2.08
CA ILE D 21 12.94 -0.48 -2.26
C ILE D 21 13.17 -1.71 -3.13
N LEU D 22 12.51 -2.81 -2.80
CA LEU D 22 12.66 -4.04 -3.57
C LEU D 22 12.02 -3.92 -4.96
N TRP D 23 10.84 -3.32 -5.01
CA TRP D 23 10.13 -3.16 -6.28
C TRP D 23 10.86 -2.19 -7.21
N ILE D 24 11.40 -1.11 -6.65
CA ILE D 24 12.14 -0.12 -7.45
C ILE D 24 13.38 -0.76 -8.08
N LEU D 25 14.12 -1.51 -7.28
CA LEU D 25 15.33 -2.17 -7.78
C LEU D 25 14.96 -3.24 -8.81
N ASP D 26 13.85 -3.93 -8.59
CA ASP D 26 13.43 -4.98 -9.51
C ASP D 26 13.35 -4.43 -10.93
N ARG D 27 12.70 -3.29 -11.09
CA ARG D 27 12.58 -2.66 -12.40
C ARG D 27 13.93 -2.21 -12.92
N LEU D 28 14.81 -1.78 -12.01
CA LEU D 28 16.13 -1.30 -12.41
C LEU D 28 16.90 -2.42 -13.12
N PHE D 29 16.84 -3.63 -12.57
CA PHE D 29 17.54 -4.76 -13.17
C PHE D 29 17.01 -5.02 -14.57
N PHE D 30 15.69 -5.05 -14.71
CA PHE D 30 15.07 -5.29 -16.01
C PHE D 30 13.67 -4.69 -16.05
N LYS D 31 13.18 -4.42 -17.26
CA LYS D 31 11.85 -3.84 -17.42
C LYS D 31 11.68 -2.63 -16.52
S 3LW E . -1.71 2.94 2.01
BR 3LW E . -0.81 3.10 -0.81
C1 3LW E . -1.10 2.26 0.86
C2 3LW E . -0.79 0.99 1.14
N2 3LW E . -2.76 3.21 4.61
C3 3LW E . -1.13 0.73 2.40
C5 3LW E . -2.16 1.90 4.39
C10 3LW E . -3.14 3.60 5.99
C12 3LW E . -1.66 1.82 2.97
C61 3LW E . -3.79 5.02 6.02
C62 3LW E . -1.92 3.63 6.94
C63 3LW E . -4.19 2.62 6.61
C71 3LW E . -4.19 5.43 7.45
C72 3LW E . -2.33 4.05 8.37
C73 3LW E . -4.58 3.05 8.04
C81 3LW E . -2.94 5.45 8.35
C82 3LW E . -3.35 3.06 8.94
C83 3LW E . -5.21 4.45 8.03
H2 3LW E . -0.32 0.28 0.44
H3 3LW E . -0.96 -0.25 2.88
H5 3LW E . -1.30 1.73 5.07
H61 3LW E . -4.67 5.02 5.39
H81 3LW E . -2.22 6.14 7.96
H62 3LW E . -1.45 2.66 6.99
H82 3LW E . -2.91 2.07 8.98
HN2 3LW E . -3.63 3.28 4.01
H63 3LW E . -3.78 1.62 6.66
H83 3LW E . -6.09 4.44 7.40
H5A 3LW E . -2.91 1.08 4.54
H61A 3LW E . -3.09 5.73 5.63
H62A 3LW E . -1.20 4.34 6.57
H63A 3LW E . -5.07 2.61 6.00
H71 3LW E . -4.62 6.42 7.43
H72 3LW E . -1.45 4.07 8.99
H73 3LW E . -5.30 2.35 8.42
H81A 3LW E . -3.23 5.74 9.35
H82A 3LW E . -3.63 3.36 9.94
H83A 3LW E . -5.47 4.74 9.03
HN2A 3LW E . -2.08 3.94 4.25
N SER A 1 -16.58 3.80 19.71
CA SER A 1 -16.00 2.67 20.49
C SER A 1 -14.98 1.93 19.62
N ASN A 2 -13.71 2.14 19.89
CA ASN A 2 -12.65 1.49 19.13
C ASN A 2 -12.82 1.74 17.64
N ASP A 3 -12.97 3.00 17.26
CA ASP A 3 -13.15 3.36 15.87
C ASP A 3 -11.89 3.03 15.07
N SER A 4 -10.74 3.23 15.70
CA SER A 4 -9.47 2.96 15.03
C SER A 4 -9.37 1.48 14.67
N SER A 5 -10.13 0.65 15.38
CA SER A 5 -10.12 -0.79 15.13
C SER A 5 -10.97 -1.12 13.91
N ASP A 6 -11.53 -0.09 13.29
CA ASP A 6 -12.38 -0.29 12.12
C ASP A 6 -11.74 -1.30 11.16
N PRO A 7 -12.55 -2.00 10.39
CA PRO A 7 -12.05 -3.02 9.42
C PRO A 7 -11.20 -2.39 8.32
N LEU A 8 -11.41 -1.10 8.06
CA LEU A 8 -10.65 -0.42 7.02
C LEU A 8 -9.16 -0.39 7.38
N VAL A 9 -8.88 -0.07 8.63
CA VAL A 9 -7.49 -0.01 9.08
C VAL A 9 -6.87 -1.40 9.10
N VAL A 10 -7.61 -2.36 9.66
CA VAL A 10 -7.13 -3.73 9.74
C VAL A 10 -6.94 -4.31 8.34
N ALA A 11 -7.91 -4.09 7.48
CA ALA A 11 -7.84 -4.59 6.12
C ALA A 11 -6.61 -4.04 5.39
N ALA A 12 -6.36 -2.74 5.59
CA ALA A 12 -5.21 -2.11 4.94
C ALA A 12 -3.92 -2.88 5.24
N SER A 13 -3.70 -3.16 6.52
CA SER A 13 -2.50 -3.89 6.92
C SER A 13 -2.50 -5.29 6.32
N ILE A 14 -3.66 -5.95 6.35
CA ILE A 14 -3.79 -7.30 5.82
C ILE A 14 -3.49 -7.32 4.33
N ILE A 15 -3.99 -6.33 3.61
CA ILE A 15 -3.77 -6.26 2.17
C ILE A 15 -2.29 -6.21 1.85
N GLY A 16 -1.54 -5.43 2.61
CA GLY A 16 -0.11 -5.31 2.37
C GLY A 16 0.59 -6.66 2.51
N ILE A 17 0.32 -7.35 3.62
CA ILE A 17 0.94 -8.65 3.86
C ILE A 17 0.51 -9.66 2.80
N LEU A 18 -0.78 -9.74 2.55
CA LEU A 18 -1.28 -10.69 1.57
C LEU A 18 -0.72 -10.41 0.18
N HIS A 19 -0.68 -9.15 -0.20
CA HIS A 19 -0.17 -8.78 -1.50
C HIS A 19 1.33 -9.09 -1.60
N LEU A 20 2.05 -8.80 -0.54
CA LEU A 20 3.49 -9.04 -0.53
C LEU A 20 3.79 -10.52 -0.69
N ILE A 21 3.01 -11.36 -0.03
CA ILE A 21 3.23 -12.80 -0.12
C ILE A 21 3.08 -13.28 -1.55
N LEU A 22 2.05 -12.81 -2.23
CA LEU A 22 1.82 -13.21 -3.62
C LEU A 22 2.81 -12.52 -4.56
N TRP A 23 3.04 -11.23 -4.30
CA TRP A 23 3.95 -10.45 -5.14
C TRP A 23 5.40 -10.91 -4.99
N ILE A 24 5.83 -11.09 -3.75
CA ILE A 24 7.20 -11.49 -3.49
C ILE A 24 7.46 -12.86 -4.11
N LEU A 25 6.47 -13.75 -4.05
CA LEU A 25 6.63 -15.09 -4.60
C LEU A 25 6.87 -15.00 -6.11
N ASP A 26 6.15 -14.11 -6.77
CA ASP A 26 6.30 -13.96 -8.21
C ASP A 26 7.73 -13.57 -8.56
N ARG A 27 8.31 -12.67 -7.77
CA ARG A 27 9.67 -12.23 -8.01
C ARG A 27 10.65 -13.40 -7.81
N LEU A 28 10.21 -14.40 -7.06
CA LEU A 28 11.08 -15.55 -6.80
C LEU A 28 11.43 -16.26 -8.10
N PHE A 29 10.43 -16.47 -8.94
CA PHE A 29 10.65 -17.15 -10.21
C PHE A 29 11.61 -16.36 -11.08
N PHE A 30 11.38 -15.05 -11.18
CA PHE A 30 12.24 -14.18 -11.98
C PHE A 30 13.07 -13.27 -11.09
N LYS A 31 14.39 -13.40 -11.18
CA LYS A 31 15.29 -12.58 -10.38
C LYS A 31 16.60 -12.35 -11.12
N SER B 1 -14.63 16.69 13.73
CA SER B 1 -15.86 15.89 13.50
C SER B 1 -15.56 14.77 12.50
N ASN B 2 -15.43 13.55 13.01
CA ASN B 2 -15.15 12.41 12.15
C ASN B 2 -13.89 12.64 11.32
N ASP B 3 -12.81 13.05 11.98
CA ASP B 3 -11.55 13.32 11.30
C ASP B 3 -11.00 12.03 10.70
N SER B 4 -11.17 10.92 11.41
CA SER B 4 -10.68 9.63 10.93
C SER B 4 -11.36 9.26 9.62
N SER B 5 -12.53 9.83 9.38
CA SER B 5 -13.28 9.56 8.16
C SER B 5 -12.70 10.35 6.99
N ASP B 6 -11.64 11.10 7.26
CA ASP B 6 -11.01 11.91 6.23
C ASP B 6 -10.87 11.11 4.94
N PRO B 7 -10.86 11.78 3.81
CA PRO B 7 -10.73 11.13 2.48
C PRO B 7 -9.38 10.42 2.32
N LEU B 8 -8.38 10.88 3.06
CA LEU B 8 -7.05 10.28 2.98
C LEU B 8 -7.09 8.82 3.43
N VAL B 9 -7.77 8.58 4.55
CA VAL B 9 -7.88 7.22 5.07
C VAL B 9 -8.72 6.34 4.13
N VAL B 10 -9.85 6.88 3.71
CA VAL B 10 -10.75 6.15 2.82
C VAL B 10 -10.05 5.87 1.48
N ALA B 11 -9.39 6.88 0.95
CA ALA B 11 -8.69 6.74 -0.32
C ALA B 11 -7.63 5.66 -0.23
N ALA B 12 -6.90 5.64 0.88
CA ALA B 12 -5.85 4.66 1.07
C ALA B 12 -6.38 3.24 0.88
N SER B 13 -7.48 2.95 1.54
CA SER B 13 -8.10 1.62 1.43
C SER B 13 -8.56 1.36 0.00
N ILE B 14 -9.17 2.37 -0.61
CA ILE B 14 -9.67 2.25 -1.98
C ILE B 14 -8.53 1.98 -2.95
N ILE B 15 -7.42 2.67 -2.76
CA ILE B 15 -6.26 2.50 -3.63
C ILE B 15 -5.79 1.05 -3.62
N GLY B 16 -5.73 0.45 -2.44
CA GLY B 16 -5.29 -0.92 -2.32
C GLY B 16 -6.17 -1.87 -3.13
N ILE B 17 -7.48 -1.75 -2.94
CA ILE B 17 -8.42 -2.61 -3.66
C ILE B 17 -8.35 -2.37 -5.16
N LEU B 18 -8.38 -1.10 -5.55
CA LEU B 18 -8.35 -0.78 -6.98
C LEU B 18 -7.05 -1.27 -7.61
N HIS B 19 -5.93 -1.05 -6.93
CA HIS B 19 -4.64 -1.46 -7.46
C HIS B 19 -4.56 -2.98 -7.56
N LEU B 20 -5.07 -3.66 -6.53
CA LEU B 20 -5.04 -5.12 -6.52
C LEU B 20 -5.84 -5.70 -7.67
N ILE B 21 -6.99 -5.09 -7.96
CA ILE B 21 -7.83 -5.59 -9.04
C ILE B 21 -7.08 -5.51 -10.37
N LEU B 22 -6.42 -4.40 -10.61
CA LEU B 22 -5.67 -4.23 -11.85
C LEU B 22 -4.39 -5.04 -11.84
N TRP B 23 -3.71 -5.04 -10.70
CA TRP B 23 -2.45 -5.77 -10.56
C TRP B 23 -2.66 -7.28 -10.60
N ILE B 24 -3.64 -7.76 -9.86
CA ILE B 24 -3.91 -9.17 -9.81
C ILE B 24 -4.30 -9.69 -11.20
N LEU B 25 -5.06 -8.88 -11.93
CA LEU B 25 -5.49 -9.29 -13.26
C LEU B 25 -4.27 -9.49 -14.16
N ASP B 26 -3.30 -8.60 -14.05
CA ASP B 26 -2.10 -8.69 -14.88
C ASP B 26 -1.39 -10.01 -14.63
N ARG B 27 -1.32 -10.42 -13.37
CA ARG B 27 -0.66 -11.67 -13.02
C ARG B 27 -1.44 -12.85 -13.62
N LEU B 28 -2.70 -12.63 -13.91
CA LEU B 28 -3.53 -13.70 -14.47
C LEU B 28 -2.97 -14.16 -15.81
N PHE B 29 -2.62 -13.21 -16.66
CA PHE B 29 -2.08 -13.53 -17.98
C PHE B 29 -0.79 -14.31 -17.84
N PHE B 30 0.11 -13.84 -16.97
CA PHE B 30 1.40 -14.50 -16.76
C PHE B 30 1.44 -15.14 -15.39
N LYS B 31 1.60 -16.47 -15.37
CA LYS B 31 1.66 -17.21 -14.11
C LYS B 31 2.55 -18.44 -14.26
N SER C 1 -1.24 17.19 19.55
CA SER C 1 -1.75 18.27 18.66
C SER C 1 -1.70 17.78 17.22
N ASN C 2 -2.86 17.42 16.67
CA ASN C 2 -2.94 16.95 15.30
C ASN C 2 -1.99 15.77 15.07
N ASP C 3 -2.07 14.78 15.95
CA ASP C 3 -1.21 13.61 15.85
C ASP C 3 -1.53 12.83 14.58
N SER C 4 -2.81 12.78 14.22
CA SER C 4 -3.24 12.07 13.03
C SER C 4 -2.60 12.68 11.79
N SER C 5 -2.20 13.94 11.90
CA SER C 5 -1.58 14.65 10.79
C SER C 5 -0.12 14.24 10.65
N ASP C 6 0.32 13.35 11.52
CA ASP C 6 1.71 12.89 11.50
C ASP C 6 2.17 12.63 10.06
N PRO C 7 3.45 12.76 9.80
CA PRO C 7 4.02 12.53 8.44
C PRO C 7 3.86 11.08 7.99
N LEU C 8 3.75 10.17 8.95
CA LEU C 8 3.60 8.75 8.63
C LEU C 8 2.30 8.51 7.87
N VAL C 9 1.22 9.12 8.34
CA VAL C 9 -0.07 8.97 7.69
C VAL C 9 -0.07 9.64 6.32
N VAL C 10 0.44 10.86 6.27
CA VAL C 10 0.50 11.61 5.03
C VAL C 10 1.40 10.91 4.02
N ALA C 11 2.55 10.45 4.49
CA ALA C 11 3.49 9.77 3.62
C ALA C 11 2.87 8.51 3.03
N ALA C 12 2.14 7.77 3.85
CA ALA C 12 1.50 6.55 3.39
C ALA C 12 0.64 6.82 2.16
N SER C 13 -0.22 7.84 2.25
CA SER C 13 -1.07 8.19 1.12
C SER C 13 -0.25 8.63 -0.08
N ILE C 14 0.78 9.42 0.17
CA ILE C 14 1.65 9.91 -0.90
C ILE C 14 2.35 8.76 -1.59
N ILE C 15 2.82 7.79 -0.82
CA ILE C 15 3.51 6.64 -1.39
C ILE C 15 2.61 5.90 -2.38
N GLY C 16 1.35 5.73 -2.01
CA GLY C 16 0.42 5.02 -2.89
C GLY C 16 0.28 5.73 -4.23
N ILE C 17 0.04 7.04 -4.19
CA ILE C 17 -0.12 7.82 -5.42
C ILE C 17 1.16 7.82 -6.24
N LEU C 18 2.28 8.08 -5.59
CA LEU C 18 3.56 8.13 -6.29
C LEU C 18 3.89 6.78 -6.91
N HIS C 19 3.67 5.72 -6.16
CA HIS C 19 3.97 4.39 -6.65
C HIS C 19 3.06 4.02 -7.80
N LEU C 20 1.79 4.38 -7.68
CA LEU C 20 0.82 4.07 -8.73
C LEU C 20 1.19 4.78 -10.04
N ILE C 21 1.64 6.01 -9.93
CA ILE C 21 2.00 6.77 -11.13
C ILE C 21 3.14 6.08 -11.86
N LEU C 22 4.15 5.64 -11.13
CA LEU C 22 5.28 4.96 -11.74
C LEU C 22 4.91 3.53 -12.17
N TRP C 23 4.16 2.86 -11.31
CA TRP C 23 3.75 1.48 -11.59
C TRP C 23 2.77 1.41 -12.75
N ILE C 24 1.76 2.26 -12.72
CA ILE C 24 0.76 2.27 -13.77
C ILE C 24 1.39 2.57 -15.12
N LEU C 25 2.37 3.47 -15.12
CA LEU C 25 3.03 3.86 -16.36
C LEU C 25 3.74 2.63 -16.96
N ASP C 26 4.38 1.85 -16.11
CA ASP C 26 5.09 0.67 -16.58
C ASP C 26 4.14 -0.29 -17.29
N ARG C 27 2.95 -0.46 -16.73
CA ARG C 27 1.96 -1.34 -17.34
C ARG C 27 1.52 -0.79 -18.70
N LEU C 28 1.71 0.51 -18.90
CA LEU C 28 1.31 1.13 -20.15
C LEU C 28 2.07 0.51 -21.31
N PHE C 29 3.38 0.37 -21.15
CA PHE C 29 4.21 -0.20 -22.19
C PHE C 29 3.78 -1.63 -22.51
N PHE C 30 3.57 -2.43 -21.47
CA PHE C 30 3.17 -3.82 -21.65
C PHE C 30 1.72 -4.01 -21.19
N LYS C 31 0.87 -4.41 -22.12
CA LYS C 31 -0.54 -4.63 -21.81
C LYS C 31 -1.11 -5.73 -22.71
N SER D 1 -3.05 4.26 25.63
CA SER D 1 -1.74 4.98 25.73
C SER D 1 -1.00 4.86 24.40
N ASN D 2 -1.00 5.94 23.63
CA ASN D 2 -0.32 5.95 22.33
C ASN D 2 -0.81 4.80 21.46
N ASP D 3 -2.12 4.68 21.32
CA ASP D 3 -2.71 3.61 20.52
C ASP D 3 -2.32 3.79 19.05
N SER D 4 -2.27 5.05 18.60
CA SER D 4 -1.91 5.34 17.22
C SER D 4 -0.51 4.85 16.91
N SER D 5 0.30 4.70 17.96
CA SER D 5 1.67 4.24 17.79
C SER D 5 1.71 2.73 17.60
N ASP D 6 0.53 2.11 17.60
CA ASP D 6 0.44 0.67 17.44
C ASP D 6 1.39 0.19 16.33
N PRO D 7 1.84 -1.04 16.43
CA PRO D 7 2.77 -1.63 15.41
C PRO D 7 2.12 -1.74 14.03
N LEU D 8 0.79 -1.82 14.01
CA LEU D 8 0.07 -1.94 12.75
C LEU D 8 0.30 -0.70 11.89
N VAL D 9 0.20 0.47 12.50
CA VAL D 9 0.40 1.73 11.78
C VAL D 9 1.85 1.87 11.34
N VAL D 10 2.77 1.60 12.27
CA VAL D 10 4.20 1.70 11.98
C VAL D 10 4.59 0.70 10.90
N ALA D 11 4.11 -0.53 11.03
CA ALA D 11 4.42 -1.57 10.07
C ALA D 11 3.93 -1.19 8.68
N ALA D 12 2.74 -0.62 8.62
CA ALA D 12 2.18 -0.22 7.33
C ALA D 12 3.14 0.69 6.58
N SER D 13 3.64 1.71 7.26
CA SER D 13 4.57 2.65 6.65
C SER D 13 5.86 1.94 6.26
N ILE D 14 6.35 1.07 7.13
CA ILE D 14 7.58 0.33 6.89
C ILE D 14 7.43 -0.56 5.66
N ILE D 15 6.28 -1.22 5.56
CA ILE D 15 6.03 -2.11 4.43
C ILE D 15 6.15 -1.36 3.11
N GLY D 16 5.59 -0.17 3.05
CA GLY D 16 5.63 0.63 1.83
C GLY D 16 7.08 0.92 1.41
N ILE D 17 7.88 1.41 2.36
CA ILE D 17 9.27 1.73 2.06
C ILE D 17 10.06 0.49 1.68
N LEU D 18 9.91 -0.56 2.47
CA LEU D 18 10.63 -1.80 2.19
C LEU D 18 10.24 -2.38 0.84
N HIS D 19 8.96 -2.38 0.55
CA HIS D 19 8.47 -2.92 -0.71
C HIS D 19 8.97 -2.08 -1.88
N LEU D 20 8.93 -0.76 -1.71
CA LEU D 20 9.36 0.15 -2.76
C LEU D 20 10.84 -0.06 -3.09
N ILE D 21 11.64 -0.28 -2.06
CA ILE D 21 13.07 -0.46 -2.28
C ILE D 21 13.32 -1.72 -3.12
N LEU D 22 12.63 -2.79 -2.81
CA LEU D 22 12.79 -4.02 -3.58
C LEU D 22 12.11 -3.92 -4.94
N TRP D 23 10.92 -3.33 -4.95
CA TRP D 23 10.16 -3.20 -6.19
C TRP D 23 10.82 -2.22 -7.16
N ILE D 24 11.23 -1.08 -6.64
CA ILE D 24 11.85 -0.08 -7.48
C ILE D 24 13.14 -0.62 -8.09
N LEU D 25 13.88 -1.39 -7.32
CA LEU D 25 15.13 -1.96 -7.79
C LEU D 25 14.87 -2.88 -8.99
N ASP D 26 13.80 -3.67 -8.90
CA ASP D 26 13.47 -4.59 -9.98
C ASP D 26 13.23 -3.83 -11.28
N ARG D 27 12.55 -2.70 -11.18
CA ARG D 27 12.27 -1.89 -12.35
C ARG D 27 13.56 -1.34 -12.93
N LEU D 28 14.60 -1.26 -12.10
CA LEU D 28 15.88 -0.73 -12.56
C LEU D 28 16.43 -1.59 -13.70
N PHE D 29 16.39 -2.90 -13.51
CA PHE D 29 16.91 -3.81 -14.53
C PHE D 29 16.14 -3.65 -15.83
N PHE D 30 14.80 -3.62 -15.73
CA PHE D 30 13.96 -3.48 -16.91
C PHE D 30 13.31 -2.11 -16.93
N LYS D 31 13.60 -1.33 -17.97
CA LYS D 31 13.03 0.01 -18.10
C LYS D 31 12.88 0.37 -19.57
S 3LW E . -0.78 -0.01 4.15
BR 3LW E . -0.37 -2.34 2.38
C1 3LW E . -0.55 -0.49 2.79
C2 3LW E . -0.50 0.50 1.89
N2 3LW E . -2.03 2.01 5.82
C3 3LW E . -0.67 1.65 2.53
C5 3LW E . -1.05 2.48 4.85
C10 3LW E . -2.72 3.01 6.68
C12 3LW E . -0.84 1.43 3.84
C61 3LW E . -3.56 4.02 5.82
C62 3LW E . -1.72 3.84 7.55
C63 3LW E . -3.71 2.32 7.65
C71 3LW E . -4.27 5.06 6.72
C72 3LW E . -2.45 4.86 8.43
C73 3LW E . -4.44 3.37 8.54
C81 3LW E . -3.24 5.83 7.54
C82 3LW E . -3.41 4.14 9.38
C83 3LW E . -5.24 4.34 7.67
H2 3LW E . -0.34 0.38 0.81
H3 3LW E . -0.68 2.62 2.03
H5 3LW E . -1.42 3.40 4.33
H61 3LW E . -4.30 3.48 5.25
H81 3LW E . -2.55 6.33 6.86
H62 3LW E . -1.15 3.17 8.18
H82 3LW E . -2.85 3.46 9.99
HN2 3LW E . -1.55 1.33 6.46
H63 3LW E . -3.17 1.63 8.29
H83 3LW E . -5.97 3.79 7.10
H5A 3LW E . -0.08 2.71 5.34
H61A 3LW E . -2.92 4.55 5.14
H62A 3LW E . -1.03 4.38 6.90
H63A 3LW E . -4.46 1.78 7.09
H71 3LW E . -4.83 5.74 6.10
H72 3LW E . -1.73 5.41 9.01
H73 3LW E . -5.11 2.85 9.22
H81A 3LW E . -3.74 6.57 8.16
H82A 3LW E . -3.92 4.87 10.00
H83A 3LW E . -5.73 5.06 8.29
HN2A 3LW E . -2.77 1.47 5.29
N SER A 1 -19.26 -4.05 16.91
CA SER A 1 -18.12 -4.93 17.31
C SER A 1 -16.81 -4.32 16.83
N ASN A 2 -15.71 -4.96 17.17
CA ASN A 2 -14.39 -4.48 16.76
C ASN A 2 -14.18 -3.05 17.23
N ASP A 3 -14.71 -2.73 18.41
CA ASP A 3 -14.58 -1.38 18.96
C ASP A 3 -13.12 -1.06 19.23
N SER A 4 -12.37 -2.06 19.71
CA SER A 4 -10.96 -1.87 20.01
C SER A 4 -10.20 -1.43 18.78
N SER A 5 -10.47 -2.07 17.64
CA SER A 5 -9.80 -1.73 16.39
C SER A 5 -10.73 -1.97 15.21
N ASP A 6 -11.01 -0.90 14.47
CA ASP A 6 -11.90 -1.00 13.32
C ASP A 6 -11.32 -1.96 12.27
N PRO A 7 -12.15 -2.59 11.49
CA PRO A 7 -11.70 -3.54 10.43
C PRO A 7 -10.96 -2.82 9.31
N LEU A 8 -11.19 -1.52 9.19
CA LEU A 8 -10.54 -0.76 8.14
C LEU A 8 -9.02 -0.78 8.31
N VAL A 9 -8.58 -0.52 9.53
CA VAL A 9 -7.15 -0.51 9.81
C VAL A 9 -6.56 -1.89 9.59
N VAL A 10 -7.25 -2.91 10.08
CA VAL A 10 -6.79 -4.29 9.94
C VAL A 10 -6.70 -4.66 8.47
N ALA A 11 -7.72 -4.29 7.70
CA ALA A 11 -7.74 -4.60 6.28
C ALA A 11 -6.54 -3.97 5.57
N ALA A 12 -6.19 -2.75 5.97
CA ALA A 12 -5.06 -2.06 5.37
C ALA A 12 -3.80 -2.90 5.49
N SER A 13 -3.56 -3.44 6.68
CA SER A 13 -2.38 -4.27 6.91
C SER A 13 -2.46 -5.57 6.12
N ILE A 14 -3.66 -6.15 6.07
CA ILE A 14 -3.88 -7.39 5.35
C ILE A 14 -3.64 -7.19 3.85
N ILE A 15 -4.14 -6.08 3.32
CA ILE A 15 -3.97 -5.80 1.90
C ILE A 15 -2.50 -5.71 1.54
N GLY A 16 -1.74 -5.01 2.35
CA GLY A 16 -0.31 -4.85 2.09
C GLY A 16 0.45 -6.15 2.36
N ILE A 17 0.20 -6.75 3.51
CA ILE A 17 0.88 -7.98 3.88
C ILE A 17 0.49 -9.11 2.93
N LEU A 18 -0.80 -9.24 2.67
CA LEU A 18 -1.29 -10.30 1.79
C LEU A 18 -0.73 -10.13 0.38
N HIS A 19 -0.77 -8.91 -0.11
CA HIS A 19 -0.27 -8.62 -1.46
C HIS A 19 1.20 -8.99 -1.57
N LEU A 20 1.96 -8.69 -0.52
CA LEU A 20 3.38 -8.98 -0.52
C LEU A 20 3.62 -10.48 -0.65
N ILE A 21 2.82 -11.27 0.01
CA ILE A 21 3.00 -12.71 -0.04
C ILE A 21 2.90 -13.20 -1.49
N LEU A 22 1.87 -12.75 -2.20
CA LEU A 22 1.68 -13.15 -3.59
C LEU A 22 2.71 -12.50 -4.49
N TRP A 23 2.92 -11.20 -4.29
CA TRP A 23 3.87 -10.46 -5.10
C TRP A 23 5.30 -10.97 -4.87
N ILE A 24 5.58 -11.35 -3.64
CA ILE A 24 6.91 -11.83 -3.31
C ILE A 24 7.21 -13.11 -4.07
N LEU A 25 6.25 -14.02 -4.12
CA LEU A 25 6.43 -15.29 -4.81
C LEU A 25 6.70 -15.04 -6.28
N ASP A 26 5.99 -14.09 -6.86
CA ASP A 26 6.16 -13.77 -8.27
C ASP A 26 7.58 -13.27 -8.54
N ARG A 27 8.14 -12.57 -7.56
CA ARG A 27 9.49 -12.02 -7.71
C ARG A 27 10.49 -13.13 -7.99
N LEU A 28 10.39 -14.22 -7.24
CA LEU A 28 11.29 -15.35 -7.43
C LEU A 28 11.12 -15.96 -8.81
N PHE A 29 9.87 -16.10 -9.24
CA PHE A 29 9.58 -16.69 -10.54
C PHE A 29 9.27 -15.59 -11.57
N PHE A 30 9.74 -14.39 -11.29
CA PHE A 30 9.51 -13.27 -12.19
C PHE A 30 9.90 -13.64 -13.62
N LYS A 31 9.00 -13.41 -14.55
CA LYS A 31 9.24 -13.73 -15.96
C LYS A 31 8.46 -12.79 -16.87
N SER B 1 -17.59 17.81 5.93
CA SER B 1 -18.34 16.55 5.65
C SER B 1 -17.44 15.36 5.94
N ASN B 2 -17.99 14.15 5.81
CA ASN B 2 -17.23 12.93 6.05
C ASN B 2 -16.64 12.95 7.47
N ASP B 3 -17.38 13.52 8.40
CA ASP B 3 -16.93 13.59 9.79
C ASP B 3 -16.77 12.19 10.38
N SER B 4 -17.68 11.30 10.02
CA SER B 4 -17.63 9.94 10.52
C SER B 4 -16.32 9.27 10.14
N SER B 5 -15.90 9.45 8.89
CA SER B 5 -14.66 8.85 8.40
C SER B 5 -14.03 9.75 7.35
N ASP B 6 -12.81 10.20 7.64
CA ASP B 6 -12.09 11.08 6.71
C ASP B 6 -11.85 10.36 5.37
N PRO B 7 -11.75 11.10 4.31
CA PRO B 7 -11.50 10.52 2.95
C PRO B 7 -10.11 9.92 2.84
N LEU B 8 -9.22 10.35 3.71
CA LEU B 8 -7.85 9.85 3.67
C LEU B 8 -7.84 8.34 3.93
N VAL B 9 -8.54 7.93 4.97
CA VAL B 9 -8.59 6.52 5.32
C VAL B 9 -9.25 5.72 4.21
N VAL B 10 -10.35 6.23 3.69
CA VAL B 10 -11.07 5.56 2.62
C VAL B 10 -10.18 5.43 1.39
N ALA B 11 -9.47 6.51 1.05
CA ALA B 11 -8.59 6.49 -0.11
C ALA B 11 -7.53 5.42 0.04
N ALA B 12 -7.00 5.27 1.25
CA ALA B 12 -5.97 4.26 1.51
C ALA B 12 -6.46 2.87 1.09
N SER B 13 -7.69 2.54 1.50
CA SER B 13 -8.26 1.25 1.16
C SER B 13 -8.50 1.13 -0.35
N ILE B 14 -8.97 2.21 -0.94
CA ILE B 14 -9.25 2.24 -2.38
C ILE B 14 -7.95 2.06 -3.17
N ILE B 15 -6.90 2.73 -2.74
CA ILE B 15 -5.62 2.63 -3.44
C ILE B 15 -5.11 1.20 -3.43
N GLY B 16 -5.20 0.54 -2.29
CA GLY B 16 -4.74 -0.83 -2.17
C GLY B 16 -5.69 -1.79 -2.90
N ILE B 17 -6.98 -1.65 -2.62
CA ILE B 17 -7.97 -2.53 -3.23
C ILE B 17 -8.02 -2.31 -4.74
N LEU B 18 -8.05 -1.06 -5.15
CA LEU B 18 -8.12 -0.74 -6.57
C LEU B 18 -6.88 -1.24 -7.30
N HIS B 19 -5.72 -1.01 -6.71
CA HIS B 19 -4.47 -1.44 -7.31
C HIS B 19 -4.45 -2.94 -7.49
N LEU B 20 -4.97 -3.66 -6.50
CA LEU B 20 -5.01 -5.11 -6.56
C LEU B 20 -5.83 -5.58 -7.74
N ILE B 21 -6.94 -4.92 -8.00
CA ILE B 21 -7.79 -5.33 -9.10
C ILE B 21 -7.02 -5.29 -10.42
N LEU B 22 -6.31 -4.20 -10.65
CA LEU B 22 -5.54 -4.05 -11.88
C LEU B 22 -4.31 -4.96 -11.86
N TRP B 23 -3.62 -4.98 -10.72
CA TRP B 23 -2.43 -5.79 -10.58
C TRP B 23 -2.75 -7.27 -10.64
N ILE B 24 -3.90 -7.63 -10.11
CA ILE B 24 -4.32 -9.02 -10.11
C ILE B 24 -4.52 -9.52 -11.54
N LEU B 25 -5.18 -8.71 -12.36
CA LEU B 25 -5.44 -9.08 -13.73
C LEU B 25 -4.14 -9.30 -14.49
N ASP B 26 -3.17 -8.43 -14.23
CA ASP B 26 -1.88 -8.53 -14.89
C ASP B 26 -1.18 -9.84 -14.51
N ARG B 27 -1.42 -10.30 -13.29
CA ARG B 27 -0.80 -11.54 -12.83
C ARG B 27 -1.19 -12.70 -13.73
N LEU B 28 -2.47 -12.79 -14.07
CA LEU B 28 -2.95 -13.86 -14.94
C LEU B 28 -2.31 -13.77 -16.31
N PHE B 29 -2.22 -12.56 -16.84
CA PHE B 29 -1.63 -12.34 -18.16
C PHE B 29 -0.20 -11.85 -18.05
N PHE B 30 0.42 -12.12 -16.90
CA PHE B 30 1.80 -11.71 -16.67
C PHE B 30 2.68 -12.13 -17.84
N LYS B 31 3.44 -11.19 -18.38
CA LYS B 31 4.33 -11.47 -19.50
C LYS B 31 5.53 -10.54 -19.48
N SER C 1 5.27 21.08 14.28
CA SER C 1 4.50 21.55 13.10
C SER C 1 3.62 20.41 12.58
N ASN C 2 2.83 20.70 11.55
CA ASN C 2 1.96 19.68 10.97
C ASN C 2 1.04 19.09 12.03
N ASP C 3 0.62 19.93 12.98
CA ASP C 3 -0.26 19.47 14.06
C ASP C 3 -1.59 19.01 13.51
N SER C 4 -2.08 19.71 12.49
CA SER C 4 -3.36 19.36 11.88
C SER C 4 -3.32 17.94 11.32
N SER C 5 -2.23 17.60 10.64
CA SER C 5 -2.08 16.27 10.07
C SER C 5 -0.62 15.85 10.08
N ASP C 6 -0.33 14.75 10.76
CA ASP C 6 1.04 14.26 10.84
C ASP C 6 1.57 13.88 9.45
N PRO C 7 2.85 13.96 9.24
CA PRO C 7 3.48 13.62 7.93
C PRO C 7 3.36 12.13 7.63
N LEU C 8 3.17 11.33 8.66
CA LEU C 8 3.07 9.89 8.48
C LEU C 8 1.88 9.55 7.61
N VAL C 9 0.74 10.14 7.93
CA VAL C 9 -0.48 9.88 7.17
C VAL C 9 -0.32 10.36 5.74
N VAL C 10 0.23 11.56 5.59
CA VAL C 10 0.43 12.13 4.27
C VAL C 10 1.38 11.25 3.44
N ALA C 11 2.45 10.80 4.07
CA ALA C 11 3.42 9.95 3.39
C ALA C 11 2.75 8.68 2.88
N ALA C 12 1.87 8.12 3.69
CA ALA C 12 1.17 6.90 3.31
C ALA C 12 0.45 7.08 1.98
N SER C 13 -0.26 8.21 1.85
CA SER C 13 -0.98 8.49 0.61
C SER C 13 -0.01 8.73 -0.54
N ILE C 14 1.09 9.43 -0.26
CA ILE C 14 2.09 9.71 -1.28
C ILE C 14 2.74 8.43 -1.77
N ILE C 15 3.06 7.53 -0.84
CA ILE C 15 3.69 6.27 -1.22
C ILE C 15 2.80 5.47 -2.16
N GLY C 16 1.52 5.40 -1.84
CA GLY C 16 0.58 4.66 -2.66
C GLY C 16 0.31 5.38 -3.98
N ILE C 17 0.00 6.67 -3.88
CA ILE C 17 -0.31 7.46 -5.06
C ILE C 17 0.91 7.58 -5.96
N LEU C 18 2.06 7.88 -5.36
CA LEU C 18 3.28 8.04 -6.13
C LEU C 18 3.67 6.74 -6.82
N HIS C 19 3.58 5.64 -6.07
CA HIS C 19 3.93 4.33 -6.60
C HIS C 19 3.05 4.00 -7.79
N LEU C 20 1.77 4.34 -7.69
CA LEU C 20 0.82 4.06 -8.77
C LEU C 20 1.22 4.78 -10.04
N ILE C 21 1.68 6.01 -9.90
CA ILE C 21 2.06 6.77 -11.07
C ILE C 21 3.16 6.05 -11.85
N LEU C 22 4.18 5.59 -11.13
CA LEU C 22 5.29 4.89 -11.78
C LEU C 22 4.87 3.49 -12.21
N TRP C 23 4.15 2.80 -11.35
CA TRP C 23 3.69 1.45 -11.64
C TRP C 23 2.69 1.46 -12.79
N ILE C 24 1.87 2.49 -12.85
CA ILE C 24 0.86 2.60 -13.89
C ILE C 24 1.52 2.72 -15.25
N LEU C 25 2.55 3.54 -15.33
CA LEU C 25 3.25 3.74 -16.60
C LEU C 25 3.86 2.43 -17.08
N ASP C 26 4.41 1.67 -16.15
CA ASP C 26 5.03 0.40 -16.49
C ASP C 26 3.99 -0.57 -17.06
N ARG C 27 2.75 -0.46 -16.57
CA ARG C 27 1.68 -1.34 -17.03
C ARG C 27 1.49 -1.19 -18.54
N LEU C 28 1.48 0.05 -19.02
CA LEU C 28 1.30 0.30 -20.44
C LEU C 28 2.46 -0.28 -21.24
N PHE C 29 3.67 -0.11 -20.73
CA PHE C 29 4.86 -0.61 -21.41
C PHE C 29 5.33 -1.91 -20.78
N PHE C 30 4.43 -2.59 -20.09
CA PHE C 30 4.75 -3.85 -19.45
C PHE C 30 5.45 -4.79 -20.42
N LYS C 31 6.59 -5.33 -20.02
CA LYS C 31 7.36 -6.23 -20.87
C LYS C 31 8.16 -7.22 -20.02
N SER D 1 3.63 -0.58 25.47
CA SER D 1 4.74 0.23 24.91
C SER D 1 4.29 0.87 23.61
N ASN D 2 5.17 1.67 23.01
CA ASN D 2 4.85 2.34 21.75
C ASN D 2 3.57 3.15 21.89
N ASP D 3 3.37 3.74 23.06
CA ASP D 3 2.17 4.54 23.30
C ASP D 3 2.14 5.76 22.40
N SER D 4 3.32 6.34 22.16
CA SER D 4 3.41 7.52 21.31
C SER D 4 2.90 7.22 19.91
N SER D 5 3.30 6.05 19.37
CA SER D 5 2.87 5.65 18.03
C SER D 5 2.75 4.14 17.95
N ASP D 6 1.54 3.67 17.65
CA ASP D 6 1.30 2.23 17.56
C ASP D 6 2.15 1.62 16.44
N PRO D 7 2.49 0.37 16.56
CA PRO D 7 3.31 -0.35 15.54
C PRO D 7 2.55 -0.51 14.22
N LEU D 8 1.23 -0.45 14.30
CA LEU D 8 0.42 -0.63 13.11
C LEU D 8 0.73 0.47 12.09
N VAL D 9 0.75 1.71 12.56
CA VAL D 9 1.03 2.83 11.67
C VAL D 9 2.45 2.73 11.10
N VAL D 10 3.40 2.40 11.97
CA VAL D 10 4.78 2.27 11.55
C VAL D 10 4.92 1.17 10.51
N ALA D 11 4.26 0.04 10.75
CA ALA D 11 4.31 -1.08 9.84
C ALA D 11 3.79 -0.67 8.47
N ALA D 12 2.73 0.12 8.45
CA ALA D 12 2.14 0.57 7.19
C ALA D 12 3.20 1.28 6.34
N SER D 13 3.96 2.17 6.96
CA SER D 13 4.99 2.91 6.24
C SER D 13 6.11 1.97 5.80
N ILE D 14 6.46 1.03 6.67
CA ILE D 14 7.52 0.07 6.37
C ILE D 14 7.11 -0.82 5.19
N ILE D 15 5.87 -1.28 5.20
CA ILE D 15 5.38 -2.14 4.13
C ILE D 15 5.48 -1.44 2.77
N GLY D 16 5.05 -0.18 2.74
CA GLY D 16 5.10 0.58 1.49
C GLY D 16 6.53 0.96 1.13
N ILE D 17 7.26 1.50 2.09
CA ILE D 17 8.63 1.92 1.84
C ILE D 17 9.51 0.71 1.52
N LEU D 18 9.37 -0.34 2.31
CA LEU D 18 10.18 -1.54 2.11
C LEU D 18 9.88 -2.18 0.75
N HIS D 19 8.60 -2.27 0.43
CA HIS D 19 8.17 -2.85 -0.83
C HIS D 19 8.76 -2.08 -2.00
N LEU D 20 8.78 -0.76 -1.88
CA LEU D 20 9.31 0.09 -2.93
C LEU D 20 10.77 -0.20 -3.18
N ILE D 21 11.53 -0.43 -2.13
CA ILE D 21 12.94 -0.69 -2.28
C ILE D 21 13.16 -1.93 -3.15
N LEU D 22 12.43 -3.00 -2.86
CA LEU D 22 12.56 -4.23 -3.63
C LEU D 22 11.94 -4.08 -5.01
N TRP D 23 10.76 -3.47 -5.06
CA TRP D 23 10.06 -3.27 -6.31
C TRP D 23 10.82 -2.31 -7.22
N ILE D 24 11.46 -1.32 -6.62
CA ILE D 24 12.20 -0.34 -7.39
C ILE D 24 13.36 -1.02 -8.10
N LEU D 25 14.08 -1.88 -7.39
CA LEU D 25 15.22 -2.56 -7.97
C LEU D 25 14.79 -3.40 -9.16
N ASP D 26 13.65 -4.07 -9.02
CA ASP D 26 13.13 -4.91 -10.09
C ASP D 26 12.82 -4.08 -11.33
N ARG D 27 12.40 -2.84 -11.12
CA ARG D 27 12.07 -1.96 -12.23
C ARG D 27 13.27 -1.78 -13.15
N LEU D 28 14.44 -1.55 -12.56
CA LEU D 28 15.65 -1.37 -13.34
C LEU D 28 15.99 -2.63 -14.12
N PHE D 29 15.85 -3.78 -13.47
CA PHE D 29 16.15 -5.06 -14.11
C PHE D 29 14.87 -5.74 -14.58
N PHE D 30 13.82 -4.96 -14.75
CA PHE D 30 12.54 -5.49 -15.20
C PHE D 30 12.74 -6.38 -16.43
N LYS D 31 12.20 -7.59 -16.38
CA LYS D 31 12.32 -8.53 -17.50
C LYS D 31 11.13 -9.47 -17.52
S 3LW E . 0.29 2.89 3.22
BR 3LW E . 2.39 1.78 1.47
C1 3LW E . 0.63 1.95 2.16
C2 3LW E . -0.42 1.25 1.75
N2 3LW E . -1.69 2.89 5.62
C3 3LW E . -1.49 1.63 2.44
C5 3LW E . -2.08 3.24 4.26
C10 3LW E . -2.44 3.49 6.75
C12 3LW E . -1.14 2.57 3.32
C61 3LW E . -2.32 5.06 6.75
C62 3LW E . -1.90 3.01 8.11
C63 3LW E . -3.96 3.14 6.70
C71 3LW E . -3.10 5.68 7.92
C72 3LW E . -2.68 3.64 9.29
C73 3LW E . -4.72 3.78 7.88
C81 3LW E . -2.53 5.16 9.26
C82 3LW E . -4.16 3.25 9.20
C83 3LW E . -4.58 5.31 7.83
H2 3LW E . -0.41 0.48 0.96
H3 3LW E . -2.49 1.19 2.30
H5 3LW E . -3.11 2.88 4.03
H61 3LW E . -2.72 5.46 5.83
H81 3LW E . -1.48 5.43 9.32
H62 3LW E . -2.00 1.92 8.17
H82 3LW E . -4.25 2.18 9.23
HN2 3LW E . -0.68 3.17 5.74
H63 3LW E . -4.08 2.06 6.75
H83 3LW E . -4.97 5.67 6.88
H5A 3LW E . -2.04 4.33 4.10
H61A 3LW E . -1.28 5.34 6.83
H62A 3LW E . -0.85 3.27 8.21
H63A 3LW E . -4.39 3.50 5.79
H71 3LW E . -2.99 6.76 7.89
H72 3LW E . -2.27 3.27 10.22
H73 3LW E . -5.77 3.51 7.80
H81A 3LW E . -3.07 5.61 10.07
H82A 3LW E . -4.70 3.69 10.03
H83A 3LW E . -5.13 5.76 8.63
HN2A 3LW E . -1.75 1.84 5.72
N SER A 1 -11.15 5.66 20.77
CA SER A 1 -11.65 5.35 19.40
C SER A 1 -10.97 4.07 18.90
N ASN A 2 -9.85 3.73 19.52
CA ASN A 2 -9.12 2.53 19.13
C ASN A 2 -9.92 1.28 19.46
N ASP A 3 -10.81 1.39 20.43
CA ASP A 3 -11.64 0.27 20.84
C ASP A 3 -12.51 -0.20 19.69
N SER A 4 -13.05 0.75 18.93
CA SER A 4 -13.91 0.43 17.80
C SER A 4 -13.13 -0.34 16.74
N SER A 5 -11.87 0.04 16.54
CA SER A 5 -11.02 -0.63 15.56
C SER A 5 -11.79 -0.85 14.25
N ASP A 6 -11.58 0.05 13.30
CA ASP A 6 -12.26 -0.05 12.01
C ASP A 6 -11.61 -1.13 11.15
N PRO A 7 -12.37 -1.74 10.28
CA PRO A 7 -11.87 -2.81 9.37
C PRO A 7 -10.86 -2.28 8.36
N LEU A 8 -10.88 -0.97 8.15
CA LEU A 8 -9.97 -0.36 7.19
C LEU A 8 -8.53 -0.44 7.70
N VAL A 9 -8.36 -0.24 9.00
CA VAL A 9 -7.03 -0.27 9.59
C VAL A 9 -6.42 -1.66 9.47
N VAL A 10 -7.13 -2.66 9.98
CA VAL A 10 -6.65 -4.03 9.92
C VAL A 10 -6.53 -4.51 8.48
N ALA A 11 -7.56 -4.18 7.69
CA ALA A 11 -7.57 -4.57 6.28
C ALA A 11 -6.34 -4.04 5.56
N ALA A 12 -6.00 -2.78 5.82
CA ALA A 12 -4.84 -2.17 5.19
C ALA A 12 -3.59 -3.00 5.42
N SER A 13 -3.35 -3.36 6.69
CA SER A 13 -2.19 -4.16 7.03
C SER A 13 -2.25 -5.52 6.33
N ILE A 14 -3.43 -6.12 6.32
CA ILE A 14 -3.62 -7.41 5.67
C ILE A 14 -3.34 -7.31 4.18
N ILE A 15 -3.84 -6.25 3.56
CA ILE A 15 -3.64 -6.06 2.13
C ILE A 15 -2.16 -5.96 1.80
N GLY A 16 -1.42 -5.20 2.60
CA GLY A 16 0.01 -5.02 2.37
C GLY A 16 0.75 -6.34 2.54
N ILE A 17 0.55 -7.00 3.68
CA ILE A 17 1.21 -8.27 3.95
C ILE A 17 0.73 -9.34 2.99
N LEU A 18 -0.58 -9.40 2.77
CA LEU A 18 -1.14 -10.40 1.88
C LEU A 18 -0.63 -10.22 0.45
N HIS A 19 -0.62 -8.96 0.00
CA HIS A 19 -0.16 -8.66 -1.35
C HIS A 19 1.31 -8.99 -1.50
N LEU A 20 2.08 -8.72 -0.46
CA LEU A 20 3.51 -8.99 -0.50
C LEU A 20 3.79 -10.47 -0.69
N ILE A 21 2.99 -11.30 -0.03
CA ILE A 21 3.17 -12.74 -0.14
C ILE A 21 2.96 -13.20 -1.58
N LEU A 22 1.92 -12.68 -2.22
CA LEU A 22 1.63 -13.05 -3.60
C LEU A 22 2.61 -12.40 -4.55
N TRP A 23 2.94 -11.14 -4.29
CA TRP A 23 3.84 -10.39 -5.15
C TRP A 23 5.28 -10.90 -5.02
N ILE A 24 5.71 -11.10 -3.78
CA ILE A 24 7.07 -11.56 -3.54
C ILE A 24 7.28 -12.94 -4.12
N LEU A 25 6.27 -13.80 -4.00
CA LEU A 25 6.36 -15.15 -4.52
C LEU A 25 6.54 -15.13 -6.04
N ASP A 26 5.79 -14.25 -6.69
CA ASP A 26 5.87 -14.15 -8.15
C ASP A 26 7.29 -13.79 -8.59
N ARG A 27 7.91 -12.86 -7.86
CA ARG A 27 9.27 -12.44 -8.18
C ARG A 27 10.25 -13.59 -7.97
N LEU A 28 9.87 -14.54 -7.11
CA LEU A 28 10.73 -15.67 -6.83
C LEU A 28 10.98 -16.48 -8.10
N PHE A 29 9.92 -16.74 -8.84
CA PHE A 29 10.04 -17.51 -10.08
C PHE A 29 10.91 -16.77 -11.09
N PHE A 30 10.72 -15.46 -11.18
CA PHE A 30 11.50 -14.64 -12.11
C PHE A 30 12.86 -14.34 -11.53
N LYS A 31 13.87 -14.28 -12.41
CA LYS A 31 15.24 -14.01 -11.97
C LYS A 31 15.36 -12.57 -11.50
N SER B 1 -13.01 11.95 16.48
CA SER B 1 -12.28 12.39 15.26
C SER B 1 -12.66 11.48 14.10
N ASN B 2 -13.18 10.30 14.43
CA ASN B 2 -13.58 9.34 13.40
C ASN B 2 -14.77 9.87 12.61
N ASP B 3 -15.55 10.76 13.24
CA ASP B 3 -16.72 11.33 12.58
C ASP B 3 -16.30 12.11 11.33
N SER B 4 -15.20 12.85 11.44
CA SER B 4 -14.71 13.63 10.32
C SER B 4 -14.34 12.72 9.15
N SER B 5 -13.75 11.57 9.47
CA SER B 5 -13.35 10.62 8.44
C SER B 5 -12.65 11.34 7.29
N ASP B 6 -11.32 11.32 7.32
CA ASP B 6 -10.54 11.98 6.28
C ASP B 6 -10.53 11.14 4.99
N PRO B 7 -10.41 11.78 3.86
CA PRO B 7 -10.38 11.08 2.55
C PRO B 7 -9.13 10.20 2.39
N LEU B 8 -8.11 10.49 3.17
CA LEU B 8 -6.87 9.73 3.10
C LEU B 8 -7.09 8.30 3.58
N VAL B 9 -7.89 8.17 4.64
CA VAL B 9 -8.15 6.85 5.21
C VAL B 9 -8.90 5.96 4.20
N VAL B 10 -10.04 6.45 3.72
CA VAL B 10 -10.83 5.69 2.77
C VAL B 10 -10.06 5.52 1.46
N ALA B 11 -9.42 6.59 1.02
CA ALA B 11 -8.64 6.55 -0.22
C ALA B 11 -7.59 5.46 -0.15
N ALA B 12 -6.90 5.39 0.98
CA ALA B 12 -5.85 4.38 1.16
C ALA B 12 -6.39 2.98 0.89
N SER B 13 -7.52 2.66 1.52
CA SER B 13 -8.14 1.35 1.34
C SER B 13 -8.53 1.14 -0.12
N ILE B 14 -9.09 2.19 -0.73
CA ILE B 14 -9.51 2.12 -2.13
C ILE B 14 -8.31 1.88 -3.03
N ILE B 15 -7.21 2.58 -2.75
CA ILE B 15 -6.00 2.44 -3.55
C ILE B 15 -5.49 1.01 -3.50
N GLY B 16 -5.47 0.44 -2.30
CA GLY B 16 -4.98 -0.92 -2.13
C GLY B 16 -5.87 -1.92 -2.87
N ILE B 17 -7.16 -1.86 -2.59
CA ILE B 17 -8.11 -2.76 -3.23
C ILE B 17 -8.19 -2.51 -4.74
N LEU B 18 -8.25 -1.23 -5.10
CA LEU B 18 -8.35 -0.86 -6.50
C LEU B 18 -7.10 -1.31 -7.27
N HIS B 19 -5.94 -1.07 -6.67
CA HIS B 19 -4.68 -1.43 -7.30
C HIS B 19 -4.59 -2.94 -7.45
N LEU B 20 -5.04 -3.66 -6.43
CA LEU B 20 -4.99 -5.11 -6.45
C LEU B 20 -5.79 -5.67 -7.61
N ILE B 21 -6.94 -5.07 -7.87
CA ILE B 21 -7.78 -5.54 -8.96
C ILE B 21 -7.06 -5.41 -10.29
N LEU B 22 -6.41 -4.29 -10.50
CA LEU B 22 -5.68 -4.06 -11.75
C LEU B 22 -4.40 -4.89 -11.78
N TRP B 23 -3.70 -4.94 -10.65
CA TRP B 23 -2.45 -5.67 -10.57
C TRP B 23 -2.67 -7.17 -10.65
N ILE B 24 -3.65 -7.65 -9.89
CA ILE B 24 -3.93 -9.08 -9.87
C ILE B 24 -4.39 -9.56 -11.24
N LEU B 25 -5.20 -8.75 -11.91
CA LEU B 25 -5.71 -9.10 -13.22
C LEU B 25 -4.56 -9.25 -14.21
N ASP B 26 -3.60 -8.34 -14.13
CA ASP B 26 -2.45 -8.37 -15.03
C ASP B 26 -1.68 -9.68 -14.86
N ARG B 27 -1.51 -10.11 -13.62
CA ARG B 27 -0.80 -11.36 -13.35
C ARG B 27 -1.57 -12.56 -13.90
N LEU B 28 -2.88 -12.38 -14.05
CA LEU B 28 -3.72 -13.46 -14.56
C LEU B 28 -3.29 -13.86 -15.97
N PHE B 29 -3.07 -12.86 -16.81
CA PHE B 29 -2.66 -13.12 -18.18
C PHE B 29 -1.30 -13.81 -18.21
N PHE B 30 -0.39 -13.35 -17.36
CA PHE B 30 0.95 -13.93 -17.30
C PHE B 30 0.93 -15.23 -16.49
N LYS B 31 1.75 -16.18 -16.90
CA LYS B 31 1.82 -17.48 -16.21
C LYS B 31 2.45 -17.30 -14.84
N SER C 1 -6.71 14.99 17.75
CA SER C 1 -5.41 14.36 17.38
C SER C 1 -5.16 14.57 15.89
N ASN C 2 -6.23 14.85 15.15
CA ASN C 2 -6.12 15.07 13.72
C ASN C 2 -5.34 16.35 13.43
N ASP C 3 -5.33 17.27 14.39
CA ASP C 3 -4.63 18.53 14.22
C ASP C 3 -3.13 18.28 14.04
N SER C 4 -2.60 17.34 14.82
CA SER C 4 -1.18 17.02 14.73
C SER C 4 -0.83 16.48 13.34
N SER C 5 -1.74 15.69 12.77
CA SER C 5 -1.51 15.12 11.45
C SER C 5 -0.09 14.57 11.32
N ASP C 6 0.05 13.27 11.52
CA ASP C 6 1.36 12.63 11.44
C ASP C 6 1.79 12.48 9.98
N PRO C 7 3.07 12.48 9.73
CA PRO C 7 3.63 12.32 8.36
C PRO C 7 3.34 10.94 7.78
N LEU C 8 3.07 9.99 8.65
CA LEU C 8 2.80 8.62 8.22
C LEU C 8 1.49 8.57 7.43
N VAL C 9 0.49 9.31 7.90
CA VAL C 9 -0.81 9.31 7.25
C VAL C 9 -0.72 9.88 5.84
N VAL C 10 -0.19 11.10 5.73
CA VAL C 10 -0.05 11.74 4.43
C VAL C 10 0.92 10.96 3.56
N ALA C 11 2.03 10.54 4.16
CA ALA C 11 3.05 9.79 3.42
C ALA C 11 2.43 8.53 2.80
N ALA C 12 1.62 7.83 3.58
CA ALA C 12 0.97 6.61 3.10
C ALA C 12 0.21 6.88 1.80
N SER C 13 -0.62 7.92 1.83
CA SER C 13 -1.40 8.28 0.64
C SER C 13 -0.47 8.63 -0.52
N ILE C 14 0.58 9.39 -0.22
CA ILE C 14 1.54 9.80 -1.25
C ILE C 14 2.23 8.58 -1.84
N ILE C 15 2.61 7.65 -0.98
CA ILE C 15 3.29 6.44 -1.43
C ILE C 15 2.40 5.65 -2.39
N GLY C 16 1.12 5.52 -2.04
CA GLY C 16 0.20 4.78 -2.87
C GLY C 16 -0.01 5.46 -4.22
N ILE C 17 -0.35 6.75 -4.18
CA ILE C 17 -0.58 7.50 -5.40
C ILE C 17 0.72 7.63 -6.20
N LEU C 18 1.81 7.94 -5.51
CA LEU C 18 3.09 8.12 -6.16
C LEU C 18 3.55 6.82 -6.82
N HIS C 19 3.40 5.72 -6.09
CA HIS C 19 3.80 4.41 -6.59
C HIS C 19 2.96 4.03 -7.80
N LEU C 20 1.67 4.34 -7.74
CA LEU C 20 0.76 4.01 -8.82
C LEU C 20 1.18 4.70 -10.10
N ILE C 21 1.62 5.94 -9.99
CA ILE C 21 2.02 6.69 -11.17
C ILE C 21 3.22 6.03 -11.84
N LEU C 22 4.18 5.59 -11.04
CA LEU C 22 5.36 4.93 -11.58
C LEU C 22 5.03 3.52 -12.04
N TRP C 23 4.22 2.81 -11.25
CA TRP C 23 3.85 1.45 -11.57
C TRP C 23 2.92 1.38 -12.77
N ILE C 24 1.91 2.24 -12.77
CA ILE C 24 0.94 2.25 -13.85
C ILE C 24 1.61 2.61 -15.17
N LEU C 25 2.54 3.57 -15.11
CA LEU C 25 3.25 4.00 -16.31
C LEU C 25 4.05 2.85 -16.89
N ASP C 26 4.69 2.08 -16.03
CA ASP C 26 5.49 0.96 -16.48
C ASP C 26 4.64 -0.04 -17.25
N ARG C 27 3.44 -0.30 -16.74
CA ARG C 27 2.53 -1.24 -17.37
C ARG C 27 2.08 -0.70 -18.73
N LEU C 28 2.14 0.62 -18.89
CA LEU C 28 1.72 1.23 -20.14
C LEU C 28 2.59 0.74 -21.30
N PHE C 29 3.89 0.72 -21.08
CA PHE C 29 4.82 0.27 -22.11
C PHE C 29 4.58 -1.19 -22.45
N PHE C 30 4.33 -2.00 -21.43
CA PHE C 30 4.08 -3.42 -21.63
C PHE C 30 2.64 -3.65 -22.08
N LYS C 31 2.45 -4.64 -22.95
CA LYS C 31 1.11 -4.96 -23.44
C LYS C 31 0.26 -5.55 -22.33
N SER D 1 -4.79 8.93 21.93
CA SER D 1 -4.70 7.54 21.40
C SER D 1 -3.42 7.38 20.59
N ASN D 2 -2.86 8.50 20.17
CA ASN D 2 -1.62 8.48 19.39
C ASN D 2 -0.46 7.97 20.25
N ASP D 3 -0.58 8.15 21.55
CA ASP D 3 0.46 7.71 22.48
C ASP D 3 0.67 6.21 22.37
N SER D 4 -0.43 5.46 22.26
CA SER D 4 -0.36 4.01 22.15
C SER D 4 0.40 3.61 20.88
N SER D 5 0.16 4.34 19.80
CA SER D 5 0.83 4.05 18.54
C SER D 5 0.79 2.56 18.24
N ASP D 6 -0.17 2.14 17.43
CA ASP D 6 -0.31 0.74 17.08
C ASP D 6 0.75 0.33 16.05
N PRO D 7 1.14 -0.91 16.06
CA PRO D 7 2.16 -1.45 15.11
C PRO D 7 1.66 -1.43 13.66
N LEU D 8 0.34 -1.38 13.49
CA LEU D 8 -0.24 -1.38 12.16
C LEU D 8 0.10 -0.08 11.44
N VAL D 9 0.07 1.03 12.18
CA VAL D 9 0.35 2.32 11.57
C VAL D 9 1.79 2.39 11.07
N VAL D 10 2.74 2.12 11.96
CA VAL D 10 4.14 2.16 11.60
C VAL D 10 4.45 1.07 10.57
N ALA D 11 3.91 -0.12 10.78
CA ALA D 11 4.13 -1.23 9.88
C ALA D 11 3.69 -0.86 8.47
N ALA D 12 2.51 -0.24 8.36
CA ALA D 12 2.00 0.16 7.06
C ALA D 12 3.02 1.00 6.30
N SER D 13 3.55 2.03 6.97
CA SER D 13 4.54 2.89 6.35
C SER D 13 5.78 2.10 5.96
N ILE D 14 6.22 1.21 6.85
CA ILE D 14 7.40 0.40 6.60
C ILE D 14 7.16 -0.52 5.41
N ILE D 15 5.97 -1.10 5.33
CA ILE D 15 5.64 -2.00 4.22
C ILE D 15 5.71 -1.25 2.90
N GLY D 16 5.16 -0.05 2.87
CA GLY D 16 5.16 0.74 1.64
C GLY D 16 6.58 1.11 1.23
N ILE D 17 7.32 1.71 2.17
CA ILE D 17 8.69 2.12 1.89
C ILE D 17 9.58 0.90 1.62
N LEU D 18 9.43 -0.11 2.46
CA LEU D 18 10.23 -1.32 2.32
C LEU D 18 9.96 -2.00 0.99
N HIS D 19 8.69 -2.11 0.65
CA HIS D 19 8.29 -2.75 -0.60
C HIS D 19 8.81 -1.97 -1.79
N LEU D 20 8.76 -0.65 -1.70
CA LEU D 20 9.21 0.20 -2.77
C LEU D 20 10.68 -0.03 -3.07
N ILE D 21 11.47 -0.20 -2.02
CA ILE D 21 12.90 -0.41 -2.18
C ILE D 21 13.16 -1.69 -2.97
N LEU D 22 12.44 -2.75 -2.64
CA LEU D 22 12.59 -4.02 -3.33
C LEU D 22 11.98 -3.96 -4.73
N TRP D 23 10.81 -3.34 -4.81
CA TRP D 23 10.10 -3.25 -6.08
C TRP D 23 10.81 -2.31 -7.05
N ILE D 24 11.22 -1.15 -6.55
CA ILE D 24 11.89 -0.16 -7.38
C ILE D 24 13.21 -0.70 -7.89
N LEU D 25 13.92 -1.43 -7.04
CA LEU D 25 15.21 -2.00 -7.41
C LEU D 25 15.04 -2.99 -8.54
N ASP D 26 13.99 -3.80 -8.46
CA ASP D 26 13.73 -4.80 -9.49
C ASP D 26 13.52 -4.14 -10.84
N ARG D 27 12.78 -3.04 -10.85
CA ARG D 27 12.52 -2.32 -12.08
C ARG D 27 13.81 -1.73 -12.65
N LEU D 28 14.78 -1.51 -11.77
CA LEU D 28 16.05 -0.93 -12.20
C LEU D 28 16.75 -1.85 -13.21
N PHE D 29 16.77 -3.14 -12.91
CA PHE D 29 17.40 -4.11 -13.81
C PHE D 29 16.68 -4.15 -15.14
N PHE D 30 15.35 -4.12 -15.09
CA PHE D 30 14.54 -4.15 -16.30
C PHE D 30 14.50 -2.77 -16.96
N LYS D 31 14.48 -2.76 -18.29
CA LYS D 31 14.44 -1.50 -19.02
C LYS D 31 13.09 -0.82 -18.85
S 3LW E . -1.74 3.30 2.32
BR 3LW E . -0.25 3.45 -0.24
C1 3LW E . -1.01 2.59 1.28
C2 3LW E . -0.94 1.26 1.51
N2 3LW E . -2.04 3.02 5.39
C3 3LW E . -1.57 1.01 2.65
C5 3LW E . -2.82 2.23 4.44
C10 3LW E . -2.75 3.61 6.54
C12 3LW E . -2.06 2.13 3.17
C61 3LW E . -3.38 2.51 7.45
C62 3LW E . -3.89 4.57 6.09
C63 3LW E . -1.78 4.43 7.43
C71 3LW E . -4.11 3.14 8.65
C72 3LW E . -4.61 5.18 7.30
C73 3LW E . -2.52 5.05 8.64
C81 3LW E . -5.23 4.06 8.14
C82 3LW E . -3.62 5.98 8.14
C83 3LW E . -3.13 3.94 9.49
H2 3LW E . -0.45 0.53 0.86
H3 3LW E . -1.66 0.00 3.07
H5 3LW E . -3.00 1.20 4.82
H61 3LW E . -2.60 1.86 7.81
H81 3LW E . -5.93 3.50 7.55
H62 3LW E . -3.47 5.35 5.49
H82 3LW E . -3.19 6.77 7.53
HN2 3LW E . -1.58 3.81 4.86
H63 3LW E . -1.34 5.23 6.85
H83 3LW E . -2.34 3.28 9.85
H5A 3LW E . -3.80 2.72 4.24
H61A 3LW E . -4.09 1.93 6.89
H62A 3LW E . -4.61 4.03 5.51
H63A 3LW E . -0.99 3.78 7.80
H71 3LW E . -4.54 2.35 9.24
H72 3LW E . -5.39 5.83 6.94
H73 3LW E . -1.82 5.61 9.24
H81A 3LW E . -5.74 4.50 8.99
H82A 3LW E . -4.14 6.42 8.98
H83A 3LW E . -3.64 4.37 10.35
HN2A 3LW E . -1.27 2.40 5.77
N SER A 1 -15.92 0.22 21.52
CA SER A 1 -15.10 -1.01 21.35
C SER A 1 -14.94 -1.33 19.87
N ASN A 2 -16.02 -1.82 19.26
CA ASN A 2 -16.00 -2.16 17.84
C ASN A 2 -15.76 -0.91 17.00
N ASP A 3 -16.38 0.19 17.40
CA ASP A 3 -16.22 1.44 16.68
C ASP A 3 -14.76 1.90 16.71
N SER A 4 -14.13 1.78 17.86
CA SER A 4 -12.74 2.18 18.01
C SER A 4 -11.84 1.37 17.08
N SER A 5 -12.09 0.06 17.01
CA SER A 5 -11.30 -0.82 16.15
C SER A 5 -12.07 -1.13 14.87
N ASP A 6 -11.91 -0.25 13.87
CA ASP A 6 -12.59 -0.45 12.60
C ASP A 6 -11.85 -1.47 11.72
N PRO A 7 -12.55 -2.20 10.89
CA PRO A 7 -11.93 -3.21 9.99
C PRO A 7 -11.06 -2.57 8.90
N LEU A 8 -11.24 -1.28 8.69
CA LEU A 8 -10.47 -0.56 7.68
C LEU A 8 -8.99 -0.59 8.00
N VAL A 9 -8.64 -0.39 9.27
CA VAL A 9 -7.26 -0.40 9.68
C VAL A 9 -6.64 -1.78 9.42
N VAL A 10 -7.36 -2.82 9.84
CA VAL A 10 -6.88 -4.19 9.64
C VAL A 10 -6.81 -4.53 8.16
N ALA A 11 -7.85 -4.13 7.43
CA ALA A 11 -7.91 -4.40 6.00
C ALA A 11 -6.69 -3.82 5.29
N ALA A 12 -6.18 -2.72 5.83
CA ALA A 12 -5.00 -2.11 5.23
C ALA A 12 -3.75 -2.94 5.53
N SER A 13 -3.64 -3.42 6.77
CA SER A 13 -2.47 -4.21 7.17
C SER A 13 -2.44 -5.58 6.48
N ILE A 14 -3.59 -6.25 6.42
CA ILE A 14 -3.64 -7.57 5.78
C ILE A 14 -3.34 -7.45 4.29
N ILE A 15 -3.80 -6.36 3.67
CA ILE A 15 -3.55 -6.15 2.25
C ILE A 15 -2.05 -6.07 1.97
N GLY A 16 -1.35 -5.30 2.78
CA GLY A 16 0.08 -5.13 2.59
C GLY A 16 0.82 -6.48 2.70
N ILE A 17 0.56 -7.19 3.80
CA ILE A 17 1.20 -8.49 4.01
C ILE A 17 0.68 -9.52 3.01
N LEU A 18 -0.62 -9.54 2.80
CA LEU A 18 -1.23 -10.49 1.87
C LEU A 18 -0.71 -10.27 0.46
N HIS A 19 -0.71 -9.01 0.04
CA HIS A 19 -0.23 -8.67 -1.30
C HIS A 19 1.25 -8.99 -1.43
N LEU A 20 2.02 -8.67 -0.39
CA LEU A 20 3.46 -8.93 -0.41
C LEU A 20 3.77 -10.41 -0.58
N ILE A 21 3.02 -11.26 0.09
CA ILE A 21 3.26 -12.70 -0.01
C ILE A 21 3.02 -13.17 -1.44
N LEU A 22 1.93 -12.71 -2.05
CA LEU A 22 1.63 -13.09 -3.43
C LEU A 22 2.61 -12.42 -4.41
N TRP A 23 2.90 -11.14 -4.20
CA TRP A 23 3.80 -10.42 -5.08
C TRP A 23 5.24 -10.91 -4.95
N ILE A 24 5.71 -11.06 -3.71
CA ILE A 24 7.06 -11.52 -3.48
C ILE A 24 7.24 -12.95 -3.99
N LEU A 25 6.22 -13.78 -3.77
CA LEU A 25 6.28 -15.16 -4.21
C LEU A 25 6.41 -15.24 -5.72
N ASP A 26 5.66 -14.41 -6.42
CA ASP A 26 5.71 -14.40 -7.88
C ASP A 26 7.11 -14.04 -8.37
N ARG A 27 7.73 -13.07 -7.71
CA ARG A 27 9.07 -12.64 -8.10
C ARG A 27 10.13 -13.62 -7.59
N LEU A 28 9.74 -14.49 -6.66
CA LEU A 28 10.68 -15.46 -6.10
C LEU A 28 11.21 -16.37 -7.21
N PHE A 29 10.30 -16.89 -8.03
CA PHE A 29 10.70 -17.75 -9.13
C PHE A 29 11.33 -16.96 -10.26
N PHE A 30 10.78 -15.79 -10.55
CA PHE A 30 11.30 -14.93 -11.62
C PHE A 30 11.87 -13.64 -11.03
N LYS A 31 13.12 -13.34 -11.36
CA LYS A 31 13.76 -12.12 -10.88
C LYS A 31 13.30 -10.91 -11.69
N SER B 1 -17.52 15.80 12.34
CA SER B 1 -18.10 14.76 11.45
C SER B 1 -17.20 14.56 10.24
N ASN B 2 -17.20 15.51 9.33
CA ASN B 2 -16.37 15.43 8.14
C ASN B 2 -14.90 15.40 8.52
N ASP B 3 -14.53 16.23 9.50
CA ASP B 3 -13.15 16.29 9.95
C ASP B 3 -12.69 14.95 10.50
N SER B 4 -13.56 14.31 11.28
CA SER B 4 -13.24 13.02 11.87
C SER B 4 -12.98 11.98 10.79
N SER B 5 -13.81 11.99 9.75
CA SER B 5 -13.67 11.05 8.64
C SER B 5 -13.01 11.73 7.45
N ASP B 6 -11.68 11.73 7.44
CA ASP B 6 -10.94 12.36 6.34
C ASP B 6 -10.88 11.44 5.12
N PRO B 7 -10.81 11.99 3.92
CA PRO B 7 -10.74 11.19 2.67
C PRO B 7 -9.42 10.44 2.53
N LEU B 8 -8.43 10.86 3.31
CA LEU B 8 -7.11 10.23 3.26
C LEU B 8 -7.19 8.77 3.66
N VAL B 9 -7.97 8.48 4.70
CA VAL B 9 -8.12 7.10 5.16
C VAL B 9 -8.76 6.24 4.07
N VAL B 10 -9.84 6.76 3.48
CA VAL B 10 -10.54 6.04 2.43
C VAL B 10 -9.64 5.91 1.19
N ALA B 11 -8.97 7.01 0.85
CA ALA B 11 -8.09 7.01 -0.31
C ALA B 11 -7.04 5.91 -0.19
N ALA B 12 -6.66 5.59 1.04
CA ALA B 12 -5.67 4.55 1.26
C ALA B 12 -6.29 3.17 1.03
N SER B 13 -7.51 2.98 1.52
CA SER B 13 -8.20 1.70 1.37
C SER B 13 -8.58 1.41 -0.08
N ILE B 14 -9.10 2.41 -0.77
CA ILE B 14 -9.51 2.23 -2.16
C ILE B 14 -8.29 1.95 -3.04
N ILE B 15 -7.17 2.58 -2.72
CA ILE B 15 -5.94 2.37 -3.50
C ILE B 15 -5.50 0.92 -3.41
N GLY B 16 -5.51 0.37 -2.20
CA GLY B 16 -5.10 -1.01 -2.01
C GLY B 16 -5.99 -1.97 -2.81
N ILE B 17 -7.29 -1.85 -2.64
CA ILE B 17 -8.22 -2.71 -3.35
C ILE B 17 -8.23 -2.40 -4.84
N LEU B 18 -8.24 -1.12 -5.19
CA LEU B 18 -8.26 -0.70 -6.59
C LEU B 18 -7.00 -1.18 -7.29
N HIS B 19 -5.86 -0.96 -6.66
CA HIS B 19 -4.59 -1.37 -7.24
C HIS B 19 -4.53 -2.88 -7.35
N LEU B 20 -5.00 -3.58 -6.32
CA LEU B 20 -4.98 -5.04 -6.32
C LEU B 20 -5.79 -5.61 -7.46
N ILE B 21 -6.93 -5.03 -7.74
CA ILE B 21 -7.77 -5.53 -8.83
C ILE B 21 -7.05 -5.38 -10.16
N LEU B 22 -6.43 -4.24 -10.38
CA LEU B 22 -5.69 -4.01 -11.62
C LEU B 22 -4.40 -4.86 -11.67
N TRP B 23 -3.68 -4.91 -10.55
CA TRP B 23 -2.44 -5.67 -10.48
C TRP B 23 -2.70 -7.17 -10.56
N ILE B 24 -3.66 -7.65 -9.78
CA ILE B 24 -3.97 -9.07 -9.76
C ILE B 24 -4.52 -9.50 -11.12
N LEU B 25 -5.34 -8.66 -11.72
CA LEU B 25 -5.93 -8.98 -13.02
C LEU B 25 -4.84 -9.12 -14.07
N ASP B 26 -3.86 -8.24 -14.03
CA ASP B 26 -2.77 -8.29 -14.99
C ASP B 26 -2.00 -9.60 -14.86
N ARG B 27 -1.77 -10.03 -13.64
CA ARG B 27 -1.05 -11.28 -13.39
C ARG B 27 -1.95 -12.49 -13.62
N LEU B 28 -3.26 -12.26 -13.68
CA LEU B 28 -4.19 -13.36 -13.89
C LEU B 28 -3.91 -14.05 -15.22
N PHE B 29 -3.74 -13.26 -16.27
CA PHE B 29 -3.46 -13.81 -17.59
C PHE B 29 -2.02 -14.31 -17.67
N PHE B 30 -1.10 -13.55 -17.10
CA PHE B 30 0.32 -13.91 -17.11
C PHE B 30 0.81 -14.22 -15.70
N LYS B 31 1.41 -15.40 -15.52
CA LYS B 31 1.92 -15.80 -14.22
C LYS B 31 3.26 -15.14 -13.94
N SER C 1 -1.90 20.36 17.14
CA SER C 1 -1.98 20.73 15.70
C SER C 1 -1.07 19.81 14.89
N ASN C 2 0.23 20.03 15.00
CA ASN C 2 1.20 19.21 14.27
C ASN C 2 1.12 17.76 14.73
N ASP C 3 0.95 17.56 16.03
CA ASP C 3 0.86 16.22 16.59
C ASP C 3 -0.36 15.49 16.02
N SER C 4 -1.49 16.20 15.93
CA SER C 4 -2.70 15.61 15.40
C SER C 4 -2.52 15.15 13.96
N SER C 5 -1.85 15.98 13.17
CA SER C 5 -1.58 15.66 11.76
C SER C 5 -0.16 15.16 11.59
N ASP C 6 0.05 13.87 11.77
CA ASP C 6 1.38 13.29 11.65
C ASP C 6 1.72 13.05 10.16
N PRO C 7 2.98 13.12 9.80
CA PRO C 7 3.43 12.90 8.39
C PRO C 7 3.25 11.45 7.95
N LEU C 8 3.08 10.55 8.92
CA LEU C 8 2.91 9.14 8.62
C LEU C 8 1.66 8.90 7.78
N VAL C 9 0.57 9.59 8.13
CA VAL C 9 -0.68 9.45 7.39
C VAL C 9 -0.50 9.91 5.95
N VAL C 10 0.11 11.08 5.79
CA VAL C 10 0.36 11.63 4.46
C VAL C 10 1.33 10.75 3.69
N ALA C 11 2.40 10.32 4.37
CA ALA C 11 3.40 9.47 3.74
C ALA C 11 2.76 8.22 3.16
N ALA C 12 1.68 7.76 3.80
CA ALA C 12 0.99 6.57 3.31
C ALA C 12 0.19 6.89 2.04
N SER C 13 -0.47 8.05 2.05
CA SER C 13 -1.28 8.45 0.90
C SER C 13 -0.42 8.78 -0.33
N ILE C 14 0.66 9.51 -0.12
CA ILE C 14 1.53 9.88 -1.22
C ILE C 14 2.19 8.64 -1.83
N ILE C 15 2.52 7.68 -0.98
CA ILE C 15 3.16 6.44 -1.46
C ILE C 15 2.23 5.70 -2.41
N GLY C 16 0.96 5.59 -2.03
CA GLY C 16 -0.01 4.89 -2.87
C GLY C 16 -0.15 5.56 -4.23
N ILE C 17 -0.39 6.87 -4.23
CA ILE C 17 -0.54 7.62 -5.47
C ILE C 17 0.79 7.69 -6.22
N LEU C 18 1.86 7.99 -5.49
CA LEU C 18 3.18 8.10 -6.11
C LEU C 18 3.60 6.78 -6.73
N HIS C 19 3.42 5.70 -5.98
CA HIS C 19 3.79 4.38 -6.48
C HIS C 19 2.91 4.01 -7.67
N LEU C 20 1.62 4.32 -7.58
CA LEU C 20 0.68 3.99 -8.65
C LEU C 20 1.08 4.68 -9.95
N ILE C 21 1.49 5.93 -9.87
CA ILE C 21 1.86 6.67 -11.07
C ILE C 21 3.06 6.00 -11.74
N LEU C 22 4.05 5.62 -10.94
CA LEU C 22 5.24 4.97 -11.48
C LEU C 22 4.92 3.54 -11.95
N TRP C 23 4.15 2.81 -11.14
CA TRP C 23 3.79 1.43 -11.48
C TRP C 23 2.84 1.38 -12.67
N ILE C 24 1.82 2.21 -12.66
CA ILE C 24 0.85 2.21 -13.75
C ILE C 24 1.52 2.67 -15.04
N LEU C 25 2.40 3.67 -14.93
CA LEU C 25 3.09 4.19 -16.10
C LEU C 25 3.95 3.11 -16.74
N ASP C 26 4.62 2.32 -15.91
CA ASP C 26 5.48 1.26 -16.42
C ASP C 26 4.65 0.24 -17.19
N ARG C 27 3.48 -0.09 -16.67
CA ARG C 27 2.61 -1.07 -17.32
C ARG C 27 1.87 -0.43 -18.50
N LEU C 28 1.87 0.90 -18.57
CA LEU C 28 1.20 1.59 -19.66
C LEU C 28 1.79 1.18 -21.00
N PHE C 29 3.13 1.20 -21.08
CA PHE C 29 3.81 0.83 -22.31
C PHE C 29 3.76 -0.68 -22.52
N PHE C 30 3.95 -1.44 -21.44
CA PHE C 30 3.93 -2.90 -21.51
C PHE C 30 2.74 -3.46 -20.74
N LYS C 31 1.94 -4.29 -21.40
CA LYS C 31 0.78 -4.89 -20.77
C LYS C 31 1.18 -6.07 -19.91
N SER D 1 -0.18 5.24 26.07
CA SER D 1 1.13 5.42 25.39
C SER D 1 1.28 4.38 24.29
N ASN D 2 1.53 3.14 24.69
CA ASN D 2 1.70 2.05 23.73
C ASN D 2 0.41 1.84 22.95
N ASP D 3 -0.72 1.93 23.63
CA ASP D 3 -2.01 1.74 23.00
C ASP D 3 -2.24 2.80 21.93
N SER D 4 -1.88 4.04 22.25
CA SER D 4 -2.05 5.14 21.30
C SER D 4 -1.24 4.90 20.03
N SER D 5 0.00 4.44 20.21
CA SER D 5 0.89 4.16 19.08
C SER D 5 0.91 2.66 18.79
N ASP D 6 -0.02 2.20 17.97
CA ASP D 6 -0.11 0.77 17.63
C ASP D 6 0.91 0.44 16.53
N PRO D 7 1.41 -0.77 16.50
CA PRO D 7 2.40 -1.22 15.47
C PRO D 7 1.77 -1.32 14.07
N LEU D 8 0.45 -1.35 14.03
CA LEU D 8 -0.27 -1.45 12.76
C LEU D 8 0.03 -0.24 11.87
N VAL D 9 0.04 0.94 12.47
CA VAL D 9 0.31 2.16 11.72
C VAL D 9 1.72 2.12 11.14
N VAL D 10 2.69 1.75 11.97
CA VAL D 10 4.08 1.66 11.53
C VAL D 10 4.23 0.54 10.50
N ALA D 11 3.61 -0.60 10.77
CA ALA D 11 3.69 -1.73 9.85
C ALA D 11 3.21 -1.33 8.46
N ALA D 12 2.29 -0.39 8.40
CA ALA D 12 1.78 0.07 7.12
C ALA D 12 2.82 0.95 6.41
N SER D 13 3.46 1.83 7.18
CA SER D 13 4.46 2.74 6.62
C SER D 13 5.72 1.99 6.17
N ILE D 14 6.20 1.07 6.99
CA ILE D 14 7.40 0.31 6.65
C ILE D 14 7.15 -0.56 5.42
N ILE D 15 5.94 -1.10 5.31
CA ILE D 15 5.61 -1.95 4.16
C ILE D 15 5.71 -1.15 2.86
N GLY D 16 5.15 0.06 2.86
CA GLY D 16 5.20 0.89 1.67
C GLY D 16 6.63 1.19 1.25
N ILE D 17 7.42 1.69 2.19
CA ILE D 17 8.81 2.02 1.90
C ILE D 17 9.63 0.76 1.64
N LEU D 18 9.43 -0.26 2.47
CA LEU D 18 10.17 -1.51 2.33
C LEU D 18 9.85 -2.17 0.99
N HIS D 19 8.57 -2.23 0.66
CA HIS D 19 8.15 -2.82 -0.60
C HIS D 19 8.67 -2.01 -1.77
N LEU D 20 8.60 -0.69 -1.65
CA LEU D 20 9.06 0.20 -2.73
C LEU D 20 10.53 -0.02 -3.02
N ILE D 21 11.35 -0.17 -1.99
CA ILE D 21 12.78 -0.37 -2.19
C ILE D 21 13.02 -1.66 -2.96
N LEU D 22 12.33 -2.73 -2.58
CA LEU D 22 12.49 -4.00 -3.28
C LEU D 22 11.87 -3.96 -4.68
N TRP D 23 10.69 -3.36 -4.79
CA TRP D 23 10.00 -3.28 -6.07
C TRP D 23 10.72 -2.33 -7.03
N ILE D 24 11.09 -1.16 -6.54
CA ILE D 24 11.78 -0.17 -7.38
C ILE D 24 13.14 -0.71 -7.80
N LEU D 25 13.83 -1.37 -6.88
CA LEU D 25 15.15 -1.92 -7.18
C LEU D 25 15.06 -2.96 -8.29
N ASP D 26 14.03 -3.80 -8.23
CA ASP D 26 13.87 -4.83 -9.24
C ASP D 26 13.67 -4.20 -10.62
N ARG D 27 12.88 -3.13 -10.67
CA ARG D 27 12.61 -2.44 -11.93
C ARG D 27 13.79 -1.57 -12.34
N LEU D 28 14.70 -1.31 -11.40
CA LEU D 28 15.87 -0.47 -11.69
C LEU D 28 16.70 -1.10 -12.80
N PHE D 29 16.97 -2.39 -12.67
CA PHE D 29 17.76 -3.11 -13.68
C PHE D 29 16.94 -3.36 -14.93
N PHE D 30 15.67 -3.71 -14.75
CA PHE D 30 14.77 -3.99 -15.88
C PHE D 30 13.66 -2.94 -15.94
N LYS D 31 13.51 -2.32 -17.10
CA LYS D 31 12.48 -1.30 -17.28
C LYS D 31 11.12 -1.96 -17.53
S 3LW E . -0.16 2.32 4.07
BR 3LW E . 2.19 1.57 2.39
C1 3LW E . 0.34 1.65 2.86
C2 3LW E . -0.64 1.12 2.13
N2 3LW E . -2.05 3.10 6.02
C3 3LW E . -1.80 1.37 2.74
C5 3LW E . -2.67 2.53 4.82
C10 3LW E . -2.91 3.63 7.10
C12 3LW E . -1.59 2.07 3.88
C61 3LW E . -3.87 2.56 7.68
C62 3LW E . -3.78 4.82 6.60
C63 3LW E . -2.05 4.17 8.28
C71 3LW E . -4.75 3.15 8.81
C72 3LW E . -4.67 5.39 7.73
C73 3LW E . -2.94 4.75 9.41
C81 3LW E . -5.60 4.30 8.27
C82 3LW E . -3.78 5.90 8.88
C83 3LW E . -3.87 3.67 9.95
H2 3LW E . -0.52 0.58 1.18
H3 3LW E . -2.77 1.05 2.34
H5 3LW E . -3.30 1.64 5.08
H61 3LW E . -3.29 1.75 8.09
H81 3LW E . -6.23 3.94 7.46
H62 3LW E . -3.14 5.60 6.23
H82 3LW E . -3.13 6.69 8.50
HN2 3LW E . -1.41 3.87 5.71
H63 3LW E . -1.39 4.94 7.92
H83 3LW E . -3.28 2.85 10.36
H5A 3LW E . -3.30 3.27 4.31
H61A 3LW E . -4.52 2.19 6.91
H62A 3LW E . -4.43 4.50 5.80
H63A 3LW E . -1.45 3.37 8.68
H71 3LW E . -5.40 2.37 9.19
H72 3LW E . -5.25 6.21 7.34
H73 3LW E . -2.31 5.10 10.21
H81A 3LW E . -6.22 4.70 9.05
H82A 3LW E . -4.40 6.30 9.67
H83A 3LW E . -4.49 4.08 10.73
HN2A 3LW E . -1.43 2.35 6.45
#